data_9JT2
#
_entry.id   9JT2
#
_cell.length_a   1.00
_cell.length_b   1.00
_cell.length_c   1.00
_cell.angle_alpha   90.00
_cell.angle_beta   90.00
_cell.angle_gamma   90.00
#
_symmetry.space_group_name_H-M   'P 1'
#
loop_
_entity.id
_entity.type
_entity.pdbx_description
1 polymer Ago
2 polymer DREN-APAZ
3 polymer "RNA (5'-R(P*AP*UP*AP*CP*UP*GP*CP*AP*CP*AP*GP*CP*UP*GP*AP*CP*GP*AP*UP*A)-3')"
4 polymer "DNA (5'-D(*TP*AP*TP*CP*GP*TP*CP*AP*GP*CP*TP*GP*TP*GP*CP*AP*GP*TP*AP*TP*T)-3')"
5 polymer "DNA (5'-D(P*GP*AP*TP*AP*CP*TP*AP*C)-3')"
6 non-polymer 'MAGNESIUM ION'
#
loop_
_entity_poly.entity_id
_entity_poly.type
_entity_poly.pdbx_seq_one_letter_code
_entity_poly.pdbx_strand_id
1 'polypeptide(L)'
;MTFETRIFDEPELEFGDHHHHQDPRLGLSEAGPLQTFLGDVIKIGVVGNSKTIEDTRKFIETVSSGVEGKGEKHPNMHPP
FPGLGNQSPYRCRFEIEDGATAALTKSKLDKIGKEPDHYRAVEMAVDEIIGELQAMDDGGSRPDVAIIALPVKLLERVWN
AKVDARGTTEKSDSSGSDAPNFRGMLKAKAMGLSFPIQIVWEDVIDDKVTIPQKVKESSSRKIQDIAGRTWNLMTSLYYK
GSGRIPWRRMPLEGEFSACYVGISFYREADGQQLFTSAAQMFDERGRGFVLKGRRARTESRGRHPYMAREDAKKIIEDVL
AAYKLHHKTLPARVFILKTSRFKDEEADGIIAALDEAGTELRDLVWVQESYTARILRDGNYPVLRGTFVDLHGKGLLYTS
GSMPYYGTYPGKYDPNPLLLCPHHTSESTVAQLAEEIFSLTKVNWNSTQMNQRLPIPIRAARKVGEVLKYVGEGEVISAD
YRKYI
;
A,E,I,M
2 'polypeptide(L)'
;MTKKITANQIIGEIGENEVRGRFLTLGWQFDGRSRLEAGIDGIAEVMNEGQPMARMIAVQIKSTKEGKYTSESDTSFTYL
LRTQDLAYWRGSNLPVIVVFYRQSDHSFYWKEVSRDAGPGERRLNIDKVADLFNASTVNKLAALTVPKTGLGYYVPPLGG
GEDALINMLPLTLPNEMYIASTTYEPRKAIAVILNGDGPKRFDWVINGGTFWSFHDPRTSACSEIVDIDQVEAINTKELA
LHDDIDEQNRFSHLLRQTLRYQTDSDLGWDKDHKALYFRAIEREVSRNFAYTSSKKKTDANVVSVFKNSKDETRVSFVRH
HAFSPRFELMADQWYLIITPTYYYTTNGYAPHQFAAPLLAGKKRLDKSAALRGQVIMWHRFLTQSDHEDLFHSEETPEAY
LMFGEPPSIHLDVRVPEDGWVKEKVKRIDEAAQGEGLFSDDI
;
B,F,J,N
3 'polyribonucleotide' AUACUGCACAGCUGACGAUA C,G,K,O
4 'polydeoxyribonucleotide'
;(DT)(DA)(DT)(DC)(DG)(DT)(DC)(DA)(DG)(DC)(DT)(DG)(DT)(DG)(DC)(DA)(DG)(DT)(DA)(DT)
(DT)
;
D,H,L,P
5 'polydeoxyribonucleotide' (DG)(DA)(DT)(DA)(DC)(DT)(DA)(DC) Q,R
#
loop_
_chem_comp.id
_chem_comp.type
_chem_comp.name
_chem_comp.formula
A RNA linking ADENOSINE-5'-MONOPHOSPHATE 'C10 H14 N5 O7 P'
C RNA linking CYTIDINE-5'-MONOPHOSPHATE 'C9 H14 N3 O8 P'
DA DNA linking 2'-DEOXYADENOSINE-5'-MONOPHOSPHATE 'C10 H14 N5 O6 P'
DC DNA linking 2'-DEOXYCYTIDINE-5'-MONOPHOSPHATE 'C9 H14 N3 O7 P'
DG DNA linking 2'-DEOXYGUANOSINE-5'-MONOPHOSPHATE 'C10 H14 N5 O7 P'
DT DNA linking THYMIDINE-5'-MONOPHOSPHATE 'C10 H15 N2 O8 P'
G RNA linking GUANOSINE-5'-MONOPHOSPHATE 'C10 H14 N5 O8 P'
MG non-polymer 'MAGNESIUM ION' 'Mg 2'
U RNA linking URIDINE-5'-MONOPHOSPHATE 'C9 H13 N2 O9 P'
#
# COMPACT_ATOMS: atom_id res chain seq x y z
N THR A 2 12.14 23.23 -29.19
CA THR A 2 13.16 22.20 -29.16
C THR A 2 12.54 20.82 -29.24
N PHE A 3 13.21 19.91 -29.96
CA PHE A 3 12.74 18.54 -30.11
C PHE A 3 13.14 17.70 -28.92
N GLU A 4 12.47 16.56 -28.79
CA GLU A 4 12.70 15.63 -27.68
C GLU A 4 13.67 14.55 -28.10
N THR A 5 14.67 14.30 -27.27
CA THR A 5 15.73 13.33 -27.57
C THR A 5 15.72 12.19 -26.57
N ARG A 6 16.28 11.06 -26.99
CA ARG A 6 16.40 9.89 -26.14
C ARG A 6 17.75 9.23 -26.39
N ILE A 7 18.22 8.48 -25.40
CA ILE A 7 19.44 7.69 -25.51
C ILE A 7 19.08 6.25 -25.17
N PHE A 8 19.29 5.35 -26.12
CA PHE A 8 18.95 3.94 -25.94
C PHE A 8 20.13 3.17 -25.38
N ASP A 9 19.82 2.20 -24.52
CA ASP A 9 20.85 1.36 -23.93
C ASP A 9 21.40 0.38 -24.96
N GLU A 10 22.53 -0.23 -24.62
CA GLU A 10 23.12 -1.24 -25.49
C GLU A 10 22.32 -2.53 -25.40
N PRO A 11 21.87 -3.08 -26.52
CA PRO A 11 21.07 -4.32 -26.46
C PRO A 11 21.90 -5.51 -26.02
N GLU A 12 21.23 -6.46 -25.37
CA GLU A 12 21.85 -7.67 -24.86
C GLU A 12 21.41 -8.86 -25.70
N LEU A 13 22.32 -9.82 -25.88
CA LEU A 13 22.02 -11.06 -26.59
C LEU A 13 21.76 -12.16 -25.56
N GLU A 14 21.46 -13.35 -26.07
CA GLU A 14 21.17 -14.51 -25.22
C GLU A 14 22.01 -15.69 -25.71
N PHE A 15 23.02 -16.05 -24.94
CA PHE A 15 23.84 -17.22 -25.20
C PHE A 15 23.26 -18.42 -24.47
N GLY A 16 24.02 -19.51 -24.41
CA GLY A 16 23.53 -20.73 -23.79
C GLY A 16 23.35 -20.57 -22.28
N ASP A 17 22.34 -21.29 -21.77
CA ASP A 17 22.02 -21.36 -20.34
C ASP A 17 21.71 -19.99 -19.73
N HIS A 18 21.07 -19.11 -20.51
CA HIS A 18 20.58 -17.81 -20.06
C HIS A 18 21.70 -16.96 -19.44
N HIS A 19 22.68 -16.61 -20.27
CA HIS A 19 23.89 -15.95 -19.80
C HIS A 19 23.85 -14.43 -19.93
N HIS A 20 22.90 -13.90 -20.72
CA HIS A 20 22.75 -12.46 -21.00
C HIS A 20 24.01 -11.99 -21.73
N HIS A 21 24.68 -10.92 -21.29
CA HIS A 21 25.86 -10.30 -21.90
C HIS A 21 25.57 -9.68 -23.26
N GLN A 22 26.41 -8.73 -23.67
CA GLN A 22 26.17 -7.96 -24.88
C GLN A 22 27.28 -8.07 -25.92
N ASP A 23 28.34 -8.84 -25.64
CA ASP A 23 29.43 -9.01 -26.59
C ASP A 23 29.41 -10.45 -27.11
N PRO A 24 29.39 -10.66 -28.43
CA PRO A 24 29.41 -12.04 -28.95
C PRO A 24 30.65 -12.83 -28.57
N ARG A 25 31.82 -12.20 -28.58
CA ARG A 25 33.06 -12.94 -28.34
C ARG A 25 33.16 -13.40 -26.88
N LEU A 26 32.92 -12.48 -25.94
CA LEU A 26 33.02 -12.84 -24.52
C LEU A 26 31.91 -13.79 -24.12
N GLY A 27 30.70 -13.57 -24.63
CA GLY A 27 29.61 -14.48 -24.33
C GLY A 27 29.82 -15.88 -24.89
N LEU A 28 30.42 -15.96 -26.08
CA LEU A 28 30.76 -17.26 -26.64
C LEU A 28 31.89 -17.92 -25.86
N SER A 29 32.84 -17.14 -25.36
CA SER A 29 33.93 -17.71 -24.60
C SER A 29 33.50 -18.14 -23.19
N GLU A 30 32.46 -17.52 -22.65
CA GLU A 30 32.02 -17.81 -21.29
C GLU A 30 31.01 -18.96 -21.24
N ALA A 31 29.91 -18.85 -21.98
CA ALA A 31 28.83 -19.83 -21.89
C ALA A 31 28.68 -20.70 -23.12
N GLY A 32 29.25 -20.33 -24.26
CA GLY A 32 29.15 -21.13 -25.45
C GLY A 32 27.95 -20.81 -26.31
N PRO A 33 27.72 -21.59 -27.35
CA PRO A 33 26.61 -21.32 -28.26
C PRO A 33 25.26 -21.57 -27.61
N LEU A 34 24.24 -20.89 -28.14
CA LEU A 34 22.87 -21.08 -27.65
C LEU A 34 22.36 -22.48 -27.95
N GLN A 35 22.66 -23.00 -29.13
CA GLN A 35 22.26 -24.34 -29.54
C GLN A 35 23.53 -25.19 -29.66
N THR A 36 23.75 -26.05 -28.67
CA THR A 36 24.95 -26.87 -28.65
C THR A 36 24.86 -28.00 -29.66
N PHE A 37 25.99 -28.29 -30.31
CA PHE A 37 26.03 -29.38 -31.26
C PHE A 37 25.98 -30.72 -30.53
N LEU A 38 25.16 -31.63 -31.04
CA LEU A 38 25.01 -32.94 -30.40
C LEU A 38 26.21 -33.84 -30.64
N GLY A 39 26.93 -33.62 -31.74
CA GLY A 39 28.10 -34.41 -32.04
C GLY A 39 29.35 -33.92 -31.31
N ASP A 40 30.52 -34.32 -31.81
CA ASP A 40 31.77 -33.91 -31.18
C ASP A 40 32.74 -33.35 -32.21
N VAL A 41 32.61 -33.78 -33.46
CA VAL A 41 33.52 -33.38 -34.52
C VAL A 41 32.73 -32.88 -35.72
N ILE A 42 33.31 -31.89 -36.41
CA ILE A 42 32.76 -31.36 -37.66
C ILE A 42 33.78 -31.62 -38.75
N LYS A 43 33.34 -32.30 -39.81
CA LYS A 43 34.23 -32.66 -40.91
C LYS A 43 34.24 -31.55 -41.96
N ILE A 44 35.46 -31.22 -42.43
CA ILE A 44 35.67 -30.13 -43.37
C ILE A 44 36.36 -30.68 -44.61
N GLY A 45 35.88 -30.27 -45.78
CA GLY A 45 36.51 -30.62 -47.05
C GLY A 45 37.17 -29.40 -47.67
N VAL A 46 38.33 -29.61 -48.28
CA VAL A 46 39.12 -28.54 -48.87
C VAL A 46 39.33 -28.84 -50.34
N VAL A 47 39.11 -27.83 -51.19
CA VAL A 47 39.31 -27.94 -52.63
C VAL A 47 40.32 -26.89 -53.06
N GLY A 48 41.34 -27.32 -53.80
CA GLY A 48 42.35 -26.41 -54.29
C GLY A 48 43.63 -27.15 -54.60
N ASN A 49 44.60 -26.39 -55.08
CA ASN A 49 45.93 -26.97 -55.32
C ASN A 49 46.62 -27.26 -53.99
N SER A 50 47.67 -28.09 -54.06
CA SER A 50 48.23 -28.73 -52.88
C SER A 50 48.80 -27.72 -51.89
N LYS A 51 49.32 -26.59 -52.39
CA LYS A 51 49.82 -25.54 -51.51
C LYS A 51 48.71 -24.98 -50.63
N THR A 52 47.53 -24.77 -51.20
CA THR A 52 46.41 -24.24 -50.43
C THR A 52 45.92 -25.25 -49.40
N ILE A 53 45.90 -26.54 -49.76
CA ILE A 53 45.47 -27.56 -48.80
C ILE A 53 46.44 -27.66 -47.64
N GLU A 54 47.74 -27.66 -47.93
CA GLU A 54 48.73 -27.72 -46.87
C GLU A 54 48.69 -26.47 -45.99
N ASP A 55 48.48 -25.30 -46.61
CA ASP A 55 48.35 -24.06 -45.84
C ASP A 55 47.13 -24.10 -44.93
N THR A 56 45.99 -24.60 -45.44
CA THR A 56 44.78 -24.69 -44.63
C THR A 56 44.96 -25.66 -43.46
N ARG A 57 45.58 -26.81 -43.71
CA ARG A 57 45.83 -27.78 -42.66
C ARG A 57 46.74 -27.21 -41.58
N LYS A 58 47.82 -26.55 -42.00
CA LYS A 58 48.71 -25.94 -41.04
C LYS A 58 47.97 -24.86 -40.26
N PHE A 59 47.12 -24.11 -40.94
CA PHE A 59 46.38 -23.04 -40.28
C PHE A 59 45.48 -23.58 -39.18
N ILE A 60 44.74 -24.66 -39.45
CA ILE A 60 43.83 -25.16 -38.42
C ILE A 60 44.62 -25.80 -37.28
N GLU A 61 45.71 -26.53 -37.60
CA GLU A 61 46.51 -27.11 -36.53
C GLU A 61 47.25 -26.04 -35.72
N THR A 62 47.57 -24.90 -36.34
CA THR A 62 48.19 -23.81 -35.60
C THR A 62 47.17 -23.12 -34.68
N VAL A 63 45.98 -22.85 -35.20
CA VAL A 63 44.97 -22.14 -34.43
C VAL A 63 44.31 -23.05 -33.39
N SER A 64 44.52 -24.36 -33.46
CA SER A 64 43.99 -25.27 -32.46
C SER A 64 44.59 -25.00 -31.08
N SER A 65 45.88 -24.67 -31.02
CA SER A 65 46.52 -24.43 -29.74
C SER A 65 46.04 -23.14 -29.10
N GLY A 66 45.96 -22.06 -29.86
CA GLY A 66 45.48 -20.78 -29.36
C GLY A 66 46.32 -19.63 -29.86
N VAL A 67 45.68 -18.47 -30.02
CA VAL A 67 46.32 -17.27 -30.52
C VAL A 67 46.11 -16.15 -29.50
N GLU A 68 47.19 -15.44 -29.18
CA GLU A 68 47.13 -14.34 -28.22
C GLU A 68 46.52 -13.10 -28.88
N GLY A 69 46.27 -12.09 -28.05
CA GLY A 69 45.66 -10.87 -28.52
C GLY A 69 46.63 -10.00 -29.29
N LYS A 70 46.10 -8.88 -29.79
CA LYS A 70 46.87 -7.95 -30.61
C LYS A 70 47.42 -6.77 -29.81
N GLY A 71 46.59 -6.14 -28.97
CA GLY A 71 47.00 -4.95 -28.26
C GLY A 71 46.70 -5.04 -26.78
N GLU A 72 47.22 -4.05 -26.05
CA GLU A 72 47.03 -3.97 -24.61
C GLU A 72 46.25 -2.73 -24.16
N LYS A 73 46.22 -1.67 -24.98
CA LYS A 73 45.46 -0.48 -24.61
C LYS A 73 43.96 -0.74 -24.63
N HIS A 74 43.49 -1.50 -25.63
CA HIS A 74 42.07 -1.84 -25.74
C HIS A 74 41.92 -3.35 -25.57
N PRO A 75 41.60 -3.83 -24.37
CA PRO A 75 41.52 -5.29 -24.16
C PRO A 75 40.25 -5.90 -24.72
N ASN A 76 39.13 -5.18 -24.60
CA ASN A 76 37.86 -5.72 -25.08
C ASN A 76 37.74 -5.70 -26.60
N MET A 77 38.36 -4.73 -27.25
CA MET A 77 38.27 -4.65 -28.71
C MET A 77 39.11 -5.70 -29.41
N HIS A 78 40.15 -6.21 -28.75
CA HIS A 78 41.01 -7.26 -29.32
C HIS A 78 41.21 -8.37 -28.29
N PRO A 79 40.21 -9.23 -28.08
CA PRO A 79 40.38 -10.34 -27.16
C PRO A 79 41.14 -11.47 -27.82
N PRO A 80 41.90 -12.24 -27.04
CA PRO A 80 42.62 -13.39 -27.61
C PRO A 80 41.68 -14.56 -27.84
N PHE A 81 41.98 -15.33 -28.88
CA PHE A 81 41.21 -16.53 -29.16
C PHE A 81 41.57 -17.61 -28.15
N PRO A 82 40.61 -18.13 -27.37
CA PRO A 82 40.91 -19.09 -26.30
C PRO A 82 41.08 -20.54 -26.78
N GLY A 83 41.83 -20.72 -27.86
CA GLY A 83 42.17 -22.04 -28.34
C GLY A 83 41.00 -22.77 -28.96
N LEU A 84 41.31 -23.97 -29.46
CA LEU A 84 40.32 -24.89 -30.02
C LEU A 84 40.63 -26.25 -29.40
N GLY A 85 40.01 -26.52 -28.25
CA GLY A 85 40.31 -27.71 -27.48
C GLY A 85 39.37 -27.87 -26.31
N ASN A 86 39.93 -28.16 -25.13
CA ASN A 86 39.13 -28.28 -23.93
C ASN A 86 38.45 -26.97 -23.55
N GLN A 87 39.02 -25.83 -23.95
CA GLN A 87 38.45 -24.52 -23.65
C GLN A 87 37.93 -23.83 -24.91
N SER A 88 37.37 -24.61 -25.83
CA SER A 88 36.82 -24.04 -27.05
C SER A 88 35.54 -23.26 -26.74
N PRO A 89 35.28 -22.16 -27.47
CA PRO A 89 34.03 -21.43 -27.26
C PRO A 89 32.80 -22.14 -27.83
N TYR A 90 32.99 -23.11 -28.72
CA TYR A 90 31.87 -23.79 -29.35
C TYR A 90 31.60 -25.18 -28.77
N ARG A 91 32.44 -25.64 -27.83
CA ARG A 91 32.32 -26.95 -27.18
C ARG A 91 32.31 -28.08 -28.20
N CYS A 92 33.13 -27.95 -29.25
CA CYS A 92 33.21 -28.96 -30.29
C CYS A 92 34.58 -28.86 -30.95
N ARG A 93 34.85 -29.81 -31.85
CA ARG A 93 36.13 -29.88 -32.53
C ARG A 93 35.92 -29.89 -34.04
N PHE A 94 36.91 -29.36 -34.76
CA PHE A 94 36.93 -29.37 -36.21
C PHE A 94 38.02 -30.33 -36.67
N GLU A 95 37.68 -31.22 -37.60
CA GLU A 95 38.61 -32.27 -38.01
C GLU A 95 38.51 -32.47 -39.51
N ILE A 96 39.62 -32.23 -40.21
CA ILE A 96 39.69 -32.41 -41.65
C ILE A 96 40.10 -33.86 -41.92
N GLU A 97 39.17 -34.63 -42.49
CA GLU A 97 39.38 -36.04 -42.75
C GLU A 97 40.08 -36.25 -44.08
N ASP A 98 41.10 -37.11 -44.09
CA ASP A 98 41.78 -37.45 -45.33
C ASP A 98 40.83 -38.21 -46.26
N GLY A 99 40.97 -37.94 -47.55
CA GLY A 99 40.09 -38.49 -48.56
C GLY A 99 38.95 -37.58 -48.95
N ALA A 100 38.53 -36.68 -48.06
CA ALA A 100 37.57 -35.63 -48.40
C ALA A 100 38.29 -34.37 -48.85
N THR A 101 39.18 -34.51 -49.82
CA THR A 101 40.03 -33.43 -50.28
C THR A 101 40.36 -33.67 -51.75
N ALA A 102 40.09 -32.67 -52.58
CA ALA A 102 40.34 -32.76 -54.01
C ALA A 102 41.55 -31.90 -54.38
N ALA A 103 41.89 -31.92 -55.67
CA ALA A 103 43.03 -31.16 -56.17
C ALA A 103 42.78 -30.78 -57.61
N LEU A 104 43.43 -29.70 -58.05
CA LEU A 104 43.31 -29.20 -59.41
C LEU A 104 44.70 -29.20 -60.04
N THR A 105 44.81 -29.78 -61.22
CA THR A 105 46.10 -29.91 -61.89
C THR A 105 46.56 -28.56 -62.43
N LYS A 106 47.87 -28.48 -62.69
CA LYS A 106 48.45 -27.24 -63.21
C LYS A 106 48.01 -26.99 -64.65
N SER A 107 47.91 -28.06 -65.45
CA SER A 107 47.47 -27.91 -66.83
C SER A 107 46.02 -27.44 -66.92
N LYS A 108 45.17 -27.94 -66.01
CA LYS A 108 43.77 -27.53 -66.01
C LYS A 108 43.64 -26.05 -65.67
N LEU A 109 44.44 -25.56 -64.73
CA LEU A 109 44.46 -24.13 -64.44
C LEU A 109 45.08 -23.33 -65.58
N ASP A 110 46.00 -23.95 -66.34
CA ASP A 110 46.54 -23.30 -67.52
C ASP A 110 45.47 -23.14 -68.60
N LYS A 111 44.54 -24.09 -68.68
CA LYS A 111 43.41 -23.96 -69.60
C LYS A 111 42.51 -22.79 -69.22
N ILE A 112 42.44 -22.48 -67.92
CA ILE A 112 41.70 -21.31 -67.45
C ILE A 112 42.67 -20.17 -67.23
N GLY A 113 43.84 -20.25 -67.87
CA GLY A 113 44.83 -19.21 -67.76
C GLY A 113 44.80 -18.25 -68.93
N LYS A 114 45.72 -18.43 -69.87
CA LYS A 114 45.78 -17.60 -71.08
C LYS A 114 44.69 -18.01 -72.06
N GLU A 115 43.46 -17.61 -71.75
CA GLU A 115 42.29 -17.93 -72.54
C GLU A 115 41.47 -16.67 -72.75
N PRO A 116 41.04 -16.37 -73.98
CA PRO A 116 40.34 -15.10 -74.24
C PRO A 116 38.93 -15.06 -73.68
N ASP A 117 38.31 -13.87 -73.75
CA ASP A 117 36.96 -13.55 -73.29
C ASP A 117 36.83 -13.63 -71.76
N HIS A 118 35.91 -12.84 -71.20
CA HIS A 118 35.73 -12.76 -69.75
C HIS A 118 34.51 -13.52 -69.26
N TYR A 119 33.83 -14.26 -70.13
CA TYR A 119 32.71 -15.11 -69.73
C TYR A 119 32.99 -16.59 -69.88
N ARG A 120 33.89 -16.97 -70.80
CA ARG A 120 34.19 -18.39 -70.98
C ARG A 120 35.05 -18.93 -69.84
N ALA A 121 36.07 -18.17 -69.43
CA ALA A 121 37.01 -18.66 -68.41
C ALA A 121 36.33 -18.85 -67.07
N VAL A 122 35.46 -17.90 -66.69
CA VAL A 122 34.68 -18.04 -65.46
C VAL A 122 33.78 -19.27 -65.55
N GLU A 123 33.23 -19.53 -66.74
CA GLU A 123 32.37 -20.69 -66.93
C GLU A 123 33.15 -21.99 -66.74
N MET A 124 34.35 -22.09 -67.33
CA MET A 124 35.14 -23.30 -67.17
C MET A 124 35.57 -23.51 -65.72
N ALA A 125 35.97 -22.43 -65.04
CA ALA A 125 36.38 -22.54 -63.64
C ALA A 125 35.22 -23.00 -62.77
N VAL A 126 34.04 -22.39 -62.96
CA VAL A 126 32.90 -22.74 -62.11
C VAL A 126 32.41 -24.15 -62.42
N ASP A 127 32.45 -24.58 -63.68
CA ASP A 127 31.95 -25.92 -63.97
C ASP A 127 32.94 -26.99 -63.49
N GLU A 128 34.24 -26.71 -63.57
CA GLU A 128 35.22 -27.67 -63.04
C GLU A 128 35.10 -27.80 -61.52
N ILE A 129 34.96 -26.67 -60.82
CA ILE A 129 34.83 -26.71 -59.36
C ILE A 129 33.53 -27.40 -58.96
N ILE A 130 32.43 -27.10 -59.67
CA ILE A 130 31.14 -27.69 -59.37
C ILE A 130 31.16 -29.19 -59.66
N GLY A 131 31.79 -29.61 -60.75
CA GLY A 131 31.89 -31.02 -61.05
C GLY A 131 32.74 -31.78 -60.04
N GLU A 132 33.83 -31.16 -59.57
CA GLU A 132 34.64 -31.78 -58.54
C GLU A 132 33.87 -31.94 -57.23
N LEU A 133 33.11 -30.90 -56.85
CA LEU A 133 32.29 -31.00 -55.64
C LEU A 133 31.18 -32.03 -55.81
N GLN A 134 30.63 -32.15 -57.03
CA GLN A 134 29.60 -33.14 -57.31
C GLN A 134 30.15 -34.54 -57.19
N ALA A 135 31.37 -34.76 -57.70
CA ALA A 135 32.00 -36.07 -57.57
C ALA A 135 32.34 -36.38 -56.12
N MET A 136 32.68 -35.35 -55.34
CA MET A 136 32.94 -35.56 -53.91
C MET A 136 31.66 -35.91 -53.16
N ASP A 137 30.54 -35.26 -53.52
CA ASP A 137 29.29 -35.44 -52.77
C ASP A 137 28.66 -36.79 -53.06
N ASP A 138 28.91 -37.38 -54.22
CA ASP A 138 28.28 -38.64 -54.60
C ASP A 138 28.98 -39.86 -54.01
N GLY A 139 30.08 -39.67 -53.28
CA GLY A 139 30.81 -40.76 -52.66
C GLY A 139 30.38 -41.02 -51.24
N GLY A 140 31.32 -41.44 -50.42
CA GLY A 140 31.03 -41.75 -49.03
C GLY A 140 31.91 -40.98 -48.06
N SER A 141 32.43 -39.84 -48.50
CA SER A 141 33.28 -38.98 -47.69
C SER A 141 32.80 -37.54 -47.78
N ARG A 142 31.48 -37.34 -47.73
CA ARG A 142 30.91 -36.00 -47.82
C ARG A 142 31.15 -35.24 -46.53
N PRO A 143 31.77 -34.07 -46.56
CA PRO A 143 31.97 -33.29 -45.34
C PRO A 143 30.70 -32.52 -44.99
N ASP A 144 30.79 -31.72 -43.93
CA ASP A 144 29.69 -30.87 -43.51
C ASP A 144 29.79 -29.45 -44.05
N VAL A 145 30.99 -29.03 -44.46
CA VAL A 145 31.19 -27.73 -45.07
C VAL A 145 32.46 -27.80 -45.91
N ALA A 146 32.40 -27.28 -47.13
CA ALA A 146 33.50 -27.34 -48.08
C ALA A 146 34.17 -25.98 -48.17
N ILE A 147 35.49 -25.97 -47.96
CA ILE A 147 36.28 -24.75 -48.02
C ILE A 147 36.96 -24.68 -49.39
N ILE A 148 36.70 -23.61 -50.12
CA ILE A 148 37.33 -23.35 -51.41
C ILE A 148 38.47 -22.37 -51.17
N ALA A 149 39.70 -22.85 -51.31
CA ALA A 149 40.90 -22.05 -51.11
C ALA A 149 41.44 -21.67 -52.49
N LEU A 150 41.22 -20.43 -52.88
CA LEU A 150 41.57 -19.97 -54.22
C LEU A 150 43.07 -19.70 -54.32
N PRO A 151 43.77 -20.28 -55.30
CA PRO A 151 45.17 -19.92 -55.50
C PRO A 151 45.34 -18.48 -55.97
N VAL A 152 46.57 -17.99 -55.84
CA VAL A 152 46.89 -16.62 -56.26
C VAL A 152 46.73 -16.47 -57.77
N LYS A 153 47.17 -17.48 -58.53
CA LYS A 153 47.12 -17.41 -59.99
C LYS A 153 45.68 -17.36 -60.50
N LEU A 154 44.78 -18.10 -59.86
CA LEU A 154 43.38 -18.18 -60.29
C LEU A 154 42.66 -16.85 -60.12
N LEU A 155 43.15 -16.01 -59.21
CA LEU A 155 42.55 -14.69 -58.98
C LEU A 155 42.77 -13.75 -60.16
N GLU A 156 43.86 -13.92 -60.90
CA GLU A 156 44.20 -13.01 -61.98
C GLU A 156 43.34 -13.21 -63.23
N ARG A 157 42.54 -14.26 -63.30
CA ARG A 157 41.68 -14.50 -64.45
C ARG A 157 40.19 -14.35 -64.14
N VAL A 158 39.76 -14.58 -62.91
CA VAL A 158 38.35 -14.53 -62.57
C VAL A 158 37.99 -13.31 -61.72
N TRP A 159 38.95 -12.67 -61.05
CA TRP A 159 38.65 -11.52 -60.22
C TRP A 159 39.39 -10.27 -60.68
N ASN A 160 40.72 -10.33 -60.80
CA ASN A 160 41.53 -9.14 -61.02
C ASN A 160 41.88 -9.00 -62.49
N ALA A 161 41.66 -7.80 -63.03
CA ALA A 161 41.99 -7.44 -64.41
C ALA A 161 41.30 -8.36 -65.41
N LYS A 162 42.02 -9.39 -65.85
CA LYS A 162 41.49 -10.36 -66.80
C LYS A 162 40.36 -11.18 -66.18
N ALA A 179 31.83 -9.71 -68.17
CA ALA A 179 32.52 -9.89 -66.91
C ALA A 179 31.53 -10.09 -65.76
N PRO A 180 31.13 -11.34 -65.52
CA PRO A 180 30.18 -11.64 -64.45
C PRO A 180 30.89 -11.74 -63.11
N ASN A 181 30.12 -12.11 -62.09
CA ASN A 181 30.66 -12.34 -60.75
C ASN A 181 30.98 -13.83 -60.61
N PHE A 182 32.23 -14.13 -60.27
CA PHE A 182 32.62 -15.52 -60.04
C PHE A 182 31.89 -16.10 -58.83
N ARG A 183 31.78 -15.33 -57.76
CA ARG A 183 31.09 -15.80 -56.56
C ARG A 183 29.60 -16.02 -56.82
N GLY A 184 28.98 -15.12 -57.60
CA GLY A 184 27.56 -15.26 -57.87
C GLY A 184 27.23 -16.52 -58.64
N MET A 185 27.98 -16.79 -59.72
CA MET A 185 27.76 -18.01 -60.49
C MET A 185 28.14 -19.24 -59.70
N LEU A 186 29.19 -19.14 -58.87
CA LEU A 186 29.58 -20.27 -58.03
C LEU A 186 28.47 -20.65 -57.05
N LYS A 187 27.91 -19.66 -56.36
CA LYS A 187 26.82 -19.94 -55.42
C LYS A 187 25.57 -20.42 -56.16
N ALA A 188 25.28 -19.84 -57.33
CA ALA A 188 24.10 -20.24 -58.08
C ALA A 188 24.20 -21.69 -58.56
N LYS A 189 25.39 -22.11 -59.02
CA LYS A 189 25.57 -23.49 -59.45
C LYS A 189 25.69 -24.43 -58.26
N ALA A 190 26.16 -23.95 -57.11
CA ALA A 190 26.28 -24.77 -55.92
C ALA A 190 25.03 -24.76 -55.06
N MET A 191 23.96 -24.08 -55.49
CA MET A 191 22.70 -24.11 -54.76
C MET A 191 22.12 -25.51 -54.66
N GLY A 192 22.37 -26.35 -55.67
CA GLY A 192 21.84 -27.70 -55.68
C GLY A 192 22.78 -28.73 -55.07
N LEU A 193 23.24 -28.47 -53.84
CA LEU A 193 24.11 -29.42 -53.15
C LEU A 193 23.52 -29.80 -51.80
N SER A 194 24.27 -30.56 -51.01
CA SER A 194 23.82 -30.97 -49.69
C SER A 194 24.60 -30.31 -48.55
N PHE A 195 25.69 -29.62 -48.85
CA PHE A 195 26.48 -28.92 -47.85
C PHE A 195 26.83 -27.53 -48.37
N PRO A 196 26.90 -26.54 -47.49
CA PRO A 196 27.30 -25.19 -47.92
C PRO A 196 28.80 -25.11 -48.13
N ILE A 197 29.21 -24.01 -48.77
CA ILE A 197 30.61 -23.77 -49.10
C ILE A 197 31.05 -22.44 -48.51
N GLN A 198 32.37 -22.30 -48.33
CA GLN A 198 32.96 -21.08 -47.81
C GLN A 198 34.26 -20.81 -48.56
N ILE A 199 34.44 -19.57 -49.01
CA ILE A 199 35.53 -19.21 -49.91
C ILE A 199 36.57 -18.40 -49.14
N VAL A 200 37.84 -18.80 -49.24
CA VAL A 200 38.94 -18.01 -48.69
C VAL A 200 39.86 -17.59 -49.84
N TRP A 201 40.83 -16.74 -49.54
CA TRP A 201 41.61 -16.03 -50.56
C TRP A 201 43.10 -16.17 -50.36
N GLU A 202 43.56 -17.28 -49.75
CA GLU A 202 44.97 -17.70 -49.68
C GLU A 202 45.83 -16.78 -48.80
N ASP A 203 45.33 -15.60 -48.41
CA ASP A 203 46.04 -14.75 -47.48
C ASP A 203 45.47 -14.78 -46.07
N VAL A 204 44.29 -15.41 -45.89
CA VAL A 204 43.76 -15.68 -44.57
C VAL A 204 44.48 -16.85 -43.92
N ILE A 205 45.05 -17.75 -44.71
CA ILE A 205 45.64 -18.98 -44.19
C ILE A 205 47.15 -18.87 -43.98
N ASP A 206 47.81 -17.87 -44.56
CA ASP A 206 49.23 -17.65 -44.29
C ASP A 206 49.56 -16.18 -44.52
N ASP A 207 50.43 -15.62 -43.68
CA ASP A 207 50.78 -14.20 -43.80
C ASP A 207 52.10 -13.98 -44.53
N LYS A 208 52.25 -14.62 -45.68
CA LYS A 208 53.44 -14.46 -46.50
C LYS A 208 53.15 -14.18 -47.97
N VAL A 209 51.89 -14.01 -48.35
CA VAL A 209 51.51 -13.83 -49.75
C VAL A 209 50.88 -12.46 -49.93
N THR A 210 50.86 -12.01 -51.18
CA THR A 210 50.37 -10.69 -51.54
C THR A 210 49.49 -10.79 -52.77
N ILE A 211 48.30 -10.21 -52.67
CA ILE A 211 47.35 -10.14 -53.78
C ILE A 211 47.21 -8.69 -54.20
N PRO A 212 47.47 -8.35 -55.47
CA PRO A 212 47.35 -6.96 -55.89
C PRO A 212 45.90 -6.50 -56.03
N GLN A 213 45.70 -5.19 -56.22
CA GLN A 213 44.37 -4.63 -56.32
C GLN A 213 43.87 -4.73 -57.77
N LYS A 214 42.69 -4.16 -58.02
CA LYS A 214 42.03 -4.34 -59.31
C LYS A 214 42.62 -3.43 -60.38
N VAL A 215 42.50 -2.12 -60.20
CA VAL A 215 42.91 -1.18 -61.25
C VAL A 215 44.37 -0.77 -61.10
N LYS A 216 44.83 -0.52 -59.88
CA LYS A 216 46.21 -0.11 -59.63
C LYS A 216 46.97 -1.25 -58.96
N GLU A 217 48.12 -1.61 -59.54
CA GLU A 217 48.91 -2.73 -59.06
C GLU A 217 50.00 -2.31 -58.08
N SER A 218 50.08 -1.03 -57.73
CA SER A 218 51.12 -0.59 -56.80
C SER A 218 50.80 -0.97 -55.35
N SER A 219 49.53 -1.07 -55.01
CA SER A 219 49.12 -1.40 -53.66
C SER A 219 48.72 -2.88 -53.57
N SER A 220 48.17 -3.27 -52.43
CA SER A 220 47.77 -4.66 -52.22
C SER A 220 46.63 -4.70 -51.21
N ARG A 221 46.09 -5.90 -51.01
CA ARG A 221 44.99 -6.09 -50.08
C ARG A 221 45.47 -5.94 -48.64
N LYS A 222 44.53 -5.66 -47.74
CA LYS A 222 44.80 -5.47 -46.33
C LYS A 222 43.95 -6.44 -45.53
N ILE A 223 44.57 -7.19 -44.64
CA ILE A 223 43.91 -8.20 -43.83
C ILE A 223 43.85 -7.71 -42.40
N GLN A 224 42.80 -8.10 -41.67
CA GLN A 224 42.51 -7.59 -40.34
C GLN A 224 43.61 -7.89 -39.33
N ASP A 225 43.77 -9.17 -38.97
CA ASP A 225 44.68 -9.62 -37.91
C ASP A 225 44.65 -11.14 -37.90
N ILE A 226 45.70 -11.74 -37.32
CA ILE A 226 45.72 -13.18 -37.15
C ILE A 226 44.68 -13.63 -36.11
N ALA A 227 44.47 -12.85 -35.05
CA ALA A 227 43.44 -13.14 -34.07
C ALA A 227 42.05 -12.68 -34.53
N GLY A 228 41.98 -11.65 -35.38
CA GLY A 228 40.70 -11.18 -35.86
C GLY A 228 40.07 -12.04 -36.92
N ARG A 229 40.90 -12.72 -37.73
CA ARG A 229 40.39 -13.62 -38.75
C ARG A 229 39.64 -14.79 -38.13
N THR A 230 40.23 -15.37 -37.07
CA THR A 230 39.72 -16.62 -36.50
C THR A 230 38.35 -16.44 -35.87
N TRP A 231 38.15 -15.32 -35.15
CA TRP A 231 36.91 -15.08 -34.43
C TRP A 231 35.70 -15.03 -35.35
N ASN A 232 35.91 -14.64 -36.62
CA ASN A 232 34.84 -14.64 -37.61
C ASN A 232 34.79 -15.95 -38.39
N LEU A 233 35.97 -16.46 -38.79
CA LEU A 233 36.02 -17.63 -39.66
C LEU A 233 35.48 -18.87 -38.96
N MET A 234 35.89 -19.10 -37.72
CA MET A 234 35.43 -20.30 -37.02
C MET A 234 33.96 -20.20 -36.63
N THR A 235 33.47 -19.00 -36.33
CA THR A 235 32.06 -18.82 -36.04
C THR A 235 31.21 -19.10 -37.28
N SER A 236 31.62 -18.57 -38.43
CA SER A 236 30.88 -18.82 -39.67
C SER A 236 30.97 -20.29 -40.06
N LEU A 237 32.13 -20.91 -39.87
CA LEU A 237 32.29 -22.32 -40.18
C LEU A 237 31.42 -23.19 -39.28
N TYR A 238 31.34 -22.86 -37.99
CA TYR A 238 30.47 -23.59 -37.07
C TYR A 238 29.01 -23.44 -37.47
N TYR A 239 28.58 -22.23 -37.83
CA TYR A 239 27.19 -22.04 -38.24
C TYR A 239 26.88 -22.79 -39.52
N LYS A 240 27.79 -22.80 -40.49
CA LYS A 240 27.51 -23.42 -41.77
C LYS A 240 27.58 -24.95 -41.67
N GLY A 241 28.52 -25.48 -40.89
CA GLY A 241 28.71 -26.92 -40.82
C GLY A 241 27.86 -27.61 -39.77
N SER A 242 27.33 -26.86 -38.80
CA SER A 242 26.48 -27.44 -37.79
C SER A 242 25.01 -27.14 -37.99
N GLY A 243 24.68 -25.98 -38.56
CA GLY A 243 23.30 -25.58 -38.76
C GLY A 243 22.63 -25.02 -37.53
N ARG A 244 23.34 -24.89 -36.42
CA ARG A 244 22.78 -24.39 -35.18
C ARG A 244 23.18 -22.93 -34.98
N ILE A 245 22.21 -22.12 -34.57
CA ILE A 245 22.45 -20.68 -34.43
C ILE A 245 23.31 -20.42 -33.19
N PRO A 246 24.40 -19.65 -33.31
CA PRO A 246 25.25 -19.40 -32.14
C PRO A 246 24.58 -18.53 -31.07
N TRP A 247 24.00 -17.40 -31.47
CA TRP A 247 23.34 -16.50 -30.53
C TRP A 247 22.07 -15.96 -31.17
N ARG A 248 21.33 -15.17 -30.39
CA ARG A 248 20.09 -14.54 -30.84
C ARG A 248 19.80 -13.36 -29.94
N ARG A 249 18.84 -12.54 -30.36
CA ARG A 249 18.44 -11.39 -29.56
C ARG A 249 17.68 -11.84 -28.32
N MET A 250 17.74 -11.01 -27.28
CA MET A 250 17.09 -11.33 -26.02
C MET A 250 15.63 -10.87 -26.06
N PRO A 251 14.66 -11.77 -25.96
CA PRO A 251 13.27 -11.33 -25.90
C PRO A 251 12.93 -10.64 -24.59
N LEU A 252 12.02 -9.68 -24.67
CA LEU A 252 11.56 -8.98 -23.48
C LEU A 252 10.44 -9.78 -22.82
N GLU A 253 9.80 -9.19 -21.81
CA GLU A 253 8.72 -9.83 -21.08
C GLU A 253 7.44 -9.04 -21.29
N GLY A 254 6.40 -9.71 -21.79
CA GLY A 254 5.12 -9.08 -21.99
C GLY A 254 4.88 -8.51 -23.36
N GLU A 255 5.69 -8.85 -24.35
CA GLU A 255 5.53 -8.33 -25.70
C GLU A 255 4.71 -9.29 -26.55
N PHE A 256 4.16 -8.76 -27.64
CA PHE A 256 3.31 -9.54 -28.52
C PHE A 256 4.15 -10.36 -29.49
N SER A 257 3.56 -11.44 -29.99
CA SER A 257 4.23 -12.26 -31.00
C SER A 257 4.28 -11.50 -32.33
N ALA A 258 5.45 -11.50 -32.95
CA ALA A 258 5.68 -10.71 -34.16
C ALA A 258 6.27 -11.59 -35.25
N CYS A 259 6.42 -10.99 -36.43
CA CYS A 259 7.01 -11.66 -37.59
C CYS A 259 7.56 -10.58 -38.51
N TYR A 260 8.87 -10.60 -38.74
CA TYR A 260 9.54 -9.52 -39.45
C TYR A 260 9.76 -9.90 -40.92
N VAL A 261 9.50 -8.95 -41.81
CA VAL A 261 9.61 -9.15 -43.25
C VAL A 261 10.50 -8.04 -43.80
N GLY A 262 11.40 -8.40 -44.70
CA GLY A 262 12.28 -7.43 -45.34
C GLY A 262 12.14 -7.47 -46.84
N ILE A 263 12.06 -6.30 -47.45
CA ILE A 263 11.85 -6.15 -48.89
C ILE A 263 13.02 -5.39 -49.48
N SER A 264 13.46 -5.81 -50.67
CA SER A 264 14.55 -5.13 -51.37
C SER A 264 14.37 -5.33 -52.87
N PHE A 265 15.20 -4.62 -53.64
CA PHE A 265 15.14 -4.66 -55.09
C PHE A 265 16.55 -4.81 -55.66
N TYR A 266 16.65 -5.48 -56.81
CA TYR A 266 17.94 -5.67 -57.47
C TYR A 266 17.74 -5.65 -58.98
N ARG A 267 18.83 -5.38 -59.69
CA ARG A 267 18.83 -5.37 -61.15
C ARG A 267 19.64 -6.56 -61.66
N GLU A 268 19.27 -7.02 -62.86
CA GLU A 268 19.92 -8.20 -63.44
C GLU A 268 21.25 -7.81 -64.07
N ALA A 269 21.92 -8.81 -64.65
CA ALA A 269 23.24 -8.59 -65.23
C ALA A 269 23.19 -7.66 -66.44
N ASP A 270 22.27 -7.92 -67.37
CA ASP A 270 22.16 -7.14 -68.59
C ASP A 270 20.70 -6.78 -68.85
N GLY A 271 20.44 -5.48 -69.04
CA GLY A 271 19.11 -4.98 -69.35
C GLY A 271 18.59 -3.92 -68.40
N GLN A 272 19.10 -3.88 -67.16
CA GLN A 272 18.75 -2.88 -66.15
C GLN A 272 17.26 -2.87 -65.81
N GLN A 273 16.62 -4.04 -65.88
CA GLN A 273 15.28 -4.18 -65.32
C GLN A 273 15.40 -4.42 -63.81
N LEU A 274 14.27 -4.50 -63.13
CA LEU A 274 14.27 -4.60 -61.68
C LEU A 274 13.49 -5.83 -61.23
N PHE A 275 13.76 -6.25 -59.99
CA PHE A 275 13.14 -7.43 -59.39
C PHE A 275 12.83 -7.11 -57.94
N THR A 276 12.50 -8.14 -57.15
CA THR A 276 12.10 -7.95 -55.76
C THR A 276 12.52 -9.17 -54.94
N SER A 277 13.08 -8.92 -53.76
CA SER A 277 13.51 -9.96 -52.83
C SER A 277 12.89 -9.74 -51.47
N ALA A 278 12.65 -10.83 -50.75
CA ALA A 278 12.00 -10.77 -49.44
C ALA A 278 12.70 -11.71 -48.46
N ALA A 279 12.61 -11.36 -47.18
CA ALA A 279 13.14 -12.15 -46.08
C ALA A 279 12.08 -12.26 -44.99
N GLN A 280 12.09 -13.40 -44.28
CA GLN A 280 10.94 -13.91 -43.55
C GLN A 280 11.30 -14.34 -42.13
N MET A 281 11.94 -13.48 -41.36
CA MET A 281 12.29 -13.82 -39.99
C MET A 281 11.06 -13.95 -39.10
N PHE A 282 11.09 -14.91 -38.18
CA PHE A 282 10.18 -14.96 -37.05
C PHE A 282 10.81 -15.83 -35.97
N ASP A 283 10.30 -15.69 -34.74
CA ASP A 283 10.87 -16.38 -33.59
C ASP A 283 10.40 -17.83 -33.56
N GLU A 284 10.86 -18.58 -32.56
CA GLU A 284 10.59 -20.00 -32.44
C GLU A 284 9.93 -20.29 -31.10
N ARG A 285 9.31 -21.49 -31.03
CA ARG A 285 8.61 -21.90 -29.82
C ARG A 285 9.56 -22.11 -28.65
N GLY A 286 10.67 -22.81 -28.89
CA GLY A 286 11.63 -23.05 -27.84
C GLY A 286 12.69 -21.98 -27.76
N ARG A 287 13.96 -22.36 -27.91
CA ARG A 287 15.08 -21.42 -27.95
C ARG A 287 15.67 -21.50 -29.35
N GLY A 288 15.14 -20.68 -30.26
CA GLY A 288 15.60 -20.70 -31.62
C GLY A 288 15.19 -19.44 -32.35
N PHE A 289 15.60 -19.36 -33.62
CA PHE A 289 15.34 -18.19 -34.44
C PHE A 289 15.34 -18.63 -35.90
N VAL A 290 14.26 -18.35 -36.61
CA VAL A 290 14.10 -18.78 -38.00
C VAL A 290 14.39 -17.60 -38.91
N LEU A 291 15.29 -17.79 -39.86
CA LEU A 291 15.67 -16.77 -40.84
C LEU A 291 15.90 -17.45 -42.17
N LYS A 292 15.06 -17.13 -43.16
CA LYS A 292 15.09 -17.81 -44.44
C LYS A 292 14.57 -16.89 -45.53
N GLY A 293 14.88 -17.24 -46.78
CA GLY A 293 14.43 -16.49 -47.92
C GLY A 293 13.11 -16.97 -48.47
N ARG A 294 13.00 -17.08 -49.79
CA ARG A 294 11.76 -17.56 -50.41
C ARG A 294 12.04 -18.65 -51.45
N ARG A 295 11.01 -19.03 -52.20
CA ARG A 295 11.11 -20.12 -53.16
C ARG A 295 10.63 -19.71 -54.55
N ALA A 296 10.49 -18.41 -54.81
CA ALA A 296 10.02 -17.95 -56.11
C ALA A 296 10.53 -16.55 -56.38
N ARG A 297 10.51 -16.17 -57.66
CA ARG A 297 10.80 -14.82 -58.10
C ARG A 297 9.61 -14.29 -58.89
N THR A 298 9.13 -13.12 -58.50
CA THR A 298 7.85 -12.58 -58.98
C THR A 298 8.10 -11.61 -60.13
N GLU A 299 8.51 -12.16 -61.29
CA GLU A 299 8.54 -11.47 -62.57
C GLU A 299 9.47 -10.24 -62.55
N SER A 300 9.43 -9.43 -63.61
CA SER A 300 10.29 -8.27 -63.76
C SER A 300 9.46 -7.07 -64.21
N ARG A 301 8.38 -6.79 -63.48
CA ARG A 301 7.39 -5.79 -63.90
C ARG A 301 7.93 -4.38 -63.77
N GLY A 302 8.64 -3.92 -64.81
CA GLY A 302 9.11 -2.56 -64.85
C GLY A 302 10.53 -2.42 -64.34
N ARG A 303 11.23 -1.42 -64.87
CA ARG A 303 12.58 -1.08 -64.45
C ARG A 303 12.60 0.01 -63.39
N HIS A 304 11.43 0.46 -62.94
CA HIS A 304 11.34 1.40 -61.84
C HIS A 304 11.58 0.67 -60.52
N PRO A 305 11.86 1.42 -59.44
CA PRO A 305 11.76 0.84 -58.09
C PRO A 305 10.32 0.59 -57.69
N TYR A 306 10.12 0.24 -56.41
CA TYR A 306 8.83 -0.05 -55.78
C TYR A 306 8.26 -1.37 -56.31
N MET A 307 7.07 -1.74 -55.87
CA MET A 307 6.49 -3.02 -56.25
C MET A 307 5.01 -2.86 -56.54
N ALA A 308 4.44 -3.87 -57.19
CA ALA A 308 3.03 -3.88 -57.55
C ALA A 308 2.19 -4.33 -56.37
N ARG A 309 0.89 -4.59 -56.61
CA ARG A 309 -0.05 -4.95 -55.57
C ARG A 309 -0.14 -6.47 -55.38
N GLU A 310 -0.27 -7.21 -56.48
CA GLU A 310 -0.41 -8.66 -56.39
C GLU A 310 0.85 -9.32 -55.83
N ASP A 311 2.02 -8.75 -56.13
CA ASP A 311 3.26 -9.27 -55.56
C ASP A 311 3.30 -9.07 -54.05
N ALA A 312 2.81 -7.92 -53.57
CA ALA A 312 2.72 -7.69 -52.13
C ALA A 312 1.74 -8.67 -51.48
N LYS A 313 0.61 -8.92 -52.15
CA LYS A 313 -0.33 -9.93 -51.68
C LYS A 313 0.34 -11.29 -51.56
N LYS A 314 1.10 -11.68 -52.59
CA LYS A 314 1.77 -12.98 -52.58
C LYS A 314 2.81 -13.07 -51.47
N ILE A 315 3.58 -11.99 -51.26
CA ILE A 315 4.62 -11.99 -50.23
C ILE A 315 4.00 -12.12 -48.85
N ILE A 316 2.95 -11.33 -48.57
CA ILE A 316 2.30 -11.38 -47.27
C ILE A 316 1.65 -12.74 -47.03
N GLU A 317 1.03 -13.30 -48.08
CA GLU A 317 0.42 -14.62 -47.96
C GLU A 317 1.44 -15.70 -47.66
N ASP A 318 2.60 -15.66 -48.34
CA ASP A 318 3.64 -16.64 -48.09
C ASP A 318 4.20 -16.52 -46.68
N VAL A 319 4.39 -15.29 -46.20
CA VAL A 319 4.90 -15.08 -44.84
C VAL A 319 3.93 -15.64 -43.80
N LEU A 320 2.64 -15.33 -43.96
CA LEU A 320 1.64 -15.81 -43.02
C LEU A 320 1.50 -17.33 -43.11
N ALA A 321 1.66 -17.90 -44.31
CA ALA A 321 1.61 -19.34 -44.46
C ALA A 321 2.77 -20.01 -43.73
N ALA A 322 3.97 -19.43 -43.81
CA ALA A 322 5.12 -19.98 -43.10
C ALA A 322 4.92 -19.92 -41.59
N TYR A 323 4.42 -18.79 -41.08
CA TYR A 323 4.19 -18.67 -39.64
C TYR A 323 3.11 -19.63 -39.18
N LYS A 324 2.03 -19.78 -39.96
CA LYS A 324 0.97 -20.71 -39.60
C LYS A 324 1.46 -22.16 -39.64
N LEU A 325 2.33 -22.48 -40.59
CA LEU A 325 2.90 -23.83 -40.64
C LEU A 325 3.75 -24.11 -39.42
N HIS A 326 4.53 -23.13 -38.96
CA HIS A 326 5.41 -23.42 -37.83
C HIS A 326 4.66 -23.39 -36.49
N HIS A 327 3.99 -22.29 -36.19
CA HIS A 327 3.42 -22.09 -34.86
C HIS A 327 2.00 -22.61 -34.70
N LYS A 328 1.38 -23.12 -35.77
CA LYS A 328 -0.01 -23.62 -35.77
C LYS A 328 -1.01 -22.54 -35.34
N THR A 329 -0.68 -21.27 -35.61
CA THR A 329 -1.56 -20.14 -35.30
C THR A 329 -1.11 -18.97 -36.15
N LEU A 330 -1.68 -17.79 -35.89
CA LEU A 330 -1.31 -16.60 -36.64
C LEU A 330 -0.61 -15.60 -35.72
N PRO A 331 0.33 -14.82 -36.25
CA PRO A 331 1.04 -13.86 -35.40
C PRO A 331 0.17 -12.64 -35.09
N ALA A 332 0.63 -11.86 -34.13
CA ALA A 332 -0.06 -10.64 -33.72
C ALA A 332 0.59 -9.38 -34.25
N ARG A 333 1.77 -9.47 -34.86
CA ARG A 333 2.44 -8.30 -35.41
C ARG A 333 3.14 -8.70 -36.70
N VAL A 334 2.97 -7.87 -37.73
CA VAL A 334 3.40 -8.18 -39.08
C VAL A 334 4.35 -7.07 -39.53
N PHE A 335 5.23 -6.65 -38.61
CA PHE A 335 6.25 -5.61 -38.85
C PHE A 335 6.92 -5.73 -40.22
N ILE A 336 6.91 -4.63 -40.97
CA ILE A 336 7.36 -4.58 -42.36
C ILE A 336 8.41 -3.49 -42.48
N LEU A 337 9.53 -3.83 -43.14
CA LEU A 337 10.58 -2.85 -43.45
C LEU A 337 10.83 -2.83 -44.95
N LYS A 338 11.12 -1.65 -45.48
CA LYS A 338 11.31 -1.45 -46.90
C LYS A 338 12.42 -0.43 -47.11
N THR A 339 13.14 -0.57 -48.23
CA THR A 339 14.20 0.36 -48.59
C THR A 339 13.71 1.52 -49.46
N SER A 340 12.41 1.61 -49.71
CA SER A 340 11.86 2.65 -50.58
C SER A 340 10.55 3.15 -50.00
N ARG A 341 10.15 4.33 -50.44
CA ARG A 341 8.91 4.95 -49.95
C ARG A 341 7.70 4.14 -50.38
N PHE A 342 6.76 3.97 -49.46
CA PHE A 342 5.58 3.15 -49.69
C PHE A 342 4.59 3.90 -50.57
N LYS A 343 4.38 3.41 -51.79
CA LYS A 343 3.37 3.98 -52.67
C LYS A 343 1.97 3.58 -52.18
N ASP A 344 0.96 4.13 -52.86
CA ASP A 344 -0.42 3.89 -52.44
C ASP A 344 -0.88 2.47 -52.78
N GLU A 345 -0.48 1.95 -53.93
CA GLU A 345 -0.92 0.61 -54.32
C GLU A 345 -0.26 -0.47 -53.47
N GLU A 346 0.99 -0.26 -53.07
CA GLU A 346 1.68 -1.20 -52.18
C GLU A 346 0.98 -1.27 -50.83
N ALA A 347 0.69 -0.10 -50.25
CA ALA A 347 -0.02 -0.05 -48.98
C ALA A 347 -1.41 -0.64 -49.10
N ASP A 348 -2.09 -0.38 -50.23
CA ASP A 348 -3.43 -0.92 -50.43
C ASP A 348 -3.41 -2.45 -50.47
N GLY A 349 -2.45 -3.02 -51.19
CA GLY A 349 -2.33 -4.47 -51.23
C GLY A 349 -1.97 -5.07 -49.88
N ILE A 350 -1.03 -4.44 -49.16
CA ILE A 350 -0.61 -4.96 -47.87
C ILE A 350 -1.75 -4.91 -46.87
N ILE A 351 -2.47 -3.78 -46.82
CA ILE A 351 -3.61 -3.64 -45.91
C ILE A 351 -4.72 -4.62 -46.28
N ALA A 352 -4.97 -4.82 -47.58
CA ALA A 352 -6.00 -5.78 -47.99
C ALA A 352 -5.64 -7.20 -47.58
N ALA A 353 -4.38 -7.59 -47.76
CA ALA A 353 -3.95 -8.93 -47.37
C ALA A 353 -4.04 -9.12 -45.85
N LEU A 354 -3.60 -8.11 -45.09
CA LEU A 354 -3.64 -8.21 -43.63
C LEU A 354 -5.07 -8.24 -43.11
N ASP A 355 -5.97 -7.48 -43.75
CA ASP A 355 -7.36 -7.45 -43.31
C ASP A 355 -8.08 -8.73 -43.68
N GLU A 356 -7.77 -9.32 -44.83
CA GLU A 356 -8.36 -10.60 -45.18
C GLU A 356 -7.83 -11.71 -44.27
N ALA A 357 -6.56 -11.64 -43.90
CA ALA A 357 -5.99 -12.62 -42.98
C ALA A 357 -6.58 -12.48 -41.58
N GLY A 358 -6.76 -11.26 -41.11
CA GLY A 358 -7.35 -11.03 -39.80
C GLY A 358 -6.35 -10.74 -38.70
N THR A 359 -5.40 -9.86 -38.98
CA THR A 359 -4.42 -9.41 -37.99
C THR A 359 -4.68 -7.95 -37.66
N GLU A 360 -4.49 -7.59 -36.39
CA GLU A 360 -4.89 -6.26 -35.91
C GLU A 360 -3.74 -5.27 -35.83
N LEU A 361 -2.53 -5.71 -35.47
CA LEU A 361 -1.40 -4.80 -35.31
C LEU A 361 -0.47 -4.92 -36.50
N ARG A 362 0.04 -3.77 -36.95
CA ARG A 362 0.84 -3.71 -38.17
C ARG A 362 1.65 -2.42 -38.17
N ASP A 363 2.88 -2.51 -38.68
CA ASP A 363 3.74 -1.33 -38.82
C ASP A 363 4.43 -1.38 -40.17
N LEU A 364 4.43 -0.25 -40.88
CA LEU A 364 5.11 -0.10 -42.14
C LEU A 364 6.09 1.07 -42.02
N VAL A 365 7.38 0.78 -42.17
CA VAL A 365 8.43 1.76 -41.93
C VAL A 365 9.32 1.85 -43.16
N TRP A 366 9.59 3.06 -43.62
CA TRP A 366 10.61 3.31 -44.63
C TRP A 366 11.89 3.73 -43.91
N VAL A 367 12.97 3.00 -44.20
CA VAL A 367 14.29 3.28 -43.65
C VAL A 367 15.09 4.01 -44.72
N GLN A 368 15.54 5.21 -44.41
CA GLN A 368 16.20 6.09 -45.37
C GLN A 368 17.62 6.36 -44.92
N GLU A 369 18.56 6.24 -45.86
CA GLU A 369 19.96 6.49 -45.58
C GLU A 369 20.50 7.75 -46.24
N SER A 370 19.79 8.28 -47.23
CA SER A 370 20.24 9.46 -47.97
C SER A 370 19.62 10.74 -47.38
N TYR A 371 19.90 10.99 -46.11
CA TYR A 371 19.49 12.21 -45.44
C TYR A 371 20.72 13.03 -45.08
N THR A 372 20.49 14.32 -44.79
CA THR A 372 21.57 15.27 -44.60
C THR A 372 21.66 15.87 -43.21
N ALA A 373 20.61 15.80 -42.39
CA ALA A 373 20.66 16.38 -41.06
C ALA A 373 21.60 15.60 -40.16
N ARG A 374 22.40 16.32 -39.39
CA ARG A 374 23.40 15.72 -38.51
C ARG A 374 23.34 16.35 -37.14
N ILE A 375 23.82 15.60 -36.14
CA ILE A 375 23.91 16.06 -34.76
C ILE A 375 25.37 16.33 -34.44
N LEU A 376 25.66 17.55 -33.99
CA LEU A 376 27.03 17.98 -33.72
C LEU A 376 27.18 18.31 -32.24
N ARG A 377 28.23 17.77 -31.63
CA ARG A 377 28.60 18.05 -30.25
C ARG A 377 30.01 18.63 -30.22
N ASP A 378 30.43 19.08 -29.05
CA ASP A 378 31.77 19.61 -28.86
C ASP A 378 32.65 18.55 -28.21
N GLY A 379 33.90 18.46 -28.68
CA GLY A 379 34.83 17.45 -28.24
C GLY A 379 35.43 16.69 -29.41
N ASN A 380 36.42 15.87 -29.08
CA ASN A 380 37.18 15.13 -30.08
C ASN A 380 36.54 13.80 -30.46
N TYR A 381 35.38 13.46 -29.88
CA TYR A 381 34.73 12.20 -30.18
C TYR A 381 33.28 12.42 -30.58
N PRO A 382 32.75 11.61 -31.51
CA PRO A 382 31.37 11.82 -31.97
C PRO A 382 30.30 11.38 -30.98
N VAL A 383 29.05 11.41 -31.43
CA VAL A 383 27.91 11.12 -30.56
C VAL A 383 27.89 9.64 -30.18
N LEU A 384 27.29 9.35 -29.04
CA LEU A 384 27.19 7.99 -28.53
C LEU A 384 26.30 7.14 -29.43
N ARG A 385 26.57 5.83 -29.44
CA ARG A 385 25.75 4.89 -30.19
C ARG A 385 24.42 4.70 -29.48
N GLY A 386 23.34 5.13 -30.13
CA GLY A 386 22.01 5.00 -29.59
C GLY A 386 21.25 6.29 -29.35
N THR A 387 21.64 7.39 -29.99
CA THR A 387 20.97 8.67 -29.80
C THR A 387 19.83 8.80 -30.81
N PHE A 388 18.66 9.18 -30.32
CA PHE A 388 17.46 9.30 -31.13
C PHE A 388 16.87 10.70 -30.99
N VAL A 389 16.52 11.31 -32.11
CA VAL A 389 15.88 12.63 -32.12
C VAL A 389 14.61 12.55 -32.95
N ASP A 390 13.50 13.02 -32.37
CA ASP A 390 12.20 12.99 -33.02
C ASP A 390 12.03 14.27 -33.84
N LEU A 391 12.11 14.14 -35.16
CA LEU A 391 11.97 15.29 -36.07
C LEU A 391 10.55 15.32 -36.59
N HIS A 392 9.64 15.79 -35.73
CA HIS A 392 8.25 16.14 -36.09
C HIS A 392 7.52 15.01 -36.80
N GLY A 393 7.72 13.79 -36.31
CA GLY A 393 7.12 12.64 -36.95
C GLY A 393 8.14 11.66 -37.49
N LYS A 394 9.24 12.18 -38.03
CA LYS A 394 10.31 11.33 -38.50
C LYS A 394 11.28 11.03 -37.35
N GLY A 395 12.15 10.06 -37.56
CA GLY A 395 13.11 9.73 -36.52
C GLY A 395 14.54 9.65 -36.98
N LEU A 396 15.44 10.38 -36.32
CA LEU A 396 16.87 10.31 -36.60
C LEU A 396 17.53 9.42 -35.56
N LEU A 397 18.12 8.31 -36.03
CA LEU A 397 18.71 7.31 -35.15
C LEU A 397 20.16 7.09 -35.52
N TYR A 398 21.01 6.97 -34.50
CA TYR A 398 22.44 6.76 -34.68
C TYR A 398 22.79 5.34 -34.24
N THR A 399 23.15 4.49 -35.21
CA THR A 399 23.57 3.13 -34.93
C THR A 399 25.08 2.95 -35.02
N SER A 400 25.83 4.05 -35.10
CA SER A 400 27.28 3.98 -35.14
C SER A 400 27.84 5.22 -34.46
N GLY A 401 29.01 5.06 -33.86
CA GLY A 401 29.63 6.15 -33.12
C GLY A 401 30.46 5.58 -31.98
N SER A 402 30.70 6.43 -30.98
CA SER A 402 31.53 6.05 -29.85
C SER A 402 30.76 5.14 -28.89
N MET A 403 31.45 4.13 -28.37
CA MET A 403 30.89 3.19 -27.41
C MET A 403 31.80 3.09 -26.20
N PRO A 404 31.23 2.99 -25.00
CA PRO A 404 32.07 2.91 -23.78
C PRO A 404 32.69 1.54 -23.57
N TYR A 405 32.03 0.50 -24.09
CA TYR A 405 32.55 -0.86 -23.91
C TYR A 405 33.86 -1.06 -24.67
N TYR A 406 33.93 -0.58 -25.90
CA TYR A 406 35.16 -0.68 -26.67
C TYR A 406 36.22 0.28 -26.17
N GLY A 407 35.81 1.39 -25.56
CA GLY A 407 36.74 2.39 -25.07
C GLY A 407 37.19 3.39 -26.10
N THR A 408 36.62 3.38 -27.30
CA THR A 408 36.98 4.31 -28.36
C THR A 408 35.83 4.37 -29.36
N TYR A 409 36.05 5.08 -30.46
CA TYR A 409 35.11 5.09 -31.57
C TYR A 409 35.75 4.34 -32.73
N PRO A 410 35.26 3.16 -33.11
CA PRO A 410 35.89 2.39 -34.20
C PRO A 410 35.43 2.85 -35.59
N GLY A 411 35.99 3.97 -36.03
CA GLY A 411 35.67 4.51 -37.33
C GLY A 411 36.77 5.44 -37.82
N LYS A 412 36.43 6.21 -38.84
CA LYS A 412 37.38 7.14 -39.42
C LYS A 412 36.79 8.50 -39.78
N TYR A 413 35.51 8.74 -39.49
CA TYR A 413 34.85 9.98 -39.89
C TYR A 413 33.57 10.10 -39.06
N ASP A 414 32.81 11.16 -39.31
CA ASP A 414 31.50 11.34 -38.69
C ASP A 414 30.57 10.21 -39.13
N PRO A 415 29.96 9.47 -38.20
CA PRO A 415 29.08 8.36 -38.60
C PRO A 415 27.80 8.83 -39.26
N ASN A 416 27.15 7.89 -39.95
CA ASN A 416 26.00 8.19 -40.79
C ASN A 416 24.71 7.71 -40.13
N PRO A 417 23.80 8.60 -39.75
CA PRO A 417 22.57 8.17 -39.10
C PRO A 417 21.52 7.72 -40.11
N LEU A 418 20.46 7.11 -39.57
CA LEU A 418 19.33 6.63 -40.36
C LEU A 418 18.09 7.47 -40.05
N LEU A 419 17.20 7.57 -41.04
CA LEU A 419 15.93 8.27 -40.87
C LEU A 419 14.79 7.26 -41.03
N LEU A 420 14.01 7.10 -39.98
CA LEU A 420 12.87 6.19 -39.99
C LEU A 420 11.59 6.98 -40.17
N CYS A 421 10.73 6.52 -41.08
CA CYS A 421 9.47 7.21 -41.28
C CYS A 421 8.32 6.24 -41.53
N PRO A 422 7.27 6.27 -40.73
CA PRO A 422 6.13 5.39 -40.96
C PRO A 422 5.16 5.97 -41.98
N HIS A 423 4.40 5.08 -42.60
CA HIS A 423 3.45 5.46 -43.66
C HIS A 423 2.05 5.72 -43.08
N HIS A 424 2.01 6.55 -42.05
CA HIS A 424 0.80 7.21 -41.55
C HIS A 424 -0.32 6.26 -41.07
N THR A 425 -0.07 4.94 -41.11
CA THR A 425 -1.07 3.97 -40.72
C THR A 425 -0.56 2.93 -39.73
N SER A 426 0.68 3.08 -39.24
CA SER A 426 1.23 2.14 -38.28
C SER A 426 0.54 2.26 -36.94
N GLU A 427 0.52 1.16 -36.19
CA GLU A 427 -0.19 1.08 -34.93
C GLU A 427 0.67 1.41 -33.72
N SER A 428 1.94 1.75 -33.93
CA SER A 428 2.85 2.06 -32.83
C SER A 428 3.56 3.38 -33.11
N THR A 429 3.97 4.04 -32.05
CA THR A 429 4.59 5.36 -32.15
C THR A 429 6.07 5.24 -32.45
N VAL A 430 6.64 6.33 -32.99
CA VAL A 430 8.07 6.44 -33.14
C VAL A 430 8.69 6.51 -31.74
N ALA A 431 9.97 6.13 -31.65
CA ALA A 431 10.78 5.82 -30.46
C ALA A 431 10.40 4.49 -29.83
N GLN A 432 9.57 3.69 -30.49
CA GLN A 432 9.43 2.26 -30.22
C GLN A 432 9.87 1.42 -31.41
N LEU A 433 9.51 1.84 -32.62
CA LEU A 433 10.09 1.26 -33.83
C LEU A 433 11.59 1.48 -33.86
N ALA A 434 12.04 2.65 -33.43
CA ALA A 434 13.47 2.92 -33.34
C ALA A 434 14.15 1.98 -32.34
N GLU A 435 13.50 1.72 -31.21
CA GLU A 435 14.06 0.81 -30.23
C GLU A 435 14.14 -0.61 -30.78
N GLU A 436 13.11 -1.05 -31.51
CA GLU A 436 13.13 -2.39 -32.10
C GLU A 436 14.20 -2.51 -33.18
N ILE A 437 14.36 -1.49 -34.01
CA ILE A 437 15.39 -1.50 -35.05
C ILE A 437 16.78 -1.48 -34.42
N PHE A 438 16.96 -0.72 -33.34
CA PHE A 438 18.25 -0.71 -32.64
C PHE A 438 18.50 -2.04 -31.92
N SER A 439 17.43 -2.76 -31.58
CA SER A 439 17.61 -4.09 -31.00
C SER A 439 17.98 -5.11 -32.08
N LEU A 440 17.47 -4.93 -33.29
CA LEU A 440 17.60 -5.94 -34.35
C LEU A 440 18.91 -5.86 -35.13
N THR A 441 19.91 -5.09 -34.71
CA THR A 441 21.06 -4.85 -35.58
C THR A 441 22.23 -5.80 -35.32
N LYS A 442 22.40 -6.30 -34.10
CA LYS A 442 23.59 -7.09 -33.77
C LYS A 442 23.48 -8.56 -34.12
N VAL A 443 22.31 -9.03 -34.57
CA VAL A 443 22.13 -10.43 -34.92
C VAL A 443 22.62 -10.60 -36.36
N ASN A 444 23.86 -11.05 -36.52
CA ASN A 444 24.43 -11.28 -37.85
C ASN A 444 25.53 -12.33 -37.70
N TRP A 445 25.25 -13.56 -38.14
CA TRP A 445 26.22 -14.64 -38.06
C TRP A 445 27.11 -14.69 -39.31
N ASN A 446 27.66 -13.54 -39.66
CA ASN A 446 28.75 -13.42 -40.61
C ASN A 446 29.89 -12.57 -40.05
N SER A 447 29.71 -11.97 -38.89
CA SER A 447 30.71 -11.13 -38.24
C SER A 447 30.48 -11.20 -36.74
N THR A 448 31.51 -10.82 -35.99
CA THR A 448 31.43 -10.78 -34.54
C THR A 448 31.52 -9.37 -33.97
N GLN A 449 31.50 -8.35 -34.82
CA GLN A 449 31.65 -6.98 -34.38
C GLN A 449 30.36 -6.47 -33.72
N MET A 450 30.40 -5.23 -33.27
CA MET A 450 29.25 -4.58 -32.65
C MET A 450 28.87 -3.27 -33.31
N ASN A 451 29.57 -2.86 -34.36
CA ASN A 451 29.34 -1.58 -35.02
C ASN A 451 28.52 -1.71 -36.30
N GLN A 452 27.67 -2.72 -36.38
CA GLN A 452 26.84 -2.92 -37.56
C GLN A 452 25.70 -1.89 -37.57
N ARG A 453 25.41 -1.37 -38.75
CA ARG A 453 24.46 -0.26 -38.91
C ARG A 453 23.08 -0.75 -39.33
N LEU A 454 22.98 -1.47 -40.44
CA LEU A 454 21.69 -1.89 -40.95
C LEU A 454 21.11 -3.01 -40.10
N PRO A 455 19.80 -3.03 -39.90
CA PRO A 455 19.16 -4.22 -39.32
C PRO A 455 19.18 -5.39 -40.30
N ILE A 456 19.02 -6.58 -39.76
CA ILE A 456 19.09 -7.82 -40.53
C ILE A 456 18.00 -8.02 -41.60
N PRO A 457 16.75 -7.52 -41.50
CA PRO A 457 15.80 -7.77 -42.60
C PRO A 457 16.19 -7.15 -43.93
N ILE A 458 17.02 -6.11 -43.94
CA ILE A 458 17.48 -5.52 -45.19
C ILE A 458 18.70 -6.24 -45.73
N ARG A 459 19.66 -6.55 -44.84
CA ARG A 459 20.88 -7.23 -45.25
C ARG A 459 20.60 -8.63 -45.77
N ALA A 460 19.64 -9.34 -45.15
CA ALA A 460 19.28 -10.68 -45.62
C ALA A 460 18.70 -10.64 -47.02
N ALA A 461 17.81 -9.66 -47.29
CA ALA A 461 17.23 -9.53 -48.62
C ALA A 461 18.29 -9.15 -49.65
N ARG A 462 19.21 -8.26 -49.28
CA ARG A 462 20.28 -7.88 -50.19
C ARG A 462 21.17 -9.08 -50.53
N LYS A 463 21.52 -9.86 -49.52
CA LYS A 463 22.37 -11.03 -49.74
C LYS A 463 21.65 -12.11 -50.54
N VAL A 464 20.33 -12.22 -50.36
CA VAL A 464 19.56 -13.17 -51.16
C VAL A 464 19.54 -12.73 -52.63
N GLY A 465 19.30 -11.45 -52.87
CA GLY A 465 19.26 -10.95 -54.24
C GLY A 465 20.60 -11.03 -54.94
N GLU A 466 21.69 -10.83 -54.20
CA GLU A 466 23.03 -10.86 -54.77
C GLU A 466 23.40 -12.22 -55.37
N VAL A 467 22.72 -13.28 -54.95
CA VAL A 467 22.91 -14.60 -55.54
C VAL A 467 21.78 -14.95 -56.50
N LEU A 468 20.56 -14.49 -56.18
CA LEU A 468 19.40 -14.72 -57.05
C LEU A 468 19.52 -14.00 -58.38
N LYS A 469 20.46 -13.06 -58.52
CA LYS A 469 20.73 -12.48 -59.83
C LYS A 469 21.11 -13.52 -60.86
N TYR A 470 21.91 -14.52 -60.47
CA TYR A 470 22.56 -15.41 -61.42
C TYR A 470 21.86 -16.76 -61.58
N VAL A 471 20.66 -16.91 -61.04
CA VAL A 471 19.90 -18.13 -61.23
C VAL A 471 19.13 -18.04 -62.54
N GLY A 472 19.33 -19.02 -63.42
CA GLY A 472 18.70 -19.00 -64.72
C GLY A 472 17.21 -19.31 -64.62
N GLU A 473 16.54 -19.15 -65.77
CA GLU A 473 15.11 -19.35 -65.87
C GLU A 473 14.77 -20.83 -65.83
N GLY A 474 13.81 -21.20 -65.00
CA GLY A 474 13.36 -22.57 -64.88
C GLY A 474 14.12 -23.41 -63.88
N GLU A 475 15.16 -22.87 -63.26
CA GLU A 475 15.92 -23.62 -62.26
C GLU A 475 15.16 -23.64 -60.93
N VAL A 476 15.70 -24.39 -59.98
CA VAL A 476 15.10 -24.51 -58.66
C VAL A 476 15.89 -23.64 -57.70
N ILE A 477 15.22 -23.16 -56.66
CA ILE A 477 15.83 -22.33 -55.62
C ILE A 477 15.36 -22.84 -54.27
N SER A 478 16.15 -22.53 -53.24
CA SER A 478 15.89 -22.97 -51.88
C SER A 478 15.84 -21.77 -50.94
N ALA A 479 15.15 -21.96 -49.81
CA ALA A 479 15.03 -20.92 -48.79
C ALA A 479 16.15 -20.96 -47.77
N ASP A 480 17.13 -21.86 -47.94
CA ASP A 480 18.22 -21.97 -46.98
C ASP A 480 19.06 -20.71 -46.96
N TYR A 481 19.31 -20.18 -45.76
CA TYR A 481 20.17 -19.02 -45.61
C TYR A 481 21.64 -19.39 -45.60
N ARG A 482 21.97 -20.67 -45.46
CA ARG A 482 23.37 -21.11 -45.46
C ARG A 482 23.95 -21.18 -46.87
N LYS A 483 23.14 -20.94 -47.90
CA LYS A 483 23.61 -20.92 -49.28
C LYS A 483 23.67 -19.52 -49.86
N TYR A 484 23.44 -18.50 -49.04
CA TYR A 484 23.51 -17.12 -49.49
C TYR A 484 24.57 -16.29 -48.77
N ILE A 485 25.15 -16.80 -47.69
CA ILE A 485 26.21 -16.09 -46.98
C ILE A 485 27.50 -16.90 -47.03
N LYS B 3 43.64 21.76 29.28
CA LYS B 3 43.36 20.95 28.11
C LYS B 3 43.13 21.82 26.88
N LYS B 4 44.16 22.56 26.48
CA LYS B 4 44.07 23.45 25.32
C LYS B 4 44.42 22.68 24.05
N ILE B 5 43.44 22.52 23.17
CA ILE B 5 43.69 21.85 21.90
C ILE B 5 44.37 22.82 20.94
N THR B 6 45.01 22.25 19.91
CA THR B 6 45.68 23.03 18.89
C THR B 6 44.79 23.19 17.66
N ALA B 7 45.20 24.08 16.76
CA ALA B 7 44.50 24.27 15.50
C ALA B 7 44.78 23.14 14.51
N ASN B 8 45.80 22.33 14.78
CA ASN B 8 46.19 21.27 13.85
C ASN B 8 45.11 20.20 13.73
N GLN B 9 44.58 19.75 14.87
CA GLN B 9 43.50 18.77 14.86
C GLN B 9 42.25 19.38 14.22
N ILE B 10 42.03 20.67 14.44
CA ILE B 10 40.89 21.37 13.85
C ILE B 10 40.98 21.35 12.33
N ILE B 11 42.15 21.70 11.78
CA ILE B 11 42.28 21.74 10.32
C ILE B 11 42.28 20.33 9.73
N GLY B 12 42.79 19.33 10.47
CA GLY B 12 42.70 17.97 9.99
C GLY B 12 41.27 17.47 9.89
N GLU B 13 40.47 17.72 10.94
CA GLU B 13 39.06 17.35 10.93
C GLU B 13 38.30 18.11 9.86
N ILE B 14 38.62 19.40 9.67
CA ILE B 14 37.97 20.21 8.64
C ILE B 14 38.27 19.66 7.25
N GLY B 15 39.52 19.30 6.99
CA GLY B 15 39.89 18.75 5.69
C GLY B 15 39.22 17.41 5.42
N GLU B 16 39.16 16.54 6.44
CA GLU B 16 38.49 15.25 6.28
C GLU B 16 37.00 15.45 6.00
N ASN B 17 36.35 16.36 6.72
CA ASN B 17 34.93 16.62 6.51
C ASN B 17 34.66 17.20 5.13
N GLU B 18 35.53 18.11 4.66
CA GLU B 18 35.31 18.71 3.35
C GLU B 18 35.54 17.69 2.23
N VAL B 19 36.52 16.80 2.39
CA VAL B 19 36.73 15.75 1.40
C VAL B 19 35.53 14.80 1.38
N ARG B 20 34.99 14.46 2.56
CA ARG B 20 33.79 13.64 2.61
C ARG B 20 32.61 14.31 1.94
N GLY B 21 32.45 15.62 2.15
CA GLY B 21 31.37 16.34 1.50
C GLY B 21 31.50 16.40 -0.01
N ARG B 22 32.73 16.63 -0.50
CA ARG B 22 32.95 16.63 -1.95
C ARG B 22 32.70 15.25 -2.55
N PHE B 23 33.08 14.19 -1.85
CA PHE B 23 32.75 12.85 -2.32
C PHE B 23 31.25 12.62 -2.31
N LEU B 24 30.55 13.14 -1.31
CA LEU B 24 29.10 12.94 -1.20
C LEU B 24 28.36 13.67 -2.32
N THR B 25 28.80 14.88 -2.68
CA THR B 25 28.08 15.66 -3.67
C THR B 25 28.27 15.14 -5.09
N LEU B 26 29.19 14.21 -5.31
CA LEU B 26 29.42 13.62 -6.63
C LEU B 26 28.71 12.29 -6.82
N GLY B 27 27.88 11.89 -5.87
CA GLY B 27 27.24 10.59 -5.93
C GLY B 27 28.20 9.43 -5.73
N TRP B 28 29.16 9.57 -4.82
CA TRP B 28 30.06 8.52 -4.39
C TRP B 28 29.67 8.07 -2.98
N GLN B 29 30.46 7.17 -2.40
CA GLN B 29 30.24 6.76 -1.01
C GLN B 29 31.57 6.70 -0.30
N PHE B 30 31.85 7.68 0.56
CA PHE B 30 33.09 7.72 1.32
C PHE B 30 32.81 7.45 2.79
N ASP B 31 33.70 6.69 3.43
CA ASP B 31 33.54 6.38 4.84
C ASP B 31 34.88 6.34 5.54
N GLY B 32 34.98 7.04 6.68
CA GLY B 32 36.22 7.10 7.42
C GLY B 32 36.48 5.85 8.24
N ARG B 33 37.70 5.76 8.76
CA ARG B 33 38.19 4.58 9.47
C ARG B 33 38.22 4.85 10.98
N SER B 34 38.73 3.90 11.74
CA SER B 34 38.74 4.04 13.20
C SER B 34 40.03 4.63 13.73
N ARG B 35 40.51 4.09 14.84
CA ARG B 35 41.74 4.59 15.44
C ARG B 35 42.92 3.67 15.14
N LEU B 36 42.63 2.38 14.98
CA LEU B 36 43.69 1.42 14.74
C LEU B 36 44.13 1.40 13.27
N GLU B 37 43.63 2.34 12.49
CA GLU B 37 43.97 2.37 11.07
C GLU B 37 45.47 2.58 10.88
N ALA B 38 46.03 1.97 9.83
CA ALA B 38 47.46 2.09 9.59
C ALA B 38 47.75 3.19 8.58
N GLY B 39 47.78 4.44 9.03
CA GLY B 39 48.03 5.55 8.12
C GLY B 39 47.18 5.44 6.87
N ILE B 40 46.07 4.73 6.96
CA ILE B 40 45.19 4.57 5.83
C ILE B 40 43.81 5.09 6.20
N ASP B 41 43.34 6.09 5.49
CA ASP B 41 42.06 6.70 5.83
C ASP B 41 40.92 5.86 5.24
N GLY B 42 39.72 6.43 5.22
CA GLY B 42 38.54 5.70 4.82
C GLY B 42 38.55 5.27 3.35
N ILE B 43 37.47 4.60 2.97
CA ILE B 43 37.35 3.93 1.68
C ILE B 43 36.20 4.58 0.92
N ALA B 44 36.37 4.75 -0.39
CA ALA B 44 35.36 5.32 -1.26
C ALA B 44 34.85 4.25 -2.23
N GLU B 45 33.58 4.36 -2.58
CA GLU B 45 32.90 3.43 -3.46
C GLU B 45 32.23 4.20 -4.59
N VAL B 46 32.48 3.74 -5.82
CA VAL B 46 31.91 4.36 -7.01
C VAL B 46 30.43 4.00 -7.10
N MET B 47 29.58 5.02 -7.27
CA MET B 47 28.15 4.81 -7.35
C MET B 47 27.59 5.58 -8.53
N ASN B 48 26.69 4.93 -9.27
CA ASN B 48 25.95 5.57 -10.36
C ASN B 48 24.77 6.34 -9.80
N GLU B 49 23.81 6.71 -10.65
CA GLU B 49 22.63 7.45 -10.18
C GLU B 49 21.76 6.53 -9.33
N GLY B 50 21.99 6.55 -8.02
CA GLY B 50 21.28 5.68 -7.10
C GLY B 50 21.55 4.21 -7.32
N GLN B 51 22.77 3.85 -7.74
CA GLN B 51 23.09 2.46 -8.02
C GLN B 51 24.54 2.15 -7.67
N PRO B 52 24.78 1.41 -6.60
CA PRO B 52 26.16 1.05 -6.25
C PRO B 52 26.76 0.07 -7.24
N MET B 53 28.08 0.15 -7.41
CA MET B 53 28.80 -0.72 -8.32
C MET B 53 29.86 -1.57 -7.64
N ALA B 54 30.09 -1.40 -6.33
CA ALA B 54 31.04 -2.18 -5.54
C ALA B 54 32.46 -2.08 -6.09
N ARG B 55 32.87 -0.86 -6.45
CA ARG B 55 34.23 -0.57 -6.88
C ARG B 55 34.85 0.36 -5.86
N MET B 56 35.82 -0.15 -5.11
CA MET B 56 36.31 0.51 -3.91
C MET B 56 37.75 0.99 -4.10
N ILE B 57 38.01 2.23 -3.69
CA ILE B 57 39.33 2.85 -3.74
C ILE B 57 39.71 3.34 -2.36
N ALA B 58 40.96 3.09 -1.96
CA ALA B 58 41.49 3.66 -0.74
C ALA B 58 42.00 5.07 -1.00
N VAL B 59 41.79 5.96 -0.03
CA VAL B 59 42.14 7.37 -0.17
C VAL B 59 42.81 7.85 1.10
N GLN B 60 43.88 8.63 0.95
CA GLN B 60 44.57 9.26 2.06
C GLN B 60 44.48 10.78 1.89
N ILE B 61 44.02 11.46 2.94
CA ILE B 61 43.76 12.90 2.91
C ILE B 61 44.95 13.64 3.51
N LYS B 62 45.31 14.77 2.91
CA LYS B 62 46.36 15.65 3.43
C LYS B 62 45.91 17.09 3.20
N SER B 63 45.25 17.67 4.20
CA SER B 63 44.75 19.04 4.11
C SER B 63 45.86 20.03 4.44
N THR B 64 45.57 21.31 4.25
CA THR B 64 46.48 22.35 4.70
C THR B 64 45.70 23.63 4.98
N LYS B 65 46.29 24.48 5.82
CA LYS B 65 45.81 25.82 6.07
C LYS B 65 46.31 26.74 4.95
N GLU B 66 46.21 28.06 5.13
CA GLU B 66 46.73 29.01 4.16
C GLU B 66 48.25 28.90 4.07
N GLY B 67 48.74 28.30 2.98
CA GLY B 67 50.16 28.10 2.81
C GLY B 67 50.49 27.46 1.47
N LYS B 68 51.57 27.94 0.84
CA LYS B 68 51.95 27.44 -0.48
C LYS B 68 52.66 26.10 -0.37
N TYR B 69 52.40 25.22 -1.33
CA TYR B 69 53.07 23.94 -1.38
C TYR B 69 54.51 24.09 -1.85
N THR B 70 55.30 23.03 -1.67
CA THR B 70 56.68 23.05 -2.10
C THR B 70 56.79 23.01 -3.63
N SER B 71 57.81 23.70 -4.16
CA SER B 71 58.03 23.86 -5.59
C SER B 71 56.79 24.41 -6.30
N GLU B 72 56.17 25.42 -5.68
CA GLU B 72 54.89 25.92 -6.15
C GLU B 72 55.04 26.71 -7.44
N SER B 73 54.06 26.57 -8.31
CA SER B 73 53.91 27.39 -9.51
C SER B 73 52.43 27.62 -9.73
N ASP B 74 52.12 28.53 -10.67
CA ASP B 74 50.72 28.81 -10.99
C ASP B 74 50.08 27.68 -11.79
N THR B 75 50.86 26.71 -12.27
CA THR B 75 50.35 25.60 -13.05
C THR B 75 50.57 24.24 -12.39
N SER B 76 51.74 24.02 -11.79
CA SER B 76 52.07 22.71 -11.25
C SER B 76 52.76 22.85 -9.90
N PHE B 77 52.70 21.77 -9.11
CA PHE B 77 53.38 21.69 -7.83
C PHE B 77 53.64 20.24 -7.50
N THR B 78 54.60 20.00 -6.62
CA THR B 78 55.03 18.66 -6.22
C THR B 78 54.88 18.50 -4.72
N TYR B 79 55.17 17.28 -4.23
CA TYR B 79 55.08 16.95 -2.82
C TYR B 79 55.97 15.73 -2.56
N LEU B 80 56.60 15.73 -1.39
CA LEU B 80 57.56 14.69 -1.02
C LEU B 80 56.89 13.62 -0.17
N LEU B 81 57.04 12.36 -0.59
CA LEU B 81 56.50 11.22 0.13
C LEU B 81 57.60 10.52 0.92
N ARG B 82 57.32 10.20 2.18
CA ARG B 82 58.28 9.44 2.97
C ARG B 82 58.30 7.99 2.53
N THR B 83 59.48 7.37 2.59
CA THR B 83 59.64 5.97 2.18
C THR B 83 59.44 5.01 3.34
N GLN B 84 58.34 5.20 4.07
CA GLN B 84 57.93 4.30 5.14
C GLN B 84 56.56 3.71 4.88
N ASP B 85 55.59 4.56 4.53
CA ASP B 85 54.26 4.09 4.14
C ASP B 85 54.15 3.79 2.65
N LEU B 86 55.20 4.08 1.87
CA LEU B 86 55.15 3.82 0.43
C LEU B 86 55.09 2.32 0.14
N ALA B 87 55.88 1.51 0.84
CA ALA B 87 55.80 0.07 0.67
C ALA B 87 54.48 -0.48 1.19
N TYR B 88 53.97 0.13 2.27
CA TYR B 88 52.66 -0.26 2.80
C TYR B 88 51.55 -0.03 1.78
N TRP B 89 51.62 1.10 1.08
CA TRP B 89 50.62 1.38 0.05
C TRP B 89 50.83 0.54 -1.20
N ARG B 90 52.09 0.22 -1.53
CA ARG B 90 52.38 -0.64 -2.66
C ARG B 90 52.05 -2.10 -2.41
N GLY B 91 51.89 -2.49 -1.15
CA GLY B 91 51.51 -3.85 -0.80
C GLY B 91 50.02 -4.12 -0.74
N SER B 92 49.19 -3.16 -1.15
CA SER B 92 47.74 -3.31 -1.07
C SER B 92 47.18 -3.96 -2.31
N ASN B 93 46.03 -4.63 -2.15
CA ASN B 93 45.37 -5.27 -3.28
C ASN B 93 44.51 -4.31 -4.08
N LEU B 94 43.98 -3.27 -3.45
CA LEU B 94 43.16 -2.26 -4.10
C LEU B 94 43.95 -0.97 -4.28
N PRO B 95 43.69 -0.20 -5.34
CA PRO B 95 44.49 1.01 -5.58
C PRO B 95 44.23 2.09 -4.55
N VAL B 96 45.25 2.90 -4.32
CA VAL B 96 45.19 3.99 -3.34
C VAL B 96 45.43 5.32 -4.07
N ILE B 97 44.82 6.37 -3.53
CA ILE B 97 44.97 7.73 -4.04
C ILE B 97 45.25 8.66 -2.88
N VAL B 98 45.79 9.84 -3.21
CA VAL B 98 46.11 10.88 -2.24
C VAL B 98 45.38 12.15 -2.64
N VAL B 99 44.67 12.74 -1.69
CA VAL B 99 43.88 13.96 -1.92
C VAL B 99 44.51 15.10 -1.13
N PHE B 100 44.68 16.24 -1.80
CA PHE B 100 45.19 17.46 -1.20
C PHE B 100 44.08 18.52 -1.21
N TYR B 101 43.86 19.14 -0.05
CA TYR B 101 42.81 20.13 0.12
C TYR B 101 43.40 21.41 0.72
N ARG B 102 42.98 22.56 0.18
CA ARG B 102 43.39 23.85 0.70
C ARG B 102 42.18 24.58 1.29
N GLN B 103 42.42 25.30 2.39
CA GLN B 103 41.35 25.94 3.16
C GLN B 103 41.14 27.41 2.79
N SER B 104 42.22 28.15 2.54
CA SER B 104 42.11 29.58 2.23
C SER B 104 41.29 29.81 0.97
N ASP B 105 41.53 29.01 -0.07
CA ASP B 105 40.66 28.93 -1.23
C ASP B 105 40.28 27.46 -1.41
N HIS B 106 39.02 27.23 -1.77
CA HIS B 106 38.50 25.87 -1.91
C HIS B 106 39.16 25.21 -3.11
N SER B 107 40.20 24.42 -2.85
CA SER B 107 40.95 23.75 -3.91
C SER B 107 41.15 22.30 -3.52
N PHE B 108 40.71 21.39 -4.38
CA PHE B 108 40.85 19.95 -4.21
C PHE B 108 41.67 19.40 -5.36
N TYR B 109 42.61 18.49 -5.04
CA TYR B 109 43.39 17.82 -6.06
C TYR B 109 43.60 16.37 -5.63
N TRP B 110 43.80 15.49 -6.61
CA TRP B 110 44.00 14.08 -6.32
C TRP B 110 45.14 13.54 -7.18
N LYS B 111 45.78 12.48 -6.68
CA LYS B 111 46.87 11.85 -7.40
C LYS B 111 46.86 10.36 -7.07
N GLU B 112 47.47 9.57 -7.95
CA GLU B 112 47.50 8.13 -7.82
C GLU B 112 48.93 7.65 -7.59
N VAL B 113 49.09 6.76 -6.61
CA VAL B 113 50.36 6.10 -6.35
C VAL B 113 50.45 4.89 -7.27
N SER B 114 51.49 4.83 -8.09
CA SER B 114 51.66 3.75 -9.05
C SER B 114 51.95 2.44 -8.32
N ARG B 115 51.50 1.33 -8.94
CA ARG B 115 51.72 0.01 -8.36
C ARG B 115 53.19 -0.36 -8.36
N ASP B 116 53.84 -0.22 -9.52
CA ASP B 116 55.28 -0.49 -9.64
C ASP B 116 56.05 0.82 -9.53
N ALA B 117 56.14 1.31 -8.29
CA ALA B 117 56.81 2.56 -8.00
C ALA B 117 58.20 2.29 -7.44
N GLY B 118 59.20 2.99 -7.96
CA GLY B 118 60.56 2.85 -7.50
C GLY B 118 60.76 3.43 -6.13
N PRO B 119 61.88 3.10 -5.49
CA PRO B 119 62.20 3.71 -4.17
C PRO B 119 62.35 5.21 -4.24
N GLY B 120 62.84 5.74 -5.35
CA GLY B 120 62.98 7.17 -5.55
C GLY B 120 61.78 7.88 -6.11
N GLU B 121 60.68 7.17 -6.36
CA GLU B 121 59.47 7.76 -6.93
C GLU B 121 58.63 8.34 -5.79
N ARG B 122 59.13 9.43 -5.21
CA ARG B 122 58.48 10.07 -4.07
C ARG B 122 58.24 11.56 -4.29
N ARG B 123 58.34 12.05 -5.53
CA ARG B 123 58.27 13.47 -5.81
C ARG B 123 56.97 13.90 -6.49
N LEU B 124 56.47 13.09 -7.43
CA LEU B 124 55.21 13.29 -8.15
C LEU B 124 55.16 14.58 -8.97
N ASN B 125 54.12 14.71 -9.79
CA ASN B 125 53.88 15.94 -10.55
C ASN B 125 52.37 16.16 -10.59
N ILE B 126 51.90 17.22 -9.94
CA ILE B 126 50.48 17.55 -9.87
C ILE B 126 50.29 18.91 -10.54
N ASP B 127 49.47 18.94 -11.59
CA ASP B 127 49.21 20.16 -12.35
C ASP B 127 47.81 20.67 -12.06
N LYS B 128 47.64 21.99 -12.18
CA LYS B 128 46.39 22.66 -11.84
C LYS B 128 45.38 22.70 -12.98
N VAL B 129 45.68 22.09 -14.13
CA VAL B 129 44.80 22.21 -15.29
C VAL B 129 44.04 20.91 -15.56
N ALA B 130 44.60 19.78 -15.13
CA ALA B 130 43.98 18.48 -15.40
C ALA B 130 43.58 17.73 -14.15
N ASP B 131 44.40 17.74 -13.10
CA ASP B 131 44.11 16.96 -11.91
C ASP B 131 43.13 17.67 -10.99
N LEU B 132 41.97 18.05 -11.51
CA LEU B 132 40.92 18.68 -10.71
C LEU B 132 40.08 17.59 -10.05
N PHE B 133 38.98 18.01 -9.41
CA PHE B 133 38.12 17.07 -8.69
C PHE B 133 36.64 17.35 -8.85
N ASN B 134 36.24 18.34 -9.65
CA ASN B 134 34.83 18.73 -9.69
C ASN B 134 34.00 17.84 -10.61
N ALA B 135 34.26 17.91 -11.92
CA ALA B 135 33.50 17.09 -12.87
C ALA B 135 34.32 16.48 -13.99
N SER B 136 35.49 17.02 -14.32
CA SER B 136 36.20 16.58 -15.52
C SER B 136 36.91 15.24 -15.33
N THR B 137 37.31 14.91 -14.11
CA THR B 137 38.03 13.68 -13.83
C THR B 137 37.18 12.65 -13.10
N VAL B 138 35.86 12.69 -13.29
CA VAL B 138 34.98 11.73 -12.64
C VAL B 138 35.20 10.33 -13.22
N ASN B 139 35.26 10.23 -14.55
CA ASN B 139 35.41 8.93 -15.20
C ASN B 139 36.83 8.39 -15.02
N LYS B 140 37.84 9.26 -15.12
CA LYS B 140 39.23 8.83 -15.03
C LYS B 140 39.52 8.22 -13.67
N LEU B 141 39.02 8.85 -12.60
CA LEU B 141 39.14 8.29 -11.26
C LEU B 141 38.47 6.93 -11.17
N ALA B 142 37.40 6.72 -11.92
CA ALA B 142 36.75 5.42 -11.96
C ALA B 142 37.52 4.41 -12.79
N ALA B 143 38.44 4.85 -13.64
CA ALA B 143 39.21 3.93 -14.48
C ALA B 143 40.26 3.16 -13.69
N LEU B 144 40.58 3.59 -12.48
CA LEU B 144 41.58 2.90 -11.67
C LEU B 144 41.06 1.58 -11.11
N THR B 145 39.74 1.43 -11.03
CA THR B 145 39.16 0.29 -10.32
C THR B 145 39.31 -1.00 -11.12
N VAL B 146 39.22 -0.92 -12.45
CA VAL B 146 39.25 -2.10 -13.30
C VAL B 146 40.66 -2.70 -13.32
N PRO B 147 40.80 -4.02 -13.46
CA PRO B 147 42.12 -4.62 -13.60
C PRO B 147 42.61 -4.52 -15.05
N LYS B 148 43.78 -5.12 -15.29
CA LYS B 148 44.38 -5.16 -16.61
C LYS B 148 44.36 -6.53 -17.25
N THR B 149 44.52 -7.59 -16.46
CA THR B 149 44.50 -8.97 -16.97
C THR B 149 43.09 -9.56 -16.86
N GLY B 150 42.14 -8.89 -17.52
CA GLY B 150 40.76 -9.34 -17.49
C GLY B 150 40.01 -8.81 -18.69
N LEU B 151 38.91 -9.50 -19.00
CA LEU B 151 38.06 -9.13 -20.13
C LEU B 151 36.66 -8.78 -19.62
N GLY B 152 35.96 -7.96 -20.39
CA GLY B 152 34.70 -7.45 -19.92
C GLY B 152 34.92 -6.38 -18.86
N TYR B 153 33.89 -6.18 -18.04
CA TYR B 153 33.89 -5.25 -16.91
C TYR B 153 34.21 -3.82 -17.36
N TYR B 154 33.32 -3.27 -18.17
CA TYR B 154 33.43 -1.88 -18.57
C TYR B 154 32.82 -0.99 -17.47
N VAL B 155 32.97 0.31 -17.63
CA VAL B 155 32.44 1.27 -16.66
C VAL B 155 31.48 2.21 -17.39
N PRO B 156 30.25 2.36 -16.90
CA PRO B 156 29.31 3.28 -17.54
C PRO B 156 29.75 4.72 -17.39
N PRO B 157 29.33 5.61 -18.29
CA PRO B 157 29.65 7.03 -18.11
C PRO B 157 29.02 7.59 -16.85
N LEU B 158 29.80 8.40 -16.14
CA LEU B 158 29.39 8.94 -14.84
C LEU B 158 29.27 10.45 -14.96
N GLY B 159 28.09 10.97 -14.68
CA GLY B 159 27.81 12.38 -14.90
C GLY B 159 27.42 12.64 -16.33
N GLY B 160 26.32 13.37 -16.54
CA GLY B 160 25.84 13.59 -17.89
C GLY B 160 24.87 14.74 -17.93
N GLY B 161 24.42 15.05 -19.15
CA GLY B 161 23.51 16.15 -19.36
C GLY B 161 24.05 17.20 -20.30
N GLU B 162 25.00 16.81 -21.15
CA GLU B 162 25.58 17.74 -22.10
C GLU B 162 24.58 18.14 -23.17
N ASP B 163 24.75 19.34 -23.70
CA ASP B 163 23.86 19.89 -24.72
C ASP B 163 24.58 19.94 -26.06
N ALA B 164 23.81 19.84 -27.13
CA ALA B 164 24.35 19.82 -28.49
C ALA B 164 23.42 20.61 -29.39
N LEU B 165 23.77 20.66 -30.68
CA LEU B 165 23.01 21.44 -31.65
C LEU B 165 22.86 20.67 -32.95
N ILE B 166 21.81 20.99 -33.69
CA ILE B 166 21.56 20.42 -35.00
C ILE B 166 21.88 21.48 -36.05
N ASN B 167 22.21 21.03 -37.25
CA ASN B 167 22.64 21.91 -38.33
C ASN B 167 21.47 22.56 -39.07
N MET B 168 20.28 22.59 -38.48
CA MET B 168 19.12 23.22 -39.10
C MET B 168 19.16 24.73 -38.90
N LEU B 169 18.51 25.45 -39.82
CA LEU B 169 18.46 26.91 -39.74
C LEU B 169 17.10 27.43 -40.16
N PRO B 170 16.39 28.15 -39.29
CA PRO B 170 15.07 28.68 -39.67
C PRO B 170 15.21 29.82 -40.67
N LEU B 171 14.13 30.02 -41.44
CA LEU B 171 14.02 31.14 -42.36
C LEU B 171 12.79 31.98 -42.01
N THR B 172 12.83 33.25 -42.44
CA THR B 172 11.72 34.17 -42.29
C THR B 172 11.45 34.82 -43.63
N LEU B 173 10.29 34.53 -44.21
CA LEU B 173 10.00 34.94 -45.57
C LEU B 173 9.47 36.37 -45.61
N PRO B 174 9.66 37.08 -46.73
CA PRO B 174 9.11 38.43 -46.87
C PRO B 174 7.59 38.44 -46.96
N ASN B 175 7.00 39.64 -46.89
CA ASN B 175 5.55 39.78 -46.82
C ASN B 175 4.89 39.66 -48.19
N GLU B 176 5.24 40.54 -49.11
CA GLU B 176 4.53 40.65 -50.38
C GLU B 176 5.17 39.77 -51.45
N MET B 177 4.33 39.22 -52.31
CA MET B 177 4.75 38.46 -53.48
C MET B 177 4.12 39.07 -54.73
N TYR B 178 4.89 39.17 -55.80
CA TYR B 178 4.46 39.76 -57.06
C TYR B 178 4.34 38.67 -58.11
N ILE B 179 3.19 38.63 -58.80
CA ILE B 179 2.89 37.64 -59.82
C ILE B 179 2.54 38.37 -61.11
N ALA B 180 3.12 37.92 -62.23
CA ALA B 180 2.85 38.49 -63.54
C ALA B 180 2.24 37.42 -64.45
N SER B 181 1.81 37.87 -65.63
CA SER B 181 1.17 36.98 -66.60
C SER B 181 1.87 37.01 -67.96
N THR B 182 3.17 37.29 -68.00
CA THR B 182 3.90 37.18 -69.25
C THR B 182 4.02 35.72 -69.67
N THR B 183 3.87 35.46 -70.97
CA THR B 183 3.77 34.09 -71.45
C THR B 183 4.72 33.83 -72.62
N TYR B 184 5.05 34.88 -73.37
CA TYR B 184 5.90 34.73 -74.55
C TYR B 184 7.38 34.81 -74.18
N GLU B 185 7.80 34.03 -73.19
CA GLU B 185 9.17 34.05 -72.72
C GLU B 185 9.53 32.66 -72.18
N PRO B 186 10.04 31.77 -73.05
CA PRO B 186 10.56 30.49 -72.55
C PRO B 186 11.87 30.64 -71.78
N ARG B 187 12.47 29.51 -71.40
CA ARG B 187 13.74 29.53 -70.68
C ARG B 187 14.85 30.11 -71.56
N LYS B 188 14.83 29.81 -72.86
CA LYS B 188 15.82 30.35 -73.77
C LYS B 188 15.69 31.87 -73.89
N ALA B 189 14.45 32.37 -73.93
CA ALA B 189 14.24 33.82 -74.04
C ALA B 189 14.72 34.55 -72.80
N ILE B 190 14.41 34.01 -71.61
CA ILE B 190 14.87 34.67 -70.39
C ILE B 190 16.38 34.52 -70.24
N ALA B 191 16.97 33.46 -70.78
CA ALA B 191 18.43 33.35 -70.77
C ALA B 191 19.07 34.41 -71.65
N VAL B 192 18.60 34.53 -72.90
CA VAL B 192 19.19 35.50 -73.82
C VAL B 192 18.83 36.93 -73.43
N ILE B 193 17.85 37.12 -72.55
CA ILE B 193 17.61 38.46 -72.03
C ILE B 193 18.36 38.71 -70.73
N LEU B 194 18.78 37.65 -70.02
CA LEU B 194 19.60 37.87 -68.83
C LEU B 194 21.08 37.98 -69.16
N ASN B 195 21.51 37.59 -70.37
CA ASN B 195 22.86 37.96 -70.78
C ASN B 195 22.97 39.48 -70.94
N GLY B 196 22.06 40.08 -71.70
CA GLY B 196 22.02 41.52 -71.86
C GLY B 196 21.02 42.22 -70.94
N ASP B 197 21.12 41.98 -69.62
CA ASP B 197 20.16 42.55 -68.69
C ASP B 197 20.70 43.77 -67.93
N GLY B 198 22.01 43.98 -67.92
CA GLY B 198 22.59 45.05 -67.14
C GLY B 198 22.86 44.61 -65.72
N PRO B 199 22.13 45.17 -64.77
CA PRO B 199 22.22 44.69 -63.38
C PRO B 199 21.75 43.25 -63.28
N LYS B 200 22.41 42.50 -62.41
CA LYS B 200 22.16 41.07 -62.23
C LYS B 200 21.52 40.85 -60.87
N ARG B 201 20.29 40.32 -60.88
CA ARG B 201 19.58 39.96 -59.66
C ARG B 201 19.27 38.47 -59.58
N PHE B 202 18.86 37.87 -60.71
CA PHE B 202 18.86 36.42 -60.90
C PHE B 202 17.93 35.68 -59.95
N ASP B 203 16.83 36.31 -59.54
CA ASP B 203 15.91 35.67 -58.62
C ASP B 203 14.51 35.54 -59.20
N TRP B 204 14.42 35.10 -60.46
CA TRP B 204 13.14 34.80 -61.09
C TRP B 204 13.13 33.34 -61.55
N VAL B 205 11.93 32.85 -61.85
CA VAL B 205 11.73 31.51 -62.37
C VAL B 205 10.73 31.58 -63.51
N ILE B 206 10.70 30.52 -64.32
CA ILE B 206 9.78 30.41 -65.45
C ILE B 206 8.97 29.13 -65.30
N ASN B 207 7.65 29.28 -65.28
CA ASN B 207 6.74 28.14 -65.20
C ASN B 207 5.79 28.06 -66.39
N GLY B 208 5.68 29.12 -67.19
CA GLY B 208 4.74 29.17 -68.29
C GLY B 208 3.53 30.01 -67.93
N GLY B 209 3.52 31.28 -68.37
CA GLY B 209 2.45 32.18 -68.05
C GLY B 209 2.57 32.89 -66.73
N THR B 210 3.57 32.56 -65.92
CA THR B 210 3.79 33.19 -64.62
C THR B 210 5.24 33.63 -64.50
N PHE B 211 5.46 34.67 -63.69
CA PHE B 211 6.80 35.15 -63.38
C PHE B 211 7.30 34.65 -62.03
N TRP B 212 6.46 34.76 -60.99
CA TRP B 212 6.68 34.11 -59.69
C TRP B 212 7.99 34.56 -59.05
N SER B 213 8.07 35.86 -58.77
CA SER B 213 9.28 36.46 -58.23
C SER B 213 8.96 37.27 -56.98
N PHE B 214 10.02 37.73 -56.31
CA PHE B 214 9.90 38.45 -55.04
C PHE B 214 9.99 39.96 -55.29
N HIS B 215 8.96 40.47 -55.96
CA HIS B 215 8.76 41.90 -56.25
C HIS B 215 9.93 42.44 -57.08
N ASP B 216 10.23 43.72 -56.89
CA ASP B 216 11.12 44.49 -57.74
C ASP B 216 10.81 44.32 -59.24
N PRO B 217 9.60 44.71 -59.69
CA PRO B 217 9.23 44.44 -61.08
C PRO B 217 9.53 45.57 -62.06
N ARG B 218 9.84 46.77 -61.57
CA ARG B 218 10.07 47.91 -62.44
C ARG B 218 11.47 48.51 -62.27
N THR B 219 11.89 48.78 -61.05
CA THR B 219 13.21 49.35 -60.79
C THR B 219 14.25 48.27 -60.56
N SER B 220 14.37 47.35 -61.50
CA SER B 220 15.36 46.28 -61.43
C SER B 220 15.93 45.90 -62.79
N ALA B 221 15.70 46.71 -63.82
CA ALA B 221 16.06 46.41 -65.21
C ALA B 221 15.49 45.06 -65.65
N CYS B 222 14.23 44.82 -65.28
CA CYS B 222 13.53 43.59 -65.64
C CYS B 222 12.18 43.87 -66.30
N SER B 223 11.89 45.12 -66.65
CA SER B 223 10.62 45.45 -67.29
C SER B 223 10.55 44.95 -68.72
N GLU B 224 11.67 44.49 -69.29
CA GLU B 224 11.64 43.86 -70.61
C GLU B 224 10.89 42.54 -70.59
N ILE B 225 10.79 41.89 -69.44
CA ILE B 225 9.96 40.70 -69.29
C ILE B 225 8.72 40.97 -68.43
N VAL B 226 8.81 41.92 -67.49
CA VAL B 226 7.64 42.31 -66.71
C VAL B 226 6.61 42.99 -67.59
N ASP B 227 7.05 43.95 -68.41
CA ASP B 227 6.21 44.73 -69.33
C ASP B 227 5.08 45.47 -68.62
N ILE B 228 5.32 45.84 -67.36
CA ILE B 228 4.35 46.48 -66.47
C ILE B 228 3.04 45.69 -66.48
N ASP B 229 3.12 44.41 -66.17
CA ASP B 229 1.95 43.55 -66.18
C ASP B 229 1.05 43.85 -64.97
N GLN B 230 -0.13 43.25 -64.99
CA GLN B 230 -1.10 43.42 -63.90
C GLN B 230 -0.56 42.72 -62.67
N VAL B 231 -0.08 43.50 -61.71
CA VAL B 231 0.57 42.95 -60.53
C VAL B 231 -0.49 42.36 -59.60
N GLU B 232 -0.31 41.08 -59.25
CA GLU B 232 -1.20 40.39 -58.31
C GLU B 232 -0.48 40.36 -56.96
N ALA B 233 -0.77 41.35 -56.12
CA ALA B 233 -0.15 41.45 -54.81
C ALA B 233 -0.81 40.46 -53.86
N ILE B 234 -0.10 39.38 -53.53
CA ILE B 234 -0.59 38.34 -52.65
C ILE B 234 0.46 38.05 -51.60
N ASN B 235 0.05 37.95 -50.35
CA ASN B 235 0.97 37.64 -49.26
C ASN B 235 1.51 36.22 -49.39
N THR B 236 2.78 36.05 -49.00
CA THR B 236 3.43 34.75 -49.10
C THR B 236 2.96 33.75 -48.06
N LYS B 237 2.16 34.18 -47.07
CA LYS B 237 1.71 33.27 -46.02
C LYS B 237 0.76 32.22 -46.58
N GLU B 238 -0.05 32.59 -47.58
CA GLU B 238 -0.89 31.60 -48.24
C GLU B 238 -0.11 30.77 -49.24
N LEU B 239 1.06 31.23 -49.67
CA LEU B 239 1.81 30.52 -50.70
C LEU B 239 2.50 29.28 -50.14
N ALA B 240 3.05 29.39 -48.93
CA ALA B 240 3.73 28.24 -48.33
C ALA B 240 2.75 27.18 -47.87
N LEU B 241 1.51 27.59 -47.53
CA LEU B 241 0.47 26.65 -47.10
C LEU B 241 -0.13 25.86 -48.26
N HIS B 242 0.21 26.20 -49.51
CA HIS B 242 -0.38 25.58 -50.68
C HIS B 242 0.18 24.17 -50.78
N ASP B 243 -0.55 23.20 -50.22
CA ASP B 243 -0.10 21.82 -50.12
C ASP B 243 -0.20 21.13 -51.47
N ASP B 244 0.76 21.43 -52.33
CA ASP B 244 0.87 20.80 -53.64
C ASP B 244 2.35 20.58 -53.95
N ILE B 245 2.69 19.40 -54.45
CA ILE B 245 4.08 19.08 -54.74
C ILE B 245 4.61 19.95 -55.87
N ASP B 246 3.80 20.14 -56.92
CA ASP B 246 4.24 20.92 -58.07
C ASP B 246 4.51 22.38 -57.71
N GLU B 247 3.71 22.95 -56.82
CA GLU B 247 3.97 24.30 -56.33
C GLU B 247 5.13 24.32 -55.33
N GLN B 248 5.31 23.25 -54.55
CA GLN B 248 6.40 23.21 -53.58
C GLN B 248 7.76 23.17 -54.27
N ASN B 249 7.86 22.43 -55.38
CA ASN B 249 9.10 22.41 -56.14
C ASN B 249 9.44 23.79 -56.69
N ARG B 250 8.44 24.53 -57.18
CA ARG B 250 8.70 25.87 -57.69
C ARG B 250 9.05 26.84 -56.57
N PHE B 251 8.43 26.67 -55.40
CA PHE B 251 8.79 27.50 -54.25
C PHE B 251 10.22 27.23 -53.81
N SER B 252 10.63 25.96 -53.79
CA SER B 252 12.01 25.61 -53.47
C SER B 252 12.96 26.14 -54.54
N HIS B 253 12.53 26.14 -55.80
CA HIS B 253 13.32 26.73 -56.88
C HIS B 253 13.53 28.22 -56.64
N LEU B 254 12.48 28.93 -56.23
CA LEU B 254 12.62 30.36 -55.97
C LEU B 254 13.51 30.63 -54.76
N LEU B 255 13.39 29.82 -53.71
CA LEU B 255 14.28 29.96 -52.56
C LEU B 255 15.73 29.69 -52.94
N ARG B 256 15.96 28.67 -53.77
CA ARG B 256 17.30 28.34 -54.24
C ARG B 256 17.88 29.46 -55.09
N GLN B 257 17.06 30.06 -55.96
CA GLN B 257 17.55 31.13 -56.83
C GLN B 257 17.76 32.42 -56.04
N THR B 258 16.99 32.62 -54.97
CA THR B 258 17.22 33.77 -54.12
C THR B 258 18.46 33.58 -53.25
N LEU B 259 18.80 32.31 -52.95
CA LEU B 259 20.09 32.04 -52.32
C LEU B 259 21.24 32.36 -53.26
N ARG B 260 21.01 32.33 -54.57
CA ARG B 260 22.03 32.74 -55.52
C ARG B 260 22.30 34.24 -55.49
N TYR B 261 21.44 35.03 -54.85
CA TYR B 261 21.78 36.40 -54.49
C TYR B 261 22.57 36.41 -53.18
N GLN B 262 23.30 37.49 -52.96
CA GLN B 262 24.34 37.57 -51.93
C GLN B 262 25.37 36.46 -52.09
N THR B 263 25.66 36.09 -53.33
CA THR B 263 26.58 35.00 -53.63
C THR B 263 27.65 35.37 -54.65
N ASP B 264 27.45 36.44 -55.43
CA ASP B 264 28.51 36.93 -56.31
C ASP B 264 29.70 37.44 -55.54
N SER B 265 29.51 37.85 -54.28
CA SER B 265 30.63 38.21 -53.42
C SER B 265 31.40 36.99 -52.95
N ASP B 266 30.80 35.79 -53.02
CA ASP B 266 31.49 34.56 -52.63
C ASP B 266 31.44 33.48 -53.72
N LEU B 267 30.91 33.79 -54.90
CA LEU B 267 31.04 32.97 -56.13
C LEU B 267 30.50 31.56 -55.87
N GLY B 268 31.13 30.52 -56.44
CA GLY B 268 30.71 29.15 -56.21
C GLY B 268 29.71 28.65 -57.23
N TRP B 269 29.23 27.43 -56.96
CA TRP B 269 28.08 26.82 -57.65
C TRP B 269 28.34 26.66 -59.15
N ASP B 270 29.30 25.78 -59.47
CA ASP B 270 29.75 25.68 -60.84
C ASP B 270 28.72 25.03 -61.76
N LYS B 271 28.49 23.72 -61.67
CA LYS B 271 27.33 23.14 -62.33
C LYS B 271 26.70 21.98 -61.56
N ASP B 272 27.49 21.25 -60.80
CA ASP B 272 27.03 19.93 -60.40
C ASP B 272 27.15 19.63 -58.92
N HIS B 273 28.19 20.15 -58.24
CA HIS B 273 28.41 19.78 -56.85
C HIS B 273 27.43 20.44 -55.89
N LYS B 274 26.66 21.43 -56.36
CA LYS B 274 25.74 22.21 -55.53
C LYS B 274 26.44 22.81 -54.32
N ALA B 275 27.62 23.37 -54.57
CA ALA B 275 28.49 23.89 -53.54
C ALA B 275 28.52 25.41 -53.61
N LEU B 276 29.16 26.02 -52.60
CA LEU B 276 29.29 27.47 -52.48
C LEU B 276 30.72 27.84 -52.11
N TYR B 277 31.68 27.27 -52.85
CA TYR B 277 33.09 27.56 -52.60
C TYR B 277 33.39 29.04 -52.83
N PHE B 278 34.21 29.62 -51.97
CA PHE B 278 34.46 31.05 -52.08
C PHE B 278 35.94 31.38 -52.02
N ARG B 279 36.33 32.47 -52.67
CA ARG B 279 37.71 32.91 -52.62
C ARG B 279 37.84 33.90 -51.48
N ALA B 280 38.90 34.70 -51.49
CA ALA B 280 39.11 35.70 -50.46
C ALA B 280 39.76 36.92 -51.05
N ILE B 281 40.99 36.76 -51.52
CA ILE B 281 41.73 37.88 -52.11
C ILE B 281 42.46 37.32 -53.33
N GLU B 282 43.09 38.18 -54.13
CA GLU B 282 43.72 37.70 -55.35
C GLU B 282 44.96 36.88 -55.07
N ARG B 283 45.59 37.04 -53.89
CA ARG B 283 46.63 36.14 -53.47
C ARG B 283 46.11 34.93 -52.70
N GLU B 284 44.79 34.86 -52.44
CA GLU B 284 44.05 33.76 -51.83
C GLU B 284 44.70 33.14 -50.60
N VAL B 285 45.16 33.99 -49.66
CA VAL B 285 45.74 33.47 -48.43
C VAL B 285 44.66 32.97 -47.47
N SER B 286 43.73 33.84 -47.07
CA SER B 286 42.66 33.50 -46.13
C SER B 286 41.61 34.59 -46.16
N ARG B 287 40.42 34.27 -45.62
CA ARG B 287 39.33 35.22 -45.47
C ARG B 287 39.31 35.91 -44.11
N ASN B 288 39.54 35.15 -43.04
CA ASN B 288 39.67 35.65 -41.67
C ASN B 288 38.42 36.41 -41.22
N PHE B 289 37.31 35.67 -41.09
CA PHE B 289 36.04 36.27 -40.71
C PHE B 289 36.02 36.58 -39.21
N ALA B 290 34.91 37.19 -38.78
CA ALA B 290 34.80 37.66 -37.40
C ALA B 290 34.71 36.49 -36.42
N TYR B 291 33.65 35.69 -36.54
CA TYR B 291 33.44 34.47 -35.75
C TYR B 291 33.44 34.80 -34.25
N THR B 292 32.56 35.73 -33.87
CA THR B 292 32.48 36.22 -32.50
C THR B 292 31.56 35.34 -31.67
N SER B 293 32.08 34.82 -30.57
CA SER B 293 31.32 33.97 -29.65
C SER B 293 31.48 34.46 -28.23
N SER B 294 31.47 35.78 -28.05
CA SER B 294 31.74 36.45 -26.76
C SER B 294 33.09 36.03 -26.19
N LYS B 295 34.08 35.89 -27.06
CA LYS B 295 35.43 35.47 -26.69
C LYS B 295 36.39 36.00 -27.74
N LYS B 296 37.61 35.46 -27.74
CA LYS B 296 38.58 35.79 -28.77
C LYS B 296 38.09 35.30 -30.13
N LYS B 297 38.30 36.11 -31.16
CA LYS B 297 37.86 35.77 -32.51
C LYS B 297 38.64 34.57 -33.04
N THR B 298 37.92 33.66 -33.70
CA THR B 298 38.52 32.45 -34.26
C THR B 298 38.69 32.63 -35.77
N ASP B 299 39.94 32.59 -36.22
CA ASP B 299 40.30 32.78 -37.63
C ASP B 299 40.63 31.45 -38.30
N ALA B 300 39.89 30.39 -37.95
CA ALA B 300 40.19 29.06 -38.46
C ALA B 300 39.92 28.92 -39.95
N ASN B 301 39.17 29.84 -40.55
CA ASN B 301 38.89 29.76 -41.98
C ASN B 301 40.10 30.25 -42.78
N VAL B 302 40.62 29.38 -43.65
CA VAL B 302 41.77 29.68 -44.49
C VAL B 302 41.53 29.07 -45.86
N VAL B 303 41.60 29.89 -46.91
CA VAL B 303 41.62 29.37 -48.27
C VAL B 303 43.04 28.85 -48.51
N SER B 304 43.24 27.55 -48.27
CA SER B 304 44.58 27.00 -48.16
C SER B 304 45.18 26.77 -49.53
N VAL B 305 46.31 27.41 -49.79
CA VAL B 305 47.12 27.15 -50.98
C VAL B 305 48.04 25.98 -50.67
N PHE B 306 48.38 25.22 -51.70
CA PHE B 306 49.25 24.07 -51.56
C PHE B 306 50.36 24.13 -52.60
N LYS B 307 51.55 23.72 -52.19
CA LYS B 307 52.74 23.77 -53.03
C LYS B 307 53.21 22.35 -53.35
N ASN B 308 54.32 22.26 -54.08
CA ASN B 308 54.88 20.97 -54.43
C ASN B 308 55.42 20.27 -53.20
N SER B 309 55.41 18.93 -53.24
CA SER B 309 55.87 18.14 -52.10
C SER B 309 57.37 18.27 -51.88
N LYS B 310 58.15 18.31 -52.95
CA LYS B 310 59.60 18.32 -52.85
C LYS B 310 60.22 19.70 -52.95
N ASP B 311 59.54 20.67 -53.56
CA ASP B 311 60.11 22.00 -53.74
C ASP B 311 58.97 23.01 -53.70
N GLU B 312 59.24 24.24 -54.16
CA GLU B 312 58.29 25.33 -54.11
C GLU B 312 57.96 25.93 -55.47
N THR B 313 58.63 25.48 -56.54
CA THR B 313 58.43 26.08 -57.85
C THR B 313 57.08 25.76 -58.48
N ARG B 314 56.38 24.74 -57.99
CA ARG B 314 55.12 24.31 -58.56
C ARG B 314 54.01 24.43 -57.52
N VAL B 315 52.85 24.91 -57.96
CA VAL B 315 51.67 25.01 -57.12
C VAL B 315 50.82 23.76 -57.31
N SER B 316 50.49 23.10 -56.21
CA SER B 316 49.75 21.84 -56.31
C SER B 316 48.26 22.08 -56.56
N PHE B 317 47.57 22.70 -55.62
CA PHE B 317 46.15 23.01 -55.74
C PHE B 317 45.80 24.04 -54.68
N VAL B 318 44.50 24.31 -54.57
CA VAL B 318 43.95 25.22 -53.56
C VAL B 318 42.51 24.79 -53.27
N ARG B 319 42.16 24.77 -51.99
CA ARG B 319 40.93 24.16 -51.51
C ARG B 319 40.06 25.21 -50.83
N HIS B 320 38.76 25.21 -51.18
CA HIS B 320 37.79 26.15 -50.62
C HIS B 320 36.72 25.38 -49.86
N HIS B 321 36.26 25.96 -48.76
CA HIS B 321 35.12 25.42 -48.02
C HIS B 321 33.83 25.73 -48.76
N ALA B 322 32.85 24.83 -48.63
CA ALA B 322 31.56 24.99 -49.29
C ALA B 322 30.54 24.13 -48.55
N PHE B 323 29.29 24.20 -49.01
CA PHE B 323 28.24 23.37 -48.43
C PHE B 323 27.17 23.11 -49.48
N SER B 324 26.36 22.09 -49.23
CA SER B 324 25.23 21.73 -50.09
C SER B 324 23.92 22.06 -49.40
N PRO B 325 23.19 23.08 -49.84
CA PRO B 325 21.92 23.42 -49.18
C PRO B 325 20.82 22.42 -49.50
N ARG B 326 19.79 22.41 -48.65
CA ARG B 326 18.68 21.48 -48.81
C ARG B 326 17.35 22.18 -49.03
N PHE B 327 16.99 23.15 -48.17
CA PHE B 327 15.71 23.87 -48.20
C PHE B 327 14.54 22.89 -48.07
N GLU B 328 14.46 22.29 -46.88
CA GLU B 328 13.44 21.30 -46.57
C GLU B 328 12.41 21.91 -45.62
N LEU B 329 11.17 21.44 -45.73
CA LEU B 329 10.02 22.01 -45.05
C LEU B 329 9.29 20.93 -44.24
N MET B 330 8.90 21.27 -43.01
CA MET B 330 7.84 20.53 -42.32
C MET B 330 7.09 21.47 -41.38
N ALA B 331 5.76 21.45 -41.47
CA ALA B 331 4.85 22.20 -40.60
C ALA B 331 5.18 23.70 -40.59
N ASP B 332 5.06 24.31 -41.77
CA ASP B 332 5.51 25.68 -42.05
C ASP B 332 7.00 25.81 -41.73
N GLN B 333 7.48 27.04 -41.54
CA GLN B 333 8.80 27.31 -40.99
C GLN B 333 9.91 26.66 -41.83
N TRP B 334 10.09 27.22 -43.04
CA TRP B 334 11.12 26.75 -43.96
C TRP B 334 12.48 26.64 -43.30
N TYR B 335 13.13 25.49 -43.50
CA TYR B 335 14.38 25.17 -42.85
C TYR B 335 15.48 24.95 -43.88
N LEU B 336 16.70 25.36 -43.51
CA LEU B 336 17.88 25.19 -44.33
C LEU B 336 18.85 24.24 -43.64
N ILE B 337 19.38 23.29 -44.40
CA ILE B 337 20.34 22.30 -43.91
C ILE B 337 21.65 22.51 -44.63
N ILE B 338 22.73 22.65 -43.86
CA ILE B 338 24.07 22.86 -44.42
C ILE B 338 24.91 21.61 -44.15
N THR B 339 25.70 21.23 -45.15
CA THR B 339 26.56 20.04 -45.06
C THR B 339 27.95 20.43 -45.57
N PRO B 340 28.93 20.62 -44.69
CA PRO B 340 30.24 21.11 -45.12
C PRO B 340 30.96 20.14 -46.04
N THR B 341 31.69 20.71 -47.00
CA THR B 341 32.43 19.95 -48.01
C THR B 341 33.50 20.87 -48.58
N TYR B 342 34.32 20.32 -49.47
CA TYR B 342 35.48 21.02 -50.00
C TYR B 342 35.48 20.99 -51.51
N TYR B 343 36.04 22.04 -52.12
CA TYR B 343 36.15 22.17 -53.56
C TYR B 343 37.59 22.49 -53.92
N TYR B 344 38.15 21.75 -54.87
CA TYR B 344 39.55 21.88 -55.26
C TYR B 344 39.67 22.54 -56.63
N THR B 345 40.59 23.49 -56.74
CA THR B 345 40.98 24.07 -58.01
C THR B 345 42.49 24.06 -58.12
N THR B 346 42.99 24.04 -59.36
CA THR B 346 44.44 24.02 -59.58
C THR B 346 45.09 25.30 -59.06
N ASN B 347 44.58 26.45 -59.52
CA ASN B 347 45.01 27.76 -59.07
C ASN B 347 43.97 28.76 -59.55
N GLY B 348 43.44 29.56 -58.63
CA GLY B 348 42.40 30.49 -58.98
C GLY B 348 41.08 29.83 -59.32
N TYR B 349 40.73 29.82 -60.61
CA TYR B 349 39.44 29.31 -61.09
C TYR B 349 39.70 28.36 -62.26
N ALA B 350 39.95 27.09 -61.95
CA ALA B 350 40.20 26.10 -62.99
C ALA B 350 39.98 24.71 -62.42
N PRO B 351 39.31 23.81 -63.14
CA PRO B 351 39.12 22.45 -62.63
C PRO B 351 40.42 21.66 -62.60
N HIS B 352 40.46 20.68 -61.72
CA HIS B 352 41.62 19.80 -61.57
C HIS B 352 41.24 18.41 -62.06
N GLN B 353 42.13 17.81 -62.86
CA GLN B 353 41.89 16.46 -63.35
C GLN B 353 41.92 15.45 -62.21
N PHE B 354 42.85 15.61 -61.28
CA PHE B 354 42.93 14.76 -60.09
C PHE B 354 42.15 15.36 -58.92
N ALA B 355 40.87 15.68 -59.14
CA ALA B 355 40.06 16.29 -58.09
C ALA B 355 39.36 15.26 -57.21
N ALA B 356 39.13 14.06 -57.73
CA ALA B 356 38.46 13.02 -56.93
C ALA B 356 39.26 12.56 -55.71
N PRO B 357 40.54 12.17 -55.79
CA PRO B 357 41.18 11.55 -54.61
C PRO B 357 41.55 12.52 -53.49
N LEU B 358 41.58 13.83 -53.75
CA LEU B 358 41.93 14.77 -52.68
C LEU B 358 40.83 14.87 -51.65
N LEU B 359 39.57 14.73 -52.08
CA LEU B 359 38.45 14.76 -51.13
C LEU B 359 38.52 13.61 -50.14
N ALA B 360 38.82 12.40 -50.64
CA ALA B 360 38.94 11.25 -49.74
C ALA B 360 40.13 11.40 -48.80
N GLY B 361 41.25 11.92 -49.31
CA GLY B 361 42.42 12.12 -48.46
C GLY B 361 42.18 13.16 -47.38
N LYS B 362 41.41 14.20 -47.69
CA LYS B 362 41.10 15.21 -46.68
C LYS B 362 40.07 14.70 -45.68
N LYS B 363 39.09 13.92 -46.16
CA LYS B 363 38.06 13.40 -45.26
C LYS B 363 38.57 12.27 -44.39
N ARG B 364 39.66 11.60 -44.78
CA ARG B 364 40.15 10.47 -44.00
C ARG B 364 40.86 10.93 -42.73
N LEU B 365 41.57 12.06 -42.80
CA LEU B 365 42.33 12.56 -41.66
C LEU B 365 41.53 13.52 -40.78
N ASP B 366 40.27 13.77 -41.12
CA ASP B 366 39.44 14.68 -40.33
C ASP B 366 38.98 14.02 -39.04
N LYS B 367 38.62 14.85 -38.08
CA LYS B 367 38.02 14.42 -36.82
C LYS B 367 36.56 14.84 -36.79
N SER B 368 35.90 14.58 -35.66
CA SER B 368 34.49 14.93 -35.48
C SER B 368 34.33 16.25 -34.74
N ALA B 369 35.36 17.08 -34.68
CA ALA B 369 35.31 18.36 -34.01
C ALA B 369 35.34 19.56 -34.95
N ALA B 370 35.92 19.40 -36.15
CA ALA B 370 35.99 20.51 -37.08
C ALA B 370 34.65 20.78 -37.75
N LEU B 371 33.81 19.75 -37.88
CA LEU B 371 32.54 19.90 -38.61
C LEU B 371 31.59 20.84 -37.88
N ARG B 372 31.49 20.72 -36.55
CA ARG B 372 30.64 21.61 -35.78
C ARG B 372 31.13 23.05 -35.87
N GLY B 373 32.44 23.25 -35.79
CA GLY B 373 33.00 24.58 -35.92
C GLY B 373 32.74 25.19 -37.30
N GLN B 374 32.87 24.39 -38.35
CA GLN B 374 32.56 24.85 -39.69
C GLN B 374 31.09 25.20 -39.82
N VAL B 375 30.22 24.43 -39.15
CA VAL B 375 28.78 24.70 -39.21
C VAL B 375 28.44 26.02 -38.54
N ILE B 376 28.99 26.28 -37.35
CA ILE B 376 28.66 27.55 -36.68
C ILE B 376 29.33 28.70 -37.43
N MET B 377 30.49 28.45 -38.07
CA MET B 377 31.10 29.47 -38.93
C MET B 377 30.19 29.81 -40.12
N TRP B 378 29.58 28.81 -40.74
CA TRP B 378 28.65 29.06 -41.83
C TRP B 378 27.41 29.81 -41.35
N HIS B 379 26.93 29.47 -40.15
CA HIS B 379 25.81 30.20 -39.56
C HIS B 379 26.16 31.66 -39.33
N ARG B 380 27.38 31.92 -38.85
CA ARG B 380 27.83 33.29 -38.65
C ARG B 380 28.00 34.01 -39.99
N PHE B 381 28.40 33.27 -41.03
CA PHE B 381 28.44 33.83 -42.39
C PHE B 381 27.05 34.27 -42.83
N LEU B 382 26.04 33.44 -42.62
CA LEU B 382 24.71 33.75 -43.13
C LEU B 382 24.01 34.80 -42.27
N THR B 383 24.24 34.79 -40.96
CA THR B 383 23.57 35.73 -40.07
C THR B 383 24.10 37.15 -40.25
N GLN B 384 25.42 37.30 -40.30
CA GLN B 384 26.05 38.62 -40.41
C GLN B 384 25.80 39.24 -41.79
N PRO B 397 23.54 45.19 -49.99
CA PRO B 397 22.43 45.89 -49.34
C PRO B 397 21.84 45.09 -48.18
N GLU B 398 20.64 45.47 -47.74
CA GLU B 398 20.01 44.79 -46.61
C GLU B 398 19.46 43.42 -47.00
N ALA B 399 19.09 43.23 -48.27
CA ALA B 399 18.59 41.98 -48.84
C ALA B 399 17.42 41.38 -48.07
N TYR B 400 17.13 40.10 -48.30
CA TYR B 400 16.00 39.42 -47.69
C TYR B 400 16.46 38.18 -46.93
N LEU B 401 15.50 37.35 -46.52
CA LEU B 401 15.74 36.05 -45.89
C LEU B 401 16.58 36.17 -44.61
N MET B 402 16.00 36.81 -43.61
CA MET B 402 16.60 36.81 -42.28
C MET B 402 16.54 35.41 -41.69
N PHE B 403 17.66 34.95 -41.13
CA PHE B 403 17.76 33.58 -40.66
C PHE B 403 17.46 33.49 -39.16
N GLY B 404 17.66 32.30 -38.59
CA GLY B 404 17.40 32.07 -37.20
C GLY B 404 18.62 31.62 -36.42
N GLU B 405 18.46 30.53 -35.67
CA GLU B 405 19.47 30.01 -34.77
C GLU B 405 19.34 28.50 -34.72
N PRO B 406 20.44 27.76 -34.85
CA PRO B 406 20.38 26.30 -34.76
C PRO B 406 19.83 25.85 -33.41
N PRO B 407 18.99 24.82 -33.40
CA PRO B 407 18.30 24.42 -32.17
C PRO B 407 19.24 23.75 -31.18
N SER B 408 18.74 23.59 -29.96
CA SER B 408 19.48 22.99 -28.87
C SER B 408 18.82 21.68 -28.45
N ILE B 409 19.66 20.68 -28.14
CA ILE B 409 19.20 19.38 -27.67
C ILE B 409 19.96 19.02 -26.40
N HIS B 410 19.36 18.15 -25.60
CA HIS B 410 19.76 17.91 -24.21
C HIS B 410 20.02 16.42 -23.98
N LEU B 411 20.91 15.85 -24.79
CA LEU B 411 21.38 14.47 -24.63
C LEU B 411 21.70 14.15 -23.18
N ASP B 412 21.12 13.05 -22.68
CA ASP B 412 21.12 12.78 -21.25
C ASP B 412 22.50 12.34 -20.76
N VAL B 413 23.16 11.45 -21.50
CA VAL B 413 24.40 10.82 -21.06
C VAL B 413 25.57 11.46 -21.79
N ARG B 414 26.53 11.97 -21.02
CA ARG B 414 27.73 12.56 -21.59
C ARG B 414 28.71 11.48 -22.04
N VAL B 415 29.46 11.80 -23.09
CA VAL B 415 30.48 10.87 -23.59
C VAL B 415 31.70 10.93 -22.68
N PRO B 416 32.18 9.81 -22.16
CA PRO B 416 33.38 9.82 -21.30
C PRO B 416 34.67 9.96 -22.11
N GLU B 417 34.89 11.17 -22.63
CA GLU B 417 36.10 11.43 -23.41
C GLU B 417 37.34 11.45 -22.52
N ASP B 418 37.19 11.92 -21.28
CA ASP B 418 38.35 12.11 -20.41
C ASP B 418 38.91 10.79 -19.89
N GLY B 419 38.09 9.73 -19.86
CA GLY B 419 38.60 8.43 -19.43
C GLY B 419 39.65 7.88 -20.38
N TRP B 420 39.42 8.02 -21.68
CA TRP B 420 40.41 7.65 -22.67
C TRP B 420 41.46 8.74 -22.78
N VAL B 421 42.72 8.34 -22.95
CA VAL B 421 43.85 9.24 -22.70
C VAL B 421 43.96 10.36 -23.74
N LYS B 422 44.28 10.03 -24.99
CA LYS B 422 44.50 11.00 -26.06
C LYS B 422 44.77 10.24 -27.35
N GLU B 423 44.86 11.01 -28.45
CA GLU B 423 45.37 10.57 -29.75
C GLU B 423 44.47 9.53 -30.41
N LYS B 424 43.21 9.46 -30.00
CA LYS B 424 42.19 8.58 -30.59
C LYS B 424 42.59 7.11 -30.62
N THR E 2 -2.13 -21.12 32.86
CA THR E 2 -1.75 -19.91 33.58
C THR E 2 -2.88 -18.88 33.56
N PHE E 3 -2.54 -17.63 33.87
CA PHE E 3 -3.51 -16.54 33.90
C PHE E 3 -3.00 -15.39 33.04
N GLU E 4 -3.94 -14.69 32.39
CA GLU E 4 -3.60 -13.57 31.54
C GLU E 4 -3.61 -12.28 32.36
N THR E 5 -2.52 -11.53 32.29
CA THR E 5 -2.34 -10.33 33.11
C THR E 5 -2.03 -9.13 32.22
N ARG E 6 -2.44 -7.95 32.70
CA ARG E 6 -2.21 -6.70 32.00
C ARG E 6 -1.83 -5.63 33.02
N ILE E 7 -1.12 -4.61 32.55
CA ILE E 7 -0.75 -3.46 33.35
C ILE E 7 -1.10 -2.21 32.55
N PHE E 8 -2.06 -1.45 33.05
CA PHE E 8 -2.49 -0.25 32.36
C PHE E 8 -1.62 0.95 32.76
N ASP E 9 -1.55 1.92 31.87
CA ASP E 9 -0.85 3.16 32.17
C ASP E 9 -1.74 4.04 33.05
N GLU E 10 -1.11 5.02 33.69
CA GLU E 10 -1.85 5.97 34.51
C GLU E 10 -2.65 6.89 33.61
N PRO E 11 -3.97 7.00 33.78
CA PRO E 11 -4.78 7.80 32.87
C PRO E 11 -4.52 9.30 33.06
N GLU E 12 -4.86 10.05 32.02
CA GLU E 12 -4.65 11.49 31.98
C GLU E 12 -5.94 12.23 32.27
N LEU E 13 -5.80 13.48 32.69
CA LEU E 13 -6.92 14.36 33.02
C LEU E 13 -6.87 15.60 32.14
N GLU E 14 -8.02 16.23 31.92
CA GLU E 14 -8.08 17.40 31.05
C GLU E 14 -8.32 18.67 31.85
N PHE E 15 -7.27 19.46 32.03
CA PHE E 15 -7.41 20.73 32.76
C PHE E 15 -6.80 21.86 31.95
N GLY E 16 -7.42 23.03 31.99
CA GLY E 16 -6.90 24.17 31.27
C GLY E 16 -7.18 24.09 29.78
N ASP E 17 -6.40 24.83 28.99
CA ASP E 17 -6.60 24.84 27.55
C ASP E 17 -6.24 23.51 26.92
N HIS E 18 -7.09 22.50 27.11
CA HIS E 18 -6.85 21.19 26.51
C HIS E 18 -5.55 20.57 26.99
N HIS E 19 -4.83 21.25 27.86
CA HIS E 19 -3.60 20.69 28.39
C HIS E 19 -3.93 19.41 29.13
N HIS E 20 -3.05 18.43 29.03
CA HIS E 20 -3.28 17.16 29.71
C HIS E 20 -2.16 16.79 30.64
N HIS E 21 -2.48 16.06 31.71
CA HIS E 21 -1.47 15.63 32.67
C HIS E 21 -2.10 14.55 33.53
N GLN E 22 -1.32 13.97 34.45
CA GLN E 22 -1.82 12.97 35.36
C GLN E 22 -1.88 13.42 36.81
N ASP E 23 -1.15 14.48 37.17
CA ASP E 23 -1.19 15.01 38.53
C ASP E 23 -2.08 16.24 38.55
N PRO E 24 -3.14 16.25 39.36
CA PRO E 24 -3.99 17.46 39.44
C PRO E 24 -3.24 18.70 39.92
N ARG E 25 -2.28 18.53 40.83
CA ARG E 25 -1.52 19.67 41.35
C ARG E 25 -0.72 20.35 40.25
N LEU E 26 0.08 19.56 39.53
CA LEU E 26 0.91 20.11 38.45
C LEU E 26 0.06 20.59 37.29
N GLY E 27 -1.04 19.89 36.98
CA GLY E 27 -1.90 20.34 35.90
C GLY E 27 -2.54 21.68 36.19
N LEU E 28 -3.05 21.86 37.42
CA LEU E 28 -3.62 23.15 37.79
C LEU E 28 -2.57 24.24 37.85
N SER E 29 -1.38 23.92 38.34
CA SER E 29 -0.30 24.90 38.41
C SER E 29 0.31 25.22 37.04
N GLU E 30 0.07 24.38 36.04
CA GLU E 30 0.66 24.57 34.72
C GLU E 30 -0.29 25.12 33.68
N ALA E 31 -1.59 24.82 33.76
CA ALA E 31 -2.52 25.24 32.72
C ALA E 31 -3.83 25.83 33.24
N GLY E 32 -4.07 25.85 34.54
CA GLY E 32 -5.28 26.43 35.06
C GLY E 32 -6.46 25.49 34.99
N PRO E 33 -7.60 25.90 35.54
CA PRO E 33 -8.79 25.05 35.54
C PRO E 33 -9.39 24.92 34.14
N LEU E 34 -10.23 23.89 33.99
CA LEU E 34 -10.87 23.63 32.71
C LEU E 34 -11.87 24.73 32.35
N GLN E 35 -12.76 25.08 33.27
CA GLN E 35 -13.74 26.14 33.06
C GLN E 35 -13.33 27.33 33.92
N THR E 36 -12.91 28.41 33.27
CA THR E 36 -12.43 29.58 33.98
C THR E 36 -13.59 30.44 34.47
N PHE E 37 -13.33 31.18 35.54
CA PHE E 37 -14.32 32.07 36.11
C PHE E 37 -14.43 33.34 35.29
N LEU E 38 -15.65 33.73 34.96
CA LEU E 38 -15.86 34.98 34.21
C LEU E 38 -15.50 36.20 35.05
N GLY E 39 -15.80 36.15 36.34
CA GLY E 39 -15.47 37.26 37.23
C GLY E 39 -14.02 37.25 37.67
N ASP E 40 -13.75 37.92 38.79
CA ASP E 40 -12.39 38.06 39.29
C ASP E 40 -12.23 37.76 40.78
N VAL E 41 -13.28 37.89 41.58
CA VAL E 41 -13.18 37.82 43.03
C VAL E 41 -14.18 36.80 43.55
N ILE E 42 -13.70 35.91 44.43
CA ILE E 42 -14.58 34.99 45.15
C ILE E 42 -14.64 35.45 46.60
N LYS E 43 -15.84 35.72 47.10
CA LYS E 43 -16.05 36.28 48.42
C LYS E 43 -16.34 35.18 49.43
N ILE E 44 -15.72 35.28 50.59
CA ILE E 44 -15.79 34.27 51.64
C ILE E 44 -16.32 34.91 52.92
N GLY E 45 -17.26 34.23 53.57
CA GLY E 45 -17.73 34.65 54.87
C GLY E 45 -17.35 33.63 55.94
N VAL E 46 -17.11 34.12 57.15
CA VAL E 46 -16.64 33.28 58.25
C VAL E 46 -17.63 33.37 59.40
N VAL E 47 -18.04 32.23 59.94
CA VAL E 47 -18.95 32.14 61.06
C VAL E 47 -18.31 31.28 62.13
N GLY E 48 -18.25 31.77 63.36
CA GLY E 48 -17.71 30.99 64.45
C GLY E 48 -17.41 31.80 65.70
N ASN E 49 -16.33 31.46 66.38
CA ASN E 49 -15.94 32.18 67.59
C ASN E 49 -15.22 33.48 67.22
N SER E 50 -15.11 34.38 68.19
CA SER E 50 -14.41 35.64 68.02
C SER E 50 -12.90 35.47 68.06
N LYS E 51 -12.38 34.26 68.19
CA LYS E 51 -10.95 33.99 68.12
C LYS E 51 -10.54 33.30 66.83
N THR E 52 -11.42 32.48 66.23
CA THR E 52 -11.09 31.76 65.03
C THR E 52 -11.21 32.60 63.76
N ILE E 53 -11.91 33.74 63.81
CA ILE E 53 -12.10 34.56 62.62
C ILE E 53 -10.78 35.20 62.20
N GLU E 54 -10.06 35.80 63.15
CA GLU E 54 -8.74 36.34 62.84
C GLU E 54 -7.75 35.24 62.53
N ASP E 55 -7.95 34.04 63.07
CA ASP E 55 -7.10 32.91 62.65
C ASP E 55 -7.32 32.58 61.19
N THR E 56 -8.58 32.58 60.73
CA THR E 56 -8.87 32.35 59.32
C THR E 56 -8.28 33.45 58.44
N ARG E 57 -8.40 34.71 58.87
CA ARG E 57 -7.83 35.81 58.12
C ARG E 57 -6.31 35.72 58.05
N LYS E 58 -5.66 35.39 59.17
CA LYS E 58 -4.21 35.24 59.17
C LYS E 58 -3.78 34.07 58.29
N PHE E 59 -4.58 33.00 58.26
CA PHE E 59 -4.31 31.88 57.36
C PHE E 59 -4.40 32.32 55.90
N ILE E 60 -5.40 33.15 55.57
CA ILE E 60 -5.58 33.56 54.17
C ILE E 60 -4.44 34.46 53.71
N GLU E 61 -4.12 35.50 54.48
CA GLU E 61 -2.98 36.35 54.11
C GLU E 61 -1.64 35.64 54.28
N THR E 62 -1.58 34.54 55.04
CA THR E 62 -0.35 33.77 55.10
C THR E 62 -0.15 32.93 53.84
N VAL E 63 -1.19 32.20 53.42
CA VAL E 63 -1.07 31.33 52.26
C VAL E 63 -1.23 32.07 50.94
N SER E 64 -1.59 33.35 50.97
CA SER E 64 -1.66 34.12 49.72
C SER E 64 -0.29 34.25 49.08
N SER E 65 0.75 34.47 49.88
CA SER E 65 2.09 34.62 49.32
C SER E 65 2.67 33.28 48.87
N GLY E 66 2.35 32.20 49.59
CA GLY E 66 2.82 30.88 49.21
C GLY E 66 3.60 30.20 50.31
N VAL E 67 3.43 28.88 50.44
CA VAL E 67 4.14 28.08 51.43
C VAL E 67 4.99 27.04 50.70
N GLU E 68 5.96 26.49 51.42
CA GLU E 68 6.91 25.55 50.86
C GLU E 68 6.67 24.16 51.43
N GLY E 69 7.03 23.15 50.64
CA GLY E 69 6.87 21.78 51.07
C GLY E 69 8.09 21.24 51.79
N LYS E 70 7.85 20.27 52.66
CA LYS E 70 8.90 19.66 53.47
C LYS E 70 9.52 18.43 52.82
N GLY E 71 9.45 18.33 51.50
CA GLY E 71 9.98 17.18 50.78
C GLY E 71 11.35 17.49 50.19
N GLU E 72 12.33 16.67 50.56
CA GLU E 72 13.66 16.70 49.98
C GLU E 72 13.98 15.41 49.24
N LYS E 73 13.73 14.27 49.85
CA LYS E 73 13.93 12.99 49.17
C LYS E 73 12.84 12.70 48.15
N HIS E 74 11.62 13.13 48.42
CA HIS E 74 10.49 12.90 47.52
C HIS E 74 9.86 14.23 47.15
N PRO E 75 10.28 14.86 46.05
CA PRO E 75 9.77 16.20 45.72
C PRO E 75 8.45 16.17 44.96
N ASN E 76 8.18 15.09 44.23
CA ASN E 76 6.89 14.96 43.56
C ASN E 76 5.76 14.76 44.56
N MET E 77 6.07 14.14 45.70
CA MET E 77 5.05 13.91 46.72
C MET E 77 4.71 15.17 47.50
N HIS E 78 5.67 16.08 47.65
CA HIS E 78 5.49 17.30 48.44
C HIS E 78 5.86 18.52 47.60
N PRO E 79 4.96 18.98 46.73
CA PRO E 79 5.24 20.16 45.92
C PRO E 79 4.84 21.42 46.66
N PRO E 80 5.46 22.56 46.34
CA PRO E 80 5.11 23.81 47.03
C PRO E 80 3.81 24.40 46.51
N PHE E 81 3.24 25.28 47.34
CA PHE E 81 2.03 26.01 46.96
C PHE E 81 2.43 27.32 46.29
N PRO E 82 2.00 27.56 45.05
CA PRO E 82 2.49 28.75 44.32
C PRO E 82 1.87 30.06 44.76
N GLY E 83 0.81 30.05 45.55
CA GLY E 83 0.20 31.26 46.07
C GLY E 83 -1.20 31.46 45.51
N LEU E 84 -1.74 32.64 45.77
CA LEU E 84 -3.09 33.01 45.34
C LEU E 84 -3.11 34.27 44.50
N GLY E 85 -1.96 34.71 43.99
CA GLY E 85 -1.89 35.88 43.16
C GLY E 85 -0.85 35.77 42.06
N ASN E 86 -1.17 36.31 40.88
CA ASN E 86 -0.31 36.33 39.69
C ASN E 86 0.02 34.92 39.23
N GLN E 87 0.78 34.17 40.04
CA GLN E 87 1.13 32.79 39.74
C GLN E 87 0.12 31.80 40.28
N SER E 88 -1.14 32.23 40.46
CA SER E 88 -2.15 31.38 41.09
C SER E 88 -2.52 30.20 40.19
N PRO E 89 -2.82 29.04 40.78
CA PRO E 89 -3.30 27.90 40.00
C PRO E 89 -4.79 27.94 39.71
N TYR E 90 -5.51 28.99 40.14
CA TYR E 90 -6.93 29.10 39.90
C TYR E 90 -7.32 30.32 39.07
N ARG E 91 -6.38 31.23 38.80
CA ARG E 91 -6.62 32.48 38.06
C ARG E 91 -7.74 33.29 38.70
N CYS E 92 -7.75 33.36 40.02
CA CYS E 92 -8.77 34.09 40.76
C CYS E 92 -8.21 34.52 42.10
N ARG E 93 -8.88 35.48 42.72
CA ARG E 93 -8.48 36.00 44.02
C ARG E 93 -9.61 35.80 45.02
N PHE E 94 -9.25 35.32 46.22
CA PHE E 94 -10.20 35.04 47.29
C PHE E 94 -10.15 36.20 48.28
N GLU E 95 -11.31 36.77 48.58
CA GLU E 95 -11.39 37.92 49.46
C GLU E 95 -12.46 37.69 50.53
N ILE E 96 -12.15 38.09 51.75
CA ILE E 96 -13.11 38.05 52.85
C ILE E 96 -13.70 39.45 52.97
N GLU E 97 -14.92 39.62 52.48
CA GLU E 97 -15.57 40.92 52.51
C GLU E 97 -16.04 41.24 53.93
N ASP E 98 -15.72 42.44 54.40
CA ASP E 98 -16.15 42.87 55.72
C ASP E 98 -17.66 43.05 55.76
N GLY E 99 -18.26 42.71 56.90
CA GLY E 99 -19.70 42.67 57.02
C GLY E 99 -20.33 41.35 56.65
N ALA E 100 -19.55 40.40 56.15
CA ALA E 100 -20.02 39.05 55.87
C ALA E 100 -19.57 38.04 56.92
N THR E 101 -19.07 38.52 58.06
CA THR E 101 -18.60 37.67 59.14
C THR E 101 -19.48 37.84 60.36
N ALA E 102 -19.65 36.74 61.11
CA ALA E 102 -20.45 36.75 62.32
C ALA E 102 -19.69 36.00 63.42
N ALA E 103 -19.92 36.40 64.66
CA ALA E 103 -19.26 35.82 65.81
C ALA E 103 -20.29 35.32 66.80
N LEU E 104 -19.92 34.26 67.53
CA LEU E 104 -20.79 33.66 68.53
C LEU E 104 -20.34 34.10 69.92
N THR E 105 -21.26 34.64 70.70
CA THR E 105 -20.93 35.19 72.01
C THR E 105 -20.59 34.09 73.00
N LYS E 106 -19.72 34.42 73.95
CA LYS E 106 -19.37 33.49 75.02
C LYS E 106 -20.52 33.29 76.01
N SER E 107 -21.50 34.20 76.01
CA SER E 107 -22.66 34.03 76.88
C SER E 107 -23.49 32.82 76.46
N LYS E 108 -23.62 32.60 75.15
CA LYS E 108 -24.40 31.48 74.64
C LYS E 108 -23.55 30.28 74.25
N LEU E 109 -22.22 30.42 74.27
CA LEU E 109 -21.34 29.28 74.06
C LEU E 109 -21.10 28.51 75.35
N ASP E 110 -21.62 28.98 76.47
CA ASP E 110 -21.62 28.25 77.73
C ASP E 110 -22.90 27.46 77.94
N LYS E 111 -24.03 28.01 77.51
CA LYS E 111 -25.31 27.30 77.60
C LYS E 111 -25.31 26.05 76.73
N ILE E 112 -24.53 26.07 75.64
CA ILE E 112 -24.33 24.85 74.86
C ILE E 112 -23.57 23.81 75.68
N GLY E 113 -22.56 24.26 76.44
CA GLY E 113 -21.71 23.34 77.18
C GLY E 113 -22.29 22.83 78.48
N LYS E 114 -23.46 23.32 78.90
CA LYS E 114 -24.04 22.91 80.17
C LYS E 114 -25.43 22.28 79.98
N GLU E 115 -25.56 21.43 78.99
CA GLU E 115 -26.82 20.71 78.73
C GLU E 115 -26.59 19.22 78.97
N PRO E 116 -27.29 18.59 79.91
CA PRO E 116 -27.02 17.15 80.17
C PRO E 116 -27.34 16.24 79.00
N ASP E 117 -28.36 16.56 78.21
CA ASP E 117 -28.70 15.74 77.06
C ASP E 117 -27.74 16.01 75.91
N HIS E 118 -27.50 14.97 75.09
CA HIS E 118 -26.60 15.10 73.96
C HIS E 118 -27.30 15.64 72.72
N TYR E 119 -28.63 15.56 72.66
CA TYR E 119 -29.35 15.89 71.44
C TYR E 119 -29.59 17.39 71.31
N ARG E 120 -30.15 18.02 72.35
CA ARG E 120 -30.54 19.42 72.25
C ARG E 120 -29.35 20.35 72.14
N ALA E 121 -28.18 19.95 72.63
CA ALA E 121 -26.98 20.77 72.50
C ALA E 121 -26.56 20.90 71.05
N VAL E 122 -26.49 19.78 70.33
CA VAL E 122 -26.17 19.82 68.91
C VAL E 122 -27.27 20.54 68.14
N GLU E 123 -28.54 20.33 68.55
CA GLU E 123 -29.64 21.00 67.88
C GLU E 123 -29.57 22.51 68.02
N MET E 124 -29.26 23.02 69.22
CA MET E 124 -29.19 24.47 69.40
C MET E 124 -27.96 25.04 68.73
N ALA E 125 -26.86 24.29 68.69
CA ALA E 125 -25.67 24.76 67.97
C ALA E 125 -25.96 24.92 66.48
N VAL E 126 -26.54 23.89 65.85
CA VAL E 126 -26.82 23.99 64.43
C VAL E 126 -27.91 25.01 64.16
N ASP E 127 -28.85 25.20 65.11
CA ASP E 127 -29.87 26.22 64.92
C ASP E 127 -29.30 27.62 64.98
N GLU E 128 -28.35 27.86 65.89
CA GLU E 128 -27.70 29.17 65.97
C GLU E 128 -26.89 29.46 64.71
N ILE E 129 -26.12 28.49 64.23
CA ILE E 129 -25.31 28.70 63.03
C ILE E 129 -26.22 28.90 61.81
N ILE E 130 -27.28 28.11 61.71
CA ILE E 130 -28.20 28.23 60.57
C ILE E 130 -28.94 29.56 60.61
N GLY E 131 -29.31 30.03 61.80
CA GLY E 131 -29.95 31.32 61.92
C GLY E 131 -29.04 32.47 61.52
N GLU E 132 -27.78 32.42 61.94
CA GLU E 132 -26.83 33.45 61.53
C GLU E 132 -26.62 33.44 60.01
N LEU E 133 -26.49 32.25 59.42
CA LEU E 133 -26.30 32.16 57.97
C LEU E 133 -27.52 32.63 57.21
N GLN E 134 -28.73 32.30 57.70
CA GLN E 134 -29.96 32.73 57.05
C GLN E 134 -30.14 34.24 57.14
N ALA E 135 -29.79 34.83 58.29
CA ALA E 135 -29.80 36.28 58.41
C ALA E 135 -28.79 36.92 57.46
N MET E 136 -27.65 36.25 57.25
CA MET E 136 -26.67 36.74 56.28
C MET E 136 -27.17 36.60 54.85
N ASP E 137 -28.09 35.65 54.60
CA ASP E 137 -28.49 35.34 53.22
C ASP E 137 -29.33 36.46 52.61
N ASP E 138 -30.33 36.95 53.34
CA ASP E 138 -31.30 37.90 52.78
C ASP E 138 -30.85 39.34 53.02
N GLY E 139 -29.75 39.70 52.36
CA GLY E 139 -29.22 41.04 52.48
C GLY E 139 -28.24 41.35 51.37
N GLY E 140 -27.55 42.48 51.54
CA GLY E 140 -26.55 42.93 50.60
C GLY E 140 -25.14 42.45 50.88
N SER E 141 -24.96 41.56 51.84
CA SER E 141 -23.67 40.99 52.19
C SER E 141 -23.64 39.50 51.90
N ARG E 142 -24.23 39.09 50.80
CA ARG E 142 -24.30 37.66 50.46
C ARG E 142 -22.94 37.19 49.97
N PRO E 143 -22.36 36.15 50.58
CA PRO E 143 -21.08 35.62 50.09
C PRO E 143 -21.27 34.55 49.03
N ASP E 144 -20.15 34.00 48.54
CA ASP E 144 -20.21 32.87 47.61
C ASP E 144 -20.06 31.54 48.31
N VAL E 145 -19.29 31.49 49.40
CA VAL E 145 -19.09 30.27 50.17
C VAL E 145 -18.75 30.68 51.60
N ALA E 146 -19.27 29.95 52.57
CA ALA E 146 -19.11 30.28 53.98
C ALA E 146 -18.21 29.26 54.67
N ILE E 147 -17.52 29.73 55.71
CA ILE E 147 -16.62 28.90 56.51
C ILE E 147 -17.11 28.91 57.96
N ILE E 148 -17.18 27.73 58.56
CA ILE E 148 -17.79 27.54 59.87
C ILE E 148 -16.70 27.09 60.85
N ALA E 149 -15.51 27.66 60.72
CA ALA E 149 -14.37 27.37 61.59
C ALA E 149 -14.75 27.42 63.06
N LEU E 150 -14.69 26.27 63.74
CA LEU E 150 -15.18 25.90 65.05
C LEU E 150 -14.11 26.15 66.13
N PRO E 151 -14.53 26.54 67.33
CA PRO E 151 -13.58 26.66 68.44
C PRO E 151 -13.29 25.33 69.11
N VAL E 152 -12.51 25.35 70.19
CA VAL E 152 -12.14 24.13 70.89
C VAL E 152 -13.16 23.77 71.96
N LYS E 153 -13.68 24.78 72.68
CA LYS E 153 -14.66 24.51 73.73
C LYS E 153 -15.97 23.98 73.17
N LEU E 154 -16.33 24.36 71.95
CA LEU E 154 -17.42 23.70 71.27
C LEU E 154 -17.07 22.24 70.97
N LEU E 155 -15.84 21.99 70.52
CA LEU E 155 -15.40 20.64 70.19
C LEU E 155 -15.03 19.86 71.45
N GLU E 156 -15.94 19.89 72.42
CA GLU E 156 -15.96 18.96 73.53
C GLU E 156 -17.38 18.52 73.81
N ARG E 157 -18.36 19.06 73.08
CA ARG E 157 -19.76 18.63 73.18
C ARG E 157 -20.25 18.07 71.85
N VAL E 158 -20.02 18.79 70.75
CA VAL E 158 -20.50 18.34 69.45
C VAL E 158 -19.74 17.10 68.99
N TRP E 159 -18.48 16.97 69.37
CA TRP E 159 -17.65 15.84 68.94
C TRP E 159 -17.24 14.96 70.12
N ASN E 160 -16.61 15.52 71.15
CA ASN E 160 -16.13 14.70 72.26
C ASN E 160 -17.25 14.28 73.20
N ALA E 161 -18.37 15.01 73.20
CA ALA E 161 -19.57 14.72 74.00
C ALA E 161 -19.25 14.63 75.49
N LYS E 162 -18.76 15.75 76.01
CA LYS E 162 -18.50 15.89 77.44
C LYS E 162 -19.03 17.22 77.97
N ALA E 179 -26.14 10.93 70.98
CA ALA E 179 -24.95 11.54 70.41
C ALA E 179 -25.00 11.49 68.88
N PRO E 180 -25.67 12.45 68.26
CA PRO E 180 -25.80 12.45 66.80
C PRO E 180 -24.59 13.12 66.15
N ASN E 181 -24.67 13.23 64.83
CA ASN E 181 -23.59 13.82 64.04
C ASN E 181 -23.82 15.31 63.86
N PHE E 182 -22.72 16.06 63.82
CA PHE E 182 -22.79 17.50 63.63
C PHE E 182 -22.74 17.90 62.17
N ARG E 183 -21.93 17.20 61.36
CA ARG E 183 -21.80 17.55 59.95
C ARG E 183 -23.04 17.17 59.15
N GLY E 184 -23.56 15.97 59.38
CA GLY E 184 -24.70 15.49 58.62
C GLY E 184 -26.01 16.15 58.98
N MET E 185 -26.07 16.87 60.09
CA MET E 185 -27.25 17.65 60.44
C MET E 185 -27.13 19.09 59.95
N LEU E 186 -25.95 19.68 60.09
CA LEU E 186 -25.74 21.05 59.61
C LEU E 186 -25.80 21.12 58.09
N LYS E 187 -25.28 20.09 57.40
CA LYS E 187 -25.37 20.06 55.95
C LYS E 187 -26.78 19.78 55.46
N ALA E 188 -27.63 19.20 56.30
CA ALA E 188 -29.03 19.00 55.94
C ALA E 188 -29.89 20.22 56.24
N LYS E 189 -29.54 20.99 57.27
CA LYS E 189 -30.27 22.21 57.58
C LYS E 189 -29.85 23.38 56.70
N ALA E 190 -28.73 23.27 55.99
CA ALA E 190 -28.24 24.34 55.11
C ALA E 190 -28.51 24.04 53.65
N MET E 191 -29.57 23.29 53.35
CA MET E 191 -29.89 22.94 51.97
C MET E 191 -30.68 24.02 51.26
N GLY E 192 -31.45 24.82 52.00
CA GLY E 192 -32.25 25.87 51.42
C GLY E 192 -31.55 27.20 51.20
N LEU E 193 -30.25 27.27 51.48
CA LEU E 193 -29.50 28.50 51.29
C LEU E 193 -29.02 28.61 49.84
N SER E 194 -28.46 29.78 49.52
CA SER E 194 -27.99 30.06 48.17
C SER E 194 -26.52 29.72 47.97
N PHE E 195 -25.80 29.33 49.02
CA PHE E 195 -24.37 29.07 48.93
C PHE E 195 -24.02 27.83 49.74
N PRO E 196 -22.98 27.10 49.34
CA PRO E 196 -22.51 25.97 50.14
C PRO E 196 -21.68 26.44 51.34
N ILE E 197 -21.38 25.49 52.22
CA ILE E 197 -20.65 25.75 53.45
C ILE E 197 -19.45 24.81 53.53
N GLN E 198 -18.49 25.21 54.36
CA GLN E 198 -17.27 24.44 54.58
C GLN E 198 -16.91 24.47 56.06
N ILE E 199 -16.54 23.31 56.59
CA ILE E 199 -16.25 23.14 58.02
C ILE E 199 -14.75 22.95 58.20
N VAL E 200 -14.16 23.74 59.08
CA VAL E 200 -12.72 23.70 59.37
C VAL E 200 -12.54 23.66 60.88
N TRP E 201 -11.63 22.80 61.35
CA TRP E 201 -11.34 22.75 62.77
C TRP E 201 -10.23 23.73 63.12
N GLU E 202 -9.91 23.83 64.42
CA GLU E 202 -9.02 24.88 64.90
C GLU E 202 -7.56 24.59 64.52
N ASP E 203 -7.18 23.30 64.44
CA ASP E 203 -5.78 22.96 64.21
C ASP E 203 -5.33 23.33 62.80
N VAL E 204 -6.24 23.32 61.84
CA VAL E 204 -5.89 23.63 60.46
C VAL E 204 -5.50 25.10 60.32
N ILE E 205 -6.20 25.99 61.01
CA ILE E 205 -5.95 27.41 60.86
C ILE E 205 -4.93 27.96 61.86
N ASP E 206 -4.68 27.26 62.96
CA ASP E 206 -3.71 27.69 63.96
C ASP E 206 -2.82 26.51 64.31
N ASP E 207 -1.54 26.59 63.98
CA ASP E 207 -0.60 25.49 64.22
C ASP E 207 0.13 25.66 65.56
N LYS E 208 -0.64 25.88 66.62
CA LYS E 208 -0.10 25.89 67.97
C LYS E 208 -0.97 25.14 68.97
N VAL E 209 -2.11 24.60 68.55
CA VAL E 209 -3.06 23.96 69.46
C VAL E 209 -3.30 22.53 68.97
N THR E 210 -3.71 21.67 69.90
CA THR E 210 -4.03 20.28 69.62
C THR E 210 -5.35 19.93 70.28
N ILE E 211 -6.04 18.95 69.71
CA ILE E 211 -7.34 18.50 70.18
C ILE E 211 -7.23 17.03 70.53
N PRO E 212 -7.75 16.58 71.68
CA PRO E 212 -7.79 15.14 71.96
C PRO E 212 -8.74 14.38 71.06
N GLN E 213 -8.82 13.05 71.22
CA GLN E 213 -9.48 12.20 70.25
C GLN E 213 -10.58 11.36 70.89
N LYS E 214 -11.49 11.99 71.64
CA LYS E 214 -12.62 11.34 72.31
C LYS E 214 -12.14 10.33 73.34
N VAL E 215 -12.13 9.04 72.97
CA VAL E 215 -11.58 8.04 73.87
C VAL E 215 -10.05 8.12 73.85
N LYS E 216 -9.43 7.54 74.88
CA LYS E 216 -8.00 7.66 75.22
C LYS E 216 -7.48 9.08 75.00
N GLU E 217 -8.06 10.01 75.77
CA GLU E 217 -7.85 11.44 75.58
C GLU E 217 -6.43 11.90 75.92
N SER E 218 -5.61 11.05 76.53
CA SER E 218 -4.23 11.41 76.86
C SER E 218 -3.32 11.27 75.65
N SER E 219 -3.67 12.00 74.60
CA SER E 219 -2.95 12.00 73.32
C SER E 219 -3.41 13.25 72.57
N SER E 220 -3.04 13.32 71.29
CA SER E 220 -3.46 14.44 70.44
C SER E 220 -3.49 13.96 69.01
N ARG E 221 -4.54 14.37 68.28
CA ARG E 221 -4.66 14.00 66.88
C ARG E 221 -3.60 14.73 66.05
N LYS E 222 -3.24 14.12 64.92
CA LYS E 222 -2.21 14.67 64.04
C LYS E 222 -2.79 14.90 62.65
N ILE E 223 -2.21 15.88 61.96
CA ILE E 223 -2.63 16.29 60.62
C ILE E 223 -1.40 16.40 59.74
N GLN E 224 -1.63 16.70 58.46
CA GLN E 224 -0.53 16.83 57.51
C GLN E 224 0.20 18.15 57.73
N ASP E 225 1.22 18.39 56.89
CA ASP E 225 1.99 19.61 56.98
C ASP E 225 1.19 20.79 56.40
N ILE E 226 1.81 21.96 56.43
CA ILE E 226 1.09 23.18 56.06
C ILE E 226 0.87 23.26 54.54
N ALA E 227 1.71 22.62 53.74
CA ALA E 227 1.57 22.69 52.29
C ALA E 227 0.61 21.66 51.73
N GLY E 228 0.42 20.53 52.42
CA GLY E 228 -0.53 19.53 51.94
C GLY E 228 -1.97 19.88 52.23
N ARG E 229 -2.22 20.61 53.31
CA ARG E 229 -3.58 21.03 53.65
C ARG E 229 -4.11 22.03 52.64
N THR E 230 -3.26 22.96 52.20
CA THR E 230 -3.70 24.13 51.46
C THR E 230 -4.19 23.78 50.08
N TRP E 231 -3.57 22.78 49.43
CA TRP E 231 -4.00 22.36 48.10
C TRP E 231 -5.45 21.87 48.11
N ASN E 232 -5.75 20.93 49.00
CA ASN E 232 -7.11 20.40 49.10
C ASN E 232 -8.10 21.48 49.53
N LEU E 233 -7.71 22.30 50.52
CA LEU E 233 -8.61 23.31 51.03
C LEU E 233 -8.95 24.36 49.97
N MET E 234 -7.94 24.84 49.23
CA MET E 234 -8.18 25.88 48.24
C MET E 234 -8.90 25.32 47.02
N THR E 235 -8.60 24.07 46.62
CA THR E 235 -9.33 23.48 45.50
C THR E 235 -10.81 23.30 45.84
N SER E 236 -11.11 22.79 47.04
CA SER E 236 -12.49 22.64 47.46
C SER E 236 -13.19 23.99 47.56
N LEU E 237 -12.49 25.00 48.10
CA LEU E 237 -13.09 26.33 48.23
C LEU E 237 -13.37 26.94 46.86
N TYR E 238 -12.46 26.78 45.90
CA TYR E 238 -12.66 27.32 44.56
C TYR E 238 -13.84 26.65 43.88
N TYR E 239 -13.95 25.31 44.00
CA TYR E 239 -15.06 24.63 43.35
C TYR E 239 -16.38 24.99 44.01
N LYS E 240 -16.40 25.14 45.34
CA LYS E 240 -17.63 25.49 46.03
C LYS E 240 -18.06 26.92 45.73
N GLY E 241 -17.11 27.84 45.65
CA GLY E 241 -17.45 29.24 45.47
C GLY E 241 -17.72 29.66 44.03
N SER E 242 -16.96 29.10 43.09
CA SER E 242 -17.09 29.53 41.71
C SER E 242 -18.22 28.79 40.99
N GLY E 243 -18.28 27.47 41.12
CA GLY E 243 -19.29 26.67 40.45
C GLY E 243 -18.82 25.98 39.20
N ARG E 244 -17.59 26.24 38.75
CA ARG E 244 -17.03 25.62 37.57
C ARG E 244 -16.05 24.52 37.96
N ILE E 245 -16.10 23.40 37.25
CA ILE E 245 -15.31 22.22 37.59
C ILE E 245 -13.84 22.48 37.26
N PRO E 246 -12.90 21.95 38.05
CA PRO E 246 -11.47 22.21 37.76
C PRO E 246 -10.88 21.31 36.69
N TRP E 247 -11.29 20.05 36.61
CA TRP E 247 -10.73 19.12 35.64
C TRP E 247 -11.74 18.00 35.40
N ARG E 248 -11.46 17.23 34.35
CA ARG E 248 -12.28 16.08 33.98
C ARG E 248 -11.40 15.09 33.22
N ARG E 249 -11.88 13.85 33.13
CA ARG E 249 -11.13 12.82 32.43
C ARG E 249 -11.12 13.10 30.92
N MET E 250 -10.00 12.81 30.29
CA MET E 250 -9.86 13.06 28.86
C MET E 250 -10.62 12.02 28.06
N PRO E 251 -11.55 12.42 27.20
CA PRO E 251 -12.20 11.45 26.32
C PRO E 251 -11.24 10.99 25.23
N LEU E 252 -11.43 9.76 24.78
CA LEU E 252 -10.58 9.15 23.75
C LEU E 252 -11.04 9.62 22.38
N GLU E 253 -10.61 8.89 21.34
CA GLU E 253 -11.07 9.15 19.99
C GLU E 253 -12.46 8.53 19.81
N GLY E 254 -12.95 8.41 18.57
CA GLY E 254 -14.34 8.15 18.29
C GLY E 254 -14.96 6.97 19.00
N GLU E 255 -15.85 7.28 19.94
CA GLU E 255 -16.44 6.32 20.84
C GLU E 255 -17.91 6.67 21.06
N PHE E 256 -18.69 5.66 21.41
CA PHE E 256 -20.12 5.87 21.58
C PHE E 256 -20.39 6.65 22.85
N SER E 257 -21.38 7.55 22.78
CA SER E 257 -21.71 8.41 23.92
C SER E 257 -22.30 7.59 25.06
N ALA E 258 -21.93 7.95 26.29
CA ALA E 258 -22.27 7.16 27.46
C ALA E 258 -22.82 8.06 28.56
N CYS E 259 -23.51 7.43 29.51
CA CYS E 259 -24.06 8.09 30.70
C CYS E 259 -23.82 7.18 31.89
N TYR E 260 -23.04 7.66 32.86
CA TYR E 260 -22.62 6.83 33.99
C TYR E 260 -23.55 7.05 35.17
N VAL E 261 -23.92 5.94 35.81
CA VAL E 261 -24.83 5.93 36.96
C VAL E 261 -24.16 5.14 38.08
N GLY E 262 -24.15 5.73 39.28
CA GLY E 262 -23.60 5.04 40.44
C GLY E 262 -24.63 4.81 41.51
N ILE E 263 -24.69 3.59 42.04
CA ILE E 263 -25.72 3.19 43.00
C ILE E 263 -25.05 2.63 44.24
N SER E 264 -25.50 3.10 45.41
CA SER E 264 -25.01 2.58 46.68
C SER E 264 -26.15 2.58 47.69
N PHE E 265 -25.85 2.11 48.90
CA PHE E 265 -26.83 2.02 49.97
C PHE E 265 -26.32 2.73 51.21
N TYR E 266 -27.24 3.00 52.14
CA TYR E 266 -26.89 3.58 53.42
C TYR E 266 -27.91 3.15 54.46
N ARG E 267 -27.66 3.52 55.71
CA ARG E 267 -28.50 3.15 56.84
C ARG E 267 -29.02 4.41 57.52
N GLU E 268 -30.32 4.42 57.81
CA GLU E 268 -30.91 5.54 58.54
C GLU E 268 -30.46 5.52 59.99
N ALA E 269 -30.23 6.71 60.55
CA ALA E 269 -29.72 6.82 61.92
C ALA E 269 -30.84 6.93 62.95
N ASP E 270 -31.82 6.04 62.86
CA ASP E 270 -32.78 5.86 63.94
C ASP E 270 -32.94 4.37 64.25
N GLY E 271 -32.78 3.54 63.22
CA GLY E 271 -32.99 2.10 63.35
C GLY E 271 -32.06 1.33 62.45
N GLN E 272 -32.57 0.23 61.88
CA GLN E 272 -31.75 -0.65 61.06
C GLN E 272 -32.22 -0.72 59.62
N GLN E 273 -33.10 0.20 59.20
CA GLN E 273 -33.59 0.21 57.83
C GLN E 273 -32.51 0.69 56.87
N LEU E 274 -32.49 0.10 55.68
CA LEU E 274 -31.51 0.44 54.66
C LEU E 274 -32.19 1.16 53.50
N PHE E 275 -31.54 2.21 53.02
CA PHE E 275 -32.02 3.05 51.92
C PHE E 275 -31.01 3.00 50.79
N THR E 276 -31.42 3.47 49.61
CA THR E 276 -30.57 3.46 48.43
C THR E 276 -30.38 4.88 47.89
N SER E 277 -29.22 5.10 47.27
CA SER E 277 -28.87 6.40 46.70
C SER E 277 -28.20 6.19 45.36
N ALA E 278 -28.32 7.19 44.48
CA ALA E 278 -27.80 7.11 43.13
C ALA E 278 -27.26 8.48 42.73
N ALA E 279 -26.36 8.45 41.74
CA ALA E 279 -25.75 9.66 41.20
C ALA E 279 -25.57 9.51 39.70
N GLN E 280 -25.77 10.60 38.97
CA GLN E 280 -25.67 10.62 37.52
C GLN E 280 -24.51 11.48 37.07
N MET E 281 -23.90 11.09 35.95
CA MET E 281 -22.89 11.94 35.34
C MET E 281 -22.81 11.65 33.84
N PHE E 282 -22.46 12.68 33.08
CA PHE E 282 -22.23 12.56 31.65
C PHE E 282 -21.40 13.75 31.18
N ASP E 283 -21.19 13.85 29.88
CA ASP E 283 -20.44 14.91 29.24
C ASP E 283 -21.38 15.96 28.67
N GLU E 284 -20.82 17.13 28.36
CA GLU E 284 -21.57 18.22 27.77
C GLU E 284 -21.24 18.34 26.29
N ARG E 285 -22.09 19.10 25.57
CA ARG E 285 -21.82 19.39 24.18
C ARG E 285 -20.56 20.23 24.01
N GLY E 286 -20.30 21.13 24.94
CA GLY E 286 -19.07 21.88 24.96
C GLY E 286 -17.95 21.13 25.63
N ARG E 287 -17.28 21.76 26.59
CA ARG E 287 -16.20 21.14 27.35
C ARG E 287 -16.54 21.23 28.82
N GLY E 288 -17.17 20.18 29.37
CA GLY E 288 -17.54 20.17 30.77
C GLY E 288 -18.22 18.91 31.23
N PHE E 289 -17.93 18.50 32.45
CA PHE E 289 -18.59 17.35 33.06
C PHE E 289 -19.89 17.78 33.73
N VAL E 290 -20.85 16.85 33.80
CA VAL E 290 -22.08 17.06 34.54
C VAL E 290 -22.22 15.93 35.54
N LEU E 291 -22.22 16.27 36.83
CA LEU E 291 -22.37 15.32 37.92
C LEU E 291 -23.44 15.86 38.85
N LYS E 292 -24.44 15.03 39.15
CA LYS E 292 -25.56 15.49 39.96
C LYS E 292 -26.24 14.29 40.61
N GLY E 293 -27.25 14.58 41.43
CA GLY E 293 -28.06 13.55 42.05
C GLY E 293 -29.50 13.59 41.59
N ARG E 294 -30.43 13.37 42.52
CA ARG E 294 -31.86 13.39 42.22
C ARG E 294 -32.59 14.16 43.31
N ARG E 295 -33.73 14.74 42.92
CA ARG E 295 -34.56 15.50 43.86
C ARG E 295 -35.65 14.62 44.48
N ALA E 296 -35.26 13.46 45.02
CA ALA E 296 -36.22 12.52 45.60
C ALA E 296 -35.47 11.51 46.45
N ARG E 297 -36.20 10.90 47.37
CA ARG E 297 -35.75 9.71 48.08
C ARG E 297 -36.43 8.48 47.49
N THR E 298 -35.95 7.30 47.87
CA THR E 298 -36.35 6.07 47.20
C THR E 298 -36.80 5.03 48.22
N GLU E 299 -37.44 5.50 49.30
CA GLU E 299 -38.08 4.66 50.32
C GLU E 299 -37.15 3.64 50.97
N SER E 300 -37.71 2.70 51.73
CA SER E 300 -36.92 1.70 52.43
C SER E 300 -37.12 0.30 51.88
N ARG E 301 -38.37 -0.19 51.86
CA ARG E 301 -38.72 -1.52 51.34
C ARG E 301 -37.97 -2.64 52.06
N GLY E 302 -37.80 -2.48 53.37
CA GLY E 302 -37.19 -3.52 54.17
C GLY E 302 -35.76 -3.22 54.58
N ARG E 303 -35.06 -4.28 54.97
CA ARG E 303 -33.71 -4.19 55.50
C ARG E 303 -32.64 -4.67 54.53
N HIS E 304 -33.04 -5.14 53.35
CA HIS E 304 -32.09 -5.77 52.44
C HIS E 304 -31.23 -4.71 51.73
N PRO E 305 -29.96 -5.03 51.44
CA PRO E 305 -29.12 -4.16 50.60
C PRO E 305 -29.29 -4.44 49.11
N TYR E 306 -30.54 -4.55 48.66
CA TYR E 306 -30.86 -4.81 47.26
C TYR E 306 -32.07 -3.98 46.87
N MET E 307 -32.04 -3.39 45.68
CA MET E 307 -33.11 -2.54 45.21
C MET E 307 -34.20 -3.37 44.52
N ALA E 308 -35.40 -2.77 44.45
CA ALA E 308 -36.52 -3.41 43.78
C ALA E 308 -36.44 -3.16 42.28
N ARG E 309 -37.54 -3.47 41.57
CA ARG E 309 -37.60 -3.34 40.12
C ARG E 309 -38.15 -1.98 39.69
N GLU E 310 -39.23 -1.52 40.34
CA GLU E 310 -39.89 -0.30 39.92
C GLU E 310 -39.00 0.92 40.15
N ASP E 311 -38.30 0.96 41.28
CA ASP E 311 -37.42 2.10 41.55
C ASP E 311 -36.23 2.12 40.61
N ALA E 312 -35.69 0.95 40.26
CA ALA E 312 -34.61 0.89 39.28
C ALA E 312 -35.07 1.38 37.91
N LYS E 313 -36.28 0.97 37.50
CA LYS E 313 -36.82 1.44 36.23
C LYS E 313 -37.04 2.95 36.25
N LYS E 314 -37.54 3.48 37.37
CA LYS E 314 -37.73 4.93 37.50
C LYS E 314 -36.39 5.67 37.47
N ILE E 315 -35.35 5.10 38.09
CA ILE E 315 -34.04 5.72 38.07
C ILE E 315 -33.49 5.77 36.65
N ILE E 316 -33.63 4.68 35.90
CA ILE E 316 -33.14 4.63 34.52
C ILE E 316 -33.90 5.63 33.65
N GLU E 317 -35.22 5.72 33.84
CA GLU E 317 -36.03 6.68 33.11
C GLU E 317 -35.62 8.12 33.42
N ASP E 318 -35.35 8.41 34.70
CA ASP E 318 -34.94 9.76 35.08
C ASP E 318 -33.58 10.13 34.49
N VAL E 319 -32.64 9.17 34.47
CA VAL E 319 -31.33 9.42 33.87
C VAL E 319 -31.48 9.69 32.38
N LEU E 320 -32.31 8.89 31.70
CA LEU E 320 -32.52 9.08 30.27
C LEU E 320 -33.17 10.43 29.97
N ALA E 321 -34.15 10.84 30.78
CA ALA E 321 -34.78 12.14 30.59
C ALA E 321 -33.81 13.28 30.84
N ALA E 322 -32.96 13.14 31.87
CA ALA E 322 -31.99 14.20 32.17
C ALA E 322 -30.94 14.31 31.07
N TYR E 323 -30.59 13.20 30.43
CA TYR E 323 -29.68 13.26 29.29
C TYR E 323 -30.36 13.88 28.07
N LYS E 324 -31.62 13.52 27.82
CA LYS E 324 -32.30 14.00 26.62
C LYS E 324 -32.69 15.46 26.72
N LEU E 325 -32.84 15.99 27.93
CA LEU E 325 -33.14 17.41 28.06
C LEU E 325 -31.95 18.27 27.63
N HIS E 326 -30.73 17.78 27.82
CA HIS E 326 -29.54 18.53 27.45
C HIS E 326 -29.08 18.24 26.02
N HIS E 327 -29.04 16.97 25.63
CA HIS E 327 -28.47 16.61 24.33
C HIS E 327 -29.49 16.53 23.21
N LYS E 328 -30.79 16.62 23.52
CA LYS E 328 -31.91 16.49 22.59
C LYS E 328 -31.96 15.13 21.88
N THR E 329 -31.14 14.18 22.30
CA THR E 329 -31.12 12.82 21.74
C THR E 329 -30.84 11.83 22.86
N LEU E 330 -31.24 10.58 22.62
CA LEU E 330 -30.96 9.51 23.55
C LEU E 330 -29.50 9.06 23.42
N PRO E 331 -28.90 8.57 24.50
CA PRO E 331 -27.48 8.16 24.43
C PRO E 331 -27.33 6.83 23.72
N ALA E 332 -26.07 6.44 23.54
CA ALA E 332 -25.75 5.19 22.87
C ALA E 332 -25.58 4.02 23.84
N ARG E 333 -24.98 4.27 25.00
CA ARG E 333 -24.74 3.22 25.98
C ARG E 333 -24.93 3.75 27.39
N VAL E 334 -25.20 2.84 28.32
CA VAL E 334 -25.43 3.15 29.72
C VAL E 334 -24.52 2.26 30.55
N PHE E 335 -23.75 2.87 31.45
CA PHE E 335 -22.81 2.16 32.31
C PHE E 335 -23.27 2.30 33.75
N ILE E 336 -23.45 1.17 34.44
CA ILE E 336 -24.01 1.13 35.78
C ILE E 336 -23.03 0.44 36.71
N LEU E 337 -22.75 1.06 37.85
CA LEU E 337 -21.84 0.53 38.87
C LEU E 337 -22.60 0.37 40.18
N LYS E 338 -22.36 -0.73 40.88
CA LYS E 338 -23.06 -1.01 42.12
C LYS E 338 -22.14 -1.73 43.10
N THR E 339 -22.33 -1.44 44.38
CA THR E 339 -21.62 -2.14 45.46
C THR E 339 -22.44 -3.31 46.00
N SER E 340 -22.93 -4.15 45.09
CA SER E 340 -23.75 -5.31 45.43
C SER E 340 -23.90 -6.17 44.19
N ARG E 341 -24.27 -7.43 44.40
CA ARG E 341 -24.48 -8.33 43.28
C ARG E 341 -25.76 -7.97 42.54
N PHE E 342 -25.73 -8.12 41.22
CA PHE E 342 -26.90 -7.80 40.39
C PHE E 342 -27.84 -8.98 40.42
N LYS E 343 -28.92 -8.86 41.19
CA LYS E 343 -29.90 -9.93 41.30
C LYS E 343 -30.69 -10.05 40.00
N ASP E 344 -31.38 -11.18 39.85
CA ASP E 344 -32.15 -11.45 38.64
C ASP E 344 -33.46 -10.66 38.56
N GLU E 345 -33.87 -10.01 39.65
CA GLU E 345 -35.08 -9.19 39.63
C GLU E 345 -34.81 -7.73 39.33
N GLU E 346 -33.68 -7.20 39.77
CA GLU E 346 -33.31 -5.83 39.51
C GLU E 346 -32.57 -5.64 38.20
N ALA E 347 -32.23 -6.73 37.52
CA ALA E 347 -31.60 -6.67 36.20
C ALA E 347 -32.62 -6.76 35.08
N ASP E 348 -33.91 -6.80 35.38
CA ASP E 348 -34.96 -6.84 34.38
C ASP E 348 -35.68 -5.50 34.23
N GLY E 349 -35.85 -4.75 35.33
CA GLY E 349 -36.41 -3.42 35.21
C GLY E 349 -35.53 -2.49 34.41
N ILE E 350 -34.21 -2.61 34.60
CA ILE E 350 -33.26 -1.82 33.82
C ILE E 350 -33.36 -2.16 32.34
N ILE E 351 -33.47 -3.46 32.03
CA ILE E 351 -33.59 -3.90 30.64
C ILE E 351 -34.88 -3.38 30.02
N ALA E 352 -35.99 -3.45 30.77
CA ALA E 352 -37.26 -2.95 30.25
C ALA E 352 -37.23 -1.44 30.02
N ALA E 353 -36.65 -0.69 30.96
CA ALA E 353 -36.60 0.76 30.81
C ALA E 353 -35.65 1.17 29.69
N LEU E 354 -34.60 0.38 29.43
CA LEU E 354 -33.72 0.67 28.31
C LEU E 354 -34.34 0.28 26.98
N ASP E 355 -35.14 -0.79 26.95
CA ASP E 355 -35.79 -1.23 25.72
C ASP E 355 -37.03 -0.43 25.40
N GLU E 356 -37.57 0.34 26.36
CA GLU E 356 -38.64 1.26 26.03
C GLU E 356 -38.14 2.48 25.26
N ALA E 357 -36.83 2.72 25.26
CA ALA E 357 -36.24 3.84 24.55
C ALA E 357 -35.30 3.41 23.44
N GLY E 358 -35.06 2.12 23.27
CA GLY E 358 -34.19 1.64 22.21
C GLY E 358 -32.71 1.96 22.37
N THR E 359 -32.19 1.84 23.59
CA THR E 359 -30.76 1.96 23.83
C THR E 359 -30.12 0.58 23.71
N GLU E 360 -29.06 0.48 22.91
CA GLU E 360 -28.55 -0.82 22.49
C GLU E 360 -27.46 -1.36 23.40
N LEU E 361 -26.35 -0.63 23.53
CA LEU E 361 -25.23 -1.12 24.32
C LEU E 361 -25.47 -0.89 25.80
N ARG E 362 -25.21 -1.92 26.61
CA ARG E 362 -25.45 -1.88 28.05
C ARG E 362 -24.29 -2.54 28.78
N ASP E 363 -24.15 -2.20 30.07
CA ASP E 363 -23.13 -2.78 30.92
C ASP E 363 -23.60 -2.73 32.37
N LEU E 364 -23.31 -3.79 33.12
CA LEU E 364 -23.69 -3.89 34.53
C LEU E 364 -22.55 -4.58 35.27
N VAL E 365 -21.99 -3.91 36.27
CA VAL E 365 -20.78 -4.37 36.95
C VAL E 365 -20.96 -4.25 38.46
N TRP E 366 -20.58 -5.30 39.19
CA TRP E 366 -20.53 -5.29 40.65
C TRP E 366 -19.07 -5.12 41.07
N VAL E 367 -18.83 -4.19 42.00
CA VAL E 367 -17.51 -3.95 42.55
C VAL E 367 -17.50 -4.49 43.98
N GLN E 368 -16.66 -5.48 44.23
CA GLN E 368 -16.52 -6.11 45.53
C GLN E 368 -15.19 -5.72 46.15
N GLU E 369 -15.23 -5.26 47.41
CA GLU E 369 -14.03 -4.84 48.11
C GLU E 369 -13.48 -5.88 49.07
N SER E 370 -14.30 -6.86 49.47
CA SER E 370 -13.87 -7.88 50.42
C SER E 370 -13.52 -9.16 49.65
N TYR E 371 -12.29 -9.18 49.15
CA TYR E 371 -11.75 -10.36 48.48
C TYR E 371 -10.37 -10.67 49.06
N THR E 372 -10.00 -11.95 49.02
CA THR E 372 -8.85 -12.43 49.79
C THR E 372 -7.60 -12.64 48.93
N ALA E 373 -7.76 -13.05 47.67
CA ALA E 373 -6.62 -13.39 46.83
C ALA E 373 -5.74 -12.16 46.56
N ARG E 374 -4.44 -12.42 46.42
CA ARG E 374 -3.45 -11.35 46.30
C ARG E 374 -2.27 -11.84 45.47
N ILE E 375 -1.50 -10.88 44.98
CA ILE E 375 -0.29 -11.14 44.19
C ILE E 375 0.92 -10.72 45.01
N LEU E 376 1.91 -11.59 45.09
CA LEU E 376 3.08 -11.37 45.93
C LEU E 376 4.35 -11.30 45.07
N ARG E 377 5.25 -10.41 45.48
CA ARG E 377 6.53 -10.20 44.80
C ARG E 377 7.67 -10.58 45.73
N ASP E 378 8.86 -10.73 45.18
CA ASP E 378 10.01 -11.14 45.97
C ASP E 378 10.72 -9.97 46.67
N GLY E 379 10.44 -8.74 46.25
CA GLY E 379 11.11 -7.60 46.81
C GLY E 379 10.46 -7.12 48.10
N ASN E 380 10.90 -5.95 48.54
CA ASN E 380 10.36 -5.30 49.73
C ASN E 380 9.24 -4.32 49.41
N TYR E 381 8.82 -4.24 48.15
CA TYR E 381 7.80 -3.33 47.68
C TYR E 381 6.68 -4.10 47.00
N PRO E 382 5.44 -3.66 47.13
CA PRO E 382 4.31 -4.36 46.51
C PRO E 382 4.24 -4.10 45.01
N VAL E 383 3.20 -4.63 44.39
CA VAL E 383 3.02 -4.57 42.95
C VAL E 383 2.69 -3.16 42.50
N LEU E 384 2.75 -2.93 41.18
CA LEU E 384 2.43 -1.62 40.61
C LEU E 384 0.94 -1.32 40.76
N ARG E 385 0.61 -0.03 40.69
CA ARG E 385 -0.78 0.40 40.71
C ARG E 385 -1.34 0.29 39.30
N GLY E 386 -2.43 -0.46 39.16
CA GLY E 386 -3.01 -0.70 37.85
C GLY E 386 -2.66 -2.06 37.28
N THR E 387 -2.73 -3.10 38.12
CA THR E 387 -2.47 -4.47 37.72
C THR E 387 -3.78 -5.22 37.59
N PHE E 388 -3.95 -5.93 36.48
CA PHE E 388 -5.19 -6.63 36.17
C PHE E 388 -4.88 -8.10 35.89
N VAL E 389 -5.62 -9.00 36.51
CA VAL E 389 -5.48 -10.44 36.29
C VAL E 389 -6.87 -11.02 36.06
N ASP E 390 -7.04 -11.72 34.95
CA ASP E 390 -8.33 -12.32 34.60
C ASP E 390 -8.49 -13.64 35.35
N LEU E 391 -9.37 -13.66 36.35
CA LEU E 391 -9.63 -14.87 37.12
C LEU E 391 -10.91 -15.55 36.62
N HIS E 392 -10.85 -15.98 35.35
CA HIS E 392 -11.91 -16.76 34.69
C HIS E 392 -13.25 -16.03 34.72
N GLY E 393 -13.30 -14.90 34.00
CA GLY E 393 -14.51 -14.12 33.87
C GLY E 393 -14.70 -13.03 34.90
N LYS E 394 -13.76 -12.84 35.81
CA LYS E 394 -13.80 -11.77 36.79
C LYS E 394 -12.51 -10.98 36.72
N GLY E 395 -12.49 -9.80 37.35
CA GLY E 395 -11.30 -8.99 37.29
C GLY E 395 -10.73 -8.57 38.63
N LEU E 396 -9.44 -8.79 38.85
CA LEU E 396 -8.76 -8.39 40.07
C LEU E 396 -7.94 -7.15 39.76
N LEU E 397 -8.39 -5.99 40.24
CA LEU E 397 -7.76 -4.72 39.94
C LEU E 397 -7.07 -4.17 41.18
N TYR E 398 -5.83 -3.72 40.99
CA TYR E 398 -5.06 -3.05 42.04
C TYR E 398 -5.09 -1.55 41.75
N THR E 399 -5.95 -0.84 42.47
CA THR E 399 -6.06 0.60 42.30
C THR E 399 -5.14 1.38 43.26
N SER E 400 -4.42 0.68 44.13
CA SER E 400 -3.40 1.27 44.97
C SER E 400 -2.16 0.39 44.95
N GLY E 401 -1.00 1.02 44.90
CA GLY E 401 0.23 0.26 44.84
C GLY E 401 1.45 1.15 44.78
N SER E 402 2.56 0.56 44.32
CA SER E 402 3.83 1.29 44.22
C SER E 402 3.77 2.18 42.99
N MET E 403 3.28 3.39 43.19
CA MET E 403 3.17 4.35 42.10
C MET E 403 4.55 4.84 41.69
N PRO E 404 4.98 4.63 40.45
CA PRO E 404 6.30 5.12 40.04
C PRO E 404 6.27 6.57 39.55
N TYR E 405 5.57 7.42 40.27
CA TYR E 405 5.58 8.86 40.06
C TYR E 405 5.86 9.62 41.34
N TYR E 406 5.30 9.17 42.47
CA TYR E 406 5.65 9.70 43.78
C TYR E 406 7.03 9.22 44.24
N GLY E 407 7.59 8.21 43.60
CA GLY E 407 8.89 7.70 43.96
C GLY E 407 8.90 6.61 45.01
N THR E 408 7.74 6.17 45.48
CA THR E 408 7.65 5.16 46.53
C THR E 408 6.25 4.56 46.50
N TYR E 409 5.96 3.73 47.51
CA TYR E 409 4.60 3.26 47.77
C TYR E 409 4.08 3.95 49.02
N PRO E 410 3.16 4.89 48.90
CA PRO E 410 2.70 5.62 50.09
C PRO E 410 1.77 4.79 50.97
N GLY E 411 2.26 4.34 52.11
CA GLY E 411 1.47 3.58 53.05
C GLY E 411 2.29 2.51 53.71
N LYS E 412 1.61 1.66 54.46
CA LYS E 412 2.21 0.54 55.18
C LYS E 412 1.48 -0.75 54.81
N TYR E 413 2.11 -1.87 55.14
CA TYR E 413 1.60 -3.23 54.95
C TYR E 413 1.38 -3.44 53.44
N ASP E 414 0.28 -4.08 53.04
CA ASP E 414 0.04 -4.41 51.64
C ASP E 414 -1.22 -3.73 51.13
N PRO E 415 -1.26 -3.37 49.85
CA PRO E 415 -2.46 -2.74 49.29
C PRO E 415 -3.62 -3.73 49.18
N ASN E 416 -4.82 -3.18 49.07
CA ASN E 416 -6.04 -3.96 48.99
C ASN E 416 -6.60 -3.88 47.58
N PRO E 417 -6.71 -4.99 46.86
CA PRO E 417 -7.31 -4.97 45.53
C PRO E 417 -8.83 -5.15 45.60
N LEU E 418 -9.46 -4.97 44.45
CA LEU E 418 -10.92 -5.10 44.36
C LEU E 418 -11.30 -5.94 43.15
N LEU E 419 -12.47 -6.55 43.24
CA LEU E 419 -12.95 -7.48 42.21
C LEU E 419 -14.09 -6.85 41.43
N LEU E 420 -14.04 -6.99 40.11
CA LEU E 420 -15.09 -6.53 39.21
C LEU E 420 -15.76 -7.75 38.61
N CYS E 421 -17.07 -7.88 38.82
CA CYS E 421 -17.86 -8.99 38.31
C CYS E 421 -18.97 -8.45 37.41
N PRO E 422 -18.89 -8.65 36.09
CA PRO E 422 -19.96 -8.18 35.21
C PRO E 422 -21.18 -9.10 35.27
N HIS E 423 -22.31 -8.53 34.86
CA HIS E 423 -23.51 -9.33 34.66
C HIS E 423 -23.38 -10.15 33.37
N HIS E 424 -24.30 -11.09 33.19
CA HIS E 424 -24.27 -11.96 32.02
C HIS E 424 -24.97 -11.34 30.81
N THR E 425 -25.54 -10.14 30.95
CA THR E 425 -26.17 -9.42 29.84
C THR E 425 -25.39 -8.16 29.46
N SER E 426 -24.11 -8.08 29.83
CA SER E 426 -23.27 -6.94 29.50
C SER E 426 -22.39 -7.30 28.31
N GLU E 427 -22.42 -6.45 27.28
CA GLU E 427 -21.70 -6.72 26.03
C GLU E 427 -20.39 -5.94 26.01
N SER E 428 -19.43 -6.46 26.77
CA SER E 428 -18.07 -5.93 26.83
C SER E 428 -17.19 -6.94 27.54
N THR E 429 -15.94 -7.05 27.08
CA THR E 429 -14.98 -7.89 27.78
C THR E 429 -14.56 -7.24 29.09
N VAL E 430 -14.04 -8.06 30.01
CA VAL E 430 -13.73 -7.58 31.36
C VAL E 430 -12.53 -6.64 31.34
N ALA E 431 -11.67 -6.74 30.33
CA ALA E 431 -10.49 -5.87 30.27
C ALA E 431 -10.88 -4.44 29.95
N GLN E 432 -11.79 -4.24 28.99
CA GLN E 432 -12.25 -2.89 28.66
C GLN E 432 -12.99 -2.26 29.82
N LEU E 433 -13.84 -3.04 30.50
CA LEU E 433 -14.54 -2.53 31.68
C LEU E 433 -13.58 -2.19 32.79
N ALA E 434 -12.53 -3.01 32.98
CA ALA E 434 -11.54 -2.72 34.01
C ALA E 434 -10.77 -1.44 33.70
N GLU E 435 -10.42 -1.23 32.43
CA GLU E 435 -9.73 0.00 32.04
C GLU E 435 -10.63 1.21 32.23
N GLU E 436 -11.92 1.07 31.88
CA GLU E 436 -12.86 2.17 32.06
C GLU E 436 -13.06 2.50 33.53
N ILE E 437 -13.10 1.49 34.40
CA ILE E 437 -13.17 1.71 35.84
C ILE E 437 -11.91 2.39 36.35
N PHE E 438 -10.74 1.96 35.83
CA PHE E 438 -9.48 2.56 36.24
C PHE E 438 -9.40 4.03 35.85
N SER E 439 -9.99 4.39 34.71
CA SER E 439 -9.97 5.78 34.26
C SER E 439 -10.89 6.69 35.07
N LEU E 440 -11.76 6.13 35.91
CA LEU E 440 -12.76 6.91 36.65
C LEU E 440 -12.40 7.07 38.12
N THR E 441 -11.13 7.04 38.47
CA THR E 441 -10.70 7.12 39.86
C THR E 441 -10.30 8.54 40.27
N LYS E 442 -9.47 9.21 39.49
CA LYS E 442 -8.98 10.54 39.84
C LYS E 442 -9.93 11.63 39.34
N VAL E 443 -11.20 11.52 39.71
CA VAL E 443 -12.19 12.55 39.42
C VAL E 443 -12.68 13.23 40.69
N ASN E 444 -12.23 12.76 41.85
CA ASN E 444 -12.62 13.34 43.13
C ASN E 444 -12.11 14.77 43.25
N TRP E 445 -13.04 15.73 43.31
CA TRP E 445 -12.68 17.12 43.46
C TRP E 445 -12.45 17.53 44.91
N ASN E 446 -12.69 16.61 45.86
CA ASN E 446 -12.45 16.91 47.26
C ASN E 446 -10.96 16.87 47.60
N SER E 447 -10.19 16.04 46.91
CA SER E 447 -8.76 15.88 47.19
C SER E 447 -7.99 15.89 45.88
N THR E 448 -6.71 16.23 45.98
CA THR E 448 -5.83 16.31 44.82
C THR E 448 -4.73 15.25 44.88
N GLN E 449 -5.05 14.09 45.45
CA GLN E 449 -4.09 12.98 45.55
C GLN E 449 -4.37 11.97 44.45
N MET E 450 -3.31 11.28 44.04
CA MET E 450 -3.39 10.34 42.93
C MET E 450 -3.75 8.93 43.37
N ASN E 451 -3.42 8.55 44.61
CA ASN E 451 -3.68 7.19 45.11
C ASN E 451 -5.12 7.11 45.61
N GLN E 452 -6.04 6.96 44.67
CA GLN E 452 -7.46 6.82 44.96
C GLN E 452 -7.93 5.44 44.53
N ARG E 453 -8.76 4.81 45.37
CA ARG E 453 -9.12 3.41 45.20
C ARG E 453 -10.51 3.23 44.58
N LEU E 454 -11.46 4.08 44.91
CA LEU E 454 -12.82 3.82 44.46
C LEU E 454 -13.19 4.72 43.29
N PRO E 455 -14.04 4.24 42.38
CA PRO E 455 -14.48 5.10 41.27
C PRO E 455 -15.35 6.24 41.74
N ILE E 456 -15.38 7.31 40.92
CA ILE E 456 -16.17 8.49 41.25
C ILE E 456 -17.67 8.24 41.40
N PRO E 457 -18.35 7.38 40.60
CA PRO E 457 -19.79 7.18 40.87
C PRO E 457 -20.08 6.55 42.22
N ILE E 458 -19.22 5.64 42.68
CA ILE E 458 -19.43 5.02 43.99
C ILE E 458 -19.24 6.05 45.11
N ARG E 459 -18.20 6.87 45.00
CA ARG E 459 -17.95 7.91 45.99
C ARG E 459 -19.08 8.93 46.01
N ALA E 460 -19.59 9.31 44.84
CA ALA E 460 -20.68 10.26 44.77
C ALA E 460 -21.98 9.68 45.30
N ALA E 461 -22.21 8.38 45.11
CA ALA E 461 -23.40 7.75 45.67
C ALA E 461 -23.29 7.60 47.18
N ARG E 462 -22.08 7.39 47.70
CA ARG E 462 -21.91 7.30 49.15
C ARG E 462 -21.96 8.65 49.84
N LYS E 463 -21.52 9.72 49.15
CA LYS E 463 -21.48 11.04 49.79
C LYS E 463 -22.86 11.64 49.95
N VAL E 464 -23.80 11.30 49.06
CA VAL E 464 -25.16 11.82 49.15
C VAL E 464 -25.89 11.24 50.36
N GLY E 465 -25.63 9.98 50.69
CA GLY E 465 -26.39 9.30 51.74
C GLY E 465 -26.18 9.88 53.13
N GLU E 466 -24.94 10.28 53.44
CA GLU E 466 -24.65 10.84 54.75
C GLU E 466 -25.36 12.16 54.99
N VAL E 467 -25.67 12.90 53.93
CA VAL E 467 -26.47 14.12 54.09
C VAL E 467 -27.96 13.83 53.99
N LEU E 468 -28.35 12.82 53.22
CA LEU E 468 -29.76 12.43 53.13
C LEU E 468 -30.25 11.76 54.41
N LYS E 469 -29.34 11.31 55.27
CA LYS E 469 -29.72 10.63 56.51
C LYS E 469 -30.54 11.52 57.43
N TYR E 470 -30.25 12.82 57.47
CA TYR E 470 -30.88 13.72 58.43
C TYR E 470 -31.81 14.74 57.78
N VAL E 471 -32.20 14.52 56.51
CA VAL E 471 -33.04 15.51 55.83
C VAL E 471 -34.45 15.51 56.40
N GLY E 472 -35.05 14.34 56.56
CA GLY E 472 -36.41 14.27 57.06
C GLY E 472 -37.44 14.11 55.96
N GLU E 473 -38.69 14.33 56.36
CA GLU E 473 -39.84 14.16 55.48
C GLU E 473 -40.41 15.52 55.07
N GLY E 474 -40.72 15.66 53.79
CA GLY E 474 -41.30 16.88 53.27
C GLY E 474 -40.40 18.08 53.32
N GLU E 475 -39.13 17.92 52.95
CA GLU E 475 -38.17 19.01 52.92
C GLU E 475 -37.60 19.16 51.52
N VAL E 476 -36.79 20.19 51.33
CA VAL E 476 -36.21 20.51 50.04
C VAL E 476 -34.93 19.71 49.84
N ILE E 477 -34.85 19.02 48.70
CA ILE E 477 -33.67 18.24 48.32
C ILE E 477 -33.15 18.79 47.01
N SER E 478 -31.89 19.22 47.00
CA SER E 478 -31.28 19.81 45.83
C SER E 478 -30.43 18.78 45.09
N ALA E 479 -30.33 18.96 43.78
CA ALA E 479 -29.51 18.10 42.94
C ALA E 479 -28.10 18.65 42.74
N ASP E 480 -27.80 19.81 43.32
CA ASP E 480 -26.46 20.38 43.22
C ASP E 480 -25.48 19.56 44.04
N TYR E 481 -24.32 19.26 43.44
CA TYR E 481 -23.31 18.47 44.13
C TYR E 481 -22.54 19.28 45.16
N ARG E 482 -22.55 20.61 45.07
CA ARG E 482 -21.82 21.45 46.02
C ARG E 482 -22.41 21.37 47.42
N LYS E 483 -23.65 20.93 47.57
CA LYS E 483 -24.26 20.76 48.88
C LYS E 483 -23.85 19.46 49.55
N TYR E 484 -23.09 18.61 48.88
CA TYR E 484 -22.70 17.30 49.40
C TYR E 484 -21.20 17.08 49.48
N ILE E 485 -20.41 17.68 48.60
CA ILE E 485 -18.98 17.43 48.55
C ILE E 485 -18.28 18.02 49.77
N LYS F 3 53.40 0.20 11.14
CA LYS F 3 54.47 -0.78 11.09
C LYS F 3 54.44 -1.69 12.32
N LYS F 4 54.21 -1.07 13.49
CA LYS F 4 54.17 -1.82 14.73
C LYS F 4 53.16 -1.14 15.66
N ILE F 5 52.27 -1.94 16.24
CA ILE F 5 51.24 -1.44 17.15
C ILE F 5 51.23 -2.31 18.40
N THR F 6 51.28 -1.66 19.57
CA THR F 6 51.26 -2.39 20.83
C THR F 6 49.86 -2.90 21.14
N ALA F 7 49.79 -3.81 22.11
CA ALA F 7 48.53 -4.43 22.47
C ALA F 7 47.67 -3.57 23.38
N ASN F 8 48.21 -2.47 23.93
CA ASN F 8 47.46 -1.67 24.89
C ASN F 8 46.30 -0.93 24.23
N GLN F 9 46.55 -0.32 23.08
CA GLN F 9 45.47 0.32 22.33
C GLN F 9 44.46 -0.70 21.84
N ILE F 10 44.92 -1.91 21.52
CA ILE F 10 44.01 -2.99 21.15
C ILE F 10 43.09 -3.34 22.31
N ILE F 11 43.66 -3.44 23.51
CA ILE F 11 42.87 -3.75 24.70
C ILE F 11 41.86 -2.64 24.98
N GLY F 12 42.28 -1.38 24.84
CA GLY F 12 41.37 -0.27 25.02
C GLY F 12 40.23 -0.25 24.02
N GLU F 13 40.52 -0.54 22.76
CA GLU F 13 39.48 -0.58 21.73
C GLU F 13 38.51 -1.73 21.98
N ILE F 14 39.02 -2.89 22.39
CA ILE F 14 38.15 -4.02 22.74
C ILE F 14 37.25 -3.65 23.91
N GLY F 15 37.81 -2.99 24.93
CA GLY F 15 37.00 -2.60 26.07
C GLY F 15 35.91 -1.61 25.71
N GLU F 16 36.25 -0.63 24.87
CA GLU F 16 35.24 0.33 24.40
C GLU F 16 34.15 -0.37 23.59
N ASN F 17 34.53 -1.31 22.73
CA ASN F 17 33.54 -2.02 21.93
C ASN F 17 32.61 -2.88 22.79
N GLU F 18 33.17 -3.57 23.78
CA GLU F 18 32.34 -4.39 24.65
C GLU F 18 31.43 -3.54 25.53
N VAL F 19 31.91 -2.37 25.97
CA VAL F 19 31.05 -1.47 26.74
C VAL F 19 29.91 -0.95 25.87
N ARG F 20 30.22 -0.63 24.60
CA ARG F 20 29.18 -0.19 23.68
C ARG F 20 28.16 -1.29 23.42
N GLY F 21 28.63 -2.53 23.27
CA GLY F 21 27.71 -3.65 23.08
C GLY F 21 26.86 -3.92 24.30
N ARG F 22 27.43 -3.77 25.50
CA ARG F 22 26.67 -3.94 26.73
C ARG F 22 25.61 -2.84 26.87
N PHE F 23 25.93 -1.62 26.45
CA PHE F 23 24.92 -0.57 26.42
C PHE F 23 23.82 -0.88 25.40
N LEU F 24 24.21 -1.40 24.23
CA LEU F 24 23.24 -1.64 23.17
C LEU F 24 22.33 -2.82 23.47
N THR F 25 22.81 -3.82 24.21
CA THR F 25 21.99 -5.00 24.47
C THR F 25 20.82 -4.73 25.39
N LEU F 26 20.81 -3.58 26.08
CA LEU F 26 19.63 -3.10 26.81
C LEU F 26 18.92 -1.99 26.05
N GLY F 27 19.36 -1.68 24.84
CA GLY F 27 18.78 -0.57 24.09
C GLY F 27 19.65 0.66 24.21
N TRP F 28 19.03 1.78 24.61
CA TRP F 28 19.69 2.98 25.11
C TRP F 28 20.47 3.78 24.06
N GLN F 29 20.62 3.23 22.85
CA GLN F 29 21.20 3.93 21.69
C GLN F 29 22.56 4.56 22.01
N PHE F 30 23.54 3.71 22.30
CA PHE F 30 24.88 4.22 22.58
C PHE F 30 25.50 4.80 21.32
N ASP F 31 26.17 5.94 21.47
CA ASP F 31 26.76 6.66 20.35
C ASP F 31 28.26 6.77 20.62
N GLY F 32 29.04 6.74 19.54
CA GLY F 32 30.49 6.84 19.62
C GLY F 32 30.98 8.24 19.86
N ARG F 33 32.19 8.53 19.38
CA ARG F 33 32.81 9.83 19.55
C ARG F 33 33.81 10.04 18.43
N SER F 34 34.19 11.31 18.24
CA SER F 34 35.14 11.66 17.18
C SER F 34 36.56 11.41 17.67
N ARG F 35 37.54 11.75 16.84
CA ARG F 35 38.96 11.63 17.21
C ARG F 35 39.41 12.74 18.13
N LEU F 36 38.63 13.81 18.27
CA LEU F 36 38.97 14.96 19.09
C LEU F 36 38.41 14.87 20.50
N GLU F 37 38.31 13.67 21.06
CA GLU F 37 37.76 13.50 22.39
C GLU F 37 38.70 14.05 23.45
N ALA F 38 38.11 14.50 24.55
CA ALA F 38 38.88 14.99 25.70
C ALA F 38 37.99 14.85 26.93
N GLY F 39 38.25 13.82 27.74
CA GLY F 39 37.40 13.58 28.88
C GLY F 39 36.30 12.58 28.60
N ILE F 40 35.12 13.08 28.25
CA ILE F 40 33.97 12.23 27.99
C ILE F 40 34.24 11.32 26.80
N ASP F 41 33.99 10.02 27.00
CA ASP F 41 34.21 9.02 25.96
C ASP F 41 32.95 8.68 25.17
N GLY F 42 31.76 8.96 25.70
CA GLY F 42 30.55 8.66 24.96
C GLY F 42 29.34 9.30 25.59
N ILE F 43 28.26 9.33 24.81
CA ILE F 43 26.97 9.88 25.23
C ILE F 43 25.91 8.82 24.95
N ALA F 44 25.10 8.51 25.97
CA ALA F 44 24.10 7.45 25.87
C ALA F 44 22.72 8.03 26.09
N GLU F 45 21.78 7.65 25.23
CA GLU F 45 20.39 8.03 25.36
C GLU F 45 19.68 7.02 26.26
N VAL F 46 18.38 7.22 26.49
CA VAL F 46 17.55 6.28 27.22
C VAL F 46 16.36 5.90 26.34
N MET F 47 16.19 4.61 26.12
CA MET F 47 15.05 4.09 25.37
C MET F 47 14.13 3.29 26.29
N ASN F 48 12.88 3.16 25.86
CA ASN F 48 11.90 2.34 26.56
C ASN F 48 11.15 1.54 25.50
N GLU F 49 11.61 0.31 25.25
CA GLU F 49 11.01 -0.61 24.27
C GLU F 49 10.96 0.00 22.87
N GLY F 50 12.04 0.68 22.49
CA GLY F 50 12.14 1.29 21.18
C GLY F 50 11.73 2.75 21.12
N GLN F 51 11.18 3.30 22.19
CA GLN F 51 10.74 4.69 22.20
C GLN F 51 11.82 5.57 22.79
N PRO F 52 12.37 6.52 22.02
CA PRO F 52 13.36 7.43 22.59
C PRO F 52 12.72 8.40 23.58
N MET F 53 13.55 8.90 24.49
CA MET F 53 13.07 9.81 25.53
C MET F 53 13.95 11.06 25.70
N ALA F 54 15.01 11.20 24.90
CA ALA F 54 15.85 12.40 24.85
C ALA F 54 16.50 12.73 26.20
N ARG F 55 16.89 11.70 26.96
CA ARG F 55 17.66 11.88 28.18
C ARG F 55 19.01 11.22 27.98
N MET F 56 20.09 11.97 28.23
CA MET F 56 21.42 11.54 27.86
C MET F 56 22.36 11.60 29.05
N ILE F 57 23.31 10.67 29.08
CA ILE F 57 24.32 10.54 30.14
C ILE F 57 25.69 10.45 29.50
N ALA F 58 26.67 11.15 30.06
CA ALA F 58 28.04 11.09 29.61
C ALA F 58 28.79 9.97 30.34
N VAL F 59 29.60 9.22 29.59
CA VAL F 59 30.25 8.03 30.11
C VAL F 59 31.73 8.02 29.70
N GLN F 60 32.60 7.72 30.66
CA GLN F 60 34.02 7.51 30.44
C GLN F 60 34.34 6.04 30.69
N ILE F 61 35.13 5.44 29.79
CA ILE F 61 35.35 4.00 29.74
C ILE F 61 36.81 3.70 30.07
N LYS F 62 37.03 2.78 31.01
CA LYS F 62 38.36 2.29 31.36
C LYS F 62 38.33 0.77 31.31
N SER F 63 39.46 0.18 30.89
CA SER F 63 39.53 -1.27 30.72
C SER F 63 40.92 -1.76 31.09
N THR F 64 41.01 -3.06 31.35
CA THR F 64 42.29 -3.67 31.65
C THR F 64 42.26 -5.14 31.27
N LYS F 65 43.46 -5.70 31.10
CA LYS F 65 43.64 -7.13 30.84
C LYS F 65 44.65 -7.66 31.86
N GLU F 66 44.26 -8.68 32.61
CA GLU F 66 45.18 -9.32 33.57
C GLU F 66 45.75 -8.39 34.64
N GLY F 67 45.19 -7.19 34.78
CA GLY F 67 45.64 -6.32 35.86
C GLY F 67 44.79 -6.47 37.10
N LYS F 68 45.44 -6.56 38.25
CA LYS F 68 44.76 -6.70 39.53
C LYS F 68 44.52 -5.32 40.12
N TYR F 69 43.27 -5.04 40.51
CA TYR F 69 42.91 -3.74 41.04
C TYR F 69 43.51 -3.52 42.42
N THR F 70 43.55 -2.25 42.82
CA THR F 70 44.11 -1.89 44.12
C THR F 70 43.19 -2.38 45.24
N SER F 71 43.78 -3.08 46.21
CA SER F 71 43.07 -3.70 47.32
C SER F 71 41.92 -4.59 46.83
N GLU F 72 42.25 -5.47 45.88
CA GLU F 72 41.24 -6.34 45.28
C GLU F 72 40.78 -7.38 46.29
N SER F 73 39.49 -7.39 46.58
CA SER F 73 38.86 -8.35 47.46
C SER F 73 37.43 -8.55 47.00
N ASP F 74 36.59 -9.09 47.87
CA ASP F 74 35.19 -9.31 47.53
C ASP F 74 34.45 -7.98 47.35
N THR F 75 34.77 -6.97 48.16
CA THR F 75 33.96 -5.77 48.23
C THR F 75 34.72 -4.45 48.09
N SER F 76 36.00 -4.38 48.51
CA SER F 76 36.69 -3.10 48.70
C SER F 76 36.83 -2.29 47.40
N PHE F 77 37.63 -2.79 46.46
CA PHE F 77 37.74 -2.29 45.09
C PHE F 77 37.93 -0.76 45.03
N THR F 78 39.07 -0.32 45.57
CA THR F 78 39.37 1.10 45.58
C THR F 78 40.10 1.51 44.30
N TYR F 79 39.97 2.78 43.95
CA TYR F 79 40.58 3.32 42.75
C TYR F 79 40.84 4.81 42.94
N LEU F 80 41.89 5.31 42.27
CA LEU F 80 42.33 6.69 42.42
C LEU F 80 42.11 7.46 41.11
N LEU F 81 41.57 8.66 41.22
CA LEU F 81 41.29 9.50 40.08
C LEU F 81 42.39 10.55 39.90
N ARG F 82 42.17 11.45 38.93
CA ARG F 82 43.10 12.53 38.63
C ARG F 82 42.45 13.87 38.97
N THR F 83 43.23 14.76 39.58
CA THR F 83 42.70 16.06 40.01
C THR F 83 42.42 16.97 38.82
N GLN F 84 43.30 16.95 37.81
CA GLN F 84 43.16 17.88 36.70
C GLN F 84 42.00 17.50 35.78
N ASP F 85 41.69 16.21 35.65
CA ASP F 85 40.57 15.79 34.81
C ASP F 85 39.22 16.01 35.50
N LEU F 86 39.20 15.85 36.82
CA LEU F 86 37.94 15.97 37.57
C LEU F 86 37.24 17.28 37.28
N ALA F 87 37.99 18.38 37.32
CA ALA F 87 37.39 19.69 37.09
C ALA F 87 36.64 19.74 35.76
N TYR F 88 37.11 18.99 34.76
CA TYR F 88 36.40 18.88 33.50
C TYR F 88 35.02 18.27 33.69
N TRP F 89 34.87 17.39 34.68
CA TRP F 89 33.58 16.81 34.98
C TRP F 89 32.78 17.64 35.98
N ARG F 90 33.31 18.78 36.42
CA ARG F 90 32.63 19.56 37.43
C ARG F 90 31.65 20.57 36.83
N GLY F 91 32.09 21.35 35.85
CA GLY F 91 31.23 22.32 35.20
C GLY F 91 30.53 21.74 33.99
N SER F 92 29.74 20.70 34.19
CA SER F 92 29.08 20.00 33.10
C SER F 92 27.58 19.93 33.35
N ASN F 93 26.82 19.91 32.26
CA ASN F 93 25.36 19.77 32.37
C ASN F 93 24.98 18.33 32.67
N LEU F 94 25.39 17.40 31.80
CA LEU F 94 25.03 16.01 31.98
C LEU F 94 25.87 15.37 33.08
N PRO F 95 25.31 14.41 33.82
CA PRO F 95 26.13 13.63 34.76
C PRO F 95 27.13 12.76 34.03
N VAL F 96 28.27 12.54 34.68
CA VAL F 96 29.36 11.75 34.12
C VAL F 96 29.50 10.48 34.94
N ILE F 97 29.56 9.34 34.27
CA ILE F 97 29.77 8.05 34.92
C ILE F 97 31.08 7.46 34.42
N VAL F 98 31.62 6.53 35.21
CA VAL F 98 32.86 5.83 34.89
C VAL F 98 32.56 4.34 34.85
N VAL F 99 33.02 3.67 33.80
CA VAL F 99 32.82 2.24 33.62
C VAL F 99 34.18 1.56 33.63
N PHE F 100 34.28 0.46 34.38
CA PHE F 100 35.49 -0.35 34.47
C PHE F 100 35.22 -1.71 33.84
N TYR F 101 36.14 -2.17 32.99
CA TYR F 101 35.99 -3.45 32.30
C TYR F 101 37.25 -4.28 32.47
N ARG F 102 37.06 -5.57 32.73
CA ARG F 102 38.17 -6.52 32.76
C ARG F 102 37.85 -7.71 31.87
N GLN F 103 38.82 -8.11 31.05
CA GLN F 103 38.68 -9.23 30.13
C GLN F 103 38.90 -10.58 30.78
N SER F 104 39.66 -10.63 31.88
CA SER F 104 40.02 -11.91 32.50
C SER F 104 38.80 -12.64 33.04
N ASP F 105 37.89 -11.91 33.68
CA ASP F 105 36.66 -12.49 34.21
C ASP F 105 35.42 -11.97 33.51
N HIS F 106 35.59 -11.17 32.46
CA HIS F 106 34.50 -10.55 31.69
C HIS F 106 33.59 -9.74 32.62
N SER F 107 34.18 -8.74 33.25
CA SER F 107 33.54 -8.02 34.36
C SER F 107 33.33 -6.56 33.99
N PHE F 108 32.13 -6.05 34.25
CA PHE F 108 31.76 -4.66 34.04
C PHE F 108 31.32 -4.05 35.37
N TYR F 109 31.73 -2.80 35.62
CA TYR F 109 31.31 -2.06 36.80
C TYR F 109 31.13 -0.60 36.42
N TRP F 110 30.35 0.13 37.22
CA TRP F 110 30.12 1.54 36.94
C TRP F 110 29.96 2.32 38.25
N LYS F 111 30.29 3.62 38.18
CA LYS F 111 30.17 4.50 39.33
C LYS F 111 30.07 5.95 38.84
N GLU F 112 29.14 6.70 39.43
CA GLU F 112 28.90 8.10 39.07
C GLU F 112 29.73 9.01 39.97
N VAL F 113 30.42 9.97 39.36
CA VAL F 113 31.26 10.90 40.11
C VAL F 113 30.38 11.99 40.72
N SER F 114 30.60 12.26 42.01
CA SER F 114 29.75 13.18 42.76
C SER F 114 30.31 14.59 42.71
N ARG F 115 29.43 15.55 42.42
CA ARG F 115 29.80 16.97 42.33
C ARG F 115 28.75 17.82 43.03
N ASP F 116 28.31 17.39 44.21
CA ASP F 116 27.20 18.03 44.90
C ASP F 116 27.48 19.47 45.32
N ALA F 117 28.40 19.67 46.26
CA ALA F 117 28.74 21.02 46.71
C ALA F 117 30.23 21.27 46.89
N GLY F 118 31.05 20.25 47.12
CA GLY F 118 32.45 20.44 47.42
C GLY F 118 33.36 19.74 46.46
N PRO F 119 34.66 19.72 46.76
CA PRO F 119 35.62 19.05 45.86
C PRO F 119 35.40 17.55 45.85
N GLY F 120 35.83 16.92 44.74
CA GLY F 120 35.66 15.50 44.59
C GLY F 120 36.52 14.71 45.55
N GLU F 121 36.03 13.52 45.91
CA GLU F 121 36.74 12.67 46.87
C GLU F 121 37.99 12.05 46.27
N ARG F 122 38.02 11.89 44.94
CA ARG F 122 39.17 11.44 44.14
C ARG F 122 39.49 9.96 44.39
N ARG F 123 38.79 9.33 45.34
CA ARG F 123 39.04 7.94 45.70
C ARG F 123 37.73 7.18 45.64
N LEU F 124 37.54 6.41 44.57
CA LEU F 124 36.34 5.60 44.42
C LEU F 124 36.46 4.32 45.24
N ASN F 125 35.38 3.98 45.93
CA ASN F 125 35.33 2.82 46.82
C ASN F 125 34.23 1.87 46.39
N ILE F 126 34.19 1.56 45.08
CA ILE F 126 33.07 0.83 44.50
C ILE F 126 33.00 -0.59 45.05
N ASP F 127 31.81 -1.19 44.95
CA ASP F 127 31.58 -2.54 45.42
C ASP F 127 31.09 -3.43 44.28
N LYS F 128 31.09 -4.73 44.54
CA LYS F 128 30.71 -5.73 43.53
C LYS F 128 29.27 -6.21 43.70
N VAL F 129 28.71 -6.15 44.91
CA VAL F 129 27.33 -6.54 45.11
C VAL F 129 26.40 -5.56 44.38
N ALA F 130 26.65 -4.27 44.54
CA ALA F 130 25.96 -3.25 43.77
C ALA F 130 26.68 -3.03 42.44
N ASP F 131 26.19 -2.07 41.66
CA ASP F 131 26.73 -1.67 40.36
C ASP F 131 26.71 -2.89 39.44
N LEU F 132 27.85 -3.38 38.96
CA LEU F 132 28.05 -4.65 38.25
C LEU F 132 27.50 -4.61 36.82
N PHE F 133 26.78 -3.53 36.48
CA PHE F 133 26.45 -3.16 35.09
C PHE F 133 25.71 -4.27 34.35
N ASN F 134 24.83 -4.97 35.05
CA ASN F 134 23.94 -5.94 34.44
C ASN F 134 22.58 -5.29 34.18
N ALA F 135 21.58 -6.12 33.84
CA ALA F 135 20.23 -5.61 33.64
C ALA F 135 19.64 -5.02 34.91
N SER F 136 20.06 -5.52 36.07
CA SER F 136 19.68 -4.90 37.32
C SER F 136 20.46 -3.60 37.53
N THR F 137 20.00 -2.80 38.49
CA THR F 137 20.50 -1.45 38.74
C THR F 137 20.48 -0.59 37.47
N VAL F 138 19.45 -0.77 36.64
CA VAL F 138 19.29 0.08 35.47
C VAL F 138 18.36 1.25 35.74
N ASN F 139 17.56 1.18 36.81
CA ASN F 139 16.75 2.32 37.21
C ASN F 139 17.55 3.32 38.02
N LYS F 140 18.51 2.84 38.82
CA LYS F 140 19.36 3.74 39.59
C LYS F 140 20.39 4.43 38.70
N LEU F 141 20.72 3.82 37.56
CA LEU F 141 21.56 4.51 36.58
C LEU F 141 20.76 5.57 35.84
N ALA F 142 19.51 5.25 35.47
CA ALA F 142 18.65 6.19 34.77
C ALA F 142 18.06 7.26 35.69
N ALA F 143 18.24 7.13 37.01
CA ALA F 143 17.75 8.15 37.93
C ALA F 143 18.56 9.45 37.84
N LEU F 144 19.77 9.38 37.28
CA LEU F 144 20.60 10.58 37.12
C LEU F 144 20.33 11.27 35.79
N THR F 145 19.06 11.54 35.50
CA THR F 145 18.69 12.34 34.34
C THR F 145 17.81 13.50 34.77
N VAL F 146 16.94 13.25 35.75
CA VAL F 146 15.98 14.23 36.21
C VAL F 146 16.67 15.23 37.15
N PRO F 147 16.21 16.47 37.22
CA PRO F 147 16.79 17.42 38.18
C PRO F 147 16.36 17.08 39.60
N LYS F 148 17.03 17.74 40.55
CA LYS F 148 16.72 17.51 41.96
C LYS F 148 15.37 18.10 42.35
N THR F 149 14.96 19.18 41.67
CA THR F 149 13.65 19.77 41.96
C THR F 149 12.52 18.84 41.53
N GLY F 150 12.58 18.34 40.29
CA GLY F 150 11.69 17.30 39.82
C GLY F 150 10.21 17.64 39.79
N LEU F 151 9.86 18.84 39.35
CA LEU F 151 8.45 19.18 39.16
C LEU F 151 7.92 18.42 37.96
N GLY F 152 7.26 17.29 38.21
CA GLY F 152 6.95 16.36 37.13
C GLY F 152 8.20 15.65 36.66
N TYR F 153 8.19 15.26 35.39
CA TYR F 153 9.34 14.68 34.69
C TYR F 153 9.84 13.41 35.39
N TYR F 154 8.98 12.40 35.39
CA TYR F 154 9.33 11.09 35.92
C TYR F 154 9.94 10.21 34.84
N VAL F 155 10.51 9.09 35.26
CA VAL F 155 11.19 8.16 34.37
C VAL F 155 10.42 6.85 34.40
N PRO F 156 10.06 6.29 33.25
CA PRO F 156 9.29 5.03 33.22
C PRO F 156 10.11 3.87 33.74
N PRO F 157 9.46 2.80 34.20
CA PRO F 157 10.20 1.67 34.80
C PRO F 157 10.91 0.81 33.77
N LEU F 158 12.15 1.17 33.44
CA LEU F 158 12.98 0.38 32.54
C LEU F 158 13.21 -1.02 33.08
N GLY F 159 13.52 -1.94 32.17
CA GLY F 159 13.59 -3.35 32.52
C GLY F 159 12.27 -4.02 32.24
N GLY F 160 12.29 -5.17 31.58
CA GLY F 160 11.05 -5.78 31.13
C GLY F 160 10.80 -7.18 31.66
N GLY F 161 9.74 -7.32 32.46
CA GLY F 161 9.26 -8.63 32.85
C GLY F 161 9.89 -9.21 34.10
N GLU F 162 9.04 -9.68 35.01
CA GLU F 162 9.48 -10.45 36.16
C GLU F 162 8.31 -11.31 36.62
N ASP F 163 8.59 -12.58 36.90
CA ASP F 163 7.54 -13.53 37.25
C ASP F 163 7.23 -13.43 38.74
N ALA F 164 5.96 -13.29 39.07
CA ALA F 164 5.49 -13.29 40.44
C ALA F 164 4.60 -14.52 40.67
N LEU F 165 4.13 -14.68 41.90
CA LEU F 165 3.27 -15.80 42.26
C LEU F 165 1.98 -15.25 42.87
N ILE F 166 1.08 -16.17 43.22
CA ILE F 166 -0.24 -15.83 43.76
C ILE F 166 -0.44 -16.59 45.06
N ASN F 167 -1.41 -16.11 45.84
CA ASN F 167 -1.69 -16.65 47.18
C ASN F 167 -2.41 -18.00 47.14
N MET F 168 -2.80 -18.45 45.96
CA MET F 168 -3.71 -19.59 45.80
C MET F 168 -2.94 -20.91 45.74
N LEU F 169 -3.61 -21.99 46.13
CA LEU F 169 -3.03 -23.33 46.14
C LEU F 169 -3.98 -24.32 45.49
N PRO F 170 -3.60 -24.99 44.39
CA PRO F 170 -4.44 -26.06 43.85
C PRO F 170 -4.52 -27.25 44.80
N LEU F 171 -5.68 -27.91 44.79
CA LEU F 171 -5.93 -29.07 45.63
C LEU F 171 -6.40 -30.22 44.75
N THR F 172 -5.65 -31.32 44.76
CA THR F 172 -6.01 -32.52 43.99
C THR F 172 -6.83 -33.43 44.87
N LEU F 173 -8.10 -33.61 44.52
CA LEU F 173 -9.00 -34.40 45.34
C LEU F 173 -8.68 -35.89 45.21
N PRO F 174 -8.94 -36.68 46.27
CA PRO F 174 -8.75 -38.14 46.17
C PRO F 174 -9.79 -38.80 45.28
N ASN F 175 -9.69 -40.13 45.15
CA ASN F 175 -10.56 -40.85 44.22
C ASN F 175 -11.98 -40.95 44.77
N GLU F 176 -12.15 -41.25 46.05
CA GLU F 176 -13.45 -41.55 46.61
C GLU F 176 -13.68 -40.81 47.93
N MET F 177 -14.95 -40.63 48.27
CA MET F 177 -15.40 -40.28 49.60
C MET F 177 -16.20 -41.45 50.16
N TYR F 178 -16.80 -41.26 51.34
CA TYR F 178 -17.44 -42.38 52.03
C TYR F 178 -18.80 -41.95 52.57
N ILE F 179 -19.62 -41.40 51.67
CA ILE F 179 -21.02 -41.08 51.94
C ILE F 179 -21.75 -42.30 52.49
N ALA F 180 -22.48 -42.09 53.59
CA ALA F 180 -23.12 -43.15 54.36
C ALA F 180 -24.59 -42.84 54.60
N SER F 181 -25.19 -43.63 55.50
CA SER F 181 -26.63 -43.60 55.75
C SER F 181 -26.98 -42.57 56.82
N THR F 182 -28.24 -42.58 57.25
CA THR F 182 -28.80 -41.52 58.10
C THR F 182 -28.60 -41.87 59.57
N THR F 183 -27.71 -41.14 60.23
CA THR F 183 -27.43 -41.31 61.66
C THR F 183 -27.24 -39.94 62.30
N TYR F 184 -28.15 -39.01 61.99
CA TYR F 184 -27.98 -37.59 62.28
C TYR F 184 -27.91 -37.31 63.78
N GLU F 185 -27.18 -36.24 64.12
CA GLU F 185 -27.08 -35.70 65.47
C GLU F 185 -26.59 -34.25 65.37
N PRO F 186 -27.33 -33.29 65.95
CA PRO F 186 -26.93 -31.88 65.82
C PRO F 186 -25.60 -31.54 66.50
N ARG F 187 -25.49 -31.84 67.80
CA ARG F 187 -24.30 -31.53 68.56
C ARG F 187 -23.75 -32.70 69.38
N LYS F 188 -24.57 -33.72 69.65
CA LYS F 188 -24.12 -34.85 70.46
C LYS F 188 -23.16 -35.76 69.71
N ALA F 189 -23.08 -35.61 68.37
CA ALA F 189 -22.16 -36.42 67.58
C ALA F 189 -20.71 -36.13 67.91
N ILE F 190 -20.41 -34.93 68.40
CA ILE F 190 -19.07 -34.65 68.90
C ILE F 190 -18.92 -35.07 70.35
N ALA F 191 -20.01 -35.11 71.11
CA ALA F 191 -19.91 -35.49 72.52
C ALA F 191 -19.72 -36.99 72.69
N VAL F 192 -20.25 -37.80 71.77
CA VAL F 192 -20.10 -39.24 71.91
C VAL F 192 -18.66 -39.66 71.68
N ILE F 193 -17.96 -39.00 70.76
CA ILE F 193 -16.54 -39.29 70.56
C ILE F 193 -15.71 -38.58 71.64
N LEU F 194 -16.21 -37.45 72.16
CA LEU F 194 -15.51 -36.77 73.26
C LEU F 194 -15.46 -37.63 74.51
N ASN F 195 -16.57 -38.27 74.86
CA ASN F 195 -16.57 -39.14 76.03
C ASN F 195 -16.03 -40.54 75.75
N GLY F 196 -15.88 -40.92 74.48
CA GLY F 196 -15.33 -42.22 74.17
C GLY F 196 -13.84 -42.30 74.44
N ASP F 197 -13.37 -43.52 74.65
CA ASP F 197 -11.96 -43.76 74.93
C ASP F 197 -11.14 -44.08 73.68
N GLY F 198 -11.76 -44.06 72.50
CA GLY F 198 -11.05 -44.30 71.27
C GLY F 198 -10.33 -43.06 70.78
N PRO F 199 -9.59 -43.23 69.68
CA PRO F 199 -8.92 -42.08 69.07
C PRO F 199 -9.93 -41.05 68.57
N LYS F 200 -9.57 -39.78 68.72
CA LYS F 200 -10.47 -38.67 68.41
C LYS F 200 -10.23 -38.18 66.99
N ARG F 201 -11.32 -38.05 66.23
CA ARG F 201 -11.24 -37.61 64.85
C ARG F 201 -12.38 -36.63 64.58
N PHE F 202 -12.14 -35.72 63.64
CA PHE F 202 -13.11 -34.71 63.23
C PHE F 202 -13.25 -34.70 61.71
N ASP F 203 -13.43 -35.88 61.13
CA ASP F 203 -13.54 -36.06 59.68
C ASP F 203 -15.00 -36.13 59.22
N TRP F 204 -15.90 -35.45 59.91
CA TRP F 204 -17.32 -35.66 59.64
C TRP F 204 -18.13 -34.41 59.95
N VAL F 205 -19.32 -34.34 59.35
CA VAL F 205 -20.28 -33.28 59.59
C VAL F 205 -21.68 -33.85 59.38
N ILE F 206 -22.62 -33.40 60.23
CA ILE F 206 -24.00 -33.85 60.18
C ILE F 206 -24.81 -32.75 59.51
N ASN F 207 -25.25 -33.00 58.28
CA ASN F 207 -26.14 -32.09 57.58
C ASN F 207 -27.48 -32.75 57.26
N GLY F 208 -27.46 -33.87 56.55
CA GLY F 208 -28.69 -34.56 56.20
C GLY F 208 -28.66 -36.04 56.52
N GLY F 209 -27.96 -36.41 57.58
CA GLY F 209 -27.86 -37.81 57.94
C GLY F 209 -26.87 -38.54 57.04
N THR F 210 -25.59 -38.20 57.14
CA THR F 210 -24.54 -38.84 56.37
C THR F 210 -23.22 -38.65 57.11
N PHE F 211 -22.32 -39.63 57.01
CA PHE F 211 -21.06 -39.55 57.72
C PHE F 211 -20.18 -38.41 57.19
N TRP F 212 -20.11 -38.25 55.86
CA TRP F 212 -19.24 -37.31 55.17
C TRP F 212 -17.78 -37.47 55.60
N SER F 213 -17.23 -38.66 55.32
CA SER F 213 -15.87 -38.99 55.71
C SER F 213 -15.01 -39.30 54.49
N PHE F 214 -13.73 -38.95 54.57
CA PHE F 214 -12.76 -39.37 53.56
C PHE F 214 -12.17 -40.73 53.88
N HIS F 215 -12.38 -41.25 55.08
CA HIS F 215 -11.75 -42.47 55.54
C HIS F 215 -12.74 -43.63 55.60
N ASP F 216 -12.19 -44.83 55.72
CA ASP F 216 -13.01 -46.04 55.81
C ASP F 216 -13.70 -46.12 57.17
N PRO F 217 -15.03 -46.19 57.20
CA PRO F 217 -15.76 -46.26 58.49
C PRO F 217 -15.88 -47.69 59.01
N ARG F 218 -14.73 -48.31 59.26
CA ARG F 218 -14.70 -49.70 59.71
C ARG F 218 -14.14 -49.84 61.12
N THR F 219 -13.17 -49.02 61.48
CA THR F 219 -12.47 -49.15 62.76
C THR F 219 -12.06 -47.75 63.22
N SER F 220 -11.17 -47.71 64.22
CA SER F 220 -10.62 -46.47 64.79
C SER F 220 -11.73 -45.55 65.32
N ALA F 221 -12.74 -46.15 65.93
CA ALA F 221 -13.88 -45.44 66.55
C ALA F 221 -14.59 -44.53 65.55
N CYS F 222 -15.10 -45.13 64.47
CA CYS F 222 -15.83 -44.40 63.45
C CYS F 222 -17.17 -45.02 63.07
N SER F 223 -17.39 -46.29 63.41
CA SER F 223 -18.59 -47.00 62.98
C SER F 223 -19.53 -47.33 64.13
N GLU F 224 -19.40 -46.61 65.24
CA GLU F 224 -20.26 -46.85 66.39
C GLU F 224 -21.55 -46.06 66.29
N ILE F 225 -21.63 -45.16 65.32
CA ILE F 225 -22.81 -44.32 65.17
C ILE F 225 -23.63 -44.69 63.94
N VAL F 226 -23.00 -45.33 62.96
CA VAL F 226 -23.71 -45.66 61.72
C VAL F 226 -23.62 -47.15 61.40
N ASP F 227 -24.70 -47.70 60.85
CA ASP F 227 -24.69 -49.11 60.47
C ASP F 227 -23.60 -49.35 59.43
N ILE F 228 -22.80 -50.40 59.66
CA ILE F 228 -21.58 -50.60 58.90
C ILE F 228 -21.86 -51.15 57.51
N ASP F 229 -23.09 -51.63 57.26
CA ASP F 229 -23.39 -52.28 55.99
C ASP F 229 -23.55 -51.27 54.86
N GLN F 230 -23.81 -50.00 55.18
CA GLN F 230 -24.08 -48.98 54.18
C GLN F 230 -22.77 -48.29 53.80
N VAL F 231 -22.22 -48.67 52.64
CA VAL F 231 -21.04 -48.03 52.08
C VAL F 231 -21.37 -47.55 50.67
N GLU F 232 -20.98 -46.31 50.36
CA GLU F 232 -21.23 -45.72 49.04
C GLU F 232 -20.02 -44.91 48.62
N ALA F 233 -19.57 -45.12 47.38
CA ALA F 233 -18.48 -44.37 46.77
C ALA F 233 -18.46 -44.65 45.26
N ILE F 234 -18.58 -43.62 44.41
CA ILE F 234 -18.62 -43.92 42.98
C ILE F 234 -17.53 -43.19 42.20
N ASN F 235 -17.56 -41.85 42.11
CA ASN F 235 -16.51 -41.17 41.38
C ASN F 235 -16.08 -39.81 41.92
N THR F 236 -16.77 -39.26 42.94
CA THR F 236 -16.65 -37.85 43.34
C THR F 236 -16.79 -36.91 42.14
N LYS F 237 -17.71 -37.24 41.24
CA LYS F 237 -18.02 -36.41 40.08
C LYS F 237 -19.46 -35.93 40.13
N GLU F 238 -20.10 -36.04 41.29
CA GLU F 238 -21.52 -35.73 41.46
C GLU F 238 -21.76 -34.53 42.36
N LEU F 239 -20.81 -34.17 43.21
CA LEU F 239 -21.03 -33.21 44.28
C LEU F 239 -19.95 -32.15 44.37
N ALA F 240 -18.69 -32.51 44.15
CA ALA F 240 -17.63 -31.51 44.15
C ALA F 240 -17.61 -30.69 42.88
N LEU F 241 -18.30 -31.13 41.83
CA LEU F 241 -18.37 -30.46 40.54
C LEU F 241 -19.82 -30.26 40.13
N HIS F 242 -20.63 -29.75 41.06
CA HIS F 242 -22.08 -29.76 40.94
C HIS F 242 -22.63 -28.34 41.06
N ASP F 243 -23.77 -28.10 40.41
CA ASP F 243 -24.19 -26.74 40.08
C ASP F 243 -24.64 -25.94 41.30
N ASP F 244 -25.47 -26.53 42.16
CA ASP F 244 -26.06 -25.74 43.24
C ASP F 244 -25.02 -25.47 44.33
N ILE F 245 -25.32 -24.48 45.16
CA ILE F 245 -24.34 -23.93 46.10
C ILE F 245 -24.37 -24.57 47.48
N ASP F 246 -25.46 -25.25 47.85
CA ASP F 246 -25.51 -25.94 49.14
C ASP F 246 -24.49 -27.06 49.19
N GLU F 247 -24.38 -27.83 48.11
CA GLU F 247 -23.37 -28.88 48.03
C GLU F 247 -21.97 -28.28 48.07
N GLN F 248 -21.79 -27.12 47.42
CA GLN F 248 -20.48 -26.47 47.41
C GLN F 248 -20.05 -26.01 48.79
N ASN F 249 -20.94 -25.33 49.51
CA ASN F 249 -20.55 -24.80 50.81
C ASN F 249 -20.73 -25.80 51.95
N ARG F 250 -21.19 -27.02 51.65
CA ARG F 250 -20.99 -28.11 52.59
C ARG F 250 -19.72 -28.89 52.28
N PHE F 251 -19.32 -28.96 51.01
CA PHE F 251 -18.02 -29.53 50.66
C PHE F 251 -16.89 -28.67 51.22
N SER F 252 -17.10 -27.35 51.26
CA SER F 252 -16.13 -26.46 51.88
C SER F 252 -15.92 -26.79 53.36
N HIS F 253 -17.01 -27.04 54.08
CA HIS F 253 -16.88 -27.40 55.50
C HIS F 253 -16.25 -28.78 55.67
N LEU F 254 -16.56 -29.71 54.75
CA LEU F 254 -15.94 -31.03 54.80
C LEU F 254 -14.42 -30.91 54.63
N LEU F 255 -13.99 -30.08 53.66
CA LEU F 255 -12.57 -29.86 53.47
C LEU F 255 -11.93 -29.16 54.67
N ARG F 256 -12.66 -28.22 55.28
CA ARG F 256 -12.14 -27.53 56.46
C ARG F 256 -11.93 -28.49 57.62
N GLN F 257 -12.90 -29.39 57.85
CA GLN F 257 -12.75 -30.38 58.92
C GLN F 257 -11.62 -31.36 58.62
N THR F 258 -11.48 -31.76 57.35
CA THR F 258 -10.41 -32.67 56.97
C THR F 258 -9.04 -32.03 57.20
N LEU F 259 -8.91 -30.75 56.87
CA LEU F 259 -7.64 -30.05 57.14
C LEU F 259 -7.43 -29.85 58.64
N ARG F 260 -8.52 -29.63 59.38
CA ARG F 260 -8.40 -29.42 60.82
C ARG F 260 -7.91 -30.68 61.53
N TYR F 261 -8.36 -31.85 61.08
CA TYR F 261 -7.86 -33.08 61.68
C TYR F 261 -6.40 -33.32 61.32
N GLN F 262 -6.01 -33.02 60.08
CA GLN F 262 -4.68 -33.37 59.58
C GLN F 262 -3.64 -32.29 59.89
N THR F 263 -3.49 -31.94 61.17
CA THR F 263 -2.41 -31.08 61.62
C THR F 263 -1.45 -31.82 62.54
N ASP F 264 -1.94 -32.38 63.63
CA ASP F 264 -1.21 -33.21 64.60
C ASP F 264 -0.03 -32.50 65.27
N SER F 265 0.11 -31.19 65.06
CA SER F 265 1.10 -30.39 65.77
C SER F 265 0.47 -29.51 66.84
N ASP F 266 -0.76 -29.84 67.26
CA ASP F 266 -1.57 -29.04 68.17
C ASP F 266 -1.73 -27.61 67.66
N LEU F 267 -1.99 -27.49 66.36
CA LEU F 267 -2.33 -26.21 65.75
C LEU F 267 -3.76 -25.86 66.17
N GLY F 268 -3.86 -25.29 67.37
CA GLY F 268 -5.15 -25.00 68.00
C GLY F 268 -6.05 -24.08 67.21
N TRP F 269 -7.32 -24.43 67.13
CA TRP F 269 -8.29 -23.70 66.33
C TRP F 269 -8.97 -22.64 67.20
N ASP F 270 -8.76 -21.37 66.86
CA ASP F 270 -9.46 -20.29 67.54
C ASP F 270 -10.84 -20.10 66.91
N LYS F 271 -11.56 -19.09 67.37
CA LYS F 271 -12.89 -18.86 66.82
C LYS F 271 -13.09 -17.43 66.35
N ASP F 272 -12.44 -16.45 66.99
CA ASP F 272 -12.66 -15.06 66.62
C ASP F 272 -11.93 -14.68 65.35
N HIS F 273 -10.99 -15.50 64.88
CA HIS F 273 -10.28 -15.21 63.64
C HIS F 273 -10.16 -16.40 62.69
N LYS F 274 -10.64 -17.59 63.09
CA LYS F 274 -10.63 -18.82 62.29
C LYS F 274 -9.22 -19.15 61.80
N ALA F 275 -8.36 -19.44 62.76
CA ALA F 275 -6.96 -19.71 62.48
C ALA F 275 -6.43 -20.84 63.37
N LEU F 276 -5.34 -21.45 62.91
CA LEU F 276 -4.65 -22.49 63.66
C LEU F 276 -3.35 -21.89 64.20
N TYR F 277 -3.29 -21.67 65.52
CA TYR F 277 -2.33 -20.74 66.11
C TYR F 277 -1.15 -21.42 66.80
N PHE F 278 -0.74 -22.60 66.31
CA PHE F 278 0.44 -23.34 66.80
C PHE F 278 0.33 -23.74 68.27
N ARG F 279 1.35 -24.47 68.75
CA ARG F 279 1.52 -24.73 70.18
C ARG F 279 2.95 -25.20 70.40
N ALA F 280 3.66 -24.54 71.30
CA ALA F 280 4.97 -24.97 71.74
C ALA F 280 4.82 -26.04 72.82
N ILE F 281 5.50 -27.17 72.63
CA ILE F 281 5.48 -28.24 73.62
C ILE F 281 6.23 -27.81 74.88
N GLU F 282 7.30 -27.04 74.70
CA GLU F 282 8.17 -26.61 75.78
C GLU F 282 8.41 -25.10 75.61
N ARG F 283 8.70 -24.42 76.72
CA ARG F 283 8.46 -22.98 76.83
C ARG F 283 9.30 -22.15 75.85
N GLU F 284 10.42 -22.67 75.37
CA GLU F 284 11.31 -21.88 74.53
C GLU F 284 10.74 -21.75 73.11
N VAL F 285 11.56 -21.14 72.24
CA VAL F 285 11.22 -21.00 70.83
C VAL F 285 11.13 -22.38 70.18
N SER F 286 10.04 -22.60 69.45
CA SER F 286 9.80 -23.87 68.74
C SER F 286 10.08 -23.66 67.26
N ARG F 287 11.16 -24.26 66.76
CA ARG F 287 11.54 -24.14 65.36
C ARG F 287 10.60 -24.97 64.49
N ASN F 288 10.71 -24.77 63.19
CA ASN F 288 9.77 -25.36 62.23
C ASN F 288 10.55 -25.80 61.00
N PHE F 289 9.81 -26.01 59.91
CA PHE F 289 10.34 -26.56 58.67
C PHE F 289 11.47 -25.71 58.09
N ALA F 290 12.53 -26.38 57.65
CA ALA F 290 13.60 -25.76 56.89
C ALA F 290 13.53 -26.27 55.45
N TYR F 291 13.50 -25.35 54.50
CA TYR F 291 13.28 -25.73 53.11
C TYR F 291 14.50 -26.44 52.53
N THR F 292 15.69 -25.88 52.78
CA THR F 292 16.98 -26.42 52.32
C THR F 292 16.99 -26.62 50.80
N SER F 293 16.81 -25.50 50.08
CA SER F 293 16.78 -25.49 48.63
C SER F 293 18.11 -25.04 48.03
N SER F 294 19.22 -25.44 48.69
CA SER F 294 20.59 -25.12 48.28
C SER F 294 20.84 -23.62 48.21
N LYS F 295 20.16 -22.86 49.05
CA LYS F 295 20.40 -21.42 49.15
C LYS F 295 20.66 -20.95 50.58
N LYS F 296 19.93 -21.49 51.55
CA LYS F 296 20.10 -21.10 52.95
C LYS F 296 19.48 -22.18 53.82
N LYS F 297 19.86 -22.18 55.11
CA LYS F 297 19.27 -23.11 56.05
C LYS F 297 17.82 -22.73 56.38
N THR F 298 17.52 -21.42 56.42
CA THR F 298 16.18 -20.87 56.58
C THR F 298 15.52 -21.34 57.88
N ASP F 299 16.12 -20.89 58.98
CA ASP F 299 15.50 -21.07 60.30
C ASP F 299 14.19 -20.32 60.37
N ALA F 300 13.21 -20.92 61.04
CA ALA F 300 11.85 -20.39 61.04
C ALA F 300 11.56 -19.45 62.20
N ASN F 301 12.01 -19.81 63.40
CA ASN F 301 11.77 -19.11 64.69
C ASN F 301 10.33 -18.62 64.80
N VAL F 302 9.41 -19.59 64.82
CA VAL F 302 7.98 -19.27 64.76
C VAL F 302 7.51 -18.67 66.08
N VAL F 303 7.60 -19.44 67.15
CA VAL F 303 7.13 -19.00 68.46
C VAL F 303 8.19 -18.08 69.08
N SER F 304 7.73 -16.93 69.59
CA SER F 304 8.64 -15.97 70.21
C SER F 304 8.17 -15.70 71.62
N VAL F 305 9.13 -15.50 72.53
CA VAL F 305 8.85 -15.27 73.94
C VAL F 305 9.38 -13.89 74.30
N PHE F 306 8.54 -13.08 74.96
CA PHE F 306 8.94 -11.73 75.33
C PHE F 306 8.57 -11.46 76.78
N LYS F 307 9.55 -10.98 77.54
CA LYS F 307 9.45 -10.69 78.96
C LYS F 307 9.04 -9.23 79.17
N ASN F 308 9.01 -8.83 80.43
CA ASN F 308 8.63 -7.46 80.80
C ASN F 308 9.73 -6.48 80.41
N SER F 309 9.41 -5.19 80.53
CA SER F 309 10.30 -4.15 80.06
C SER F 309 11.55 -3.99 80.93
N LYS F 310 11.52 -4.45 82.17
CA LYS F 310 12.66 -4.25 83.06
C LYS F 310 13.16 -5.55 83.68
N ASP F 311 12.27 -6.52 83.89
CA ASP F 311 12.60 -7.76 84.58
C ASP F 311 12.30 -8.94 83.68
N GLU F 312 13.22 -9.90 83.68
CA GLU F 312 13.13 -11.08 82.82
C GLU F 312 12.41 -12.25 83.47
N THR F 313 11.87 -12.08 84.67
CA THR F 313 11.21 -13.19 85.35
C THR F 313 9.80 -13.41 84.85
N ARG F 314 8.93 -12.42 85.00
CA ARG F 314 7.55 -12.56 84.54
C ARG F 314 7.48 -12.47 83.02
N VAL F 315 6.53 -13.21 82.46
CA VAL F 315 6.35 -13.29 81.01
C VAL F 315 5.38 -12.20 80.58
N SER F 316 5.76 -11.42 79.56
CA SER F 316 4.84 -10.44 79.00
C SER F 316 3.91 -11.09 77.99
N PHE F 317 4.45 -11.64 76.90
CA PHE F 317 3.59 -12.34 75.94
C PHE F 317 4.41 -13.28 75.07
N VAL F 318 3.71 -14.27 74.51
CA VAL F 318 4.29 -15.26 73.62
C VAL F 318 3.55 -15.20 72.30
N ARG F 319 4.29 -15.03 71.21
CA ARG F 319 3.73 -14.88 69.87
C ARG F 319 3.84 -16.18 69.09
N HIS F 320 2.79 -16.47 68.32
CA HIS F 320 2.76 -17.63 67.44
C HIS F 320 2.26 -17.20 66.06
N HIS F 321 2.54 -18.03 65.06
CA HIS F 321 2.04 -17.83 63.71
C HIS F 321 0.74 -18.59 63.51
N ALA F 322 -0.05 -18.15 62.52
CA ALA F 322 -1.31 -18.78 62.20
C ALA F 322 -1.72 -18.38 60.79
N PHE F 323 -2.73 -19.06 60.26
CA PHE F 323 -3.28 -18.69 58.97
C PHE F 323 -4.74 -19.08 58.91
N SER F 324 -5.46 -18.42 58.00
CA SER F 324 -6.89 -18.64 57.80
C SER F 324 -7.13 -19.20 56.40
N PRO F 325 -7.91 -20.27 56.27
CA PRO F 325 -8.24 -20.80 54.94
C PRO F 325 -9.56 -20.27 54.39
N ARG F 326 -9.79 -20.42 53.09
CA ARG F 326 -11.03 -19.94 52.47
C ARG F 326 -11.73 -21.00 51.63
N PHE F 327 -10.96 -21.88 50.96
CA PHE F 327 -11.50 -23.00 50.16
C PHE F 327 -12.41 -22.50 49.04
N GLU F 328 -11.80 -21.78 48.09
CA GLU F 328 -12.48 -21.17 46.96
C GLU F 328 -12.36 -22.10 45.74
N LEU F 329 -13.04 -21.73 44.65
CA LEU F 329 -13.16 -22.57 43.48
C LEU F 329 -13.55 -21.74 42.26
N MET F 330 -12.94 -22.03 41.10
CA MET F 330 -13.51 -21.66 39.82
C MET F 330 -13.08 -22.69 38.78
N ALA F 331 -14.03 -23.15 37.96
CA ALA F 331 -13.79 -24.01 36.80
C ALA F 331 -13.04 -25.29 37.18
N ASP F 332 -13.68 -26.10 38.02
CA ASP F 332 -13.14 -27.31 38.62
C ASP F 332 -11.90 -26.99 39.47
N GLN F 333 -11.22 -28.01 39.98
CA GLN F 333 -9.90 -27.88 40.61
C GLN F 333 -9.95 -26.92 41.81
N TRP F 334 -10.61 -27.37 42.88
CA TRP F 334 -10.81 -26.57 44.08
C TRP F 334 -9.49 -26.03 44.63
N TYR F 335 -9.52 -24.79 45.11
CA TYR F 335 -8.34 -24.08 45.54
C TYR F 335 -8.41 -23.76 47.04
N LEU F 336 -7.25 -23.46 47.59
CA LEU F 336 -7.09 -23.01 48.97
C LEU F 336 -6.43 -21.64 48.99
N ILE F 337 -6.96 -20.74 49.82
CA ILE F 337 -6.39 -19.41 50.00
C ILE F 337 -5.87 -19.32 51.43
N ILE F 338 -4.66 -18.78 51.57
CA ILE F 338 -3.98 -18.69 52.86
C ILE F 338 -3.89 -17.22 53.26
N THR F 339 -4.42 -16.89 54.44
CA THR F 339 -4.27 -15.55 55.01
C THR F 339 -3.42 -15.63 56.26
N PRO F 340 -2.16 -15.19 56.24
CA PRO F 340 -1.32 -15.27 57.43
C PRO F 340 -1.71 -14.25 58.48
N THR F 341 -1.55 -14.65 59.74
CA THR F 341 -1.99 -13.86 60.89
C THR F 341 -1.12 -14.25 62.08
N TYR F 342 -1.00 -13.34 63.05
CA TYR F 342 -0.28 -13.60 64.29
C TYR F 342 -1.26 -13.88 65.42
N TYR F 343 -0.76 -14.56 66.45
CA TYR F 343 -1.55 -14.86 67.65
C TYR F 343 -0.71 -14.62 68.88
N TYR F 344 -1.37 -14.26 69.98
CA TYR F 344 -0.69 -13.88 71.21
C TYR F 344 -1.27 -14.65 72.38
N THR F 345 -0.39 -15.21 73.21
CA THR F 345 -0.74 -15.93 74.42
C THR F 345 0.02 -15.30 75.59
N THR F 346 -0.39 -15.64 76.82
CA THR F 346 0.24 -15.03 77.99
C THR F 346 1.07 -16.02 78.80
N ASN F 347 0.44 -17.03 79.40
CA ASN F 347 1.17 -18.13 80.03
C ASN F 347 1.21 -19.36 79.14
N GLY F 348 1.59 -19.20 77.88
CA GLY F 348 1.56 -20.32 76.97
C GLY F 348 0.15 -20.71 76.55
N TYR F 349 -0.62 -21.24 77.51
CA TYR F 349 -2.02 -21.59 77.29
C TYR F 349 -2.89 -20.52 77.94
N ALA F 350 -3.09 -19.42 77.22
CA ALA F 350 -3.93 -18.32 77.67
C ALA F 350 -4.38 -17.51 76.46
N PRO F 351 -5.68 -17.23 76.32
CA PRO F 351 -6.16 -16.56 75.10
C PRO F 351 -5.89 -15.07 75.07
N HIS F 352 -5.51 -14.45 76.19
CA HIS F 352 -5.26 -13.01 76.36
C HIS F 352 -6.51 -12.17 76.11
N GLN F 353 -6.48 -10.91 76.57
CA GLN F 353 -7.64 -10.03 76.43
C GLN F 353 -7.33 -8.60 76.02
N PHE F 354 -6.06 -8.16 76.00
CA PHE F 354 -5.66 -6.91 75.38
C PHE F 354 -4.90 -7.19 74.09
N ALA F 355 -5.31 -8.22 73.36
CA ALA F 355 -4.52 -8.72 72.23
C ALA F 355 -4.57 -7.81 71.01
N ALA F 356 -5.61 -6.99 70.87
CA ALA F 356 -5.77 -6.17 69.67
C ALA F 356 -4.66 -5.14 69.46
N PRO F 357 -4.22 -4.33 70.46
CA PRO F 357 -3.13 -3.39 70.18
C PRO F 357 -1.82 -4.04 69.75
N LEU F 358 -1.48 -5.21 70.28
CA LEU F 358 -0.28 -5.90 69.83
C LEU F 358 -0.39 -6.33 68.37
N LEU F 359 -1.56 -6.85 67.98
CA LEU F 359 -1.78 -7.25 66.60
C LEU F 359 -1.70 -6.05 65.66
N ALA F 360 -2.30 -4.93 66.06
CA ALA F 360 -2.24 -3.72 65.24
C ALA F 360 -0.81 -3.20 65.12
N GLY F 361 -0.07 -3.20 66.23
CA GLY F 361 1.29 -2.71 66.21
C GLY F 361 2.22 -3.57 65.37
N LYS F 362 2.02 -4.89 65.41
CA LYS F 362 2.84 -5.77 64.58
C LYS F 362 2.42 -5.69 63.12
N LYS F 363 1.13 -5.46 62.84
CA LYS F 363 0.69 -5.27 61.47
C LYS F 363 1.19 -3.95 60.90
N ARG F 364 1.49 -2.98 61.76
CA ARG F 364 2.14 -1.75 61.30
C ARG F 364 3.52 -2.03 60.74
N LEU F 365 4.20 -3.05 61.25
CA LEU F 365 5.48 -3.53 60.73
C LEU F 365 5.21 -4.61 59.68
N ASP F 366 6.24 -5.40 59.34
CA ASP F 366 6.12 -6.62 58.55
C ASP F 366 5.60 -6.36 57.13
N LYS F 367 6.48 -5.72 56.34
CA LYS F 367 6.22 -5.44 54.92
C LYS F 367 6.05 -6.71 54.08
N SER F 368 5.80 -6.53 52.78
CA SER F 368 5.31 -7.60 51.92
C SER F 368 6.30 -8.76 51.76
N ALA F 369 7.60 -8.50 51.98
CA ALA F 369 8.58 -9.58 51.91
C ALA F 369 8.32 -10.62 52.99
N ALA F 370 7.91 -10.16 54.18
CA ALA F 370 7.53 -11.08 55.25
C ALA F 370 6.31 -11.91 54.85
N LEU F 371 5.35 -11.29 54.15
CA LEU F 371 4.17 -12.02 53.70
C LEU F 371 4.53 -13.10 52.68
N ARG F 372 5.41 -12.77 51.74
CA ARG F 372 5.86 -13.76 50.75
C ARG F 372 6.63 -14.90 51.43
N GLY F 373 7.51 -14.57 52.37
CA GLY F 373 8.23 -15.61 53.10
C GLY F 373 7.31 -16.49 53.92
N GLN F 374 6.28 -15.89 54.51
CA GLN F 374 5.33 -16.66 55.31
C GLN F 374 4.50 -17.59 54.44
N VAL F 375 4.09 -17.13 53.26
CA VAL F 375 3.31 -18.02 52.39
C VAL F 375 4.18 -19.13 51.82
N ILE F 376 5.47 -18.85 51.58
CA ILE F 376 6.38 -19.90 51.13
C ILE F 376 6.59 -20.93 52.24
N MET F 377 6.75 -20.44 53.47
CA MET F 377 6.86 -21.32 54.64
C MET F 377 5.63 -22.18 54.83
N TRP F 378 4.44 -21.60 54.71
CA TRP F 378 3.22 -22.36 54.95
C TRP F 378 2.93 -23.31 53.81
N HIS F 379 3.42 -23.03 52.60
CA HIS F 379 3.34 -24.00 51.52
C HIS F 379 4.28 -25.17 51.77
N ARG F 380 5.52 -24.88 52.16
CA ARG F 380 6.53 -25.94 52.33
C ARG F 380 6.40 -26.70 53.64
N PHE F 381 5.59 -26.23 54.58
CA PHE F 381 5.51 -26.89 55.88
C PHE F 381 4.69 -28.17 55.82
N LEU F 382 3.52 -28.12 55.19
CA LEU F 382 2.58 -29.24 55.20
C LEU F 382 2.56 -30.02 53.89
N THR F 383 3.54 -29.81 53.02
CA THR F 383 3.68 -30.58 51.79
C THR F 383 4.69 -31.70 51.92
N GLN F 384 5.24 -31.92 53.11
CA GLN F 384 6.25 -32.95 53.33
C GLN F 384 5.68 -34.36 53.16
N GLU F 398 -2.99 -38.83 56.78
CA GLU F 398 -1.92 -39.48 56.03
C GLU F 398 -2.00 -39.09 54.56
N ALA F 399 -3.07 -39.50 53.90
CA ALA F 399 -3.31 -39.20 52.49
C ALA F 399 -4.14 -37.93 52.37
N TYR F 400 -4.69 -37.70 51.18
CA TYR F 400 -5.66 -36.66 50.84
C TYR F 400 -5.07 -35.25 50.89
N LEU F 401 -3.80 -35.13 51.25
CA LEU F 401 -3.11 -33.83 51.26
C LEU F 401 -2.32 -33.63 49.97
N MET F 402 -3.00 -33.77 48.82
CA MET F 402 -2.35 -33.64 47.53
C MET F 402 -2.35 -32.17 47.11
N PHE F 403 -1.50 -31.40 47.79
CA PHE F 403 -1.37 -29.98 47.51
C PHE F 403 -0.47 -29.76 46.29
N GLY F 404 -0.67 -28.63 45.63
CA GLY F 404 0.14 -28.24 44.49
C GLY F 404 1.11 -27.14 44.81
N GLU F 405 1.56 -26.45 43.76
CA GLU F 405 2.46 -25.33 43.88
C GLU F 405 1.69 -24.02 43.64
N PRO F 406 2.14 -22.92 44.23
CA PRO F 406 1.51 -21.61 43.94
C PRO F 406 1.70 -21.25 42.48
N PRO F 407 0.62 -20.98 41.76
CA PRO F 407 0.73 -20.63 40.33
C PRO F 407 1.51 -19.34 40.13
N SER F 408 2.26 -19.30 39.04
CA SER F 408 3.15 -18.19 38.73
C SER F 408 2.62 -17.46 37.51
N ILE F 409 2.62 -16.12 37.58
CA ILE F 409 2.17 -15.27 36.49
C ILE F 409 3.32 -14.35 36.09
N HIS F 410 3.50 -14.19 34.78
CA HIS F 410 4.59 -13.37 34.26
C HIS F 410 4.06 -11.96 34.02
N LEU F 411 4.48 -11.02 34.86
CA LEU F 411 4.11 -9.63 34.71
C LEU F 411 4.92 -9.00 33.58
N ASP F 412 4.50 -7.81 33.15
CA ASP F 412 5.13 -7.13 32.03
C ASP F 412 6.09 -6.03 32.43
N VAL F 413 5.86 -5.36 33.56
CA VAL F 413 6.67 -4.23 33.99
C VAL F 413 7.30 -4.59 35.33
N ARG F 414 8.61 -4.39 35.45
CA ARG F 414 9.31 -4.58 36.70
C ARG F 414 9.23 -3.32 37.54
N VAL F 415 8.97 -3.49 38.84
CA VAL F 415 8.90 -2.38 39.77
C VAL F 415 10.30 -1.80 39.96
N PRO F 416 10.49 -0.49 39.76
CA PRO F 416 11.83 0.09 39.88
C PRO F 416 12.32 0.17 41.31
N GLU F 417 12.64 -0.99 41.90
CA GLU F 417 13.14 -1.02 43.26
C GLU F 417 14.59 -0.57 43.38
N ASP F 418 15.32 -0.50 42.25
CA ASP F 418 16.73 -0.15 42.30
C ASP F 418 16.95 1.31 42.66
N GLY F 419 16.11 2.20 42.15
CA GLY F 419 16.29 3.63 42.40
C GLY F 419 15.91 4.09 43.79
N TRP F 420 15.23 3.24 44.57
CA TRP F 420 14.84 3.55 45.94
C TRP F 420 15.80 2.81 46.87
N VAL F 421 16.44 3.56 47.76
CA VAL F 421 17.63 3.07 48.46
C VAL F 421 17.29 1.97 49.47
N LYS F 422 16.54 2.32 50.52
CA LYS F 422 16.25 1.41 51.62
C LYS F 422 15.18 2.04 52.51
N GLU F 423 14.93 1.41 53.66
CA GLU F 423 13.99 1.87 54.69
C GLU F 423 12.57 2.00 54.13
N LYS F 424 12.02 0.87 53.73
CA LYS F 424 10.64 0.78 53.25
C LYS F 424 9.66 1.05 54.39
N THR I 2 -33.73 50.05 8.69
CA THR I 2 -34.04 49.60 7.33
C THR I 2 -32.91 48.77 6.75
N PHE I 3 -33.19 47.48 6.53
CA PHE I 3 -32.30 46.55 5.83
C PHE I 3 -30.95 46.43 6.54
N GLU I 4 -31.01 45.87 7.76
CA GLU I 4 -29.80 45.59 8.51
C GLU I 4 -28.96 44.54 7.79
N THR I 5 -27.65 44.78 7.73
CA THR I 5 -26.73 43.95 6.97
C THR I 5 -25.72 43.30 7.91
N ARG I 6 -25.11 42.22 7.43
CA ARG I 6 -24.06 41.52 8.16
C ARG I 6 -22.94 41.16 7.20
N ILE I 7 -21.75 40.97 7.75
CA ILE I 7 -20.59 40.50 7.01
C ILE I 7 -19.98 39.34 7.79
N PHE I 8 -19.93 38.16 7.17
CA PHE I 8 -19.39 36.98 7.82
C PHE I 8 -17.92 36.79 7.48
N ASP I 9 -17.19 36.19 8.41
CA ASP I 9 -15.81 35.83 8.16
C ASP I 9 -15.73 34.57 7.31
N GLU I 10 -14.58 34.38 6.67
CA GLU I 10 -14.39 33.20 5.82
C GLU I 10 -14.25 31.96 6.70
N PRO I 11 -14.97 30.88 6.40
CA PRO I 11 -14.87 29.67 7.22
C PRO I 11 -13.55 28.97 7.03
N GLU I 12 -13.18 28.18 8.03
CA GLU I 12 -11.90 27.49 8.07
C GLU I 12 -12.12 25.99 7.98
N LEU I 13 -11.34 25.33 7.12
CA LEU I 13 -11.42 23.89 6.95
C LEU I 13 -10.37 23.21 7.82
N GLU I 14 -10.66 21.98 8.23
CA GLU I 14 -9.80 21.23 9.13
C GLU I 14 -8.98 20.23 8.32
N PHE I 15 -7.66 20.35 8.42
CA PHE I 15 -6.73 19.44 7.77
C PHE I 15 -6.17 18.45 8.79
N GLY I 16 -5.19 17.66 8.38
CA GLY I 16 -4.65 16.65 9.26
C GLY I 16 -3.78 17.23 10.35
N ASP I 17 -3.59 16.43 11.41
CA ASP I 17 -2.75 16.75 12.58
C ASP I 17 -3.26 18.01 13.29
N HIS I 18 -4.58 18.09 13.44
CA HIS I 18 -5.26 19.14 14.22
C HIS I 18 -4.91 20.54 13.73
N HIS I 19 -4.79 20.69 12.42
CA HIS I 19 -4.45 21.96 11.79
C HIS I 19 -5.65 22.47 10.98
N HIS I 20 -5.87 23.77 11.03
CA HIS I 20 -6.98 24.39 10.31
C HIS I 20 -6.51 25.62 9.56
N HIS I 21 -7.08 25.83 8.38
CA HIS I 21 -6.77 26.97 7.53
C HIS I 21 -7.97 27.24 6.63
N GLN I 22 -7.86 28.27 5.79
CA GLN I 22 -8.94 28.63 4.89
C GLN I 22 -8.59 28.41 3.42
N ASP I 23 -7.38 28.01 3.11
CA ASP I 23 -6.96 27.75 1.72
C ASP I 23 -6.69 26.26 1.55
N PRO I 24 -7.44 25.56 0.69
CA PRO I 24 -7.17 24.13 0.46
C PRO I 24 -5.78 23.86 -0.10
N ARG I 25 -5.22 24.77 -0.88
CA ARG I 25 -3.88 24.55 -1.44
C ARG I 25 -2.82 24.64 -0.35
N LEU I 26 -2.87 25.68 0.47
CA LEU I 26 -1.85 25.90 1.49
C LEU I 26 -2.02 24.97 2.69
N GLY I 27 -3.27 24.65 3.05
CA GLY I 27 -3.49 23.78 4.19
C GLY I 27 -3.05 22.35 3.95
N LEU I 28 -3.09 21.90 2.70
CA LEU I 28 -2.61 20.56 2.37
C LEU I 28 -1.09 20.49 2.34
N SER I 29 -0.42 21.57 1.94
CA SER I 29 1.01 21.55 1.71
C SER I 29 1.83 21.66 2.99
N GLU I 30 1.20 21.95 4.14
CA GLU I 30 1.94 22.06 5.39
C GLU I 30 1.37 21.20 6.51
N ALA I 31 0.28 20.47 6.27
CA ALA I 31 -0.26 19.57 7.27
C ALA I 31 -0.66 18.21 6.75
N GLY I 32 -0.78 18.01 5.44
CA GLY I 32 -1.19 16.74 4.90
C GLY I 32 -2.70 16.58 4.90
N PRO I 33 -3.17 15.45 4.37
CA PRO I 33 -4.62 15.20 4.35
C PRO I 33 -5.15 14.91 5.73
N LEU I 34 -6.47 15.03 5.86
CA LEU I 34 -7.14 14.73 7.13
C LEU I 34 -7.00 13.27 7.50
N GLN I 35 -7.17 12.37 6.53
CA GLN I 35 -6.98 10.94 6.73
C GLN I 35 -5.78 10.49 5.92
N THR I 36 -4.79 9.92 6.59
CA THR I 36 -3.54 9.53 5.95
C THR I 36 -3.63 8.13 5.40
N PHE I 37 -3.12 7.95 4.19
CA PHE I 37 -3.12 6.63 3.55
C PHE I 37 -2.10 5.72 4.24
N LEU I 38 -2.54 4.49 4.54
CA LEU I 38 -1.65 3.47 5.09
C LEU I 38 -1.01 2.74 3.91
N GLY I 39 0.20 3.16 3.57
CA GLY I 39 0.89 2.65 2.40
C GLY I 39 1.53 3.76 1.61
N ASP I 40 2.43 3.41 0.69
CA ASP I 40 3.18 4.41 -0.07
C ASP I 40 2.75 4.55 -1.52
N VAL I 41 2.12 3.53 -2.10
CA VAL I 41 1.95 3.45 -3.54
C VAL I 41 0.46 3.48 -3.88
N ILE I 42 0.09 4.34 -4.82
CA ILE I 42 -1.22 4.32 -5.45
C ILE I 42 -1.02 4.00 -6.92
N LYS I 43 -1.71 2.98 -7.41
CA LYS I 43 -1.48 2.43 -8.74
C LYS I 43 -2.46 3.02 -9.74
N ILE I 44 -1.96 3.45 -10.89
CA ILE I 44 -2.74 4.12 -11.92
C ILE I 44 -2.68 3.30 -13.20
N GLY I 45 -3.84 3.09 -13.83
CA GLY I 45 -3.92 2.42 -15.11
C GLY I 45 -4.37 3.38 -16.20
N VAL I 46 -3.91 3.12 -17.42
CA VAL I 46 -4.18 4.00 -18.57
C VAL I 46 -4.85 3.18 -19.66
N VAL I 47 -5.85 3.77 -20.31
CA VAL I 47 -6.54 3.17 -21.45
C VAL I 47 -6.64 4.23 -22.53
N GLY I 48 -6.20 3.90 -23.73
CA GLY I 48 -6.38 4.85 -24.83
C GLY I 48 -5.45 4.55 -25.98
N ASN I 49 -4.90 5.61 -26.56
CA ASN I 49 -3.95 5.48 -27.66
C ASN I 49 -2.53 5.38 -27.12
N SER I 50 -1.62 4.87 -27.96
CA SER I 50 -0.23 4.69 -27.55
C SER I 50 0.45 6.02 -27.25
N LYS I 51 0.19 7.03 -28.09
CA LYS I 51 0.75 8.36 -27.86
C LYS I 51 0.22 8.95 -26.55
N THR I 52 -1.07 8.76 -26.27
CA THR I 52 -1.66 9.26 -25.03
C THR I 52 -1.09 8.55 -23.81
N ILE I 53 -0.84 7.24 -23.92
CA ILE I 53 -0.23 6.49 -22.82
C ILE I 53 1.18 7.01 -22.55
N GLU I 54 1.95 7.21 -23.62
CA GLU I 54 3.32 7.68 -23.49
C GLU I 54 3.40 9.07 -22.88
N ASP I 55 2.56 10.00 -23.36
CA ASP I 55 2.62 11.34 -22.78
C ASP I 55 1.95 11.42 -21.42
N THR I 56 1.06 10.47 -21.09
CA THR I 56 0.57 10.37 -19.72
C THR I 56 1.69 9.99 -18.76
N ARG I 57 2.51 9.01 -19.16
CA ARG I 57 3.66 8.64 -18.34
C ARG I 57 4.64 9.81 -18.21
N LYS I 58 4.89 10.51 -19.32
CA LYS I 58 5.78 11.68 -19.29
C LYS I 58 5.22 12.77 -18.38
N PHE I 59 3.91 13.02 -18.46
CA PHE I 59 3.27 14.04 -17.62
C PHE I 59 3.37 13.67 -16.15
N ILE I 60 3.17 12.39 -15.82
CA ILE I 60 3.26 11.96 -14.42
C ILE I 60 4.67 12.17 -13.89
N GLU I 61 5.68 11.78 -14.68
CA GLU I 61 7.07 11.96 -14.24
C GLU I 61 7.43 13.45 -14.11
N THR I 62 7.02 14.27 -15.07
CA THR I 62 7.34 15.69 -15.05
C THR I 62 6.65 16.40 -13.88
N VAL I 63 5.39 16.06 -13.61
CA VAL I 63 4.67 16.63 -12.47
C VAL I 63 5.32 16.21 -11.17
N SER I 64 5.72 14.93 -11.07
CA SER I 64 6.34 14.44 -9.84
C SER I 64 7.68 15.14 -9.58
N SER I 65 8.43 15.43 -10.64
CA SER I 65 9.76 16.02 -10.45
C SER I 65 9.76 17.42 -9.83
N GLY I 66 9.36 18.44 -10.59
CA GLY I 66 9.66 19.80 -10.17
C GLY I 66 8.76 20.98 -10.54
N VAL I 67 7.49 20.74 -10.91
CA VAL I 67 6.71 21.79 -11.58
C VAL I 67 6.42 22.97 -10.64
N GLU I 68 6.17 24.13 -11.24
CA GLU I 68 6.17 25.41 -10.52
C GLU I 68 4.99 26.25 -11.01
N GLY I 69 4.67 27.29 -10.25
CA GLY I 69 3.52 28.15 -10.51
C GLY I 69 3.61 29.05 -11.73
N LYS I 70 2.87 30.16 -11.73
CA LYS I 70 2.68 30.96 -12.93
C LYS I 70 3.33 32.35 -12.87
N GLY I 71 2.97 33.16 -11.88
CA GLY I 71 3.38 34.55 -11.89
C GLY I 71 3.70 35.07 -10.50
N GLU I 72 4.44 36.17 -10.48
CA GLU I 72 4.81 36.82 -9.22
C GLU I 72 3.70 37.70 -8.66
N LYS I 73 2.71 38.06 -9.46
CA LYS I 73 1.56 38.78 -8.96
C LYS I 73 0.55 37.81 -8.35
N HIS I 74 -0.07 38.24 -7.25
CA HIS I 74 -0.99 37.45 -6.43
C HIS I 74 -0.35 36.12 -6.03
N PRO I 75 0.62 36.14 -5.11
CA PRO I 75 1.29 34.88 -4.74
C PRO I 75 0.39 33.90 -4.01
N ASN I 76 -0.68 34.37 -3.38
CA ASN I 76 -1.62 33.50 -2.70
C ASN I 76 -2.67 32.89 -3.62
N MET I 77 -2.69 33.27 -4.90
CA MET I 77 -3.69 32.79 -5.84
C MET I 77 -3.13 31.81 -6.86
N HIS I 78 -1.85 31.93 -7.22
CA HIS I 78 -1.17 30.97 -8.10
C HIS I 78 0.01 30.37 -7.37
N PRO I 79 -0.23 29.42 -6.47
CA PRO I 79 0.86 28.83 -5.70
C PRO I 79 1.60 27.78 -6.53
N PRO I 80 2.87 27.53 -6.22
CA PRO I 80 3.59 26.44 -6.89
C PRO I 80 3.20 25.08 -6.34
N PHE I 81 3.32 24.07 -7.20
CA PHE I 81 3.03 22.70 -6.80
C PHE I 81 4.28 22.09 -6.18
N PRO I 82 4.20 21.58 -4.95
CA PRO I 82 5.42 21.08 -4.28
C PRO I 82 6.01 19.83 -4.92
N GLY I 83 5.24 19.09 -5.70
CA GLY I 83 5.72 17.86 -6.29
C GLY I 83 5.45 16.66 -5.40
N LEU I 84 5.55 15.48 -6.01
CA LEU I 84 5.26 14.22 -5.34
C LEU I 84 6.48 13.60 -4.69
N GLY I 85 7.46 14.41 -4.29
CA GLY I 85 8.68 13.89 -3.70
C GLY I 85 8.61 13.69 -2.20
N ASN I 86 9.62 14.19 -1.48
CA ASN I 86 9.67 14.01 -0.04
C ASN I 86 8.62 14.85 0.67
N GLN I 87 8.38 16.07 0.19
CA GLN I 87 7.46 17.01 0.82
C GLN I 87 6.14 17.10 0.07
N SER I 88 5.64 15.97 -0.42
CA SER I 88 4.38 15.96 -1.14
C SER I 88 3.23 16.30 -0.20
N PRO I 89 2.20 17.02 -0.68
CA PRO I 89 1.05 17.34 0.19
C PRO I 89 0.23 16.12 0.58
N TYR I 90 0.36 15.00 -0.12
CA TYR I 90 -0.45 13.82 0.17
C TYR I 90 0.30 12.77 0.97
N ARG I 91 1.62 12.94 1.15
CA ARG I 91 2.48 12.00 1.90
C ARG I 91 2.40 10.58 1.33
N CYS I 92 2.32 10.48 0.01
CA CYS I 92 2.24 9.19 -0.67
C CYS I 92 2.79 9.37 -2.07
N ARG I 93 2.88 8.25 -2.80
CA ARG I 93 3.49 8.22 -4.12
C ARG I 93 2.53 7.59 -5.12
N PHE I 94 2.66 8.01 -6.37
CA PHE I 94 1.83 7.51 -7.47
C PHE I 94 2.70 6.75 -8.45
N GLU I 95 2.29 5.54 -8.79
CA GLU I 95 3.04 4.71 -9.73
C GLU I 95 2.09 4.10 -10.76
N ILE I 96 2.65 3.79 -11.92
CA ILE I 96 1.94 3.13 -13.01
C ILE I 96 2.62 1.80 -13.29
N GLU I 97 1.83 0.72 -13.27
CA GLU I 97 2.35 -0.60 -13.57
C GLU I 97 2.23 -0.90 -15.06
N ASP I 98 3.19 -1.68 -15.57
CA ASP I 98 3.25 -1.96 -17.00
C ASP I 98 2.14 -2.89 -17.47
N GLY I 99 1.51 -3.63 -16.56
CA GLY I 99 0.48 -4.57 -16.93
C GLY I 99 -0.93 -4.02 -16.96
N ALA I 100 -1.15 -2.83 -16.41
CA ALA I 100 -2.48 -2.22 -16.34
C ALA I 100 -2.68 -1.14 -17.40
N THR I 101 -2.12 -1.35 -18.59
CA THR I 101 -2.18 -0.37 -19.67
C THR I 101 -2.82 -1.01 -20.88
N ALA I 102 -3.85 -0.36 -21.43
CA ALA I 102 -4.59 -0.88 -22.56
C ALA I 102 -4.57 0.11 -23.71
N ALA I 103 -4.32 -0.41 -24.91
CA ALA I 103 -4.21 0.39 -26.12
C ALA I 103 -5.32 0.03 -27.09
N LEU I 104 -6.00 1.04 -27.60
CA LEU I 104 -7.02 0.86 -28.63
C LEU I 104 -6.37 0.85 -29.99
N THR I 105 -6.69 -0.15 -30.80
CA THR I 105 -6.05 -0.32 -32.09
C THR I 105 -6.48 0.77 -33.06
N LYS I 106 -5.54 1.14 -33.95
CA LYS I 106 -5.83 2.13 -34.98
C LYS I 106 -6.80 1.60 -36.03
N SER I 107 -6.95 0.29 -36.14
CA SER I 107 -7.85 -0.31 -37.11
C SER I 107 -9.30 -0.34 -36.64
N LYS I 108 -9.62 0.32 -35.53
CA LYS I 108 -10.99 0.42 -35.05
C LYS I 108 -11.49 1.86 -34.93
N LEU I 109 -10.60 2.82 -34.69
CA LEU I 109 -11.02 4.22 -34.63
C LEU I 109 -11.54 4.69 -35.99
N ASP I 110 -10.99 4.15 -37.08
CA ASP I 110 -11.53 4.46 -38.39
C ASP I 110 -12.90 3.84 -38.58
N LYS I 111 -13.15 2.68 -37.97
CA LYS I 111 -14.48 2.08 -38.00
C LYS I 111 -15.47 2.94 -37.22
N ILE I 112 -15.04 3.50 -36.10
CA ILE I 112 -15.89 4.44 -35.36
C ILE I 112 -16.18 5.68 -36.20
N GLY I 113 -15.16 6.22 -36.86
CA GLY I 113 -15.29 7.49 -37.55
C GLY I 113 -16.06 7.44 -38.84
N LYS I 114 -16.19 6.27 -39.46
CA LYS I 114 -16.82 6.15 -40.76
C LYS I 114 -18.32 5.86 -40.68
N GLU I 115 -18.87 5.65 -39.49
CA GLU I 115 -20.28 5.32 -39.37
C GLU I 115 -21.13 6.58 -39.53
N PRO I 116 -22.16 6.55 -40.37
CA PRO I 116 -23.02 7.74 -40.56
C PRO I 116 -24.14 7.89 -39.54
N ASP I 117 -24.13 7.16 -38.43
CA ASP I 117 -25.13 7.28 -37.39
C ASP I 117 -24.50 7.86 -36.14
N HIS I 118 -25.28 8.62 -35.38
CA HIS I 118 -24.73 9.34 -34.23
C HIS I 118 -24.71 8.46 -32.98
N TYR I 119 -25.76 7.69 -32.74
CA TYR I 119 -25.87 6.90 -31.52
C TYR I 119 -24.94 5.68 -31.53
N ARG I 120 -24.86 4.99 -32.67
CA ARG I 120 -24.17 3.70 -32.73
C ARG I 120 -22.68 3.85 -32.50
N ALA I 121 -22.06 4.90 -33.04
CA ALA I 121 -20.62 5.08 -32.88
C ALA I 121 -20.25 5.32 -31.42
N VAL I 122 -21.03 6.16 -30.73
CA VAL I 122 -20.81 6.40 -29.31
C VAL I 122 -21.01 5.10 -28.53
N GLU I 123 -22.04 4.33 -28.88
CA GLU I 123 -22.31 3.08 -28.19
C GLU I 123 -21.16 2.09 -28.33
N MET I 124 -20.62 1.94 -29.55
CA MET I 124 -19.57 0.95 -29.72
C MET I 124 -18.22 1.42 -29.18
N ALA I 125 -17.95 2.73 -29.19
CA ALA I 125 -16.75 3.24 -28.53
C ALA I 125 -16.81 3.00 -27.03
N VAL I 126 -17.98 3.24 -26.42
CA VAL I 126 -18.18 2.94 -25.01
C VAL I 126 -18.03 1.44 -24.77
N ASP I 127 -18.54 0.61 -25.68
CA ASP I 127 -18.41 -0.84 -25.55
C ASP I 127 -16.96 -1.27 -25.56
N GLU I 128 -16.15 -0.70 -26.46
CA GLU I 128 -14.73 -1.05 -26.53
C GLU I 128 -13.99 -0.64 -25.25
N ILE I 129 -14.25 0.59 -24.76
CA ILE I 129 -13.56 1.08 -23.57
C ILE I 129 -13.94 0.23 -22.35
N ILE I 130 -15.24 -0.05 -22.19
CA ILE I 130 -15.70 -0.86 -21.06
C ILE I 130 -15.20 -2.29 -21.17
N GLY I 131 -15.08 -2.83 -22.39
CA GLY I 131 -14.53 -4.16 -22.55
C GLY I 131 -13.08 -4.26 -22.12
N GLU I 132 -12.26 -3.29 -22.53
CA GLU I 132 -10.87 -3.28 -22.08
C GLU I 132 -10.76 -3.10 -20.57
N LEU I 133 -11.59 -2.21 -20.00
CA LEU I 133 -11.54 -2.00 -18.55
C LEU I 133 -11.98 -3.23 -17.78
N GLN I 134 -13.02 -3.92 -18.26
CA GLN I 134 -13.48 -5.14 -17.59
C GLN I 134 -12.44 -6.25 -17.70
N ALA I 135 -11.78 -6.37 -18.85
CA ALA I 135 -10.71 -7.35 -19.00
C ALA I 135 -9.55 -7.05 -18.06
N MET I 136 -9.22 -5.78 -17.87
CA MET I 136 -8.18 -5.42 -16.91
C MET I 136 -8.61 -5.72 -15.48
N ASP I 137 -9.88 -5.46 -15.15
CA ASP I 137 -10.35 -5.65 -13.79
C ASP I 137 -10.43 -7.13 -13.41
N ASP I 138 -10.81 -7.99 -14.37
CA ASP I 138 -10.97 -9.41 -14.07
C ASP I 138 -9.64 -10.13 -13.84
N GLY I 139 -8.51 -9.51 -14.16
CA GLY I 139 -7.21 -10.14 -14.04
C GLY I 139 -6.55 -9.92 -12.69
N GLY I 140 -5.22 -10.00 -12.69
CA GLY I 140 -4.45 -9.85 -11.47
C GLY I 140 -3.55 -8.64 -11.48
N SER I 141 -3.79 -7.71 -12.40
CA SER I 141 -3.08 -6.45 -12.49
C SER I 141 -4.02 -5.29 -12.21
N ARG I 142 -4.81 -5.43 -11.16
CA ARG I 142 -5.87 -4.48 -10.86
C ARG I 142 -5.30 -3.15 -10.39
N PRO I 143 -5.68 -2.02 -11.00
CA PRO I 143 -5.23 -0.72 -10.49
C PRO I 143 -6.16 -0.16 -9.44
N ASP I 144 -5.87 1.03 -8.93
CA ASP I 144 -6.76 1.71 -8.00
C ASP I 144 -7.61 2.79 -8.66
N VAL I 145 -7.12 3.40 -9.74
CA VAL I 145 -7.88 4.39 -10.50
C VAL I 145 -7.38 4.35 -11.94
N ALA I 146 -8.31 4.31 -12.88
CA ALA I 146 -7.98 4.27 -14.30
C ALA I 146 -8.10 5.65 -14.91
N ILE I 147 -7.24 5.93 -15.89
CA ILE I 147 -7.24 7.19 -16.63
C ILE I 147 -7.62 6.89 -18.07
N ILE I 148 -8.75 7.43 -18.51
CA ILE I 148 -9.21 7.29 -19.89
C ILE I 148 -8.73 8.54 -20.63
N ALA I 149 -7.67 8.41 -21.41
CA ALA I 149 -7.14 9.52 -22.20
C ALA I 149 -7.77 9.47 -23.58
N LEU I 150 -8.51 10.52 -23.93
CA LEU I 150 -9.26 10.54 -25.18
C LEU I 150 -8.41 11.11 -26.30
N PRO I 151 -8.13 10.36 -27.36
CA PRO I 151 -7.40 10.92 -28.50
C PRO I 151 -8.25 11.88 -29.31
N VAL I 152 -7.58 12.71 -30.11
CA VAL I 152 -8.26 13.75 -30.87
C VAL I 152 -9.10 13.15 -31.99
N LYS I 153 -8.68 12.02 -32.57
CA LYS I 153 -9.41 11.43 -33.67
C LYS I 153 -10.76 10.89 -33.22
N LEU I 154 -10.79 10.24 -32.05
CA LEU I 154 -12.06 9.80 -31.47
C LEU I 154 -12.88 10.99 -30.97
N LEU I 155 -12.19 12.03 -30.46
CA LEU I 155 -12.87 13.21 -29.94
C LEU I 155 -13.63 13.95 -31.04
N GLU I 156 -13.05 14.03 -32.24
CA GLU I 156 -13.72 14.71 -33.35
C GLU I 156 -15.00 14.00 -33.74
N ARG I 157 -14.98 12.66 -33.76
CA ARG I 157 -16.17 11.92 -34.15
C ARG I 157 -17.23 11.91 -33.05
N VAL I 158 -16.81 11.83 -31.79
CA VAL I 158 -17.76 11.61 -30.70
C VAL I 158 -18.30 12.93 -30.15
N TRP I 159 -17.43 13.90 -29.88
CA TRP I 159 -17.88 15.16 -29.31
C TRP I 159 -18.62 16.01 -30.32
N ASN I 160 -18.15 16.00 -31.58
CA ASN I 160 -18.79 16.78 -32.64
C ASN I 160 -19.69 15.89 -33.48
N PRO I 180 -26.19 12.59 -28.22
CA PRO I 180 -25.97 11.79 -27.00
C PRO I 180 -24.67 12.15 -26.29
N ASN I 181 -24.76 12.44 -25.00
CA ASN I 181 -23.58 12.79 -24.22
C ASN I 181 -22.69 11.56 -24.03
N PHE I 182 -21.37 11.79 -24.09
CA PHE I 182 -20.40 10.70 -24.03
C PHE I 182 -19.95 10.40 -22.60
N ARG I 183 -19.73 11.45 -21.79
CA ARG I 183 -19.28 11.24 -20.41
C ARG I 183 -20.32 10.49 -19.59
N GLY I 184 -21.59 10.88 -19.72
CA GLY I 184 -22.64 10.20 -19.00
C GLY I 184 -22.81 8.75 -19.41
N MET I 185 -22.76 8.49 -20.72
CA MET I 185 -22.91 7.13 -21.21
C MET I 185 -21.72 6.26 -20.83
N LEU I 186 -20.51 6.84 -20.75
CA LEU I 186 -19.36 6.05 -20.32
C LEU I 186 -19.41 5.77 -18.82
N LYS I 187 -19.74 6.77 -18.01
CA LYS I 187 -19.77 6.56 -16.57
C LYS I 187 -20.99 5.76 -16.13
N ALA I 188 -22.02 5.63 -16.97
CA ALA I 188 -23.16 4.80 -16.60
C ALA I 188 -22.84 3.32 -16.74
N LYS I 189 -22.01 2.95 -17.72
CA LYS I 189 -21.65 1.56 -17.94
C LYS I 189 -20.44 1.12 -17.13
N ALA I 190 -19.70 2.06 -16.53
CA ALA I 190 -18.54 1.74 -15.70
C ALA I 190 -18.88 1.72 -14.22
N MET I 191 -20.12 1.37 -13.87
CA MET I 191 -20.56 1.36 -12.49
C MET I 191 -20.28 0.03 -11.80
N GLY I 192 -20.15 -1.04 -12.55
CA GLY I 192 -19.88 -2.35 -11.97
C GLY I 192 -18.44 -2.64 -11.67
N LEU I 193 -17.52 -1.78 -12.10
CA LEU I 193 -16.11 -2.00 -11.85
C LEU I 193 -15.78 -1.70 -10.39
N SER I 194 -14.60 -2.16 -9.97
CA SER I 194 -14.14 -2.00 -8.59
C SER I 194 -13.29 -0.75 -8.39
N PHE I 195 -13.07 0.05 -9.43
CA PHE I 195 -12.27 1.25 -9.33
C PHE I 195 -12.93 2.38 -10.11
N PRO I 196 -12.81 3.62 -9.64
CA PRO I 196 -13.32 4.75 -10.41
C PRO I 196 -12.40 5.10 -11.58
N ILE I 197 -12.95 5.84 -12.52
CA ILE I 197 -12.22 6.26 -13.72
C ILE I 197 -12.13 7.79 -13.74
N GLN I 198 -11.20 8.29 -14.55
CA GLN I 198 -11.00 9.72 -14.71
C GLN I 198 -10.75 10.02 -16.18
N ILE I 199 -11.58 10.87 -16.78
CA ILE I 199 -11.49 11.20 -18.19
C ILE I 199 -10.55 12.39 -18.36
N VAL I 200 -9.56 12.23 -19.23
CA VAL I 200 -8.60 13.30 -19.53
C VAL I 200 -8.50 13.45 -21.04
N TRP I 201 -8.65 14.67 -21.52
CA TRP I 201 -8.45 14.95 -22.95
C TRP I 201 -6.97 15.05 -23.27
N GLU I 202 -6.66 15.09 -24.57
CA GLU I 202 -5.28 15.14 -25.01
C GLU I 202 -4.61 16.49 -24.72
N ASP I 203 -5.41 17.53 -24.44
CA ASP I 203 -4.85 18.85 -24.24
C ASP I 203 -4.15 18.96 -22.89
N VAL I 204 -4.66 18.28 -21.87
CA VAL I 204 -4.17 18.48 -20.50
C VAL I 204 -2.82 17.80 -20.32
N ILE I 205 -2.74 16.50 -20.65
CA ILE I 205 -1.53 15.73 -20.37
C ILE I 205 -0.40 16.16 -21.30
N ASP I 206 -0.70 16.41 -22.57
CA ASP I 206 0.31 16.74 -23.57
C ASP I 206 0.02 18.12 -24.14
N ASP I 207 1.04 18.98 -24.17
CA ASP I 207 0.91 20.32 -24.70
C ASP I 207 1.12 20.29 -26.22
N LYS I 208 1.25 21.49 -26.81
CA LYS I 208 1.46 21.73 -28.24
C LYS I 208 0.34 21.18 -29.12
N VAL I 209 -0.78 20.77 -28.55
CA VAL I 209 -1.93 20.26 -29.29
C VAL I 209 -3.15 21.03 -28.84
N THR I 210 -3.96 21.50 -29.79
CA THR I 210 -5.19 22.21 -29.49
C THR I 210 -6.36 21.52 -30.19
N ILE I 211 -7.47 21.42 -29.47
CA ILE I 211 -8.69 20.78 -29.98
C ILE I 211 -9.55 21.85 -30.62
N PRO I 212 -10.00 21.67 -31.87
CA PRO I 212 -10.97 22.61 -32.44
C PRO I 212 -12.29 22.54 -31.69
N GLN I 213 -12.98 23.68 -31.65
CA GLN I 213 -14.20 23.80 -30.86
C GLN I 213 -15.38 23.12 -31.57
N LYS I 214 -16.57 23.34 -31.02
CA LYS I 214 -17.84 22.92 -31.59
C LYS I 214 -18.25 23.91 -32.69
N VAL I 215 -19.56 24.00 -32.97
CA VAL I 215 -20.18 24.68 -34.11
C VAL I 215 -19.54 26.04 -34.44
N LYS I 216 -19.08 26.77 -33.43
CA LYS I 216 -18.23 27.94 -33.69
C LYS I 216 -16.86 27.41 -34.06
N GLU I 217 -16.67 27.14 -35.35
CA GLU I 217 -15.50 26.43 -35.82
C GLU I 217 -14.30 27.37 -35.93
N SER I 218 -13.10 26.77 -35.95
CA SER I 218 -11.82 27.47 -36.13
C SER I 218 -11.61 28.52 -35.04
N SER I 219 -11.91 28.16 -33.80
CA SER I 219 -11.68 29.07 -32.67
C SER I 219 -10.96 28.35 -31.54
N SER I 220 -11.13 27.02 -31.48
CA SER I 220 -10.51 26.15 -30.48
C SER I 220 -10.87 26.52 -29.05
N ARG I 221 -10.25 25.87 -28.07
CA ARG I 221 -10.55 26.11 -26.67
C ARG I 221 -9.26 26.43 -25.91
N LYS I 222 -9.43 27.12 -24.79
CA LYS I 222 -8.32 27.52 -23.93
C LYS I 222 -8.49 26.91 -22.55
N ILE I 223 -7.37 26.59 -21.92
CA ILE I 223 -7.34 25.93 -20.63
C ILE I 223 -6.44 26.74 -19.68
N GLN I 224 -6.26 26.22 -18.48
CA GLN I 224 -5.44 26.86 -17.46
C GLN I 224 -3.96 26.64 -17.76
N ASP I 225 -3.10 27.08 -16.84
CA ASP I 225 -1.66 26.89 -16.98
C ASP I 225 -1.30 25.49 -16.45
N ILE I 226 0.01 25.24 -16.31
CA ILE I 226 0.46 23.92 -15.90
C ILE I 226 0.27 23.66 -14.41
N ALA I 227 0.10 24.72 -13.60
CA ALA I 227 0.10 24.58 -12.15
C ALA I 227 -1.28 24.60 -11.52
N GLY I 228 -2.35 24.70 -12.32
CA GLY I 228 -3.69 24.60 -11.76
C GLY I 228 -4.31 23.27 -12.05
N ARG I 229 -4.13 22.81 -13.30
CA ARG I 229 -4.54 21.47 -13.69
C ARG I 229 -3.85 20.42 -12.85
N THR I 230 -2.57 20.67 -12.51
CA THR I 230 -1.82 19.74 -11.69
C THR I 230 -2.44 19.59 -10.30
N TRP I 231 -2.75 20.73 -9.65
CA TRP I 231 -3.38 20.70 -8.33
C TRP I 231 -4.73 19.98 -8.36
N ASN I 232 -5.58 20.37 -9.31
CA ASN I 232 -6.93 19.81 -9.36
C ASN I 232 -6.90 18.31 -9.68
N LEU I 233 -6.12 17.93 -10.69
CA LEU I 233 -6.05 16.53 -11.10
C LEU I 233 -5.40 15.67 -10.03
N MET I 234 -4.36 16.17 -9.36
CA MET I 234 -3.71 15.37 -8.33
C MET I 234 -4.61 15.19 -7.11
N THR I 235 -5.35 16.23 -6.72
CA THR I 235 -6.29 16.08 -5.61
C THR I 235 -7.40 15.10 -5.95
N SER I 236 -7.94 15.19 -7.17
CA SER I 236 -8.99 14.26 -7.59
C SER I 236 -8.46 12.83 -7.66
N LEU I 237 -7.23 12.66 -8.17
CA LEU I 237 -6.65 11.32 -8.28
C LEU I 237 -6.40 10.72 -6.90
N TYR I 238 -5.92 11.54 -5.95
CA TYR I 238 -5.70 11.03 -4.60
C TYR I 238 -7.02 10.61 -3.96
N TYR I 239 -8.05 11.43 -4.10
CA TYR I 239 -9.35 11.09 -3.50
C TYR I 239 -9.96 9.85 -4.14
N LYS I 240 -9.81 9.71 -5.46
CA LYS I 240 -10.39 8.56 -6.15
C LYS I 240 -9.60 7.28 -5.89
N GLY I 241 -8.28 7.37 -5.71
CA GLY I 241 -7.46 6.20 -5.52
C GLY I 241 -7.40 5.71 -4.09
N SER I 242 -7.09 6.61 -3.16
CA SER I 242 -6.94 6.19 -1.77
C SER I 242 -8.29 5.87 -1.13
N GLY I 243 -9.29 6.70 -1.38
CA GLY I 243 -10.58 6.57 -0.75
C GLY I 243 -10.78 7.46 0.45
N ARG I 244 -9.68 7.97 1.02
CA ARG I 244 -9.74 8.90 2.14
C ARG I 244 -10.05 10.31 1.64
N ILE I 245 -10.51 11.16 2.54
CA ILE I 245 -10.94 12.51 2.21
C ILE I 245 -9.83 13.49 2.58
N PRO I 246 -9.51 14.47 1.73
CA PRO I 246 -8.42 15.40 2.04
C PRO I 246 -8.74 16.37 3.18
N TRP I 247 -9.88 17.05 3.12
CA TRP I 247 -10.23 18.07 4.10
C TRP I 247 -11.70 17.98 4.44
N ARG I 248 -12.08 18.66 5.52
CA ARG I 248 -13.47 18.71 5.95
C ARG I 248 -13.71 20.03 6.66
N ARG I 249 -14.99 20.40 6.76
CA ARG I 249 -15.37 21.64 7.42
C ARG I 249 -15.22 21.50 8.93
N MET I 250 -14.59 22.48 9.56
CA MET I 250 -14.37 22.44 11.00
C MET I 250 -15.66 22.62 11.77
N PRO I 251 -16.01 21.70 12.67
CA PRO I 251 -17.19 21.92 13.51
C PRO I 251 -16.93 22.99 14.57
N LEU I 252 -18.01 23.62 15.01
CA LEU I 252 -17.92 24.60 16.09
C LEU I 252 -18.01 23.86 17.43
N GLU I 253 -18.07 24.61 18.52
CA GLU I 253 -18.17 24.04 19.86
C GLU I 253 -19.56 24.31 20.41
N GLY I 254 -20.28 23.24 20.73
CA GLY I 254 -21.60 23.36 21.31
C GLY I 254 -22.77 23.15 20.37
N GLU I 255 -22.53 22.80 19.11
CA GLU I 255 -23.62 22.60 18.17
C GLU I 255 -24.32 21.27 18.44
N PHE I 256 -25.50 21.12 17.84
CA PHE I 256 -26.23 19.87 17.87
C PHE I 256 -25.84 19.01 16.67
N SER I 257 -26.02 17.70 16.81
CA SER I 257 -25.76 16.79 15.71
C SER I 257 -26.79 16.99 14.60
N ALA I 258 -26.32 17.01 13.35
CA ALA I 258 -27.16 17.35 12.22
C ALA I 258 -26.82 16.48 11.02
N CYS I 259 -27.80 16.36 10.11
CA CYS I 259 -27.65 15.65 8.85
C CYS I 259 -28.19 16.50 7.72
N TYR I 260 -27.51 16.49 6.58
CA TYR I 260 -27.84 17.35 5.45
C TYR I 260 -28.35 16.52 4.27
N VAL I 261 -29.42 17.02 3.64
CA VAL I 261 -30.02 16.39 2.47
C VAL I 261 -30.10 17.45 1.37
N GLY I 262 -29.88 17.04 0.14
CA GLY I 262 -29.98 17.93 -1.01
C GLY I 262 -30.79 17.30 -2.12
N ILE I 263 -31.69 18.09 -2.69
CA ILE I 263 -32.66 17.61 -3.68
C ILE I 263 -32.58 18.48 -4.92
N SER I 264 -32.51 17.83 -6.09
CA SER I 264 -32.49 18.51 -7.38
C SER I 264 -33.47 17.80 -8.32
N PHE I 265 -33.62 18.35 -9.53
CA PHE I 265 -34.49 17.77 -10.54
C PHE I 265 -33.73 17.72 -11.86
N TYR I 266 -34.13 16.79 -12.73
CA TYR I 266 -33.47 16.63 -14.01
C TYR I 266 -34.43 16.02 -15.03
N ARG I 267 -34.29 16.45 -16.28
CA ARG I 267 -35.17 16.02 -17.36
C ARG I 267 -34.82 14.60 -17.79
N GLU I 268 -35.58 14.07 -18.74
CA GLU I 268 -35.33 12.74 -19.26
C GLU I 268 -34.12 12.76 -20.21
N ALA I 269 -33.79 11.59 -20.76
CA ALA I 269 -32.64 11.49 -21.65
C ALA I 269 -32.93 12.16 -22.98
N ASP I 270 -34.09 11.89 -23.57
CA ASP I 270 -34.44 12.47 -24.86
C ASP I 270 -35.84 13.07 -24.86
N GLY I 271 -36.71 12.56 -24.00
CA GLY I 271 -38.09 12.98 -23.95
C GLY I 271 -38.32 14.16 -23.03
N GLN I 272 -39.57 14.36 -22.65
CA GLN I 272 -39.98 15.45 -21.77
C GLN I 272 -40.66 14.87 -20.55
N GLN I 273 -39.85 14.50 -19.56
CA GLN I 273 -40.31 14.09 -18.24
C GLN I 273 -39.36 14.72 -17.22
N LEU I 274 -39.66 14.56 -15.93
CA LEU I 274 -38.80 15.15 -14.91
C LEU I 274 -38.70 14.20 -13.73
N PHE I 275 -37.48 13.74 -13.44
CA PHE I 275 -37.20 12.97 -12.25
C PHE I 275 -36.50 13.85 -11.21
N THR I 276 -36.45 13.34 -9.99
CA THR I 276 -35.77 14.03 -8.90
C THR I 276 -34.57 13.22 -8.44
N SER I 277 -33.59 13.92 -7.88
CA SER I 277 -32.36 13.31 -7.40
C SER I 277 -32.05 13.86 -6.03
N ALA I 278 -31.35 13.05 -5.22
CA ALA I 278 -31.07 13.43 -3.84
C ALA I 278 -29.68 12.95 -3.44
N ALA I 279 -29.10 13.64 -2.48
CA ALA I 279 -27.82 13.28 -1.89
C ALA I 279 -27.87 13.52 -0.39
N GLN I 280 -27.11 12.73 0.36
CA GLN I 280 -27.12 12.79 1.81
C GLN I 280 -25.71 12.95 2.34
N MET I 281 -25.61 13.56 3.52
CA MET I 281 -24.33 14.01 4.03
C MET I 281 -24.41 14.10 5.56
N PHE I 282 -23.38 13.63 6.24
CA PHE I 282 -23.28 13.87 7.68
C PHE I 282 -21.83 13.72 8.13
N ASP I 283 -21.63 13.73 9.45
CA ASP I 283 -20.32 13.76 10.08
C ASP I 283 -20.04 12.44 10.76
N GLU I 284 -18.78 12.02 10.72
CA GLU I 284 -18.39 10.74 11.29
C GLU I 284 -18.22 10.83 12.80
N ARG I 285 -18.06 9.66 13.43
CA ARG I 285 -17.88 9.61 14.88
C ARG I 285 -16.50 10.12 15.28
N GLY I 286 -15.48 9.82 14.49
CA GLY I 286 -14.14 10.29 14.78
C GLY I 286 -13.80 11.54 14.00
N ARG I 287 -12.80 11.43 13.12
CA ARG I 287 -12.39 12.54 12.25
C ARG I 287 -12.67 12.12 10.81
N GLY I 288 -13.89 12.39 10.34
CA GLY I 288 -14.25 11.99 9.00
C GLY I 288 -15.53 12.68 8.55
N PHE I 289 -15.97 12.31 7.36
CA PHE I 289 -17.14 12.89 6.73
C PHE I 289 -17.80 11.82 5.88
N VAL I 290 -19.12 11.92 5.70
CA VAL I 290 -19.87 10.95 4.92
C VAL I 290 -20.69 11.71 3.90
N LEU I 291 -20.50 11.37 2.61
CA LEU I 291 -21.19 12.02 1.50
C LEU I 291 -21.60 10.93 0.53
N LYS I 292 -22.89 10.63 0.44
CA LYS I 292 -23.37 9.55 -0.41
C LYS I 292 -24.54 10.03 -1.26
N GLY I 293 -24.89 9.20 -2.24
CA GLY I 293 -26.14 9.34 -2.95
C GLY I 293 -27.15 8.33 -2.42
N ARG I 294 -27.87 7.66 -3.32
CA ARG I 294 -28.79 6.60 -2.93
C ARG I 294 -28.51 5.33 -3.72
N ARG I 295 -29.37 4.32 -3.58
CA ARG I 295 -29.23 3.05 -4.27
C ARG I 295 -30.45 2.70 -5.10
N ALA I 296 -31.28 3.67 -5.43
CA ALA I 296 -32.48 3.42 -6.21
C ALA I 296 -32.87 4.67 -7.00
N ARG I 297 -33.64 4.45 -8.06
CA ARG I 297 -34.18 5.53 -8.87
C ARG I 297 -35.56 5.91 -8.34
N THR I 298 -35.95 7.17 -8.57
CA THR I 298 -37.12 7.75 -7.92
C THR I 298 -38.31 7.85 -8.88
N GLU I 299 -38.22 7.19 -10.05
CA GLU I 299 -39.29 7.12 -11.04
C GLU I 299 -39.76 8.48 -11.54
N SER I 300 -40.90 8.49 -12.26
CA SER I 300 -41.41 9.70 -12.89
C SER I 300 -42.82 9.99 -12.40
N ARG I 301 -43.18 11.27 -12.43
CA ARG I 301 -44.52 11.69 -12.03
C ARG I 301 -45.11 12.75 -12.94
N GLY I 302 -44.45 13.13 -14.03
CA GLY I 302 -44.97 14.15 -14.91
C GLY I 302 -43.87 15.06 -15.42
N ARG I 303 -44.23 16.32 -15.73
CA ARG I 303 -43.27 17.30 -16.21
C ARG I 303 -43.21 18.54 -15.32
N HIS I 304 -43.52 18.40 -14.03
CA HIS I 304 -43.30 19.51 -13.14
C HIS I 304 -42.10 19.26 -12.24
N PRO I 305 -41.29 20.29 -11.95
CA PRO I 305 -40.10 20.08 -11.08
C PRO I 305 -40.47 20.11 -9.60
N TYR I 306 -41.29 19.15 -9.19
CA TYR I 306 -41.84 19.13 -7.84
C TYR I 306 -42.03 17.69 -7.40
N MET I 307 -41.73 17.41 -6.14
CA MET I 307 -41.89 16.06 -5.61
C MET I 307 -43.35 15.83 -5.20
N ALA I 308 -43.61 14.66 -4.64
CA ALA I 308 -44.93 14.28 -4.15
C ALA I 308 -44.85 13.98 -2.65
N ARG I 309 -45.99 13.60 -2.08
CA ARG I 309 -46.04 13.26 -0.66
C ARG I 309 -45.52 11.86 -0.37
N GLU I 310 -45.32 11.04 -1.40
CA GLU I 310 -44.78 9.69 -1.21
C GLU I 310 -43.29 9.62 -1.48
N ASP I 311 -42.77 10.42 -2.41
CA ASP I 311 -41.35 10.42 -2.69
C ASP I 311 -40.55 11.29 -1.73
N ALA I 312 -41.21 12.15 -0.95
CA ALA I 312 -40.52 12.98 0.02
C ALA I 312 -40.29 12.26 1.35
N LYS I 313 -41.15 11.31 1.69
CA LYS I 313 -40.98 10.58 2.94
C LYS I 313 -39.82 9.60 2.89
N LYS I 314 -39.69 8.88 1.77
CA LYS I 314 -38.72 7.79 1.67
C LYS I 314 -37.29 8.30 1.76
N ILE I 315 -37.03 9.49 1.21
CA ILE I 315 -35.70 10.09 1.31
C ILE I 315 -35.37 10.39 2.77
N ILE I 316 -36.35 10.89 3.51
CA ILE I 316 -36.14 11.19 4.94
C ILE I 316 -35.91 9.91 5.73
N GLU I 317 -36.66 8.85 5.41
CA GLU I 317 -36.45 7.57 6.07
C GLU I 317 -35.06 7.00 5.80
N ASP I 318 -34.60 7.10 4.55
CA ASP I 318 -33.25 6.62 4.23
C ASP I 318 -32.18 7.44 4.93
N VAL I 319 -32.35 8.77 4.97
CA VAL I 319 -31.38 9.64 5.62
C VAL I 319 -31.30 9.34 7.11
N LEU I 320 -32.45 9.15 7.76
CA LEU I 320 -32.45 8.85 9.19
C LEU I 320 -31.95 7.44 9.47
N ALA I 321 -32.17 6.49 8.54
CA ALA I 321 -31.69 5.14 8.76
C ALA I 321 -30.18 5.02 8.55
N ALA I 322 -29.61 5.87 7.70
CA ALA I 322 -28.16 5.85 7.49
C ALA I 322 -27.39 6.37 8.70
N TYR I 323 -27.97 7.29 9.47
CA TYR I 323 -27.26 7.89 10.60
C TYR I 323 -27.19 6.93 11.78
N LYS I 324 -28.27 6.19 12.04
CA LYS I 324 -28.32 5.26 13.16
C LYS I 324 -27.42 4.05 12.97
N LEU I 325 -27.07 3.72 11.73
CA LEU I 325 -26.15 2.62 11.48
C LEU I 325 -24.73 2.97 11.87
N HIS I 326 -24.41 4.26 11.98
CA HIS I 326 -23.06 4.70 12.31
C HIS I 326 -22.95 5.24 13.73
N HIS I 327 -23.83 6.15 14.14
CA HIS I 327 -23.72 6.77 15.45
C HIS I 327 -24.57 6.09 16.51
N LYS I 328 -25.29 5.01 16.16
CA LYS I 328 -26.12 4.20 17.05
C LYS I 328 -27.26 5.00 17.70
N THR I 329 -27.56 6.20 17.20
CA THR I 329 -28.65 7.01 17.71
C THR I 329 -29.08 8.00 16.64
N LEU I 330 -30.30 8.49 16.78
CA LEU I 330 -30.85 9.42 15.81
C LEU I 330 -30.18 10.79 15.94
N PRO I 331 -30.16 11.58 14.88
CA PRO I 331 -29.64 12.95 14.99
C PRO I 331 -30.67 13.90 15.59
N ALA I 332 -30.18 15.05 16.03
CA ALA I 332 -31.00 16.06 16.67
C ALA I 332 -31.40 17.18 15.73
N ARG I 333 -31.02 17.10 14.45
CA ARG I 333 -31.29 18.20 13.52
C ARG I 333 -31.22 17.65 12.10
N VAL I 334 -32.15 18.10 11.26
CA VAL I 334 -32.20 17.73 9.85
C VAL I 334 -32.25 18.99 9.02
N PHE I 335 -31.39 19.08 8.00
CA PHE I 335 -31.23 20.28 7.18
C PHE I 335 -31.47 19.89 5.73
N ILE I 336 -32.45 20.53 5.10
CA ILE I 336 -32.90 20.18 3.74
C ILE I 336 -32.73 21.40 2.84
N LEU I 337 -32.11 21.19 1.68
CA LEU I 337 -31.88 22.25 0.70
C LEU I 337 -32.50 21.86 -0.64
N LYS I 338 -33.12 22.82 -1.30
CA LYS I 338 -33.86 22.55 -2.53
C LYS I 338 -33.86 23.81 -3.40
N THR I 339 -34.09 23.60 -4.70
CA THR I 339 -34.09 24.70 -5.67
C THR I 339 -35.47 25.12 -6.16
N SER I 340 -36.52 24.35 -5.87
CA SER I 340 -37.80 24.59 -6.52
C SER I 340 -38.94 24.65 -5.52
N ARG I 341 -38.73 25.38 -4.42
CA ARG I 341 -39.76 25.80 -3.47
C ARG I 341 -40.42 24.64 -2.70
N PHE I 342 -41.08 24.97 -1.60
CA PHE I 342 -41.82 23.99 -0.79
C PHE I 342 -43.25 24.51 -0.67
N LYS I 343 -44.10 24.21 -1.66
CA LYS I 343 -45.44 24.78 -1.57
C LYS I 343 -46.30 24.27 -0.41
N ASP I 344 -46.80 23.04 -0.48
CA ASP I 344 -47.63 22.51 0.59
C ASP I 344 -47.44 21.02 0.88
N GLU I 345 -46.99 20.22 -0.08
CA GLU I 345 -47.07 18.76 0.03
C GLU I 345 -45.75 18.13 0.42
N GLU I 346 -44.66 18.55 -0.21
CA GLU I 346 -43.34 18.04 0.15
C GLU I 346 -42.99 18.41 1.58
N ALA I 347 -43.33 19.63 1.98
CA ALA I 347 -43.14 20.04 3.37
C ALA I 347 -44.00 19.21 4.32
N ASP I 348 -45.24 18.91 3.91
CA ASP I 348 -46.11 18.07 4.73
C ASP I 348 -45.52 16.69 4.94
N GLY I 349 -45.02 16.07 3.87
CA GLY I 349 -44.42 14.75 3.99
C GLY I 349 -43.16 14.76 4.83
N ILE I 350 -42.30 15.76 4.63
CA ILE I 350 -41.06 15.86 5.40
C ILE I 350 -41.35 16.06 6.87
N ILE I 351 -42.29 16.96 7.19
CA ILE I 351 -42.66 17.21 8.58
C ILE I 351 -43.29 15.98 9.20
N ALA I 352 -44.14 15.27 8.45
CA ALA I 352 -44.78 14.07 8.96
C ALA I 352 -43.76 13.00 9.31
N ALA I 353 -42.80 12.74 8.41
CA ALA I 353 -41.76 11.76 8.70
C ALA I 353 -40.89 12.20 9.88
N LEU I 354 -40.56 13.50 9.94
CA LEU I 354 -39.64 13.99 10.97
C LEU I 354 -40.27 13.92 12.35
N ASP I 355 -41.53 14.33 12.49
CA ASP I 355 -42.18 14.20 13.79
C ASP I 355 -42.59 12.76 14.08
N GLU I 356 -42.67 11.91 13.04
CA GLU I 356 -42.96 10.51 13.30
C GLU I 356 -41.76 9.79 13.90
N ALA I 357 -40.54 10.09 13.44
CA ALA I 357 -39.43 9.27 13.89
C ALA I 357 -38.89 9.68 15.26
N GLY I 358 -38.14 10.77 15.33
CA GLY I 358 -37.69 11.24 16.64
C GLY I 358 -37.34 12.71 16.79
N THR I 359 -37.43 13.49 15.72
CA THR I 359 -36.62 14.69 15.61
C THR I 359 -37.39 15.95 16.00
N GLU I 360 -36.74 16.81 16.80
CA GLU I 360 -37.32 18.05 17.30
C GLU I 360 -36.99 19.27 16.45
N LEU I 361 -35.76 19.37 15.95
CA LEU I 361 -35.32 20.55 15.21
C LEU I 361 -35.33 20.27 13.71
N ARG I 362 -35.79 21.24 12.93
CA ARG I 362 -35.95 21.06 11.50
C ARG I 362 -35.67 22.38 10.78
N ASP I 363 -35.31 22.27 9.51
CA ASP I 363 -35.06 23.44 8.67
C ASP I 363 -35.37 23.09 7.23
N LEU I 364 -36.09 23.97 6.54
CA LEU I 364 -36.44 23.80 5.14
C LEU I 364 -36.18 25.12 4.42
N VAL I 365 -35.24 25.11 3.49
CA VAL I 365 -34.76 26.32 2.83
C VAL I 365 -34.82 26.13 1.32
N TRP I 366 -35.37 27.12 0.61
CA TRP I 366 -35.37 27.15 -0.84
C TRP I 366 -34.37 28.21 -1.30
N VAL I 367 -33.42 27.80 -2.15
CA VAL I 367 -32.42 28.71 -2.70
C VAL I 367 -32.80 28.99 -4.15
N GLN I 368 -32.59 30.23 -4.57
CA GLN I 368 -32.82 30.57 -5.98
C GLN I 368 -31.75 31.52 -6.48
N GLU I 369 -31.18 31.20 -7.63
CA GLU I 369 -30.31 32.10 -8.38
C GLU I 369 -31.06 32.73 -9.54
N SER I 370 -32.12 33.46 -9.21
CA SER I 370 -32.93 34.11 -10.23
C SER I 370 -33.41 35.50 -9.85
N TYR I 371 -32.99 36.03 -8.70
CA TYR I 371 -33.41 37.35 -8.29
C TYR I 371 -32.71 38.42 -9.12
N THR I 372 -33.35 39.59 -9.22
CA THR I 372 -32.85 40.66 -10.06
C THR I 372 -32.20 41.80 -9.28
N ALA I 373 -32.47 41.92 -7.99
CA ALA I 373 -31.89 42.99 -7.19
C ALA I 373 -30.41 42.73 -6.92
N ARG I 374 -29.63 43.80 -6.88
CA ARG I 374 -28.21 43.73 -6.57
C ARG I 374 -27.91 44.77 -5.49
N ILE I 375 -26.63 44.90 -5.15
CA ILE I 375 -26.15 45.93 -4.22
C ILE I 375 -25.04 46.70 -4.92
N LEU I 376 -25.21 48.01 -5.01
CA LEU I 376 -24.27 48.87 -5.72
C LEU I 376 -23.53 49.75 -4.71
N ARG I 377 -22.21 49.74 -4.78
CA ARG I 377 -21.37 50.49 -3.85
C ARG I 377 -20.39 51.35 -4.64
N ASP I 378 -19.88 52.37 -3.96
CA ASP I 378 -18.89 53.26 -4.57
C ASP I 378 -17.56 52.54 -4.74
N GLY I 379 -16.75 53.05 -5.67
CA GLY I 379 -15.48 52.45 -5.98
C GLY I 379 -15.50 51.69 -7.29
N ASN I 380 -14.56 50.75 -7.40
CA ASN I 380 -14.40 49.95 -8.61
C ASN I 380 -14.74 48.48 -8.39
N TYR I 381 -14.14 47.84 -7.39
CA TYR I 381 -14.36 46.44 -7.13
C TYR I 381 -15.73 46.20 -6.50
N PRO I 382 -16.35 45.04 -6.75
CA PRO I 382 -17.68 44.78 -6.16
C PRO I 382 -17.65 44.52 -4.67
N VAL I 383 -18.80 44.13 -4.12
CA VAL I 383 -18.91 43.94 -2.67
C VAL I 383 -18.13 42.70 -2.24
N LEU I 384 -17.87 42.64 -0.94
CA LEU I 384 -17.06 41.56 -0.37
C LEU I 384 -17.83 40.24 -0.39
N ARG I 385 -17.08 39.14 -0.40
CA ARG I 385 -17.66 37.82 -0.28
C ARG I 385 -18.15 37.61 1.14
N GLY I 386 -19.40 37.15 1.28
CA GLY I 386 -20.00 36.93 2.57
C GLY I 386 -20.93 38.01 3.06
N THR I 387 -21.17 39.04 2.26
CA THR I 387 -22.13 40.07 2.66
C THR I 387 -23.55 39.52 2.61
N PHE I 388 -24.33 39.85 3.63
CA PHE I 388 -25.68 39.33 3.81
C PHE I 388 -26.62 40.48 4.08
N VAL I 389 -27.75 40.50 3.36
CA VAL I 389 -28.75 41.55 3.50
C VAL I 389 -30.10 40.89 3.78
N ASP I 390 -30.80 41.38 4.80
CA ASP I 390 -32.04 40.79 5.26
C ASP I 390 -33.21 41.59 4.68
N LEU I 391 -33.99 40.95 3.81
CA LEU I 391 -35.23 41.53 3.29
C LEU I 391 -36.38 40.75 3.93
N HIS I 392 -36.82 41.23 5.09
CA HIS I 392 -37.87 40.61 5.90
C HIS I 392 -37.54 39.17 6.27
N GLY I 393 -38.17 38.21 5.60
CA GLY I 393 -37.93 36.81 5.88
C GLY I 393 -36.97 36.17 4.90
N LYS I 394 -36.57 36.92 3.88
CA LYS I 394 -35.69 36.42 2.84
C LYS I 394 -34.28 36.96 3.03
N GLY I 395 -33.30 36.19 2.56
CA GLY I 395 -31.92 36.60 2.68
C GLY I 395 -31.18 36.71 1.36
N LEU I 396 -30.59 37.87 1.09
CA LEU I 396 -29.74 38.07 -0.08
C LEU I 396 -28.30 37.82 0.36
N LEU I 397 -27.71 36.73 -0.13
CA LEU I 397 -26.38 36.32 0.28
C LEU I 397 -25.45 36.34 -0.92
N TYR I 398 -24.28 36.94 -0.75
CA TYR I 398 -23.28 37.08 -1.80
C TYR I 398 -22.14 36.11 -1.52
N THR I 399 -22.27 34.89 -2.04
CA THR I 399 -21.19 33.91 -1.94
C THR I 399 -20.27 33.98 -3.15
N SER I 400 -19.86 35.20 -3.48
CA SER I 400 -19.02 35.51 -4.64
C SER I 400 -18.62 36.98 -4.59
N GLY I 401 -17.45 37.33 -5.10
CA GLY I 401 -17.03 38.71 -5.14
C GLY I 401 -15.57 38.85 -4.78
N SER I 402 -15.22 40.04 -4.31
CA SER I 402 -13.83 40.33 -3.95
C SER I 402 -13.43 39.57 -2.68
N MET I 403 -12.16 39.18 -2.64
CA MET I 403 -11.60 38.45 -1.50
C MET I 403 -10.30 39.10 -1.09
N PRO I 404 -10.13 39.46 0.19
CA PRO I 404 -8.82 40.01 0.62
C PRO I 404 -7.68 39.01 0.52
N TYR I 405 -7.96 37.71 0.67
CA TYR I 405 -6.88 36.72 0.64
C TYR I 405 -6.30 36.57 -0.76
N TYR I 406 -7.16 36.48 -1.77
CA TYR I 406 -6.67 36.38 -3.15
C TYR I 406 -6.06 37.70 -3.62
N GLY I 407 -6.65 38.82 -3.21
CA GLY I 407 -6.14 40.13 -3.55
C GLY I 407 -6.84 40.83 -4.69
N THR I 408 -7.91 40.24 -5.23
CA THR I 408 -8.63 40.83 -6.36
C THR I 408 -10.04 40.22 -6.39
N TYR I 409 -10.78 40.53 -7.45
CA TYR I 409 -12.08 39.91 -7.68
C TYR I 409 -11.95 38.97 -8.87
N PRO I 410 -12.10 37.66 -8.67
CA PRO I 410 -11.98 36.70 -9.79
C PRO I 410 -13.27 36.56 -10.59
N GLY I 411 -13.50 37.52 -11.48
CA GLY I 411 -14.68 37.51 -12.32
C GLY I 411 -14.59 38.59 -13.37
N LYS I 412 -15.67 38.71 -14.15
CA LYS I 412 -15.72 39.69 -15.24
C LYS I 412 -16.76 40.77 -15.01
N TYR I 413 -18.03 40.42 -14.81
CA TYR I 413 -19.07 41.44 -14.80
C TYR I 413 -19.39 41.90 -13.38
N ASP I 414 -19.94 40.99 -12.57
CA ASP I 414 -20.51 41.31 -11.26
C ASP I 414 -20.93 40.00 -10.58
N PRO I 415 -20.90 39.93 -9.25
CA PRO I 415 -21.39 38.73 -8.59
C PRO I 415 -22.89 38.54 -8.76
N ASN I 416 -23.31 37.28 -8.79
CA ASN I 416 -24.72 36.93 -8.83
C ASN I 416 -25.13 36.42 -7.45
N PRO I 417 -25.98 37.14 -6.73
CA PRO I 417 -26.32 36.71 -5.37
C PRO I 417 -27.35 35.59 -5.36
N LEU I 418 -27.45 34.96 -4.20
CA LEU I 418 -28.44 33.92 -3.94
C LEU I 418 -29.56 34.49 -3.07
N LEU I 419 -30.79 34.10 -3.39
CA LEU I 419 -31.94 34.46 -2.56
C LEU I 419 -32.36 33.23 -1.78
N LEU I 420 -32.44 33.38 -0.46
CA LEU I 420 -32.74 32.30 0.47
C LEU I 420 -34.11 32.54 1.06
N CYS I 421 -35.02 31.59 0.85
CA CYS I 421 -36.38 31.67 1.40
C CYS I 421 -36.63 30.46 2.28
N PRO I 422 -36.60 30.60 3.60
CA PRO I 422 -36.97 29.48 4.47
C PRO I 422 -38.47 29.26 4.47
N HIS I 423 -38.85 28.00 4.70
CA HIS I 423 -40.27 27.68 4.84
C HIS I 423 -40.81 28.24 6.16
N HIS I 424 -42.12 28.35 6.24
CA HIS I 424 -42.76 28.90 7.43
C HIS I 424 -42.74 27.95 8.61
N THR I 425 -42.31 26.71 8.42
CA THR I 425 -42.08 25.77 9.52
C THR I 425 -40.58 25.57 9.63
N SER I 426 -39.93 26.45 10.37
CA SER I 426 -38.48 26.38 10.58
C SER I 426 -38.16 27.00 11.94
N GLU I 427 -37.01 26.62 12.48
CA GLU I 427 -36.61 27.05 13.82
C GLU I 427 -35.57 28.16 13.80
N SER I 428 -34.48 27.98 13.06
CA SER I 428 -33.39 28.94 13.09
C SER I 428 -33.78 30.22 12.34
N THR I 429 -33.17 31.33 12.76
CA THR I 429 -33.34 32.59 12.05
C THR I 429 -32.53 32.56 10.75
N VAL I 430 -32.80 33.53 9.88
CA VAL I 430 -32.22 33.50 8.54
C VAL I 430 -30.73 33.81 8.56
N ALA I 431 -30.24 34.49 9.60
CA ALA I 431 -28.81 34.80 9.66
C ALA I 431 -27.99 33.56 9.98
N GLN I 432 -28.47 32.72 10.90
CA GLN I 432 -27.76 31.48 11.21
C GLN I 432 -27.80 30.51 10.02
N LEU I 433 -28.93 30.47 9.31
CA LEU I 433 -29.03 29.64 8.12
C LEU I 433 -28.08 30.14 7.03
N ALA I 434 -27.99 31.47 6.88
CA ALA I 434 -27.05 32.04 5.91
C ALA I 434 -25.61 31.71 6.26
N GLU I 435 -25.27 31.77 7.55
CA GLU I 435 -23.92 31.41 7.99
C GLU I 435 -23.63 29.93 7.74
N GLU I 436 -24.60 29.06 8.02
CA GLU I 436 -24.43 27.63 7.80
C GLU I 436 -24.23 27.31 6.32
N ILE I 437 -25.02 27.94 5.46
CA ILE I 437 -24.91 27.68 4.03
C ILE I 437 -23.62 28.28 3.46
N PHE I 438 -23.21 29.44 3.98
CA PHE I 438 -21.93 30.02 3.60
C PHE I 438 -20.76 29.14 4.04
N SER I 439 -20.92 28.40 5.14
CA SER I 439 -19.84 27.52 5.58
C SER I 439 -19.67 26.31 4.67
N LEU I 440 -20.75 25.84 4.05
CA LEU I 440 -20.72 24.62 3.25
C LEU I 440 -20.46 24.90 1.78
N THR I 441 -19.40 25.63 1.46
CA THR I 441 -19.09 25.96 0.08
C THR I 441 -17.76 25.41 -0.41
N LYS I 442 -16.78 25.24 0.46
CA LYS I 442 -15.44 24.81 0.06
C LYS I 442 -15.21 23.32 0.32
N VAL I 443 -16.27 22.52 0.32
CA VAL I 443 -16.16 21.09 0.61
C VAL I 443 -16.35 20.34 -0.71
N ASN I 444 -16.05 21.01 -1.81
CA ASN I 444 -16.08 20.38 -3.14
C ASN I 444 -14.73 19.73 -3.38
N TRP I 445 -14.71 18.40 -3.49
CA TRP I 445 -13.48 17.67 -3.70
C TRP I 445 -13.10 17.57 -5.18
N ASN I 446 -13.95 18.06 -6.07
CA ASN I 446 -13.60 18.09 -7.50
C ASN I 446 -12.64 19.21 -7.83
N SER I 447 -12.67 20.30 -7.06
CA SER I 447 -11.87 21.48 -7.35
C SER I 447 -11.23 21.99 -6.06
N THR I 448 -10.13 22.72 -6.22
CA THR I 448 -9.42 23.32 -5.10
C THR I 448 -9.56 24.84 -5.09
N GLN I 449 -10.66 25.35 -5.63
CA GLN I 449 -10.90 26.79 -5.70
C GLN I 449 -11.56 27.30 -4.43
N MET I 450 -11.52 28.62 -4.25
CA MET I 450 -12.10 29.27 -3.10
C MET I 450 -13.31 30.14 -3.45
N ASN I 451 -13.70 30.20 -4.72
CA ASN I 451 -14.77 31.09 -5.18
C ASN I 451 -16.02 30.31 -5.58
N GLN I 452 -16.34 29.25 -4.83
CA GLN I 452 -17.54 28.49 -5.10
C GLN I 452 -18.79 29.27 -4.72
N ARG I 453 -19.84 29.08 -5.50
CA ARG I 453 -21.10 29.80 -5.32
C ARG I 453 -22.19 28.95 -4.68
N LEU I 454 -22.35 27.70 -5.11
CA LEU I 454 -23.42 26.88 -4.59
C LEU I 454 -22.94 26.03 -3.42
N PRO I 455 -23.83 25.71 -2.48
CA PRO I 455 -23.47 24.80 -1.39
C PRO I 455 -23.27 23.37 -1.88
N ILE I 456 -22.57 22.59 -1.05
CA ILE I 456 -22.18 21.23 -1.46
C ILE I 456 -23.35 20.27 -1.71
N PRO I 457 -24.43 20.20 -0.90
CA PRO I 457 -25.42 19.12 -1.14
C PRO I 457 -26.13 19.22 -2.47
N ILE I 458 -26.50 20.43 -2.88
CA ILE I 458 -27.19 20.58 -4.16
C ILE I 458 -26.23 20.33 -5.32
N ARG I 459 -24.96 20.70 -5.17
CA ARG I 459 -23.96 20.40 -6.19
C ARG I 459 -23.79 18.90 -6.35
N ALA I 460 -23.77 18.17 -5.22
CA ALA I 460 -23.69 16.72 -5.29
C ALA I 460 -24.95 16.11 -5.92
N ALA I 461 -26.11 16.68 -5.61
CA ALA I 461 -27.36 16.19 -6.20
C ALA I 461 -27.38 16.38 -7.71
N ARG I 462 -26.93 17.55 -8.18
CA ARG I 462 -26.85 17.80 -9.61
C ARG I 462 -25.84 16.88 -10.29
N LYS I 463 -24.71 16.63 -9.62
CA LYS I 463 -23.69 15.75 -10.20
C LYS I 463 -24.20 14.30 -10.26
N VAL I 464 -24.99 13.88 -9.28
CA VAL I 464 -25.57 12.54 -9.32
C VAL I 464 -26.60 12.43 -10.44
N GLY I 465 -27.49 13.43 -10.54
CA GLY I 465 -28.51 13.40 -11.57
C GLY I 465 -27.98 13.63 -12.97
N GLU I 466 -26.76 14.14 -13.11
CA GLU I 466 -26.15 14.29 -14.43
C GLU I 466 -25.93 12.94 -15.09
N VAL I 467 -25.52 11.93 -14.32
CA VAL I 467 -25.22 10.62 -14.88
C VAL I 467 -26.29 9.58 -14.56
N LEU I 468 -27.21 9.87 -13.63
CA LEU I 468 -28.28 8.92 -13.34
C LEU I 468 -29.30 8.82 -14.46
N LYS I 469 -29.28 9.73 -15.44
CA LYS I 469 -30.26 9.73 -16.52
C LYS I 469 -29.89 8.82 -17.68
N TYR I 470 -28.65 8.32 -17.73
CA TYR I 470 -28.21 7.44 -18.80
C TYR I 470 -28.08 5.98 -18.36
N VAL I 471 -28.68 5.63 -17.23
CA VAL I 471 -28.68 4.26 -16.73
C VAL I 471 -29.98 3.59 -17.13
N GLY I 472 -29.89 2.43 -17.76
CA GLY I 472 -31.07 1.73 -18.24
C GLY I 472 -31.89 1.14 -17.11
N GLU I 473 -33.06 0.62 -17.49
CA GLU I 473 -33.98 0.06 -16.52
C GLU I 473 -33.47 -1.29 -16.02
N GLY I 474 -33.51 -1.48 -14.69
CA GLY I 474 -33.07 -2.71 -14.08
C GLY I 474 -31.58 -2.82 -13.86
N GLU I 475 -30.80 -1.80 -14.17
CA GLU I 475 -29.36 -1.84 -13.98
C GLU I 475 -29.02 -1.46 -12.54
N VAL I 476 -27.72 -1.44 -12.24
CA VAL I 476 -27.24 -1.25 -10.88
C VAL I 476 -26.95 0.23 -10.64
N ILE I 477 -27.19 0.67 -9.39
CA ILE I 477 -26.88 2.02 -8.95
C ILE I 477 -25.94 1.91 -7.76
N SER I 478 -24.84 2.66 -7.79
CA SER I 478 -23.87 2.66 -6.70
C SER I 478 -24.03 3.91 -5.85
N ALA I 479 -23.86 3.76 -4.55
CA ALA I 479 -23.96 4.88 -3.61
C ALA I 479 -22.62 5.54 -3.34
N ASP I 480 -21.53 4.99 -3.87
CA ASP I 480 -20.22 5.60 -3.69
C ASP I 480 -20.13 6.91 -4.46
N TYR I 481 -19.58 7.94 -3.83
CA TYR I 481 -19.46 9.23 -4.47
C TYR I 481 -18.29 9.31 -5.43
N ARG I 482 -17.34 8.37 -5.36
CA ARG I 482 -16.20 8.39 -6.26
C ARG I 482 -16.58 8.04 -7.70
N LYS I 483 -17.75 7.47 -7.92
CA LYS I 483 -18.21 7.12 -9.26
C LYS I 483 -19.06 8.20 -9.90
N TYR I 484 -19.30 9.30 -9.20
CA TYR I 484 -20.06 10.44 -9.74
C TYR I 484 -19.22 11.68 -9.92
N ILE I 485 -18.21 11.88 -9.08
CA ILE I 485 -17.38 13.07 -9.14
C ILE I 485 -16.44 12.99 -10.35
N ALA J 7 16.27 8.80 -3.37
CA ALA J 7 17.35 9.74 -3.58
C ALA J 7 17.32 10.86 -2.54
N ASN J 8 16.36 10.78 -1.62
CA ASN J 8 16.28 11.75 -0.53
C ASN J 8 17.28 11.45 0.58
N GLN J 9 17.74 10.19 0.64
CA GLN J 9 18.77 9.84 1.61
C GLN J 9 20.08 10.57 1.31
N ILE J 10 20.41 10.72 0.03
CA ILE J 10 21.65 11.40 -0.33
C ILE J 10 21.58 12.88 0.01
N ILE J 11 20.41 13.51 -0.12
CA ILE J 11 20.34 14.93 0.20
C ILE J 11 20.27 15.13 1.71
N GLY J 12 19.69 14.18 2.45
CA GLY J 12 19.77 14.23 3.90
C GLY J 12 21.20 14.09 4.40
N GLU J 13 21.96 13.16 3.82
CA GLU J 13 23.35 12.98 4.21
C GLU J 13 24.19 14.20 3.85
N ILE J 14 23.93 14.80 2.68
CA ILE J 14 24.65 16.00 2.28
C ILE J 14 24.34 17.15 3.23
N GLY J 15 23.08 17.32 3.61
CA GLY J 15 22.71 18.36 4.56
C GLY J 15 23.35 18.17 5.92
N GLU J 16 23.37 16.92 6.41
CA GLU J 16 24.01 16.66 7.71
C GLU J 16 25.51 16.93 7.65
N ASN J 17 26.17 16.54 6.56
CA ASN J 17 27.60 16.79 6.42
C ASN J 17 27.89 18.29 6.33
N GLU J 18 27.05 19.04 5.62
CA GLU J 18 27.26 20.48 5.51
C GLU J 18 27.03 21.18 6.85
N VAL J 19 26.05 20.72 7.62
CA VAL J 19 25.82 21.28 8.95
C VAL J 19 27.01 20.99 9.87
N ARG J 20 27.55 19.77 9.80
CA ARG J 20 28.74 19.44 10.59
C ARG J 20 29.93 20.28 10.17
N GLY J 21 30.09 20.52 8.87
CA GLY J 21 31.17 21.38 8.41
C GLY J 21 31.02 22.82 8.86
N ARG J 22 29.78 23.33 8.85
CA ARG J 22 29.54 24.69 9.34
C ARG J 22 29.83 24.79 10.84
N PHE J 23 29.49 23.74 11.60
CA PHE J 23 29.84 23.72 13.02
C PHE J 23 31.35 23.69 13.21
N LEU J 24 32.05 22.88 12.40
CA LEU J 24 33.49 22.71 12.58
C LEU J 24 34.31 23.88 12.05
N THR J 25 33.73 24.72 11.20
CA THR J 25 34.46 25.86 10.65
C THR J 25 34.86 26.84 11.75
N LEU J 26 33.89 27.28 12.55
CA LEU J 26 34.23 28.07 13.73
C LEU J 26 34.77 27.18 14.85
N GLY J 27 34.32 25.94 14.93
CA GLY J 27 34.91 24.94 15.81
C GLY J 27 34.13 24.73 17.09
N TRP J 28 33.28 23.69 17.12
CA TRP J 28 32.44 23.40 18.28
C TRP J 28 32.35 21.91 18.59
N GLN J 29 33.10 21.05 17.88
CA GLN J 29 33.15 19.60 18.12
C GLN J 29 31.76 18.96 18.01
N PHE J 30 31.20 19.04 16.81
CA PHE J 30 29.94 18.38 16.52
C PHE J 30 30.17 16.89 16.30
N ASP J 31 29.15 16.09 16.63
CA ASP J 31 29.22 14.64 16.50
C ASP J 31 27.90 14.10 15.97
N GLY J 32 27.98 13.19 15.01
CA GLY J 32 26.82 12.55 14.44
C GLY J 32 26.34 11.38 15.28
N ARG J 33 25.38 10.66 14.72
CA ARG J 33 24.75 9.54 15.40
C ARG J 33 24.69 8.33 14.47
N SER J 34 24.05 7.26 14.94
CA SER J 34 24.10 5.97 14.28
C SER J 34 22.93 5.81 13.31
N ARG J 35 22.70 4.59 12.85
CA ARG J 35 21.72 4.33 11.80
C ARG J 35 20.29 4.48 12.29
N LEU J 36 19.99 3.95 13.48
CA LEU J 36 18.62 3.95 14.01
C LEU J 36 18.28 5.21 14.81
N GLU J 37 18.94 6.33 14.52
CA GLU J 37 18.64 7.58 15.20
C GLU J 37 17.20 8.02 14.91
N ALA J 38 16.53 8.53 15.95
CA ALA J 38 15.15 8.98 15.84
C ALA J 38 15.01 10.25 16.67
N GLY J 39 14.77 11.37 16.02
CA GLY J 39 14.65 12.63 16.73
C GLY J 39 15.89 13.49 16.64
N ILE J 40 16.70 13.49 17.70
CA ILE J 40 17.90 14.32 17.74
C ILE J 40 18.91 13.81 16.73
N ASP J 41 19.40 14.72 15.88
CA ASP J 41 20.36 14.35 14.84
C ASP J 41 21.81 14.48 15.27
N GLY J 42 22.09 15.34 16.25
CA GLY J 42 23.48 15.46 16.68
C GLY J 42 23.61 16.12 18.03
N ILE J 43 24.81 16.00 18.59
CA ILE J 43 25.17 16.62 19.87
C ILE J 43 26.39 17.49 19.65
N ALA J 44 26.32 18.75 20.08
CA ALA J 44 27.37 19.71 19.87
C ALA J 44 27.91 20.22 21.20
N GLU J 45 29.18 20.62 21.18
CA GLU J 45 29.89 21.11 22.36
C GLU J 45 30.19 22.60 22.17
N VAL J 46 30.65 23.24 23.23
CA VAL J 46 31.14 24.62 23.18
C VAL J 46 32.62 24.58 23.55
N MET J 47 33.48 24.92 22.58
CA MET J 47 34.91 24.89 22.83
C MET J 47 35.42 26.20 23.42
N ASN J 48 34.87 27.33 22.96
CA ASN J 48 35.23 28.68 23.46
C ASN J 48 36.71 28.97 23.25
N GLU J 49 37.16 28.87 21.99
CA GLU J 49 38.50 29.21 21.54
C GLU J 49 39.56 28.41 22.31
N GLY J 50 39.46 27.09 22.20
CA GLY J 50 40.29 26.19 22.96
C GLY J 50 39.80 26.05 24.39
N GLN J 51 40.39 25.07 25.09
CA GLN J 51 39.95 24.64 26.42
C GLN J 51 38.46 24.31 26.40
N PRO J 52 38.07 23.18 25.79
CA PRO J 52 36.64 22.87 25.68
C PRO J 52 35.99 22.63 27.03
N MET J 53 34.72 22.99 27.13
CA MET J 53 33.93 22.80 28.33
C MET J 53 32.73 21.94 28.00
N ALA J 54 32.35 21.06 28.92
CA ALA J 54 31.29 20.08 28.69
C ALA J 54 29.94 20.79 28.77
N ARG J 55 29.54 21.38 27.64
CA ARG J 55 28.26 22.04 27.49
C ARG J 55 27.69 21.62 26.13
N MET J 56 26.72 20.71 26.16
CA MET J 56 26.17 20.11 24.95
C MET J 56 24.82 20.72 24.59
N ILE J 57 24.55 20.77 23.28
CA ILE J 57 23.24 21.11 22.77
C ILE J 57 22.84 20.06 21.74
N ALA J 58 21.53 19.89 21.55
CA ALA J 58 20.99 18.91 20.61
C ALA J 58 20.60 19.61 19.32
N VAL J 59 20.93 19.01 18.19
CA VAL J 59 20.73 19.61 16.88
C VAL J 59 19.83 18.70 16.04
N GLN J 60 18.78 19.29 15.47
CA GLN J 60 17.89 18.64 14.51
C GLN J 60 17.99 19.38 13.18
N ILE J 61 18.19 18.63 12.10
CA ILE J 61 18.55 19.19 10.80
C ILE J 61 17.42 18.97 9.81
N LYS J 62 17.02 20.04 9.12
CA LYS J 62 16.07 19.98 8.02
C LYS J 62 16.77 20.48 6.77
N SER J 63 17.05 19.58 5.84
CA SER J 63 17.79 19.90 4.63
C SER J 63 16.90 19.74 3.40
N THR J 64 17.05 20.64 2.44
CA THR J 64 16.27 20.59 1.20
C THR J 64 17.20 20.81 0.02
N LYS J 65 16.66 20.58 -1.18
CA LYS J 65 17.42 20.69 -2.42
C LYS J 65 17.02 21.90 -3.26
N GLU J 66 15.73 22.10 -3.49
CA GLU J 66 15.26 23.18 -4.34
C GLU J 66 13.90 23.64 -3.81
N GLY J 67 13.19 24.41 -4.61
CA GLY J 67 11.88 24.90 -4.21
C GLY J 67 11.96 26.12 -3.32
N LYS J 68 10.79 26.50 -2.81
CA LYS J 68 10.64 27.65 -1.92
C LYS J 68 9.92 27.21 -0.66
N TYR J 69 10.10 28.00 0.40
CA TYR J 69 9.40 27.74 1.64
C TYR J 69 7.93 28.17 1.53
N THR J 70 7.20 28.03 2.64
CA THR J 70 5.75 28.21 2.60
C THR J 70 5.36 29.66 2.35
N SER J 71 6.03 30.59 3.02
CA SER J 71 5.70 32.02 2.91
C SER J 71 6.98 32.83 2.75
N GLU J 72 7.81 32.44 1.79
CA GLU J 72 9.06 33.14 1.52
C GLU J 72 8.79 34.51 0.92
N SER J 73 8.94 35.57 1.73
CA SER J 73 8.68 36.94 1.32
C SER J 73 9.95 37.79 1.29
N ASP J 74 11.09 37.14 0.99
CA ASP J 74 12.42 37.74 0.85
C ASP J 74 12.98 38.29 2.17
N THR J 75 12.24 38.23 3.27
CA THR J 75 12.75 38.68 4.56
C THR J 75 12.43 37.66 5.65
N SER J 76 11.41 36.84 5.44
CA SER J 76 11.00 35.88 6.44
C SER J 76 10.17 34.78 5.79
N PHE J 77 9.99 33.69 6.53
CA PHE J 77 9.10 32.60 6.18
C PHE J 77 8.64 31.94 7.48
N THR J 78 7.86 30.87 7.37
CA THR J 78 7.34 30.21 8.55
C THR J 78 7.36 28.70 8.35
N TYR J 79 7.35 27.99 9.48
CA TYR J 79 7.38 26.54 9.50
C TYR J 79 6.44 26.03 10.57
N LEU J 80 5.90 24.83 10.37
CA LEU J 80 4.94 24.23 11.28
C LEU J 80 5.47 22.91 11.81
N LEU J 81 5.31 22.68 13.11
CA LEU J 81 5.78 21.47 13.77
C LEU J 81 4.62 20.48 13.95
N ARG J 82 4.98 19.22 14.20
CA ARG J 82 4.07 18.10 14.06
C ARG J 82 3.45 17.63 15.37
N THR J 83 3.72 18.32 16.48
CA THR J 83 3.22 18.02 17.83
C THR J 83 3.62 16.63 18.36
N GLN J 84 4.43 15.89 17.61
CA GLN J 84 5.17 14.74 18.13
C GLN J 84 6.61 15.11 18.45
N ASP J 85 7.26 15.83 17.53
CA ASP J 85 8.57 16.39 17.80
C ASP J 85 8.51 17.41 18.93
N LEU J 86 7.39 18.11 19.08
CA LEU J 86 7.23 19.04 20.20
C LEU J 86 7.27 18.32 21.54
N ALA J 87 6.48 17.25 21.67
CA ALA J 87 6.48 16.48 22.91
C ALA J 87 7.80 15.76 23.12
N TYR J 88 8.49 15.43 22.03
CA TYR J 88 9.82 14.83 22.15
C TYR J 88 10.83 15.84 22.69
N TRP J 89 10.86 17.04 22.12
CA TRP J 89 11.86 18.04 22.50
C TRP J 89 11.56 18.72 23.82
N ARG J 90 10.31 18.70 24.28
CA ARG J 90 9.98 19.39 25.53
C ARG J 90 10.30 18.57 26.77
N GLY J 91 10.82 17.36 26.61
CA GLY J 91 11.17 16.54 27.75
C GLY J 91 12.65 16.33 27.92
N SER J 92 13.45 16.97 27.06
CA SER J 92 14.90 16.84 27.14
C SER J 92 15.45 17.62 28.32
N ASN J 93 16.63 17.19 28.78
CA ASN J 93 17.34 17.85 29.87
C ASN J 93 18.48 18.72 29.36
N LEU J 94 18.40 19.17 28.11
CA LEU J 94 19.50 19.86 27.44
C LEU J 94 18.93 20.56 26.21
N PRO J 95 19.48 21.72 25.83
CA PRO J 95 18.82 22.58 24.83
C PRO J 95 18.75 21.96 23.44
N VAL J 96 17.72 22.37 22.69
CA VAL J 96 17.42 21.85 21.37
C VAL J 96 17.47 23.00 20.37
N ILE J 97 18.02 22.72 19.18
CA ILE J 97 18.20 23.72 18.12
C ILE J 97 17.80 23.07 16.80
N VAL J 98 17.02 23.79 15.99
CA VAL J 98 16.63 23.33 14.66
C VAL J 98 17.40 24.15 13.62
N VAL J 99 17.97 23.46 12.63
CA VAL J 99 18.80 24.10 11.61
C VAL J 99 18.24 23.77 10.23
N PHE J 100 17.91 24.82 9.47
CA PHE J 100 17.43 24.69 8.10
C PHE J 100 18.59 24.89 7.14
N TYR J 101 18.71 24.00 6.16
CA TYR J 101 19.76 24.07 5.13
C TYR J 101 19.13 23.92 3.76
N ARG J 102 19.55 24.78 2.82
CA ARG J 102 19.11 24.69 1.44
C ARG J 102 20.33 24.67 0.52
N GLN J 103 20.34 23.71 -0.41
CA GLN J 103 21.46 23.53 -1.33
C GLN J 103 21.49 24.55 -2.46
N SER J 104 20.31 24.98 -2.91
CA SER J 104 20.22 25.79 -4.14
C SER J 104 20.91 27.13 -3.99
N ASP J 105 20.76 27.78 -2.84
CA ASP J 105 21.44 29.04 -2.57
C ASP J 105 22.42 28.93 -1.40
N HIS J 106 22.68 27.73 -0.92
CA HIS J 106 23.59 27.46 0.20
C HIS J 106 23.20 28.25 1.44
N SER J 107 21.95 28.07 1.86
CA SER J 107 21.36 28.88 2.92
C SER J 107 21.33 28.10 4.22
N PHE J 108 21.80 28.74 5.29
CA PHE J 108 21.79 28.18 6.65
C PHE J 108 20.97 29.10 7.56
N TYR J 109 20.03 28.53 8.30
CA TYR J 109 19.29 29.26 9.31
C TYR J 109 19.13 28.37 10.54
N TRP J 110 18.89 29.00 11.69
CA TRP J 110 18.70 28.24 12.91
C TRP J 110 17.63 28.90 13.79
N LYS J 111 17.01 28.09 14.64
CA LYS J 111 15.99 28.55 15.55
C LYS J 111 16.03 27.68 16.80
N GLU J 112 15.51 28.22 17.90
CA GLU J 112 15.50 27.56 19.20
C GLU J 112 14.09 27.18 19.57
N VAL J 113 13.91 25.92 20.00
CA VAL J 113 12.62 25.44 20.46
C VAL J 113 12.44 25.89 21.92
N SER J 114 11.35 26.61 22.18
CA SER J 114 11.06 27.11 23.51
C SER J 114 10.73 25.96 24.45
N ARG J 115 11.64 25.67 25.38
CA ARG J 115 11.50 24.55 26.31
C ARG J 115 11.21 25.03 27.73
N ASP J 116 10.52 26.16 27.88
CA ASP J 116 10.28 26.74 29.19
C ASP J 116 8.84 27.17 29.43
N ALA J 117 7.99 27.19 28.41
CA ALA J 117 6.60 27.60 28.56
C ALA J 117 5.76 26.44 29.08
N GLY J 118 4.44 26.58 29.01
CA GLY J 118 3.53 25.53 29.41
C GLY J 118 3.12 24.71 28.22
N PRO J 119 1.89 24.92 27.73
CA PRO J 119 1.51 24.35 26.43
C PRO J 119 2.40 24.89 25.32
N GLY J 120 2.72 24.02 24.37
CA GLY J 120 3.66 24.37 23.33
C GLY J 120 3.08 25.33 22.31
N GLU J 121 3.97 25.85 21.46
CA GLU J 121 3.60 26.79 20.41
C GLU J 121 4.29 26.40 19.12
N ARG J 122 3.50 26.07 18.11
CA ARG J 122 4.01 25.75 16.78
C ARG J 122 4.19 27.03 15.97
N ARG J 123 4.36 26.88 14.66
CA ARG J 123 4.45 27.98 13.69
C ARG J 123 5.62 28.91 14.01
N LEU J 124 6.82 28.34 13.89
CA LEU J 124 8.04 29.14 13.98
C LEU J 124 8.08 30.15 12.84
N ASN J 125 8.42 31.39 13.17
CA ASN J 125 8.53 32.48 12.19
C ASN J 125 10.01 32.79 12.02
N ILE J 126 10.61 32.20 10.99
CA ILE J 126 12.05 32.32 10.76
C ILE J 126 12.28 33.49 9.83
N ASP J 127 12.86 34.56 10.36
CA ASP J 127 13.23 35.73 9.57
C ASP J 127 14.71 35.69 9.27
N LYS J 128 15.08 36.20 8.09
CA LYS J 128 16.48 36.18 7.68
C LYS J 128 17.28 37.24 8.42
N VAL J 129 18.56 37.36 8.04
CA VAL J 129 19.54 38.30 8.61
C VAL J 129 19.74 38.04 10.10
N ALA J 130 18.72 38.28 10.90
CA ALA J 130 18.82 38.14 12.36
C ALA J 130 18.95 36.70 12.82
N ASP J 131 18.73 35.72 11.96
CA ASP J 131 18.76 34.31 12.33
C ASP J 131 19.71 33.52 11.43
N LEU J 132 20.80 34.15 11.02
CA LEU J 132 21.81 33.48 10.20
C LEU J 132 22.75 32.67 11.08
N PHE J 133 22.98 31.41 10.69
CA PHE J 133 23.87 30.52 11.42
C PHE J 133 25.29 30.72 10.88
N ASN J 134 25.92 31.79 11.35
CA ASN J 134 27.29 32.13 10.98
C ASN J 134 27.99 32.72 12.20
N ALA J 135 29.14 33.34 11.96
CA ALA J 135 29.95 33.88 13.05
C ALA J 135 29.34 35.11 13.70
N SER J 136 28.31 35.70 13.09
CA SER J 136 27.70 36.91 13.65
C SER J 136 26.94 36.61 14.93
N THR J 137 26.18 35.51 14.95
CA THR J 137 25.38 35.12 16.12
C THR J 137 25.92 33.79 16.62
N VAL J 138 26.91 33.87 17.51
CA VAL J 138 27.50 32.70 18.16
C VAL J 138 27.38 32.79 19.68
N ASN J 139 27.69 33.96 20.24
CA ASN J 139 27.54 34.16 21.69
C ASN J 139 26.08 34.08 22.10
N LYS J 140 25.16 34.54 21.24
CA LYS J 140 23.74 34.34 21.48
C LYS J 140 23.39 32.85 21.42
N LEU J 141 24.01 32.12 20.48
CA LEU J 141 23.79 30.68 20.39
C LEU J 141 24.34 29.96 21.62
N ALA J 142 25.45 30.45 22.19
CA ALA J 142 26.03 29.89 23.39
C ALA J 142 25.53 30.57 24.67
N ALA J 143 24.57 31.50 24.55
CA ALA J 143 24.08 32.20 25.74
C ALA J 143 23.31 31.27 26.66
N LEU J 144 22.49 30.38 26.10
CA LEU J 144 21.69 29.46 26.91
C LEU J 144 22.46 28.21 27.32
N THR J 145 23.71 28.08 26.90
CA THR J 145 24.60 26.97 27.24
C THR J 145 24.02 25.61 26.87
N GLY J 161 -17.28 51.89 8.79
CA GLY J 161 -18.10 51.29 7.76
C GLY J 161 -18.53 52.28 6.69
N GLU J 162 -18.62 51.80 5.45
CA GLU J 162 -19.02 52.63 4.33
C GLU J 162 -20.52 52.46 4.08
N ASP J 163 -21.00 53.02 2.96
CA ASP J 163 -22.41 52.96 2.63
C ASP J 163 -22.59 52.52 1.19
N ALA J 164 -23.79 52.01 0.90
CA ALA J 164 -24.14 51.54 -0.43
C ALA J 164 -25.63 51.76 -0.64
N LEU J 165 -26.08 51.52 -1.87
CA LEU J 165 -27.50 51.69 -2.20
C LEU J 165 -28.01 50.45 -2.92
N ILE J 166 -29.33 50.27 -2.85
CA ILE J 166 -30.00 49.09 -3.39
C ILE J 166 -30.72 49.50 -4.68
N ASN J 167 -30.83 48.55 -5.60
CA ASN J 167 -31.38 48.79 -6.93
C ASN J 167 -32.86 49.15 -6.92
N MET J 168 -33.58 48.84 -5.85
CA MET J 168 -35.02 49.06 -5.82
C MET J 168 -35.37 50.54 -5.73
N LEU J 169 -36.57 50.88 -6.19
CA LEU J 169 -37.06 52.25 -6.19
C LEU J 169 -38.47 52.27 -5.60
N PRO J 170 -38.72 52.98 -4.51
CA PRO J 170 -40.07 53.04 -3.94
C PRO J 170 -40.99 53.88 -4.81
N LEU J 171 -42.29 53.58 -4.70
CA LEU J 171 -43.33 54.24 -5.47
C LEU J 171 -44.45 54.71 -4.55
N THR J 172 -45.10 55.80 -4.95
CA THR J 172 -46.31 56.28 -4.30
C THR J 172 -47.36 56.51 -5.38
N LEU J 173 -48.61 56.19 -5.07
CA LEU J 173 -49.68 56.18 -6.06
C LEU J 173 -50.66 57.33 -5.83
N PRO J 174 -51.40 57.73 -6.86
CA PRO J 174 -52.50 58.68 -6.66
C PRO J 174 -53.56 58.13 -5.71
N ASN J 175 -54.17 59.04 -4.95
CA ASN J 175 -55.04 58.62 -3.85
C ASN J 175 -56.37 58.03 -4.33
N GLU J 176 -56.82 58.36 -5.54
CA GLU J 176 -58.09 57.85 -6.03
C GLU J 176 -57.88 57.20 -7.39
N MET J 177 -58.72 56.21 -7.67
CA MET J 177 -58.71 55.48 -8.93
C MET J 177 -60.10 54.87 -9.08
N TYR J 178 -60.50 54.57 -10.31
CA TYR J 178 -61.90 54.31 -10.62
C TYR J 178 -62.08 52.83 -10.93
N ILE J 179 -62.90 52.13 -10.13
CA ILE J 179 -63.22 50.73 -10.43
C ILE J 179 -64.72 50.57 -10.69
N ALA J 180 -65.13 50.79 -11.93
CA ALA J 180 -66.49 50.56 -12.41
C ALA J 180 -66.48 50.71 -13.93
N SER J 181 -67.66 50.75 -14.53
CA SER J 181 -67.86 50.91 -15.98
C SER J 181 -67.19 49.76 -16.75
N THR J 182 -67.68 48.55 -16.47
CA THR J 182 -67.24 47.39 -17.22
C THR J 182 -67.67 47.52 -18.69
N THR J 183 -66.73 47.25 -19.59
CA THR J 183 -66.91 47.65 -20.98
C THR J 183 -67.81 46.70 -21.78
N TYR J 184 -67.90 45.43 -21.36
CA TYR J 184 -68.64 44.38 -22.09
C TYR J 184 -68.23 44.29 -23.57
N GLU J 185 -66.94 44.47 -23.82
CA GLU J 185 -66.36 44.38 -25.15
C GLU J 185 -65.08 43.56 -25.08
N PRO J 186 -64.74 42.80 -26.13
CA PRO J 186 -63.50 42.01 -26.09
C PRO J 186 -62.26 42.89 -26.11
N ARG J 187 -61.18 42.43 -25.46
CA ARG J 187 -60.04 43.30 -25.20
C ARG J 187 -59.26 43.65 -26.47
N LYS J 188 -59.38 42.82 -27.51
CA LYS J 188 -58.67 43.08 -28.75
C LYS J 188 -59.44 44.00 -29.68
N ALA J 189 -60.77 43.92 -29.67
CA ALA J 189 -61.59 44.69 -30.60
C ALA J 189 -61.46 46.19 -30.33
N ILE J 190 -61.42 46.59 -29.06
CA ILE J 190 -61.27 48.00 -28.72
C ILE J 190 -59.91 48.51 -29.19
N ALA J 191 -58.87 47.66 -29.09
CA ALA J 191 -57.55 48.06 -29.57
C ALA J 191 -57.51 48.20 -31.09
N VAL J 192 -58.14 47.27 -31.81
CA VAL J 192 -58.11 47.35 -33.27
C VAL J 192 -59.13 48.36 -33.81
N ILE J 193 -60.08 48.80 -32.98
CA ILE J 193 -60.89 49.96 -33.34
C ILE J 193 -60.00 51.19 -33.35
N LEU J 194 -60.25 52.09 -34.33
CA LEU J 194 -59.42 53.28 -34.53
C LEU J 194 -59.35 54.15 -33.27
N ASN J 195 -60.37 54.08 -32.41
CA ASN J 195 -60.29 54.70 -31.09
C ASN J 195 -59.13 54.14 -30.28
N GLY J 196 -58.90 52.83 -30.38
CA GLY J 196 -57.78 52.22 -29.66
C GLY J 196 -56.42 52.63 -30.19
N ASP J 197 -56.25 52.56 -31.51
CA ASP J 197 -54.98 52.92 -32.14
C ASP J 197 -54.95 54.38 -32.56
N GLY J 198 -55.27 55.25 -31.61
CA GLY J 198 -55.33 56.68 -31.82
C GLY J 198 -54.65 57.42 -30.69
N PRO J 199 -55.43 58.25 -29.99
CA PRO J 199 -54.95 58.86 -28.74
C PRO J 199 -54.82 57.84 -27.62
N LYS J 200 -54.64 58.33 -26.37
CA LYS J 200 -54.22 57.58 -25.18
C LYS J 200 -54.78 56.16 -25.10
N ARG J 201 -53.87 55.19 -25.01
CA ARG J 201 -54.21 53.77 -25.20
C ARG J 201 -54.38 53.06 -23.87
N PHE J 202 -54.95 53.76 -22.89
CA PHE J 202 -55.21 53.19 -21.59
C PHE J 202 -56.50 52.37 -21.55
N ASP J 203 -56.97 51.89 -22.70
CA ASP J 203 -58.16 51.06 -22.78
C ASP J 203 -57.87 49.62 -22.37
N TRP J 204 -57.41 49.43 -21.14
CA TRP J 204 -56.96 48.15 -20.66
C TRP J 204 -58.06 47.49 -19.85
N VAL J 205 -58.48 46.31 -20.29
CA VAL J 205 -59.36 45.41 -19.54
C VAL J 205 -58.68 44.06 -19.50
N ILE J 206 -58.83 43.35 -18.38
CA ILE J 206 -58.08 42.13 -18.13
C ILE J 206 -59.09 41.00 -17.92
N ASN J 207 -58.96 39.96 -18.75
CA ASN J 207 -59.80 38.76 -18.73
C ASN J 207 -61.29 39.11 -18.86
N GLY J 208 -61.54 40.18 -19.62
CA GLY J 208 -62.88 40.71 -19.76
C GLY J 208 -63.41 41.31 -18.47
N GLY J 209 -62.50 41.75 -17.60
CA GLY J 209 -62.92 42.27 -16.32
C GLY J 209 -63.31 43.74 -16.42
N THR J 210 -63.58 44.33 -15.26
CA THR J 210 -64.00 45.73 -15.20
C THR J 210 -62.88 46.67 -15.64
N PHE J 211 -63.27 47.74 -16.33
CA PHE J 211 -62.34 48.77 -16.77
C PHE J 211 -61.94 49.62 -15.58
N TRP J 212 -60.81 49.33 -14.95
CA TRP J 212 -60.32 50.19 -13.88
C TRP J 212 -59.00 50.84 -14.29
N SER J 213 -58.93 52.15 -14.05
CA SER J 213 -57.87 52.98 -14.60
C SER J 213 -57.76 54.24 -13.75
N PHE J 214 -56.64 54.95 -13.91
CA PHE J 214 -56.35 56.11 -13.09
C PHE J 214 -57.11 57.36 -13.51
N HIS J 215 -57.80 57.33 -14.65
CA HIS J 215 -58.59 58.46 -15.12
C HIS J 215 -60.00 58.00 -15.45
N ASP J 216 -60.98 58.86 -15.21
CA ASP J 216 -62.38 58.49 -15.37
C ASP J 216 -62.71 58.29 -16.84
N PRO J 217 -63.58 57.33 -17.17
CA PRO J 217 -63.92 57.08 -18.58
C PRO J 217 -64.64 58.23 -19.26
N ARG J 218 -65.38 59.05 -18.50
CA ARG J 218 -66.16 60.12 -19.11
C ARG J 218 -65.24 61.19 -19.70
N THR J 219 -64.06 61.38 -19.12
CA THR J 219 -63.10 62.35 -19.64
C THR J 219 -61.94 61.72 -20.39
N SER J 220 -61.63 60.46 -20.13
CA SER J 220 -60.48 59.81 -20.75
C SER J 220 -60.89 58.72 -21.74
N ALA J 221 -61.68 57.74 -21.31
CA ALA J 221 -62.00 56.62 -22.20
C ALA J 221 -63.10 57.00 -23.18
N CYS J 222 -64.32 57.29 -22.68
CA CYS J 222 -65.49 57.45 -23.55
C CYS J 222 -65.32 58.62 -24.52
N SER J 223 -64.44 59.57 -24.20
CA SER J 223 -64.03 60.59 -25.17
C SER J 223 -63.34 59.96 -26.37
N GLU J 224 -62.47 58.96 -26.13
CA GLU J 224 -61.66 58.42 -27.23
C GLU J 224 -61.56 56.89 -27.24
N ILE J 225 -62.40 56.20 -26.47
CA ILE J 225 -62.41 54.73 -26.37
C ILE J 225 -63.86 54.29 -26.20
N VAL J 226 -64.23 53.19 -26.86
CA VAL J 226 -65.58 52.66 -26.73
C VAL J 226 -65.83 52.21 -25.30
N ASP J 227 -66.82 52.82 -24.65
CA ASP J 227 -67.18 52.51 -23.27
C ASP J 227 -68.64 52.93 -23.05
N ILE J 228 -69.09 52.86 -21.81
CA ILE J 228 -70.48 53.17 -21.44
C ILE J 228 -70.47 54.23 -20.35
N ASP J 229 -71.24 55.30 -20.56
CA ASP J 229 -71.39 56.36 -19.56
C ASP J 229 -72.54 55.97 -18.63
N GLN J 230 -72.21 55.29 -17.53
CA GLN J 230 -73.22 54.83 -16.60
C GLN J 230 -72.87 55.04 -15.13
N VAL J 231 -71.65 55.45 -14.80
CA VAL J 231 -71.16 55.37 -13.42
C VAL J 231 -69.93 56.27 -13.30
N GLU J 232 -69.63 56.69 -12.07
CA GLU J 232 -68.50 57.57 -11.76
C GLU J 232 -67.32 56.88 -11.11
N ALA J 233 -67.57 55.89 -10.24
CA ALA J 233 -66.58 55.04 -9.55
C ALA J 233 -65.71 55.77 -8.53
N ILE J 234 -65.18 55.04 -7.56
CA ILE J 234 -64.27 55.65 -6.60
C ILE J 234 -63.52 54.57 -5.83
N ASN J 235 -62.23 54.76 -5.62
CA ASN J 235 -61.44 53.79 -4.88
C ASN J 235 -60.33 54.47 -4.09
N THR J 236 -59.97 53.89 -2.95
CA THR J 236 -58.92 54.47 -2.12
C THR J 236 -57.60 53.77 -2.38
N LYS J 237 -57.45 53.19 -3.56
CA LYS J 237 -56.22 52.49 -3.92
C LYS J 237 -56.04 51.22 -3.09
N GLU J 238 -57.12 50.73 -2.49
CA GLU J 238 -57.04 49.48 -1.75
C GLU J 238 -56.67 48.38 -2.72
N LEU J 239 -57.06 48.53 -3.98
CA LEU J 239 -56.76 47.53 -4.99
C LEU J 239 -55.26 47.28 -5.05
N ALA J 240 -54.47 48.23 -4.56
CA ALA J 240 -53.02 48.06 -4.55
C ALA J 240 -52.64 46.82 -3.77
N LEU J 241 -53.33 46.56 -2.67
CA LEU J 241 -53.02 45.40 -1.84
C LEU J 241 -54.19 44.44 -1.76
N HIS J 242 -54.03 43.25 -2.32
CA HIS J 242 -55.07 42.23 -2.24
C HIS J 242 -54.45 40.86 -2.05
N ASP J 243 -55.06 40.02 -1.24
CA ASP J 243 -54.47 38.71 -0.95
C ASP J 243 -54.32 37.81 -2.16
N ASP J 244 -55.18 37.99 -3.16
CA ASP J 244 -55.15 37.12 -4.33
C ASP J 244 -54.00 37.46 -5.28
N ILE J 245 -53.36 36.42 -5.81
CA ILE J 245 -52.21 36.59 -6.68
C ILE J 245 -52.62 37.19 -8.02
N ASP J 246 -53.77 36.75 -8.56
CA ASP J 246 -54.19 37.18 -9.89
C ASP J 246 -54.50 38.68 -9.92
N GLU J 247 -55.15 39.20 -8.87
CA GLU J 247 -55.42 40.63 -8.84
C GLU J 247 -54.14 41.43 -8.63
N GLN J 248 -53.15 40.87 -7.93
CA GLN J 248 -51.85 41.52 -7.83
C GLN J 248 -51.17 41.58 -9.19
N ASN J 249 -51.29 40.51 -9.98
CA ASN J 249 -50.73 40.51 -11.33
C ASN J 249 -51.44 41.52 -12.23
N ARG J 250 -52.76 41.64 -12.08
CA ARG J 250 -53.51 42.65 -12.82
C ARG J 250 -53.09 44.06 -12.42
N PHE J 251 -52.83 44.28 -11.13
CA PHE J 251 -52.33 45.57 -10.67
C PHE J 251 -50.94 45.85 -11.23
N SER J 252 -50.11 44.82 -11.35
CA SER J 252 -48.79 44.98 -11.97
C SER J 252 -48.92 45.34 -13.44
N HIS J 253 -49.89 44.73 -14.13
CA HIS J 253 -50.15 45.10 -15.52
C HIS J 253 -50.62 46.55 -15.62
N LEU J 254 -51.45 46.99 -14.67
CA LEU J 254 -51.86 48.39 -14.58
C LEU J 254 -50.65 49.30 -14.42
N LEU J 255 -49.74 48.94 -13.52
CA LEU J 255 -48.56 49.76 -13.29
C LEU J 255 -47.65 49.82 -14.52
N ARG J 256 -47.50 48.69 -15.21
CA ARG J 256 -46.67 48.65 -16.41
C ARG J 256 -47.27 49.52 -17.52
N GLN J 257 -48.59 49.45 -17.70
CA GLN J 257 -49.21 50.29 -18.73
C GLN J 257 -49.21 51.76 -18.33
N THR J 258 -49.30 52.06 -17.02
CA THR J 258 -49.18 53.44 -16.58
C THR J 258 -47.78 53.98 -16.84
N LEU J 259 -46.75 53.16 -16.61
CA LEU J 259 -45.38 53.56 -16.93
C LEU J 259 -45.20 53.77 -18.42
N ARG J 260 -45.82 52.91 -19.24
CA ARG J 260 -45.74 53.10 -20.69
C ARG J 260 -46.44 54.37 -21.14
N TYR J 261 -47.57 54.71 -20.51
CA TYR J 261 -48.27 55.94 -20.85
C TYR J 261 -47.48 57.17 -20.39
N GLN J 262 -46.76 57.04 -19.28
CA GLN J 262 -46.00 58.18 -18.75
C GLN J 262 -44.85 58.61 -19.65
N THR J 263 -44.48 57.78 -20.63
CA THR J 263 -43.32 58.04 -21.46
C THR J 263 -43.66 57.94 -22.94
N ASP J 264 -44.76 58.58 -23.34
CA ASP J 264 -45.11 58.63 -24.76
C ASP J 264 -44.17 59.54 -25.53
N SER J 265 -43.82 59.10 -26.73
CA SER J 265 -42.96 59.80 -27.69
C SER J 265 -41.57 60.10 -27.14
N ASP J 266 -41.15 59.43 -26.08
CA ASP J 266 -39.81 59.54 -25.52
C ASP J 266 -39.03 58.24 -25.60
N LEU J 267 -39.67 57.13 -25.26
CA LEU J 267 -39.07 55.80 -25.38
C LEU J 267 -40.06 54.86 -26.04
N GLY J 268 -39.56 53.67 -26.40
CA GLY J 268 -40.37 52.65 -27.02
C GLY J 268 -40.20 51.31 -26.30
N TRP J 269 -41.05 50.36 -26.66
CA TRP J 269 -41.11 49.07 -26.01
C TRP J 269 -40.47 48.00 -26.89
N ASP J 270 -39.51 47.27 -26.32
CA ASP J 270 -38.92 46.09 -26.95
C ASP J 270 -39.58 44.86 -26.32
N LYS J 271 -40.43 44.20 -27.10
CA LYS J 271 -41.24 43.10 -26.57
C LYS J 271 -40.43 41.81 -26.41
N ASP J 272 -39.49 41.55 -27.33
CA ASP J 272 -38.73 40.32 -27.26
C ASP J 272 -37.74 40.30 -26.11
N HIS J 273 -37.40 41.46 -25.57
CA HIS J 273 -36.56 41.56 -24.38
C HIS J 273 -37.27 42.17 -23.19
N LYS J 274 -38.51 42.64 -23.36
CA LYS J 274 -39.30 43.29 -22.32
C LYS J 274 -38.55 44.47 -21.71
N ALA J 275 -38.26 45.47 -22.56
CA ALA J 275 -37.42 46.59 -22.14
C ALA J 275 -37.98 47.89 -22.70
N LEU J 276 -37.52 49.00 -22.11
CA LEU J 276 -37.86 50.33 -22.56
C LEU J 276 -36.60 50.98 -23.13
N TYR J 277 -36.59 51.18 -24.45
CA TYR J 277 -35.41 51.68 -25.14
C TYR J 277 -35.62 53.12 -25.58
N PHE J 278 -34.55 53.91 -25.54
CA PHE J 278 -34.66 55.31 -25.92
C PHE J 278 -34.80 55.44 -27.43
N ARG J 279 -35.57 56.44 -27.86
CA ARG J 279 -35.92 56.64 -29.25
C ARG J 279 -35.15 57.83 -29.83
N ALA J 280 -34.77 57.72 -31.09
CA ALA J 280 -34.16 58.83 -31.82
C ALA J 280 -35.27 59.75 -32.33
N ILE J 281 -35.45 60.88 -31.66
CA ILE J 281 -36.57 61.79 -31.96
C ILE J 281 -36.13 62.67 -33.12
N GLU J 282 -36.37 62.19 -34.34
CA GLU J 282 -36.09 62.86 -35.60
C GLU J 282 -34.60 63.15 -35.82
N ARG J 283 -33.73 62.57 -34.99
CA ARG J 283 -32.29 62.75 -35.11
C ARG J 283 -31.62 61.61 -34.36
N GLU J 284 -30.63 60.98 -35.00
CA GLU J 284 -30.11 59.69 -34.56
C GLU J 284 -28.91 59.80 -33.61
N VAL J 285 -28.85 60.86 -32.80
CA VAL J 285 -27.83 60.99 -31.78
C VAL J 285 -28.50 61.05 -30.41
N SER J 286 -27.67 61.16 -29.38
CA SER J 286 -28.15 61.09 -28.00
C SER J 286 -28.82 62.40 -27.58
N ARG J 287 -29.35 62.40 -26.36
CA ARG J 287 -30.00 63.57 -25.79
C ARG J 287 -29.21 64.20 -24.64
N ASN J 288 -28.38 63.41 -23.95
CA ASN J 288 -27.44 63.88 -22.93
C ASN J 288 -28.16 64.59 -21.77
N PHE J 289 -29.25 63.97 -21.32
CA PHE J 289 -29.97 64.47 -20.15
C PHE J 289 -29.24 64.19 -18.84
N ALA J 290 -28.71 62.96 -18.69
CA ALA J 290 -28.03 62.46 -17.50
C ALA J 290 -28.72 62.82 -16.18
N TYR J 291 -27.92 63.27 -15.21
CA TYR J 291 -28.41 63.69 -13.91
C TYR J 291 -27.66 64.93 -13.50
N THR J 292 -28.37 65.89 -12.88
CA THR J 292 -27.75 67.13 -12.46
C THR J 292 -26.70 66.91 -11.38
N SER J 293 -26.98 66.01 -10.43
CA SER J 293 -26.06 65.66 -9.34
C SER J 293 -25.63 66.89 -8.54
N SER J 294 -26.59 67.79 -8.32
CA SER J 294 -26.39 69.06 -7.59
C SER J 294 -25.32 69.86 -8.32
N LYS J 295 -24.10 69.99 -7.79
CA LYS J 295 -23.09 70.85 -8.38
C LYS J 295 -22.48 70.29 -9.66
N LYS J 296 -22.71 69.02 -9.99
CA LYS J 296 -22.08 68.41 -11.14
C LYS J 296 -22.83 68.79 -12.42
N LYS J 297 -22.46 68.15 -13.53
CA LYS J 297 -22.99 68.50 -14.85
C LYS J 297 -23.77 67.30 -15.41
N THR J 298 -24.17 67.43 -16.68
CA THR J 298 -25.13 66.51 -17.30
C THR J 298 -24.59 66.03 -18.63
N ASP J 299 -24.09 64.79 -18.67
CA ASP J 299 -23.71 64.16 -19.94
C ASP J 299 -24.03 62.67 -19.87
N ALA J 300 -24.64 62.16 -20.94
CA ALA J 300 -24.94 60.73 -21.05
C ALA J 300 -25.16 60.42 -22.52
N ASN J 301 -24.22 59.68 -23.11
CA ASN J 301 -24.31 59.34 -24.54
C ASN J 301 -25.24 58.15 -24.70
N VAL J 302 -26.54 58.45 -24.64
CA VAL J 302 -27.56 57.41 -24.63
C VAL J 302 -27.67 56.73 -25.99
N VAL J 303 -27.65 57.50 -27.07
CA VAL J 303 -27.76 56.97 -28.42
C VAL J 303 -26.46 57.25 -29.16
N SER J 304 -25.88 56.21 -29.76
CA SER J 304 -24.61 56.32 -30.46
C SER J 304 -24.61 55.37 -31.65
N VAL J 305 -24.00 55.81 -32.75
CA VAL J 305 -23.83 54.98 -33.93
C VAL J 305 -22.36 54.60 -34.07
N PHE J 306 -22.10 53.63 -34.93
CA PHE J 306 -20.74 53.14 -35.12
C PHE J 306 -20.54 52.74 -36.58
N LYS J 307 -19.28 52.69 -36.98
CA LYS J 307 -18.86 52.33 -38.34
C LYS J 307 -17.97 51.09 -38.30
N ASN J 308 -17.61 50.63 -39.49
CA ASN J 308 -16.66 49.53 -39.63
C ASN J 308 -16.00 49.61 -41.00
N SER J 309 -14.86 48.93 -41.11
CA SER J 309 -14.05 48.89 -42.34
C SER J 309 -13.61 50.28 -42.80
N LYS J 310 -13.37 51.17 -41.82
CA LYS J 310 -12.81 52.51 -42.05
C LYS J 310 -13.66 53.35 -43.01
N ASP J 311 -14.98 53.20 -42.90
CA ASP J 311 -15.90 53.97 -43.71
C ASP J 311 -17.14 54.31 -42.90
N GLU J 312 -17.49 55.60 -42.86
CA GLU J 312 -18.66 56.04 -42.09
C GLU J 312 -19.98 55.81 -42.82
N THR J 313 -19.93 55.56 -44.14
CA THR J 313 -21.15 55.34 -44.89
C THR J 313 -21.83 54.04 -44.48
N ARG J 314 -21.05 52.98 -44.28
CA ARG J 314 -21.59 51.69 -43.83
C ARG J 314 -21.87 51.79 -42.34
N VAL J 315 -23.12 52.07 -41.98
CA VAL J 315 -23.53 52.13 -40.58
C VAL J 315 -23.65 50.70 -40.05
N SER J 316 -22.93 50.41 -38.97
CA SER J 316 -22.89 49.05 -38.45
C SER J 316 -24.07 48.76 -37.53
N PHE J 317 -24.17 49.46 -36.41
CA PHE J 317 -25.24 49.25 -35.45
C PHE J 317 -25.38 50.51 -34.61
N VAL J 318 -26.26 50.44 -33.61
CA VAL J 318 -26.46 51.53 -32.65
C VAL J 318 -26.52 50.95 -31.24
N ARG J 319 -26.60 51.84 -30.26
CA ARG J 319 -26.37 51.51 -28.85
C ARG J 319 -27.47 52.15 -27.98
N HIS J 320 -28.73 51.86 -28.27
CA HIS J 320 -29.80 52.37 -27.42
C HIS J 320 -29.68 51.83 -25.99
N HIS J 321 -29.76 52.72 -25.02
CA HIS J 321 -29.82 52.30 -23.63
C HIS J 321 -31.21 51.76 -23.31
N ALA J 322 -31.30 50.86 -22.33
CA ALA J 322 -32.58 50.30 -21.95
C ALA J 322 -32.51 49.78 -20.53
N PHE J 323 -33.68 49.57 -19.94
CA PHE J 323 -33.75 48.92 -18.64
C PHE J 323 -35.02 48.07 -18.59
N SER J 324 -34.88 46.88 -17.99
CA SER J 324 -36.02 46.01 -17.75
C SER J 324 -36.62 46.37 -16.40
N PRO J 325 -37.91 46.74 -16.36
CA PRO J 325 -38.56 47.01 -15.07
C PRO J 325 -39.31 45.82 -14.52
N ARG J 326 -39.38 45.71 -13.20
CA ARG J 326 -40.21 44.68 -12.56
C ARG J 326 -40.87 45.25 -11.32
N PHE J 327 -42.15 44.97 -11.15
CA PHE J 327 -42.93 45.46 -10.02
C PHE J 327 -43.06 44.38 -8.97
N GLU J 328 -42.69 44.68 -7.74
CA GLU J 328 -42.79 43.72 -6.65
C GLU J 328 -43.48 44.35 -5.45
N LEU J 329 -44.14 43.52 -4.65
CA LEU J 329 -44.87 43.96 -3.48
C LEU J 329 -44.16 43.45 -2.23
N MET J 330 -43.86 44.37 -1.32
CA MET J 330 -43.06 44.04 -0.13
C MET J 330 -43.25 45.13 0.90
N ALA J 331 -43.49 44.73 2.15
CA ALA J 331 -43.77 45.63 3.27
C ALA J 331 -44.95 46.56 2.98
N ASP J 332 -45.95 46.01 2.27
CA ASP J 332 -47.12 46.74 1.80
C ASP J 332 -46.73 47.97 0.98
N GLN J 333 -45.66 47.82 0.19
CA GLN J 333 -45.20 48.87 -0.71
C GLN J 333 -44.86 48.24 -2.05
N TRP J 334 -44.94 49.04 -3.11
CA TRP J 334 -44.71 48.58 -4.47
C TRP J 334 -43.36 49.13 -4.92
N TYR J 335 -42.37 48.25 -5.03
CA TYR J 335 -41.02 48.62 -5.44
C TYR J 335 -40.79 48.26 -6.91
N LEU J 336 -39.91 49.04 -7.54
CA LEU J 336 -39.55 48.86 -8.94
C LEU J 336 -38.09 48.42 -9.01
N ILE J 337 -37.86 47.30 -9.67
CA ILE J 337 -36.53 46.73 -9.84
C ILE J 337 -36.06 47.02 -11.27
N ILE J 338 -34.85 47.55 -11.40
CA ILE J 338 -34.31 48.05 -12.66
C ILE J 338 -33.14 47.18 -13.07
N THR J 339 -33.19 46.66 -14.29
CA THR J 339 -32.07 45.88 -14.85
C THR J 339 -31.55 46.56 -16.11
N PRO J 340 -30.40 47.26 -16.04
CA PRO J 340 -29.88 47.94 -17.24
C PRO J 340 -29.43 46.97 -18.31
N THR J 341 -29.58 47.39 -19.56
CA THR J 341 -29.23 46.59 -20.73
C THR J 341 -29.17 47.51 -21.95
N TYR J 342 -28.96 46.92 -23.13
CA TYR J 342 -28.80 47.66 -24.36
C TYR J 342 -29.66 47.06 -25.47
N TYR J 343 -29.98 47.89 -26.45
CA TYR J 343 -30.75 47.49 -27.62
C TYR J 343 -29.97 47.95 -28.85
N TYR J 344 -29.77 47.04 -29.79
CA TYR J 344 -29.06 47.30 -31.04
C TYR J 344 -30.04 47.22 -32.19
N THR J 345 -30.07 48.27 -33.01
CA THR J 345 -30.88 48.24 -34.23
C THR J 345 -29.98 48.50 -35.43
N THR J 346 -30.57 48.66 -36.62
CA THR J 346 -29.85 49.03 -37.81
C THR J 346 -30.39 50.36 -38.33
N ASN J 347 -29.48 51.22 -38.80
CA ASN J 347 -29.76 52.54 -39.34
C ASN J 347 -30.40 53.45 -38.28
N GLY J 348 -31.62 53.14 -37.87
CA GLY J 348 -32.32 53.92 -36.85
C GLY J 348 -33.80 53.62 -36.87
N TYR J 349 -34.39 53.48 -35.67
CA TYR J 349 -35.77 53.08 -35.41
C TYR J 349 -36.25 51.92 -36.29
N ALA J 350 -35.34 51.01 -36.62
CA ALA J 350 -35.61 49.83 -37.43
C ALA J 350 -34.80 48.67 -36.88
N PRO J 351 -35.44 47.64 -36.33
CA PRO J 351 -34.73 46.66 -35.50
C PRO J 351 -33.68 45.86 -36.27
N HIS J 352 -32.60 45.52 -35.56
CA HIS J 352 -31.53 44.71 -36.14
C HIS J 352 -32.02 43.29 -36.37
N GLN J 353 -31.57 42.70 -37.48
CA GLN J 353 -31.91 41.31 -37.77
C GLN J 353 -31.13 40.33 -36.89
N PHE J 354 -29.99 40.75 -36.32
CA PHE J 354 -29.22 39.90 -35.43
C PHE J 354 -28.35 40.79 -34.56
N ALA J 355 -28.39 40.57 -33.24
CA ALA J 355 -27.32 40.99 -32.33
C ALA J 355 -27.09 39.85 -31.33
N ALA J 356 -26.36 38.83 -31.76
CA ALA J 356 -25.97 37.77 -30.85
C ALA J 356 -24.68 38.07 -30.07
N PRO J 357 -23.54 38.49 -30.72
CA PRO J 357 -22.32 38.67 -29.93
C PRO J 357 -22.11 40.08 -29.42
N LEU J 358 -22.87 41.04 -29.95
CA LEU J 358 -22.62 42.44 -29.62
C LEU J 358 -22.98 42.74 -28.17
N LEU J 359 -24.13 42.25 -27.72
CA LEU J 359 -24.56 42.48 -26.35
C LEU J 359 -23.61 41.80 -25.36
N ALA J 360 -23.20 40.56 -25.65
CA ALA J 360 -22.28 39.86 -24.77
C ALA J 360 -20.92 40.53 -24.73
N GLY J 361 -20.43 41.00 -25.87
CA GLY J 361 -19.16 41.71 -25.89
C GLY J 361 -19.21 43.03 -25.15
N LYS J 362 -20.34 43.74 -25.26
CA LYS J 362 -20.50 44.98 -24.50
C LYS J 362 -20.58 44.70 -23.01
N LYS J 363 -21.27 43.61 -22.62
CA LYS J 363 -21.38 43.27 -21.21
C LYS J 363 -20.05 42.83 -20.63
N ARG J 364 -19.21 42.19 -21.46
CA ARG J 364 -17.96 41.63 -20.98
C ARG J 364 -16.98 42.72 -20.54
N LEU J 365 -16.94 43.81 -21.32
CA LEU J 365 -16.12 44.96 -20.95
C LEU J 365 -16.98 45.94 -20.19
N ASP J 366 -17.01 45.80 -18.87
CA ASP J 366 -17.83 46.65 -18.02
C ASP J 366 -17.26 46.59 -16.61
N LYS J 367 -17.87 47.35 -15.70
CA LYS J 367 -17.43 47.38 -14.31
C LYS J 367 -18.65 47.61 -13.41
N SER J 368 -18.42 47.42 -12.10
CA SER J 368 -19.45 47.78 -11.13
C SER J 368 -19.60 49.29 -11.02
N ALA J 369 -18.53 50.04 -11.25
CA ALA J 369 -18.60 51.49 -11.28
C ALA J 369 -19.45 51.98 -12.45
N ALA J 370 -19.40 51.26 -13.57
CA ALA J 370 -20.17 51.60 -14.76
C ALA J 370 -21.56 50.98 -14.75
N LEU J 371 -22.09 50.65 -13.57
CA LEU J 371 -23.45 50.16 -13.42
C LEU J 371 -24.26 50.96 -12.41
N ARG J 372 -23.63 51.46 -11.35
CA ARG J 372 -24.31 52.33 -10.40
C ARG J 372 -24.74 53.65 -11.04
N GLY J 373 -23.87 54.21 -11.89
CA GLY J 373 -24.21 55.45 -12.58
C GLY J 373 -25.39 55.30 -13.53
N GLN J 374 -25.52 54.14 -14.17
CA GLN J 374 -26.68 53.87 -15.02
C GLN J 374 -27.96 53.89 -14.19
N VAL J 375 -27.94 53.25 -13.02
CA VAL J 375 -29.12 53.23 -12.16
C VAL J 375 -29.46 54.64 -11.69
N ILE J 376 -28.43 55.41 -11.32
CA ILE J 376 -28.66 56.77 -10.84
C ILE J 376 -29.25 57.66 -11.93
N MET J 377 -28.70 57.57 -13.15
CA MET J 377 -29.20 58.41 -14.24
C MET J 377 -30.59 57.98 -14.69
N TRP J 378 -30.88 56.68 -14.66
CA TRP J 378 -32.22 56.21 -14.98
C TRP J 378 -33.23 56.66 -13.93
N HIS J 379 -32.82 56.67 -12.66
CA HIS J 379 -33.69 57.19 -11.60
C HIS J 379 -33.95 58.68 -11.78
N ARG J 380 -32.91 59.45 -12.11
CA ARG J 380 -33.09 60.89 -12.25
C ARG J 380 -33.92 61.24 -13.48
N PHE J 381 -33.82 60.43 -14.53
CA PHE J 381 -34.70 60.66 -15.68
C PHE J 381 -36.13 60.25 -15.37
N LEU J 382 -36.30 59.17 -14.60
CA LEU J 382 -37.62 58.57 -14.43
C LEU J 382 -38.56 59.42 -13.59
N THR J 383 -38.01 60.29 -12.73
CA THR J 383 -38.83 61.20 -11.93
C THR J 383 -38.45 62.63 -12.24
N GLN J 384 -39.46 63.51 -12.18
CA GLN J 384 -39.34 64.96 -12.37
C GLN J 384 -38.89 65.36 -13.78
N SER J 385 -39.06 66.63 -14.11
CA SER J 385 -38.65 67.14 -15.41
C SER J 385 -38.38 68.64 -15.34
N TYR J 400 -50.54 59.86 -13.15
CA TYR J 400 -49.11 60.17 -12.98
C TYR J 400 -48.59 59.60 -11.67
N LEU J 401 -47.40 59.01 -11.72
CA LEU J 401 -46.83 58.35 -10.56
C LEU J 401 -45.49 58.97 -10.21
N MET J 402 -45.29 59.22 -8.92
CA MET J 402 -44.02 59.74 -8.43
C MET J 402 -43.07 58.57 -8.14
N PHE J 403 -41.76 58.82 -8.25
CA PHE J 403 -40.74 57.81 -7.97
C PHE J 403 -39.81 58.40 -6.91
N GLY J 404 -39.65 57.66 -5.81
CA GLY J 404 -38.81 58.11 -4.72
C GLY J 404 -37.33 57.85 -4.92
N GLU J 405 -36.58 57.88 -3.83
CA GLU J 405 -35.14 57.66 -3.83
C GLU J 405 -34.82 56.27 -3.31
N PRO J 406 -33.79 55.63 -3.84
CA PRO J 406 -33.45 54.26 -3.43
C PRO J 406 -32.92 54.22 -2.01
N PRO J 407 -33.16 53.13 -1.29
CA PRO J 407 -32.66 53.04 0.10
C PRO J 407 -31.16 52.86 0.15
N SER J 408 -30.59 53.16 1.31
CA SER J 408 -29.16 53.06 1.54
C SER J 408 -28.90 52.17 2.75
N ILE J 409 -27.79 51.44 2.69
CA ILE J 409 -27.39 50.50 3.73
C ILE J 409 -25.96 50.81 4.15
N HIS J 410 -25.64 50.40 5.38
CA HIS J 410 -24.35 50.65 5.99
C HIS J 410 -23.59 49.35 6.13
N LEU J 411 -22.36 49.32 5.62
CA LEU J 411 -21.50 48.14 5.68
C LEU J 411 -20.40 48.36 6.70
N ASP J 412 -20.21 47.36 7.58
CA ASP J 412 -19.26 47.48 8.67
C ASP J 412 -17.82 47.34 8.17
N VAL J 413 -17.49 46.20 7.57
CA VAL J 413 -16.15 45.97 7.06
C VAL J 413 -16.05 46.56 5.66
N ARG J 414 -15.06 47.44 5.47
CA ARG J 414 -14.86 48.08 4.18
C ARG J 414 -13.94 47.24 3.31
N VAL J 415 -14.15 47.34 2.00
CA VAL J 415 -13.23 46.70 1.04
C VAL J 415 -11.87 47.38 1.14
N PRO J 416 -10.76 46.63 1.12
CA PRO J 416 -9.42 47.25 1.22
C PRO J 416 -9.15 48.32 0.16
N GLU J 417 -9.26 47.96 -1.11
CA GLU J 417 -9.26 48.88 -2.25
C GLU J 417 -7.94 49.65 -2.41
N ASP J 418 -6.90 49.29 -1.64
CA ASP J 418 -5.64 50.01 -1.64
C ASP J 418 -4.57 49.16 -2.30
N GLY J 419 -3.85 49.76 -3.25
CA GLY J 419 -2.80 49.06 -3.97
C GLY J 419 -3.27 48.19 -5.12
N TRP J 420 -4.58 48.10 -5.35
CA TRP J 420 -5.15 47.31 -6.43
C TRP J 420 -5.82 48.19 -7.47
N VAL J 421 -5.21 49.34 -7.79
CA VAL J 421 -5.86 50.32 -8.68
C VAL J 421 -5.49 49.91 -10.10
N LYS J 422 -6.22 48.92 -10.61
CA LYS J 422 -6.09 48.37 -11.96
C LYS J 422 -7.23 47.37 -12.18
N GLU J 423 -7.25 46.73 -13.36
CA GLU J 423 -8.17 45.67 -13.73
C GLU J 423 -9.63 46.09 -13.62
N LYS J 424 -10.28 45.76 -12.50
CA LYS J 424 -11.67 46.12 -12.30
C LYS J 424 -11.82 47.16 -11.19
N THR M 2 1.05 -58.96 -20.43
CA THR M 2 2.00 -57.92 -20.05
C THR M 2 1.40 -56.54 -20.28
N PHE M 3 1.57 -55.66 -19.30
CA PHE M 3 1.05 -54.30 -19.37
C PHE M 3 2.21 -53.30 -19.37
N GLU M 4 1.88 -52.03 -19.50
CA GLU M 4 2.85 -50.94 -19.51
C GLU M 4 2.65 -50.07 -18.27
N THR M 5 3.76 -49.55 -17.75
CA THR M 5 3.70 -48.73 -16.56
C THR M 5 4.78 -47.66 -16.61
N ARG M 6 4.54 -46.57 -15.87
CA ARG M 6 5.46 -45.45 -15.81
C ARG M 6 5.38 -44.83 -14.43
N ILE M 7 6.45 -44.12 -14.06
CA ILE M 7 6.50 -43.34 -12.82
C ILE M 7 6.96 -41.94 -13.18
N PHE M 8 6.12 -40.95 -12.87
CA PHE M 8 6.41 -39.56 -13.16
C PHE M 8 7.07 -38.90 -11.95
N ASP M 9 7.98 -37.98 -12.22
CA ASP M 9 8.62 -37.21 -11.16
C ASP M 9 7.63 -36.22 -10.57
N GLU M 10 7.96 -35.73 -9.38
CA GLU M 10 7.13 -34.72 -8.73
C GLU M 10 7.24 -33.40 -9.48
N PRO M 11 6.13 -32.80 -9.89
CA PRO M 11 6.20 -31.55 -10.66
C PRO M 11 6.70 -30.39 -9.81
N GLU M 12 7.31 -29.42 -10.47
CA GLU M 12 7.90 -28.27 -9.83
C GLU M 12 7.02 -27.04 -10.06
N LEU M 13 6.73 -26.31 -8.99
CA LEU M 13 6.06 -25.03 -9.10
C LEU M 13 7.09 -23.92 -9.23
N GLU M 14 6.64 -22.78 -9.77
CA GLU M 14 7.51 -21.64 -10.02
C GLU M 14 7.16 -20.52 -9.05
N PHE M 15 8.10 -20.19 -8.17
CA PHE M 15 7.96 -19.11 -7.23
C PHE M 15 8.62 -17.84 -7.79
N GLY M 16 8.74 -16.82 -6.94
CA GLY M 16 9.34 -15.58 -7.38
C GLY M 16 10.85 -15.68 -7.55
N ASP M 17 11.38 -14.71 -8.29
CA ASP M 17 12.82 -14.54 -8.52
C ASP M 17 13.42 -15.77 -9.22
N HIS M 18 12.66 -16.33 -10.16
CA HIS M 18 13.10 -17.43 -11.02
C HIS M 18 13.54 -18.65 -10.21
N HIS M 19 12.84 -18.93 -9.12
CA HIS M 19 13.15 -20.07 -8.26
C HIS M 19 12.03 -21.09 -8.36
N HIS M 20 12.40 -22.37 -8.45
CA HIS M 20 11.45 -23.45 -8.59
C HIS M 20 11.71 -24.53 -7.54
N HIS M 21 10.64 -25.02 -6.94
CA HIS M 21 10.71 -26.05 -5.91
C HIS M 21 9.39 -26.80 -5.88
N GLN M 22 9.40 -27.99 -5.29
CA GLN M 22 8.23 -28.85 -5.26
C GLN M 22 7.39 -28.69 -4.00
N ASP M 23 7.76 -27.79 -3.10
CA ASP M 23 7.02 -27.60 -1.86
C ASP M 23 6.58 -26.14 -1.77
N PRO M 24 5.27 -25.86 -1.69
CA PRO M 24 4.83 -24.47 -1.51
C PRO M 24 5.34 -23.82 -0.25
N ARG M 25 5.43 -24.56 0.86
CA ARG M 25 5.79 -23.98 2.14
C ARG M 25 7.24 -23.49 2.15
N LEU M 26 8.18 -24.42 1.92
CA LEU M 26 9.59 -24.05 1.93
C LEU M 26 9.93 -23.10 0.79
N GLY M 27 9.34 -23.32 -0.39
CA GLY M 27 9.58 -22.44 -1.52
C GLY M 27 9.12 -21.01 -1.27
N LEU M 28 7.95 -20.86 -0.65
CA LEU M 28 7.51 -19.52 -0.24
C LEU M 28 8.41 -18.97 0.87
N SER M 29 8.92 -19.85 1.73
CA SER M 29 9.74 -19.40 2.85
C SER M 29 11.08 -18.86 2.41
N GLU M 30 11.66 -19.38 1.32
CA GLU M 30 12.99 -18.95 0.93
C GLU M 30 13.04 -18.15 -0.38
N ALA M 31 11.93 -18.03 -1.11
CA ALA M 31 11.92 -17.25 -2.33
C ALA M 31 10.92 -16.10 -2.30
N GLY M 32 9.68 -16.36 -1.91
CA GLY M 32 8.65 -15.35 -1.92
C GLY M 32 7.60 -15.63 -2.99
N PRO M 33 6.57 -14.79 -3.05
CA PRO M 33 5.49 -15.00 -4.02
C PRO M 33 5.95 -14.72 -5.45
N LEU M 34 5.19 -15.26 -6.39
CA LEU M 34 5.48 -15.07 -7.81
C LEU M 34 5.29 -13.61 -8.21
N GLN M 35 4.15 -13.03 -7.84
CA GLN M 35 3.85 -11.63 -8.11
C GLN M 35 3.89 -10.89 -6.78
N THR M 36 4.91 -10.05 -6.61
CA THR M 36 5.09 -9.33 -5.36
C THR M 36 4.08 -8.20 -5.23
N PHE M 37 3.66 -7.94 -4.00
CA PHE M 37 2.73 -6.84 -3.73
C PHE M 37 3.49 -5.52 -3.74
N LEU M 38 3.08 -4.60 -4.61
CA LEU M 38 3.71 -3.29 -4.70
C LEU M 38 3.10 -2.42 -3.60
N GLY M 39 3.75 -2.41 -2.45
CA GLY M 39 3.25 -1.70 -1.29
C GLY M 39 3.95 -2.18 -0.05
N ASP M 40 3.36 -1.85 1.10
CA ASP M 40 3.95 -2.22 2.37
C ASP M 40 2.99 -2.98 3.28
N VAL M 41 1.71 -2.60 3.27
CA VAL M 41 0.77 -3.06 4.26
C VAL M 41 -0.52 -3.52 3.59
N ILE M 42 -1.18 -4.49 4.23
CA ILE M 42 -2.49 -4.96 3.84
C ILE M 42 -3.44 -4.75 5.01
N LYS M 43 -4.55 -4.06 4.76
CA LYS M 43 -5.50 -3.70 5.81
C LYS M 43 -6.58 -4.77 5.93
N ILE M 44 -6.83 -5.20 7.17
CA ILE M 44 -7.81 -6.23 7.46
C ILE M 44 -8.91 -5.64 8.32
N GLY M 45 -10.16 -5.90 7.94
CA GLY M 45 -11.32 -5.48 8.72
C GLY M 45 -11.96 -6.69 9.36
N VAL M 46 -12.51 -6.49 10.57
CA VAL M 46 -13.12 -7.56 11.35
C VAL M 46 -14.57 -7.21 11.63
N VAL M 47 -15.46 -8.16 11.39
CA VAL M 47 -16.88 -8.05 11.72
C VAL M 47 -17.23 -9.23 12.61
N GLY M 48 -17.62 -8.96 13.85
CA GLY M 48 -17.96 -10.05 14.74
C GLY M 48 -18.15 -9.55 16.16
N ASN M 49 -18.24 -10.51 17.08
CA ASN M 49 -18.41 -10.19 18.49
C ASN M 49 -17.17 -9.50 19.05
N SER M 50 -17.36 -8.81 20.17
CA SER M 50 -16.26 -8.05 20.78
C SER M 50 -15.15 -8.97 21.26
N LYS M 51 -15.52 -10.10 21.88
CA LYS M 51 -14.52 -11.07 22.32
C LYS M 51 -13.77 -11.67 21.12
N THR M 52 -14.50 -12.01 20.05
CA THR M 52 -13.85 -12.54 18.87
C THR M 52 -12.98 -11.49 18.18
N ILE M 53 -13.37 -10.22 18.24
CA ILE M 53 -12.54 -9.14 17.73
C ILE M 53 -11.24 -9.06 18.54
N GLU M 54 -11.35 -9.17 19.87
CA GLU M 54 -10.15 -9.14 20.72
C GLU M 54 -9.24 -10.32 20.44
N ASP M 55 -9.80 -11.52 20.27
CA ASP M 55 -8.98 -12.68 19.94
C ASP M 55 -8.36 -12.56 18.56
N THR M 56 -9.07 -11.98 17.60
CA THR M 56 -8.50 -11.78 16.26
C THR M 56 -7.35 -10.77 16.31
N ARG M 57 -7.48 -9.74 17.15
CA ARG M 57 -6.39 -8.78 17.31
C ARG M 57 -5.19 -9.41 18.01
N LYS M 58 -5.44 -10.30 18.97
CA LYS M 58 -4.34 -10.94 19.70
C LYS M 58 -3.66 -12.02 18.86
N PHE M 59 -4.40 -12.71 18.00
CA PHE M 59 -3.85 -13.83 17.23
C PHE M 59 -2.78 -13.37 16.26
N ILE M 60 -3.01 -12.24 15.58
CA ILE M 60 -2.05 -11.72 14.63
C ILE M 60 -0.77 -11.28 15.34
N GLU M 61 -0.92 -10.61 16.49
CA GLU M 61 0.24 -10.19 17.28
C GLU M 61 1.03 -11.37 17.79
N THR M 62 0.35 -12.44 18.22
CA THR M 62 1.03 -13.64 18.68
C THR M 62 1.76 -14.34 17.55
N VAL M 63 1.11 -14.49 16.39
CA VAL M 63 1.69 -15.27 15.31
C VAL M 63 2.69 -14.46 14.48
N SER M 64 2.76 -13.14 14.67
CA SER M 64 3.71 -12.34 13.90
C SER M 64 5.15 -12.60 14.28
N SER M 65 5.41 -13.10 15.49
CA SER M 65 6.76 -13.37 15.94
C SER M 65 7.23 -14.78 15.61
N GLY M 66 6.38 -15.59 14.99
CA GLY M 66 6.76 -16.94 14.61
C GLY M 66 6.39 -17.95 15.67
N VAL M 67 6.02 -19.15 15.22
CA VAL M 67 5.69 -20.26 16.10
C VAL M 67 6.54 -21.45 15.71
N GLU M 68 6.74 -22.36 16.66
CA GLU M 68 7.55 -23.55 16.42
C GLU M 68 6.73 -24.60 15.68
N GLY M 69 7.41 -25.68 15.32
CA GLY M 69 6.79 -26.73 14.53
C GLY M 69 6.19 -27.84 15.38
N LYS M 70 6.79 -29.03 15.30
CA LYS M 70 6.29 -30.20 16.01
C LYS M 70 7.49 -30.95 16.58
N GLY M 71 7.29 -32.21 16.95
CA GLY M 71 8.32 -33.02 17.57
C GLY M 71 9.54 -33.30 16.72
N GLU M 72 10.48 -34.06 17.26
CA GLU M 72 11.78 -34.30 16.62
C GLU M 72 11.75 -35.42 15.58
N LYS M 73 10.56 -35.77 15.08
CA LYS M 73 10.42 -36.67 13.95
C LYS M 73 10.67 -35.88 12.65
N HIS M 74 10.28 -36.48 11.52
CA HIS M 74 10.37 -35.89 10.18
C HIS M 74 9.86 -34.46 10.12
N PRO M 75 10.74 -33.49 9.89
CA PRO M 75 10.35 -32.08 10.00
C PRO M 75 9.88 -31.43 8.71
N ASN M 76 9.95 -32.12 7.57
CA ASN M 76 9.46 -31.55 6.33
C ASN M 76 7.94 -31.44 6.32
N MET M 77 7.27 -32.32 7.05
CA MET M 77 5.81 -32.24 7.15
C MET M 77 5.36 -31.13 8.08
N HIS M 78 6.19 -30.76 9.06
CA HIS M 78 5.86 -29.72 10.03
C HIS M 78 7.00 -28.70 10.10
N PRO M 79 7.09 -27.80 9.13
CA PRO M 79 8.06 -26.70 9.24
C PRO M 79 7.49 -25.56 10.05
N PRO M 80 8.30 -24.92 10.88
CA PRO M 80 7.79 -23.83 11.72
C PRO M 80 7.50 -22.58 10.91
N PHE M 81 6.53 -21.81 11.38
CA PHE M 81 6.18 -20.55 10.72
C PHE M 81 7.22 -19.50 11.04
N PRO M 82 7.86 -18.89 10.03
CA PRO M 82 8.90 -17.88 10.31
C PRO M 82 8.39 -16.65 11.05
N GLY M 83 7.14 -16.25 10.82
CA GLY M 83 6.62 -15.03 11.40
C GLY M 83 6.57 -13.91 10.38
N LEU M 84 5.71 -12.92 10.66
CA LEU M 84 5.45 -11.82 9.74
C LEU M 84 6.40 -10.64 9.95
N GLY M 85 7.58 -10.87 10.51
CA GLY M 85 8.55 -9.82 10.69
C GLY M 85 9.36 -9.55 9.45
N ASN M 86 10.68 -9.50 9.58
CA ASN M 86 11.56 -9.28 8.45
C ASN M 86 11.95 -10.57 7.73
N GLN M 87 11.44 -11.71 8.18
CA GLN M 87 11.67 -12.99 7.52
C GLN M 87 10.36 -13.59 7.00
N SER M 88 9.37 -12.75 6.71
CA SER M 88 8.08 -13.24 6.29
C SER M 88 8.15 -13.83 4.89
N PRO M 89 7.42 -14.92 4.62
CA PRO M 89 7.42 -15.49 3.27
C PRO M 89 6.70 -14.64 2.24
N TYR M 90 5.89 -13.66 2.67
CA TYR M 90 5.10 -12.84 1.75
C TYR M 90 5.71 -11.48 1.49
N ARG M 91 6.77 -11.11 2.22
CA ARG M 91 7.49 -9.85 2.04
C ARG M 91 6.59 -8.63 2.20
N CYS M 92 5.61 -8.71 3.09
CA CYS M 92 4.70 -7.61 3.35
C CYS M 92 4.21 -7.70 4.79
N ARG M 93 3.31 -6.79 5.15
CA ARG M 93 2.83 -6.67 6.53
C ARG M 93 1.32 -6.66 6.54
N PHE M 94 0.74 -7.11 7.65
CA PHE M 94 -0.70 -7.16 7.85
C PHE M 94 -1.07 -6.28 9.02
N GLU M 95 -1.99 -5.34 8.81
CA GLU M 95 -2.43 -4.43 9.86
C GLU M 95 -3.94 -4.40 9.95
N ILE M 96 -4.44 -4.23 11.18
CA ILE M 96 -5.86 -4.07 11.45
C ILE M 96 -6.15 -2.59 11.63
N GLU M 97 -6.98 -2.04 10.77
CA GLU M 97 -7.36 -0.64 10.90
C GLU M 97 -8.34 -0.47 12.06
N ASP M 98 -8.17 0.63 12.81
CA ASP M 98 -8.98 0.84 14.02
C ASP M 98 -10.43 1.14 13.67
N GLY M 99 -10.67 1.92 12.62
CA GLY M 99 -12.03 2.28 12.25
C GLY M 99 -12.76 1.25 11.43
N ALA M 100 -12.06 0.26 10.90
CA ALA M 100 -12.67 -0.81 10.11
C ALA M 100 -12.94 -2.03 10.98
N THR M 101 -13.83 -1.85 11.97
CA THR M 101 -14.17 -2.91 12.89
C THR M 101 -15.64 -2.77 13.26
N ALA M 102 -16.40 -3.85 13.08
CA ALA M 102 -17.83 -3.85 13.35
C ALA M 102 -18.17 -4.90 14.40
N ALA M 103 -18.97 -4.49 15.37
CA ALA M 103 -19.37 -5.36 16.48
C ALA M 103 -20.88 -5.49 16.50
N LEU M 104 -21.36 -6.72 16.37
CA LEU M 104 -22.79 -7.00 16.49
C LEU M 104 -23.17 -7.01 17.96
N THR M 105 -24.21 -6.26 18.31
CA THR M 105 -24.63 -6.17 19.70
C THR M 105 -25.23 -7.49 20.17
N LYS M 106 -25.20 -7.71 21.49
CA LYS M 106 -25.74 -8.93 22.06
C LYS M 106 -27.26 -9.00 21.89
N SER M 107 -27.92 -7.85 21.77
CA SER M 107 -29.36 -7.84 21.53
C SER M 107 -29.70 -8.42 20.18
N LYS M 108 -28.89 -8.13 19.15
CA LYS M 108 -29.15 -8.68 17.82
C LYS M 108 -28.92 -10.19 17.78
N LEU M 109 -27.86 -10.67 18.42
CA LEU M 109 -27.63 -12.11 18.47
C LEU M 109 -28.67 -12.81 19.33
N ASP M 110 -29.23 -12.12 20.32
CA ASP M 110 -30.32 -12.69 21.09
C ASP M 110 -31.61 -12.74 20.25
N LYS M 111 -31.83 -11.74 19.41
CA LYS M 111 -32.98 -11.76 18.52
C LYS M 111 -32.87 -12.90 17.51
N ILE M 112 -31.69 -13.07 16.91
CA ILE M 112 -31.51 -14.29 16.12
C ILE M 112 -30.94 -15.39 17.01
N GLY M 113 -31.79 -15.90 17.90
CA GLY M 113 -31.54 -17.15 18.60
C GLY M 113 -32.85 -17.85 18.89
N LYS M 114 -33.95 -17.20 18.48
CA LYS M 114 -35.30 -17.65 18.85
C LYS M 114 -36.25 -17.66 17.67
N GLU M 115 -35.75 -17.65 16.44
CA GLU M 115 -36.62 -17.65 15.27
C GLU M 115 -36.76 -19.07 14.77
N PRO M 116 -37.93 -19.71 14.89
CA PRO M 116 -38.07 -21.12 14.53
C PRO M 116 -38.48 -21.30 13.06
N ASP M 117 -37.64 -20.79 12.15
CA ASP M 117 -37.91 -20.93 10.73
C ASP M 117 -36.69 -21.28 9.90
N HIS M 118 -35.51 -21.40 10.51
CA HIS M 118 -34.26 -21.84 9.87
C HIS M 118 -33.82 -20.92 8.74
N TYR M 119 -34.59 -20.86 7.65
CA TYR M 119 -34.26 -19.98 6.53
C TYR M 119 -34.33 -18.52 6.96
N ARG M 120 -35.35 -18.17 7.76
CA ARG M 120 -35.55 -16.78 8.15
C ARG M 120 -34.39 -16.27 9.00
N ALA M 121 -33.95 -17.05 9.98
CA ALA M 121 -32.87 -16.61 10.88
C ALA M 121 -31.56 -16.43 10.12
N VAL M 122 -31.26 -17.35 9.20
CA VAL M 122 -30.09 -17.20 8.34
C VAL M 122 -30.21 -15.95 7.49
N GLU M 123 -31.43 -15.65 7.02
CA GLU M 123 -31.66 -14.45 6.22
C GLU M 123 -31.38 -13.18 7.02
N MET M 124 -31.87 -13.10 8.26
CA MET M 124 -31.58 -11.91 9.06
C MET M 124 -30.10 -11.82 9.41
N ALA M 125 -29.44 -12.96 9.66
CA ALA M 125 -28.02 -12.93 9.98
C ALA M 125 -27.19 -12.40 8.81
N VAL M 126 -27.43 -12.94 7.61
CA VAL M 126 -26.68 -12.48 6.44
C VAL M 126 -27.06 -11.05 6.08
N ASP M 127 -28.31 -10.65 6.34
CA ASP M 127 -28.71 -9.27 6.08
C ASP M 127 -28.00 -8.31 7.02
N GLU M 128 -27.86 -8.67 8.30
CA GLU M 128 -27.16 -7.82 9.26
C GLU M 128 -25.69 -7.68 8.90
N ILE M 129 -25.03 -8.81 8.59
CA ILE M 129 -23.61 -8.76 8.25
C ILE M 129 -23.39 -8.00 6.94
N ILE M 130 -24.26 -8.21 5.96
CA ILE M 130 -24.13 -7.54 4.67
C ILE M 130 -24.38 -6.04 4.81
N GLY M 131 -25.33 -5.65 5.67
CA GLY M 131 -25.56 -4.24 5.93
C GLY M 131 -24.37 -3.57 6.59
N GLU M 132 -23.75 -4.24 7.58
CA GLU M 132 -22.54 -3.71 8.19
C GLU M 132 -21.41 -3.58 7.18
N LEU M 133 -21.24 -4.60 6.33
CA LEU M 133 -20.17 -4.56 5.32
C LEU M 133 -20.42 -3.47 4.28
N GLN M 134 -21.69 -3.26 3.91
CA GLN M 134 -22.03 -2.21 2.94
C GLN M 134 -21.79 -0.82 3.53
N ALA M 135 -22.15 -0.63 4.81
CA ALA M 135 -21.87 0.63 5.47
C ALA M 135 -20.36 0.87 5.58
N MET M 136 -19.59 -0.20 5.77
CA MET M 136 -18.13 -0.09 5.73
C MET M 136 -17.64 0.28 4.33
N ASP M 137 -18.29 -0.28 3.30
CA ASP M 137 -17.85 -0.06 1.92
C ASP M 137 -18.08 1.37 1.48
N ASP M 138 -19.25 1.92 1.80
CA ASP M 138 -19.58 3.27 1.33
C ASP M 138 -18.83 4.37 2.08
N GLY M 139 -18.14 4.04 3.16
CA GLY M 139 -17.42 5.03 3.95
C GLY M 139 -15.99 5.22 3.48
N GLY M 140 -15.22 5.91 4.32
CA GLY M 140 -13.84 6.21 4.03
C GLY M 140 -12.85 5.33 4.76
N SER M 141 -13.34 4.21 5.30
CA SER M 141 -12.52 3.24 6.01
C SER M 141 -12.60 1.87 5.35
N ARG M 142 -12.47 1.84 4.03
CA ARG M 142 -12.60 0.60 3.28
C ARG M 142 -11.40 -0.30 3.53
N PRO M 143 -11.61 -1.56 3.93
CA PRO M 143 -10.48 -2.48 4.08
C PRO M 143 -10.16 -3.22 2.79
N ASP M 144 -9.14 -4.08 2.81
CA ASP M 144 -8.81 -4.89 1.65
C ASP M 144 -9.44 -6.27 1.69
N VAL M 145 -9.64 -6.82 2.89
CA VAL M 145 -10.29 -8.11 3.07
C VAL M 145 -10.94 -8.11 4.45
N ALA M 146 -12.17 -8.62 4.52
CA ALA M 146 -12.95 -8.61 5.75
C ALA M 146 -13.01 -10.01 6.34
N ILE M 147 -12.68 -10.12 7.62
CA ILE M 147 -12.70 -11.39 8.34
C ILE M 147 -13.99 -11.47 9.13
N ILE M 148 -14.78 -12.52 8.90
CA ILE M 148 -16.00 -12.79 9.63
C ILE M 148 -15.62 -13.79 10.73
N ALA M 149 -15.43 -13.28 11.94
CA ALA M 149 -15.10 -14.12 13.10
C ALA M 149 -16.39 -14.46 13.82
N LEU M 150 -16.87 -15.68 13.59
CA LEU M 150 -18.17 -16.09 14.12
C LEU M 150 -18.03 -16.56 15.57
N PRO M 151 -18.84 -16.05 16.50
CA PRO M 151 -18.80 -16.55 17.88
C PRO M 151 -19.42 -17.93 18.02
N VAL M 152 -19.36 -18.48 19.24
CA VAL M 152 -19.88 -19.83 19.48
C VAL M 152 -21.41 -19.83 19.44
N LYS M 153 -22.04 -18.81 20.00
CA LYS M 153 -23.50 -18.79 20.09
C LYS M 153 -24.14 -18.62 18.71
N LEU M 154 -23.45 -17.96 17.79
CA LEU M 154 -23.95 -17.84 16.43
C LEU M 154 -23.88 -19.17 15.70
N LEU M 155 -22.89 -19.99 16.03
CA LEU M 155 -22.73 -21.30 15.37
C LEU M 155 -23.88 -22.23 15.70
N GLU M 156 -24.42 -22.14 16.91
CA GLU M 156 -25.52 -23.00 17.31
C GLU M 156 -26.78 -22.72 16.49
N ARG M 157 -27.08 -21.44 16.26
CA ARG M 157 -28.25 -21.09 15.47
C ARG M 157 -28.00 -21.30 13.98
N VAL M 158 -26.77 -21.08 13.54
CA VAL M 158 -26.45 -21.10 12.11
C VAL M 158 -26.13 -22.50 11.62
N TRP M 159 -25.24 -23.21 12.32
CA TRP M 159 -24.81 -24.53 11.87
C TRP M 159 -25.69 -25.64 12.41
N ASN M 160 -25.99 -25.61 13.70
CA ASN M 160 -26.82 -26.63 14.33
C ASN M 160 -28.29 -26.21 14.33
N PRO M 180 -30.76 -24.66 4.50
CA PRO M 180 -30.02 -23.58 3.85
C PRO M 180 -28.52 -23.67 4.14
N ASN M 181 -27.73 -22.84 3.46
CA ASN M 181 -26.29 -22.79 3.65
C ASN M 181 -25.90 -21.36 3.98
N PHE M 182 -25.22 -21.18 5.12
CA PHE M 182 -24.83 -19.84 5.53
C PHE M 182 -23.73 -19.27 4.63
N ARG M 183 -22.73 -20.08 4.31
CA ARG M 183 -21.63 -19.61 3.47
C ARG M 183 -22.09 -19.32 2.05
N GLY M 184 -23.00 -20.14 1.52
CA GLY M 184 -23.49 -19.92 0.18
C GLY M 184 -24.25 -18.62 0.03
N MET M 185 -25.16 -18.35 0.97
CA MET M 185 -25.90 -17.09 0.94
C MET M 185 -24.99 -15.89 1.21
N LEU M 186 -24.05 -16.04 2.15
CA LEU M 186 -23.16 -14.93 2.48
C LEU M 186 -22.20 -14.60 1.35
N LYS M 187 -21.84 -15.60 0.53
CA LYS M 187 -20.97 -15.34 -0.62
C LYS M 187 -21.75 -14.94 -1.86
N ALA M 188 -23.01 -15.35 -1.98
CA ALA M 188 -23.83 -14.91 -3.11
C ALA M 188 -24.35 -13.49 -2.91
N LYS M 189 -24.56 -13.06 -1.67
CA LYS M 189 -25.04 -11.71 -1.40
C LYS M 189 -23.92 -10.69 -1.30
N ALA M 190 -22.66 -11.13 -1.32
CA ALA M 190 -21.51 -10.22 -1.23
C ALA M 190 -20.80 -10.04 -2.56
N MET M 191 -21.47 -10.37 -3.68
CA MET M 191 -20.86 -10.18 -4.99
C MET M 191 -20.73 -8.71 -5.34
N GLY M 192 -21.69 -7.90 -4.91
CA GLY M 192 -21.68 -6.48 -5.24
C GLY M 192 -20.89 -5.62 -4.25
N LEU M 193 -19.72 -6.10 -3.85
CA LEU M 193 -18.83 -5.36 -2.97
C LEU M 193 -17.51 -5.11 -3.69
N SER M 194 -16.54 -4.55 -2.97
CA SER M 194 -15.24 -4.24 -3.53
C SER M 194 -14.11 -5.04 -2.90
N PHE M 195 -14.39 -5.88 -1.91
CA PHE M 195 -13.38 -6.70 -1.27
C PHE M 195 -13.94 -8.09 -1.00
N PRO M 196 -13.08 -9.12 -1.00
CA PRO M 196 -13.54 -10.46 -0.63
C PRO M 196 -13.60 -10.61 0.89
N ILE M 197 -14.21 -11.72 1.31
CA ILE M 197 -14.40 -12.00 2.74
C ILE M 197 -13.83 -13.37 3.06
N GLN M 198 -13.49 -13.57 4.33
CA GLN M 198 -12.94 -14.83 4.81
C GLN M 198 -13.59 -15.19 6.13
N ILE M 199 -14.16 -16.39 6.20
CA ILE M 199 -14.91 -16.84 7.38
C ILE M 199 -13.98 -17.64 8.28
N VAL M 200 -13.94 -17.28 9.57
CA VAL M 200 -13.08 -17.95 10.54
C VAL M 200 -13.90 -18.24 11.78
N TRP M 201 -13.90 -19.51 12.23
CA TRP M 201 -14.62 -19.90 13.43
C TRP M 201 -13.82 -19.52 14.68
N GLU M 202 -14.43 -19.75 15.84
CA GLU M 202 -13.77 -19.42 17.10
C GLU M 202 -13.00 -20.60 17.67
N ASP M 203 -12.17 -21.21 16.85
CA ASP M 203 -11.19 -22.23 17.21
C ASP M 203 -9.81 -21.92 16.70
N VAL M 204 -9.70 -21.32 15.51
CA VAL M 204 -8.40 -20.98 14.94
C VAL M 204 -7.76 -19.85 15.75
N ILE M 205 -8.57 -18.91 16.24
CA ILE M 205 -8.05 -17.72 16.91
C ILE M 205 -7.87 -17.91 18.41
N ASP M 206 -8.36 -19.01 18.97
CA ASP M 206 -8.26 -19.23 20.42
C ASP M 206 -8.28 -20.73 20.67
N ASP M 207 -7.20 -21.27 21.22
CA ASP M 207 -7.11 -22.70 21.51
C ASP M 207 -7.54 -23.01 22.94
N LYS M 208 -8.73 -22.53 23.31
CA LYS M 208 -9.28 -22.84 24.63
C LYS M 208 -10.78 -23.13 24.60
N VAL M 209 -11.41 -23.15 23.42
CA VAL M 209 -12.83 -23.41 23.29
C VAL M 209 -13.05 -24.38 22.15
N THR M 210 -14.22 -25.03 22.15
CA THR M 210 -14.60 -25.97 21.12
C THR M 210 -16.08 -25.82 20.78
N ILE M 211 -16.39 -25.95 19.51
CA ILE M 211 -17.77 -25.98 19.02
C ILE M 211 -18.19 -27.45 18.89
N PRO M 212 -19.35 -27.84 19.41
CA PRO M 212 -19.77 -29.23 19.27
C PRO M 212 -20.10 -29.59 17.83
N GLN M 213 -20.06 -30.89 17.54
CA GLN M 213 -20.34 -31.39 16.21
C GLN M 213 -21.84 -31.33 15.93
N LYS M 214 -22.22 -31.73 14.71
CA LYS M 214 -23.60 -31.51 14.27
C LYS M 214 -24.55 -32.57 14.83
N VAL M 215 -24.29 -33.84 14.52
CA VAL M 215 -25.18 -34.91 14.98
C VAL M 215 -24.57 -35.72 16.13
N LYS M 216 -23.26 -35.65 16.33
CA LYS M 216 -22.59 -36.37 17.40
C LYS M 216 -22.37 -35.44 18.59
N GLU M 217 -22.69 -35.94 19.79
CA GLU M 217 -22.58 -35.16 21.01
C GLU M 217 -21.22 -35.31 21.69
N SER M 218 -20.16 -35.59 20.92
CA SER M 218 -18.82 -35.64 21.49
C SER M 218 -18.35 -34.25 21.92
N SER M 219 -18.89 -33.20 21.30
CA SER M 219 -18.60 -31.81 21.64
C SER M 219 -17.12 -31.48 21.50
N SER M 220 -16.53 -31.89 20.37
CA SER M 220 -15.13 -31.65 20.11
C SER M 220 -14.89 -31.63 18.60
N ARG M 221 -14.16 -30.61 18.15
CA ARG M 221 -13.73 -30.50 16.76
C ARG M 221 -12.22 -30.65 16.70
N LYS M 222 -11.74 -31.54 15.83
CA LYS M 222 -10.32 -31.83 15.72
C LYS M 222 -9.74 -30.99 14.59
N ILE M 223 -8.96 -29.99 14.95
CA ILE M 223 -8.33 -29.11 13.98
C ILE M 223 -6.82 -29.25 14.10
N GLN M 224 -6.10 -28.69 13.13
CA GLN M 224 -4.65 -28.82 13.08
C GLN M 224 -3.99 -28.03 14.21
N ASP M 225 -2.67 -28.21 14.34
CA ASP M 225 -1.91 -27.57 15.39
C ASP M 225 -1.69 -26.09 15.06
N ILE M 226 -0.93 -25.42 15.93
CA ILE M 226 -0.77 -23.97 15.80
C ILE M 226 0.09 -23.62 14.59
N ALA M 227 1.01 -24.49 14.19
CA ALA M 227 1.82 -24.22 13.01
C ALA M 227 1.05 -24.45 11.72
N GLY M 228 0.19 -25.48 11.69
CA GLY M 228 -0.54 -25.79 10.48
C GLY M 228 -1.76 -24.92 10.23
N ARG M 229 -2.26 -24.24 11.27
CA ARG M 229 -3.40 -23.34 11.11
C ARG M 229 -3.02 -22.01 10.49
N THR M 230 -1.73 -21.68 10.42
CA THR M 230 -1.24 -20.40 9.97
C THR M 230 -0.79 -20.41 8.51
N TRP M 231 -0.16 -21.50 8.08
CA TRP M 231 0.32 -21.60 6.70
C TRP M 231 -0.83 -21.56 5.69
N ASN M 232 -1.94 -22.23 6.01
CA ASN M 232 -3.09 -22.26 5.12
C ASN M 232 -3.96 -21.02 5.23
N LEU M 233 -3.78 -20.20 6.25
CA LEU M 233 -4.61 -19.02 6.47
C LEU M 233 -3.95 -17.73 5.98
N MET M 234 -2.66 -17.54 6.26
CA MET M 234 -1.99 -16.31 5.86
C MET M 234 -1.83 -16.24 4.34
N THR M 235 -1.60 -17.38 3.69
CA THR M 235 -1.51 -17.40 2.23
C THR M 235 -2.84 -17.02 1.59
N SER M 236 -3.94 -17.56 2.12
CA SER M 236 -5.26 -17.20 1.61
C SER M 236 -5.58 -15.73 1.85
N LEU M 237 -5.19 -15.21 3.03
CA LEU M 237 -5.40 -13.80 3.30
C LEU M 237 -4.59 -12.91 2.38
N TYR M 238 -3.35 -13.31 2.09
CA TYR M 238 -2.51 -12.57 1.15
C TYR M 238 -3.11 -12.55 -0.25
N TYR M 239 -3.57 -13.71 -0.72
CA TYR M 239 -4.15 -13.77 -2.06
C TYR M 239 -5.45 -12.99 -2.14
N LYS M 240 -6.26 -13.01 -1.08
CA LYS M 240 -7.52 -12.30 -1.10
C LYS M 240 -7.33 -10.79 -1.00
N GLY M 241 -6.46 -10.34 -0.11
CA GLY M 241 -6.26 -8.92 0.10
C GLY M 241 -5.30 -8.24 -0.83
N SER M 242 -4.51 -9.00 -1.59
CA SER M 242 -3.56 -8.41 -2.52
C SER M 242 -3.95 -8.57 -3.98
N GLY M 243 -4.57 -9.68 -4.35
CA GLY M 243 -4.96 -9.91 -5.72
C GLY M 243 -3.92 -10.55 -6.60
N ARG M 244 -2.70 -10.74 -6.09
CA ARG M 244 -1.61 -11.33 -6.85
C ARG M 244 -1.43 -12.79 -6.46
N ILE M 245 -1.18 -13.63 -7.46
CA ILE M 245 -1.10 -15.08 -7.21
C ILE M 245 0.22 -15.42 -6.52
N PRO M 246 0.26 -16.41 -5.63
CA PRO M 246 1.52 -16.75 -4.96
C PRO M 246 2.44 -17.63 -5.78
N TRP M 247 1.89 -18.56 -6.55
CA TRP M 247 2.71 -19.49 -7.32
C TRP M 247 1.93 -20.00 -8.52
N ARG M 248 2.65 -20.62 -9.45
CA ARG M 248 2.07 -21.19 -10.65
C ARG M 248 2.93 -22.38 -11.07
N ARG M 249 2.36 -23.21 -11.95
CA ARG M 249 3.11 -24.35 -12.46
C ARG M 249 4.18 -23.88 -13.43
N MET M 250 5.31 -24.60 -13.44
CA MET M 250 6.41 -24.23 -14.32
C MET M 250 6.11 -24.71 -15.74
N PRO M 251 6.05 -23.82 -16.72
CA PRO M 251 5.80 -24.26 -18.10
C PRO M 251 7.00 -24.98 -18.68
N LEU M 252 6.72 -25.87 -19.64
CA LEU M 252 7.76 -26.62 -20.32
C LEU M 252 8.40 -25.75 -21.40
N GLU M 253 9.29 -26.34 -22.19
CA GLU M 253 10.01 -25.64 -23.25
C GLU M 253 9.55 -26.14 -24.61
N GLY M 254 9.23 -25.21 -25.50
CA GLY M 254 8.80 -25.57 -26.84
C GLY M 254 7.46 -26.27 -26.92
N GLU M 255 6.46 -25.78 -26.18
CA GLU M 255 5.11 -26.34 -26.22
C GLU M 255 4.15 -25.33 -26.82
N PHE M 256 3.04 -25.84 -27.36
CA PHE M 256 2.04 -24.99 -27.98
C PHE M 256 1.27 -24.20 -26.93
N SER M 257 0.70 -23.08 -27.36
CA SER M 257 -0.19 -22.32 -26.49
C SER M 257 -1.45 -23.12 -26.22
N ALA M 258 -1.96 -23.04 -24.99
CA ALA M 258 -3.05 -23.89 -24.56
C ALA M 258 -4.08 -23.08 -23.79
N CYS M 259 -5.30 -23.61 -23.76
CA CYS M 259 -6.41 -23.07 -23.00
C CYS M 259 -7.11 -24.21 -22.29
N TYR M 260 -7.46 -24.01 -21.02
CA TYR M 260 -8.00 -25.07 -20.18
C TYR M 260 -9.43 -24.71 -19.75
N VAL M 261 -10.34 -25.68 -19.89
CA VAL M 261 -11.74 -25.53 -19.55
C VAL M 261 -12.17 -26.68 -18.65
N GLY M 262 -12.95 -26.36 -17.62
CA GLY M 262 -13.49 -27.38 -16.74
C GLY M 262 -14.99 -27.26 -16.63
N ILE M 263 -15.66 -28.41 -16.57
CA ILE M 263 -17.12 -28.50 -16.60
C ILE M 263 -17.59 -29.29 -15.39
N SER M 264 -18.67 -28.81 -14.76
CA SER M 264 -19.29 -29.50 -13.63
C SER M 264 -20.78 -29.18 -13.63
N PHE M 265 -21.53 -29.88 -12.78
CA PHE M 265 -22.98 -29.78 -12.74
C PHE M 265 -23.46 -29.68 -11.30
N TYR M 266 -24.54 -28.93 -11.08
CA TYR M 266 -24.95 -28.60 -9.72
C TYR M 266 -26.37 -29.13 -9.48
N ARG M 267 -26.94 -28.72 -8.35
CA ARG M 267 -28.36 -28.90 -8.06
C ARG M 267 -28.99 -27.56 -7.73
N GLU M 268 -30.32 -27.52 -7.82
CA GLU M 268 -31.06 -26.27 -7.61
C GLU M 268 -31.16 -25.90 -6.14
N ALA M 269 -30.87 -26.83 -5.22
CA ALA M 269 -30.91 -26.68 -3.76
C ALA M 269 -32.32 -26.51 -3.22
N ASP M 270 -33.32 -26.44 -4.10
CA ASP M 270 -34.71 -26.57 -3.70
C ASP M 270 -35.53 -27.47 -4.62
N GLY M 271 -35.04 -27.77 -5.81
CA GLY M 271 -35.68 -28.72 -6.71
C GLY M 271 -34.75 -29.87 -7.03
N GLN M 272 -34.67 -30.25 -8.30
CA GLN M 272 -33.78 -31.34 -8.69
C GLN M 272 -33.06 -31.10 -10.01
N GLN M 273 -33.19 -29.91 -10.61
CA GLN M 273 -32.58 -29.66 -11.91
C GLN M 273 -31.07 -29.50 -11.78
N LEU M 274 -30.37 -29.76 -12.88
CA LEU M 274 -28.93 -29.68 -12.97
C LEU M 274 -28.51 -28.51 -13.83
N PHE M 275 -27.37 -27.91 -13.51
CA PHE M 275 -26.84 -26.76 -14.22
C PHE M 275 -25.46 -27.10 -14.79
N THR M 276 -24.80 -26.09 -15.34
CA THR M 276 -23.53 -26.28 -16.05
C THR M 276 -22.51 -25.26 -15.57
N SER M 277 -21.23 -25.64 -15.61
CA SER M 277 -20.14 -24.83 -15.10
C SER M 277 -19.14 -24.50 -16.21
N ALA M 278 -18.17 -23.65 -15.87
CA ALA M 278 -17.11 -23.22 -16.77
C ALA M 278 -16.01 -22.56 -15.95
N ALA M 279 -14.77 -22.72 -16.41
CA ALA M 279 -13.61 -22.07 -15.82
C ALA M 279 -12.51 -22.01 -16.86
N GLN M 280 -11.82 -20.86 -16.93
CA GLN M 280 -10.85 -20.59 -17.99
C GLN M 280 -9.49 -20.25 -17.41
N MET M 281 -8.44 -20.74 -18.06
CA MET M 281 -7.07 -20.37 -17.73
C MET M 281 -6.29 -20.11 -19.01
N PHE M 282 -5.47 -19.07 -18.97
CA PHE M 282 -4.40 -18.88 -19.95
C PHE M 282 -3.08 -18.90 -19.20
N ASP M 283 -1.99 -18.60 -19.91
CA ASP M 283 -0.67 -18.58 -19.29
C ASP M 283 -0.08 -17.17 -19.23
N GLU M 284 -0.79 -16.17 -19.75
CA GLU M 284 -0.41 -14.74 -19.75
C GLU M 284 0.82 -14.47 -20.61
N ARG M 285 0.93 -13.22 -21.09
CA ARG M 285 2.10 -12.85 -21.88
C ARG M 285 3.35 -12.69 -21.02
N GLY M 286 3.18 -12.20 -19.80
CA GLY M 286 4.30 -12.05 -18.88
C GLY M 286 4.48 -13.26 -17.99
N ARG M 287 4.51 -13.03 -16.69
CA ARG M 287 4.63 -14.10 -15.68
C ARG M 287 3.37 -14.05 -14.82
N GLY M 288 2.35 -14.80 -15.21
CA GLY M 288 1.12 -14.77 -14.47
C GLY M 288 0.21 -15.93 -14.87
N PHE M 289 -1.01 -15.88 -14.34
CA PHE M 289 -1.98 -16.94 -14.52
C PHE M 289 -3.36 -16.41 -14.16
N VAL M 290 -4.35 -16.63 -15.02
CA VAL M 290 -5.70 -16.15 -14.80
C VAL M 290 -6.59 -17.33 -14.45
N LEU M 291 -7.59 -17.08 -13.62
CA LEU M 291 -8.54 -18.10 -13.20
C LEU M 291 -9.94 -17.51 -13.11
N LYS M 292 -10.31 -16.74 -14.13
CA LYS M 292 -11.64 -16.13 -14.15
C LYS M 292 -12.70 -17.18 -14.46
N GLY M 293 -13.94 -16.85 -14.14
CA GLY M 293 -15.06 -17.73 -14.41
C GLY M 293 -15.81 -17.35 -15.66
N ARG M 294 -17.06 -16.95 -15.50
CA ARG M 294 -17.89 -16.51 -16.62
C ARG M 294 -18.68 -15.29 -16.18
N ARG M 295 -19.61 -14.85 -17.04
CA ARG M 295 -20.44 -13.70 -16.75
C ARG M 295 -21.93 -14.01 -16.84
N ALA M 296 -22.30 -15.27 -17.03
CA ALA M 296 -23.70 -15.67 -17.13
C ALA M 296 -23.83 -17.13 -16.74
N ARG M 297 -25.07 -17.54 -16.47
CA ARG M 297 -25.38 -18.92 -16.13
C ARG M 297 -26.24 -19.53 -17.22
N THR M 298 -26.03 -20.81 -17.49
CA THR M 298 -26.80 -21.52 -18.50
C THR M 298 -28.19 -21.85 -17.97
N GLU M 299 -29.06 -22.25 -18.90
CA GLU M 299 -30.42 -22.62 -18.52
C GLU M 299 -30.43 -23.98 -17.83
N SER M 300 -31.55 -24.26 -17.15
CA SER M 300 -31.63 -25.48 -16.35
C SER M 300 -31.76 -26.73 -17.21
N ARG M 301 -32.37 -26.61 -18.40
CA ARG M 301 -32.65 -27.72 -19.30
C ARG M 301 -33.43 -28.82 -18.61
N GLY M 302 -32.77 -29.95 -18.33
CA GLY M 302 -33.42 -31.06 -17.66
C GLY M 302 -32.57 -31.65 -16.56
N ARG M 303 -32.93 -32.85 -16.10
CA ARG M 303 -32.15 -33.54 -15.06
C ARG M 303 -31.08 -34.43 -15.67
N HIS M 304 -30.25 -33.84 -16.53
CA HIS M 304 -29.15 -34.56 -17.16
C HIS M 304 -27.83 -33.88 -16.87
N PRO M 305 -26.77 -34.63 -16.59
CA PRO M 305 -25.44 -34.03 -16.39
C PRO M 305 -24.67 -33.90 -17.71
N TYR M 306 -25.28 -33.19 -18.66
CA TYR M 306 -24.68 -32.95 -19.97
C TYR M 306 -25.15 -31.60 -20.50
N MET M 307 -24.61 -31.21 -21.64
CA MET M 307 -25.04 -30.02 -22.38
C MET M 307 -25.56 -30.48 -23.74
N ALA M 308 -26.58 -29.79 -24.26
CA ALA M 308 -27.23 -30.35 -25.44
C ALA M 308 -26.49 -30.03 -26.72
N ARG M 309 -26.59 -28.80 -27.22
CA ARG M 309 -25.73 -28.40 -28.33
C ARG M 309 -25.20 -26.97 -28.20
N GLU M 310 -26.06 -26.06 -27.74
CA GLU M 310 -25.74 -24.64 -27.83
C GLU M 310 -24.90 -24.15 -26.66
N ASP M 311 -25.00 -24.80 -25.50
CA ASP M 311 -24.20 -24.42 -24.36
C ASP M 311 -22.72 -24.61 -24.64
N ALA M 312 -22.36 -25.72 -25.29
CA ALA M 312 -20.96 -25.96 -25.66
C ALA M 312 -20.46 -24.92 -26.66
N LYS M 313 -21.29 -24.58 -27.65
CA LYS M 313 -20.91 -23.58 -28.63
C LYS M 313 -20.67 -22.21 -27.97
N LYS M 314 -21.59 -21.81 -27.09
CA LYS M 314 -21.44 -20.53 -26.39
C LYS M 314 -20.22 -20.54 -25.48
N ILE M 315 -19.97 -21.66 -24.79
CA ILE M 315 -18.84 -21.75 -23.88
C ILE M 315 -17.52 -21.64 -24.64
N ILE M 316 -17.40 -22.37 -25.75
CA ILE M 316 -16.17 -22.33 -26.54
C ILE M 316 -15.98 -20.95 -27.17
N GLU M 317 -17.06 -20.33 -27.65
CA GLU M 317 -16.95 -18.99 -28.23
C GLU M 317 -16.51 -17.96 -27.18
N ASP M 318 -17.07 -18.04 -25.98
CA ASP M 318 -16.67 -17.12 -24.92
C ASP M 318 -15.23 -17.33 -24.48
N VAL M 319 -14.80 -18.60 -24.39
CA VAL M 319 -13.41 -18.89 -24.02
C VAL M 319 -12.45 -18.36 -25.06
N LEU M 320 -12.77 -18.58 -26.35
CA LEU M 320 -11.91 -18.11 -27.42
C LEU M 320 -11.86 -16.59 -27.49
N ALA M 321 -12.99 -15.93 -27.28
CA ALA M 321 -13.01 -14.47 -27.26
C ALA M 321 -12.23 -13.92 -26.08
N ALA M 322 -12.33 -14.57 -24.91
CA ALA M 322 -11.57 -14.13 -23.74
C ALA M 322 -10.07 -14.29 -23.96
N TYR M 323 -9.65 -15.38 -24.60
CA TYR M 323 -8.24 -15.55 -24.92
C TYR M 323 -7.78 -14.53 -25.95
N LYS M 324 -8.62 -14.25 -26.95
CA LYS M 324 -8.26 -13.32 -28.02
C LYS M 324 -8.18 -11.88 -27.52
N LEU M 325 -8.96 -11.55 -26.49
CA LEU M 325 -8.90 -10.18 -25.95
C LEU M 325 -7.56 -9.91 -25.27
N HIS M 326 -6.93 -10.94 -24.71
CA HIS M 326 -5.65 -10.74 -24.01
C HIS M 326 -4.45 -11.01 -24.90
N HIS M 327 -4.48 -12.06 -25.72
CA HIS M 327 -3.32 -12.45 -26.51
C HIS M 327 -3.36 -11.92 -27.94
N LYS M 328 -4.49 -11.34 -28.38
CA LYS M 328 -4.69 -10.79 -29.72
C LYS M 328 -4.50 -11.84 -30.82
N THR M 329 -4.65 -13.12 -30.50
CA THR M 329 -4.57 -14.19 -31.47
C THR M 329 -5.30 -15.41 -30.91
N LEU M 330 -5.64 -16.32 -31.82
CA LEU M 330 -6.29 -17.56 -31.41
C LEU M 330 -5.27 -18.54 -30.83
N PRO M 331 -5.69 -19.38 -29.89
CA PRO M 331 -4.76 -20.36 -29.33
C PRO M 331 -4.54 -21.53 -30.30
N ALA M 332 -3.49 -22.30 -30.02
CA ALA M 332 -3.14 -23.45 -30.84
C ALA M 332 -3.68 -24.77 -30.29
N ARG M 333 -4.25 -24.77 -29.09
CA ARG M 333 -4.72 -26.01 -28.48
C ARG M 333 -5.75 -25.66 -27.41
N VAL M 334 -6.80 -26.47 -27.32
CA VAL M 334 -7.86 -26.32 -26.32
C VAL M 334 -7.96 -27.61 -25.52
N PHE M 335 -7.97 -27.48 -24.20
CA PHE M 335 -8.05 -28.61 -23.28
C PHE M 335 -9.35 -28.51 -22.52
N ILE M 336 -10.17 -29.56 -22.57
CA ILE M 336 -11.45 -29.62 -21.89
C ILE M 336 -11.45 -30.83 -20.97
N LEU M 337 -11.70 -30.61 -19.68
CA LEU M 337 -11.78 -31.67 -18.69
C LEU M 337 -13.20 -31.75 -18.17
N LYS M 338 -13.77 -32.96 -18.18
CA LYS M 338 -15.16 -33.16 -17.81
C LYS M 338 -15.27 -34.25 -16.75
N THR M 339 -16.32 -34.13 -15.94
CA THR M 339 -16.62 -35.13 -14.92
C THR M 339 -17.63 -36.17 -15.39
N SER M 340 -18.09 -36.09 -16.64
CA SER M 340 -19.05 -37.04 -17.18
C SER M 340 -18.58 -37.50 -18.56
N ARG M 341 -19.22 -38.55 -19.06
CA ARG M 341 -18.86 -39.11 -20.35
C ARG M 341 -19.20 -38.15 -21.48
N PHE M 342 -18.39 -38.20 -22.54
CA PHE M 342 -18.55 -37.33 -23.70
C PHE M 342 -19.52 -37.99 -24.68
N LYS M 343 -20.70 -37.39 -24.84
CA LYS M 343 -21.67 -37.90 -25.78
C LYS M 343 -21.33 -37.42 -27.19
N ASP M 344 -22.25 -37.65 -28.13
CA ASP M 344 -21.98 -37.29 -29.52
C ASP M 344 -22.37 -35.85 -29.82
N GLU M 345 -23.48 -35.38 -29.23
CA GLU M 345 -23.95 -34.03 -29.53
C GLU M 345 -23.01 -32.96 -29.00
N GLU M 346 -22.46 -33.18 -27.78
CA GLU M 346 -21.54 -32.19 -27.22
C GLU M 346 -20.24 -32.13 -28.02
N ALA M 347 -19.73 -33.29 -28.42
CA ALA M 347 -18.53 -33.31 -29.25
C ALA M 347 -18.79 -32.66 -30.61
N ASP M 348 -19.96 -32.91 -31.19
CA ASP M 348 -20.30 -32.30 -32.48
C ASP M 348 -20.36 -30.77 -32.36
N GLY M 349 -20.98 -30.27 -31.29
CA GLY M 349 -21.02 -28.83 -31.09
C GLY M 349 -19.65 -28.22 -30.84
N ILE M 350 -18.82 -28.90 -30.06
CA ILE M 350 -17.49 -28.39 -29.73
C ILE M 350 -16.62 -28.32 -30.98
N ILE M 351 -16.59 -29.40 -31.77
CA ILE M 351 -15.78 -29.36 -32.99
C ILE M 351 -16.41 -28.46 -34.05
N ALA M 352 -17.72 -28.21 -33.99
CA ALA M 352 -18.32 -27.23 -34.90
C ALA M 352 -17.84 -25.82 -34.56
N ALA M 353 -17.83 -25.48 -33.28
CA ALA M 353 -17.32 -24.17 -32.87
C ALA M 353 -15.83 -24.03 -33.17
N LEU M 354 -15.06 -25.10 -32.95
CA LEU M 354 -13.62 -25.05 -33.19
C LEU M 354 -13.31 -24.96 -34.68
N ASP M 355 -14.13 -25.61 -35.53
CA ASP M 355 -13.92 -25.52 -36.97
C ASP M 355 -14.35 -24.16 -37.50
N GLU M 356 -15.38 -23.56 -36.90
CA GLU M 356 -15.74 -22.19 -37.26
C GLU M 356 -14.63 -21.22 -36.89
N ALA M 357 -14.04 -21.38 -35.71
CA ALA M 357 -12.96 -20.49 -35.30
C ALA M 357 -11.66 -20.81 -36.03
N GLY M 358 -11.33 -22.09 -36.20
CA GLY M 358 -10.12 -22.49 -36.87
C GLY M 358 -9.05 -23.11 -35.99
N THR M 359 -9.37 -23.47 -34.75
CA THR M 359 -8.40 -24.10 -33.86
C THR M 359 -8.11 -25.52 -34.32
N GLU M 360 -6.83 -25.86 -34.42
CA GLU M 360 -6.40 -27.13 -35.00
C GLU M 360 -6.40 -28.26 -33.97
N LEU M 361 -5.61 -28.10 -32.90
CA LEU M 361 -5.43 -29.16 -31.92
C LEU M 361 -6.49 -29.07 -30.83
N ARG M 362 -6.98 -30.22 -30.38
CA ARG M 362 -7.99 -30.28 -29.34
C ARG M 362 -7.89 -31.60 -28.62
N ASP M 363 -8.26 -31.57 -27.33
CA ASP M 363 -8.18 -32.72 -26.42
C ASP M 363 -9.42 -32.74 -25.56
N LEU M 364 -10.15 -33.86 -25.57
CA LEU M 364 -11.36 -34.04 -24.78
C LEU M 364 -11.16 -35.26 -23.89
N VAL M 365 -11.28 -35.07 -22.58
CA VAL M 365 -10.98 -36.09 -21.58
C VAL M 365 -12.13 -36.19 -20.59
N TRP M 366 -12.58 -37.42 -20.32
CA TRP M 366 -13.43 -37.72 -19.19
C TRP M 366 -12.57 -38.23 -18.05
N VAL M 367 -12.69 -37.60 -16.88
CA VAL M 367 -11.94 -37.95 -15.69
C VAL M 367 -12.88 -38.68 -14.74
N GLN M 368 -12.67 -39.98 -14.58
CA GLN M 368 -13.47 -40.81 -13.70
C GLN M 368 -12.73 -41.06 -12.38
N GLU M 369 -13.49 -41.05 -11.29
CA GLU M 369 -12.94 -41.31 -9.97
C GLU M 369 -13.57 -42.52 -9.28
N SER M 370 -14.67 -43.05 -9.80
CA SER M 370 -15.33 -44.20 -9.20
C SER M 370 -14.93 -45.47 -9.94
N TYR M 371 -13.64 -45.80 -9.86
CA TYR M 371 -13.11 -47.02 -10.42
C TYR M 371 -12.68 -47.96 -9.30
N THR M 372 -12.39 -49.20 -9.67
CA THR M 372 -12.19 -50.26 -8.68
C THR M 372 -10.81 -50.89 -8.70
N ALA M 373 -10.13 -50.90 -9.85
CA ALA M 373 -8.83 -51.54 -9.94
C ALA M 373 -7.78 -50.78 -9.13
N ARG M 374 -6.89 -51.53 -8.49
CA ARG M 374 -5.87 -50.96 -7.63
C ARG M 374 -4.59 -51.77 -7.72
N ILE M 375 -3.46 -51.12 -7.49
CA ILE M 375 -2.15 -51.76 -7.55
C ILE M 375 -1.70 -52.08 -6.13
N LEU M 376 -1.34 -53.34 -5.89
CA LEU M 376 -0.96 -53.81 -4.57
C LEU M 376 0.48 -54.30 -4.58
N ARG M 377 1.17 -54.11 -3.45
CA ARG M 377 2.56 -54.50 -3.32
C ARG M 377 2.84 -54.87 -1.87
N ASP M 378 3.83 -55.73 -1.68
CA ASP M 378 4.16 -56.29 -0.36
C ASP M 378 5.40 -55.57 0.18
N GLY M 379 5.19 -54.37 0.70
CA GLY M 379 6.25 -53.61 1.30
C GLY M 379 5.81 -52.83 2.52
N ASN M 380 4.60 -53.13 3.02
CA ASN M 380 3.97 -52.56 4.21
C ASN M 380 3.50 -51.12 3.96
N TYR M 381 3.89 -50.54 2.83
CA TYR M 381 3.49 -49.20 2.43
C TYR M 381 2.99 -49.23 0.99
N PRO M 382 2.04 -48.35 0.64
CA PRO M 382 1.49 -48.38 -0.72
C PRO M 382 2.45 -47.84 -1.77
N VAL M 383 1.98 -47.77 -3.02
CA VAL M 383 2.82 -47.38 -4.15
C VAL M 383 3.17 -45.89 -4.08
N LEU M 384 4.15 -45.48 -4.87
CA LEU M 384 4.55 -44.08 -4.91
C LEU M 384 3.51 -43.24 -5.62
N ARG M 385 3.48 -41.95 -5.27
CA ARG M 385 2.55 -41.01 -5.90
C ARG M 385 3.07 -40.66 -7.29
N GLY M 386 2.30 -41.01 -8.31
CA GLY M 386 2.70 -40.73 -9.68
C GLY M 386 2.92 -41.98 -10.51
N THR M 387 2.19 -43.04 -10.20
CA THR M 387 2.28 -44.30 -10.93
C THR M 387 1.17 -44.35 -11.98
N PHE M 388 1.56 -44.67 -13.21
CA PHE M 388 0.63 -44.68 -14.34
C PHE M 388 0.64 -46.05 -14.99
N VAL M 389 -0.55 -46.60 -15.23
CA VAL M 389 -0.74 -47.87 -15.90
C VAL M 389 -1.65 -47.65 -17.10
N ASP M 390 -1.23 -48.16 -18.26
CA ASP M 390 -2.01 -48.04 -19.49
C ASP M 390 -2.94 -49.23 -19.60
N LEU M 391 -4.23 -49.01 -19.35
CA LEU M 391 -5.23 -50.08 -19.41
C LEU M 391 -5.93 -50.10 -20.76
N HIS M 392 -5.11 -50.26 -21.82
CA HIS M 392 -5.58 -50.46 -23.19
C HIS M 392 -6.44 -49.28 -23.68
N GLY M 393 -5.81 -48.11 -23.75
CA GLY M 393 -6.47 -46.90 -24.18
C GLY M 393 -7.10 -46.09 -23.07
N LYS M 394 -7.10 -46.61 -21.85
CA LYS M 394 -7.58 -45.90 -20.68
C LYS M 394 -6.46 -45.85 -19.66
N GLY M 395 -6.28 -44.69 -19.03
CA GLY M 395 -5.12 -44.44 -18.17
C GLY M 395 -5.50 -44.50 -16.71
N LEU M 396 -4.65 -45.13 -15.90
CA LEU M 396 -4.80 -45.16 -14.46
C LEU M 396 -3.62 -44.42 -13.83
N LEU M 397 -3.92 -43.42 -13.02
CA LEU M 397 -2.89 -42.56 -12.43
C LEU M 397 -3.12 -42.45 -10.93
N TYR M 398 -2.03 -42.53 -10.17
CA TYR M 398 -2.05 -42.44 -8.72
C TYR M 398 -1.64 -41.03 -8.32
N THR M 399 -2.62 -40.18 -8.02
CA THR M 399 -2.35 -38.85 -7.50
C THR M 399 -2.16 -38.83 -5.99
N SER M 400 -2.43 -39.94 -5.31
CA SER M 400 -2.21 -40.06 -3.88
C SER M 400 -1.40 -41.31 -3.61
N GLY M 401 -0.55 -41.23 -2.61
CA GLY M 401 0.30 -42.35 -2.25
C GLY M 401 1.49 -41.89 -1.44
N SER M 402 2.41 -42.83 -1.22
CA SER M 402 3.61 -42.54 -0.45
C SER M 402 4.54 -41.62 -1.24
N MET M 403 5.03 -40.58 -0.58
CA MET M 403 5.89 -39.60 -1.22
C MET M 403 7.24 -39.56 -0.50
N PRO M 404 8.36 -39.74 -1.20
CA PRO M 404 9.65 -39.79 -0.50
C PRO M 404 10.26 -38.41 -0.26
N TYR M 405 9.45 -37.47 0.21
CA TYR M 405 9.94 -36.18 0.69
C TYR M 405 9.41 -35.88 2.09
N TYR M 406 8.17 -36.24 2.39
CA TYR M 406 7.66 -36.16 3.74
C TYR M 406 8.26 -37.22 4.64
N GLY M 407 8.74 -38.32 4.07
CA GLY M 407 9.31 -39.41 4.82
C GLY M 407 8.33 -40.48 5.26
N THR M 408 7.03 -40.26 5.07
CA THR M 408 6.01 -41.24 5.42
C THR M 408 4.95 -41.22 4.31
N TYR M 409 3.84 -41.90 4.58
CA TYR M 409 2.65 -41.79 3.75
C TYR M 409 1.58 -41.05 4.53
N PRO M 410 1.27 -39.80 4.20
CA PRO M 410 0.24 -39.05 4.94
C PRO M 410 -1.15 -39.48 4.47
N GLY M 411 -1.84 -40.24 5.31
CA GLY M 411 -3.16 -40.72 4.96
C GLY M 411 -3.53 -41.93 5.79
N LYS M 412 -4.45 -42.72 5.25
CA LYS M 412 -4.95 -43.91 5.93
C LYS M 412 -5.43 -44.90 4.88
N TYR M 413 -5.58 -46.15 5.31
CA TYR M 413 -6.08 -47.27 4.50
C TYR M 413 -5.25 -47.44 3.23
N ASP M 414 -5.80 -47.03 2.08
CA ASP M 414 -5.14 -47.20 0.79
C ASP M 414 -5.56 -46.07 -0.12
N PRO M 415 -4.67 -45.58 -0.98
CA PRO M 415 -5.04 -44.48 -1.89
C PRO M 415 -6.03 -44.93 -2.95
N ASN M 416 -6.79 -43.94 -3.46
CA ASN M 416 -7.80 -44.17 -4.48
C ASN M 416 -7.28 -43.66 -5.81
N PRO M 417 -7.09 -44.51 -6.82
CA PRO M 417 -6.55 -44.02 -8.11
C PRO M 417 -7.54 -43.20 -8.91
N LEU M 418 -7.09 -42.73 -10.07
CA LEU M 418 -7.88 -41.87 -10.94
C LEU M 418 -7.81 -42.42 -12.37
N LEU M 419 -8.95 -42.47 -13.06
CA LEU M 419 -9.00 -42.99 -14.41
C LEU M 419 -9.23 -41.85 -15.39
N LEU M 420 -8.50 -41.87 -16.50
CA LEU M 420 -8.61 -40.87 -17.55
C LEU M 420 -8.92 -41.56 -18.86
N CYS M 421 -9.93 -41.05 -19.58
CA CYS M 421 -10.28 -41.65 -20.87
C CYS M 421 -10.60 -40.57 -21.90
N PRO M 422 -9.93 -40.56 -23.04
CA PRO M 422 -10.18 -39.52 -24.03
C PRO M 422 -11.24 -39.92 -25.07
N HIS M 423 -11.77 -38.90 -25.74
CA HIS M 423 -12.65 -39.11 -26.88
C HIS M 423 -11.85 -39.63 -28.07
N HIS M 424 -12.55 -40.20 -29.04
CA HIS M 424 -11.87 -40.72 -30.23
C HIS M 424 -11.38 -39.63 -31.16
N THR M 425 -11.79 -38.38 -30.95
CA THR M 425 -11.28 -37.26 -31.74
C THR M 425 -10.10 -36.56 -31.09
N SER M 426 -9.61 -37.06 -29.95
CA SER M 426 -8.44 -36.49 -29.32
C SER M 426 -7.20 -36.74 -30.16
N GLU M 427 -6.23 -35.83 -30.05
CA GLU M 427 -5.05 -35.86 -30.91
C GLU M 427 -3.76 -36.12 -30.14
N SER M 428 -3.85 -36.64 -28.92
CA SER M 428 -2.67 -36.91 -28.11
C SER M 428 -2.82 -38.28 -27.45
N THR M 429 -1.68 -38.90 -27.19
CA THR M 429 -1.65 -40.21 -26.55
C THR M 429 -1.96 -40.07 -25.06
N VAL M 430 -2.22 -41.21 -24.42
CA VAL M 430 -2.69 -41.23 -23.05
C VAL M 430 -1.61 -40.79 -22.05
N ALA M 431 -0.34 -41.16 -22.30
CA ALA M 431 0.72 -40.87 -21.34
C ALA M 431 0.98 -39.36 -21.22
N GLN M 432 0.98 -38.65 -22.34
CA GLN M 432 1.16 -37.20 -22.30
C GLN M 432 -0.01 -36.52 -21.59
N LEU M 433 -1.22 -37.02 -21.82
CA LEU M 433 -2.39 -36.48 -21.13
C LEU M 433 -2.28 -36.72 -19.63
N ALA M 434 -1.83 -37.91 -19.22
CA ALA M 434 -1.67 -38.21 -17.80
C ALA M 434 -0.62 -37.31 -17.17
N GLU M 435 0.49 -37.08 -17.88
CA GLU M 435 1.54 -36.19 -17.37
C GLU M 435 1.02 -34.77 -17.22
N GLU M 436 0.27 -34.27 -18.21
CA GLU M 436 -0.26 -32.92 -18.15
C GLU M 436 -1.28 -32.76 -17.03
N ILE M 437 -2.14 -33.76 -16.84
CA ILE M 437 -3.13 -33.69 -15.77
C ILE M 437 -2.46 -33.80 -14.40
N PHE M 438 -1.42 -34.63 -14.29
CA PHE M 438 -0.69 -34.76 -13.04
C PHE M 438 0.07 -33.48 -12.70
N SER M 439 0.54 -32.75 -13.71
CA SER M 439 1.23 -31.49 -13.43
C SER M 439 0.28 -30.41 -12.95
N LEU M 440 -0.99 -30.48 -13.34
CA LEU M 440 -2.00 -29.48 -12.98
C LEU M 440 -2.71 -29.84 -11.67
N THR M 441 -1.95 -30.08 -10.60
CA THR M 441 -2.54 -30.62 -9.38
C THR M 441 -2.39 -29.67 -8.19
N LYS M 442 -1.18 -29.18 -7.92
CA LYS M 442 -0.89 -28.40 -6.73
C LYS M 442 -0.93 -26.90 -6.97
N VAL M 443 -1.82 -26.43 -7.84
CA VAL M 443 -1.90 -25.02 -8.17
C VAL M 443 -3.16 -24.50 -7.47
N ASN M 444 -3.54 -25.17 -6.40
CA ASN M 444 -4.70 -24.78 -5.59
C ASN M 444 -4.22 -23.83 -4.50
N TRP M 445 -4.66 -22.57 -4.57
CA TRP M 445 -4.19 -21.54 -3.65
C TRP M 445 -4.93 -21.53 -2.31
N ASN M 446 -5.94 -22.41 -2.14
CA ASN M 446 -6.64 -22.49 -0.87
C ASN M 446 -5.88 -23.29 0.18
N SER M 447 -4.78 -23.95 -0.18
CA SER M 447 -4.04 -24.79 0.74
C SER M 447 -2.58 -24.83 0.32
N THR M 448 -1.73 -25.23 1.26
CA THR M 448 -0.30 -25.35 1.01
C THR M 448 0.19 -26.79 0.99
N GLN M 449 -0.67 -27.76 1.27
CA GLN M 449 -0.28 -29.15 1.18
C GLN M 449 -0.14 -29.57 -0.27
N MET M 450 0.62 -30.64 -0.50
CA MET M 450 0.84 -31.14 -1.85
C MET M 450 0.41 -32.59 -2.03
N ASN M 451 -0.39 -33.13 -1.11
CA ASN M 451 -1.04 -34.42 -1.35
C ASN M 451 -2.42 -34.23 -1.96
N GLN M 452 -2.48 -33.45 -3.04
CA GLN M 452 -3.72 -33.10 -3.69
C GLN M 452 -4.08 -34.15 -4.74
N ARG M 453 -5.38 -34.36 -4.92
CA ARG M 453 -5.90 -35.38 -5.83
C ARG M 453 -6.51 -34.79 -7.09
N LEU M 454 -7.49 -33.90 -6.91
CA LEU M 454 -8.19 -33.34 -8.07
C LEU M 454 -7.49 -32.15 -8.68
N PRO M 455 -7.56 -32.01 -10.02
CA PRO M 455 -6.93 -30.83 -10.61
C PRO M 455 -7.71 -29.57 -10.26
N ILE M 456 -7.05 -28.43 -10.31
CA ILE M 456 -7.72 -27.17 -10.01
C ILE M 456 -8.92 -26.92 -10.94
N PRO M 457 -8.76 -27.16 -12.26
CA PRO M 457 -9.90 -26.85 -13.15
C PRO M 457 -11.22 -27.32 -12.56
N ILE M 458 -11.40 -28.63 -12.49
CA ILE M 458 -12.63 -29.19 -11.93
C ILE M 458 -12.91 -28.58 -10.57
N ARG M 459 -11.90 -28.58 -9.71
CA ARG M 459 -12.07 -28.00 -8.38
C ARG M 459 -12.56 -26.56 -8.45
N ALA M 460 -12.02 -25.78 -9.40
CA ALA M 460 -12.50 -24.41 -9.58
C ALA M 460 -13.96 -24.39 -10.04
N ALA M 461 -14.34 -25.33 -10.90
CA ALA M 461 -15.74 -25.44 -11.32
C ALA M 461 -16.65 -25.73 -10.13
N ARG M 462 -16.25 -26.67 -9.28
CA ARG M 462 -17.04 -27.00 -8.09
C ARG M 462 -17.14 -25.82 -7.14
N LYS M 463 -16.02 -25.10 -6.94
CA LYS M 463 -16.03 -23.97 -6.01
C LYS M 463 -16.85 -22.81 -6.54
N VAL M 464 -16.86 -22.63 -7.87
CA VAL M 464 -17.75 -21.63 -8.46
C VAL M 464 -19.21 -22.03 -8.27
N GLY M 465 -19.51 -23.31 -8.48
CA GLY M 465 -20.90 -23.74 -8.45
C GLY M 465 -21.50 -23.80 -7.06
N GLU M 466 -20.64 -23.95 -6.04
CA GLU M 466 -21.16 -23.93 -4.67
C GLU M 466 -21.67 -22.54 -4.27
N VAL M 467 -21.29 -21.50 -5.01
CA VAL M 467 -21.75 -20.14 -4.74
C VAL M 467 -22.81 -19.76 -5.76
N LEU M 468 -22.70 -20.31 -6.97
CA LEU M 468 -23.59 -19.90 -8.07
C LEU M 468 -25.03 -20.32 -7.87
N LYS M 469 -25.33 -21.22 -6.93
CA LYS M 469 -26.68 -21.74 -6.77
C LYS M 469 -27.55 -20.92 -5.82
N TYR M 470 -26.99 -19.95 -5.11
CA TYR M 470 -27.76 -19.14 -4.17
C TYR M 470 -28.02 -17.73 -4.65
N VAL M 471 -27.57 -17.37 -5.85
CA VAL M 471 -27.83 -16.05 -6.41
C VAL M 471 -29.08 -16.12 -7.27
N GLY M 472 -29.97 -15.14 -7.11
CA GLY M 472 -31.27 -15.17 -7.76
C GLY M 472 -31.27 -14.89 -9.25
N GLU M 473 -32.43 -14.52 -9.78
CA GLU M 473 -32.62 -14.30 -11.21
C GLU M 473 -32.47 -12.82 -11.52
N GLY M 474 -31.72 -12.52 -12.58
CA GLY M 474 -31.47 -11.15 -12.97
C GLY M 474 -30.66 -10.37 -11.97
N GLU M 475 -29.60 -11.00 -11.45
CA GLU M 475 -28.74 -10.40 -10.45
C GLU M 475 -27.33 -10.22 -11.03
N VAL M 476 -26.40 -9.81 -10.18
CA VAL M 476 -25.04 -9.53 -10.60
C VAL M 476 -24.17 -10.77 -10.41
N ILE M 477 -23.42 -11.12 -11.45
CA ILE M 477 -22.46 -12.22 -11.40
C ILE M 477 -21.10 -11.66 -11.78
N SER M 478 -20.08 -11.96 -10.97
CA SER M 478 -18.72 -11.48 -11.18
C SER M 478 -17.82 -12.65 -11.54
N ALA M 479 -16.91 -12.42 -12.48
CA ALA M 479 -15.98 -13.45 -12.93
C ALA M 479 -14.73 -13.51 -12.06
N ASP M 480 -14.61 -12.66 -11.04
CA ASP M 480 -13.46 -12.70 -10.15
C ASP M 480 -13.44 -13.98 -9.34
N TYR M 481 -12.26 -14.58 -9.22
CA TYR M 481 -12.12 -15.85 -8.51
C TYR M 481 -12.02 -15.67 -7.00
N ARG M 482 -11.65 -14.48 -6.53
CA ARG M 482 -11.55 -14.23 -5.09
C ARG M 482 -12.89 -14.24 -4.38
N LYS M 483 -13.99 -14.15 -5.12
CA LYS M 483 -15.33 -14.16 -4.54
C LYS M 483 -15.93 -15.55 -4.44
N TYR M 484 -15.16 -16.59 -4.78
CA TYR M 484 -15.63 -17.96 -4.70
C TYR M 484 -14.84 -18.82 -3.73
N ILE M 485 -13.58 -18.51 -3.49
CA ILE M 485 -12.78 -19.26 -2.53
C ILE M 485 -12.62 -18.46 -1.25
N ALA N 7 12.64 -0.41 16.29
CA ALA N 7 12.01 -1.63 16.81
C ALA N 7 12.70 -2.88 16.25
N ASN N 8 12.77 -2.96 14.92
CA ASN N 8 13.38 -4.09 14.24
C ASN N 8 14.79 -3.81 13.76
N GLN N 9 15.19 -2.53 13.67
CA GLN N 9 16.53 -2.18 13.22
C GLN N 9 17.58 -2.35 14.31
N ILE N 10 17.17 -2.69 15.54
CA ILE N 10 18.13 -2.84 16.62
C ILE N 10 18.99 -4.08 16.42
N ILE N 11 18.39 -5.17 15.93
CA ILE N 11 19.09 -6.45 15.81
C ILE N 11 20.22 -6.39 14.79
N GLY N 12 20.06 -5.58 13.72
CA GLY N 12 21.13 -5.45 12.76
C GLY N 12 22.36 -4.75 13.33
N GLU N 13 22.13 -3.68 14.10
CA GLU N 13 23.24 -2.99 14.76
C GLU N 13 23.88 -3.86 15.82
N ILE N 14 23.07 -4.64 16.54
CA ILE N 14 23.61 -5.57 17.54
C ILE N 14 24.52 -6.61 16.87
N GLY N 15 24.05 -7.19 15.76
CA GLY N 15 24.84 -8.16 15.03
C GLY N 15 26.12 -7.58 14.47
N GLU N 16 26.04 -6.37 13.91
CA GLU N 16 27.22 -5.71 13.36
C GLU N 16 28.24 -5.41 14.46
N ASN N 17 27.77 -4.93 15.61
CA ASN N 17 28.67 -4.63 16.72
C ASN N 17 29.33 -5.89 17.27
N GLU N 18 28.57 -6.98 17.41
CA GLU N 18 29.15 -8.22 17.91
C GLU N 18 30.13 -8.83 16.91
N VAL N 19 29.82 -8.72 15.61
CA VAL N 19 30.74 -9.20 14.58
C VAL N 19 32.03 -8.39 14.61
N ARG N 20 31.92 -7.07 14.77
CA ARG N 20 33.11 -6.22 14.85
C ARG N 20 33.93 -6.55 16.09
N GLY N 21 33.27 -6.79 17.23
CA GLY N 21 34.00 -7.11 18.44
C GLY N 21 34.72 -8.45 18.36
N ARG N 22 34.04 -9.48 17.83
CA ARG N 22 34.69 -10.77 17.62
C ARG N 22 35.84 -10.64 16.63
N PHE N 23 35.65 -9.83 15.58
CA PHE N 23 36.65 -9.74 14.52
C PHE N 23 37.88 -8.96 15.01
N LEU N 24 37.66 -8.01 15.91
CA LEU N 24 38.74 -7.28 16.57
C LEU N 24 39.42 -8.10 17.66
N THR N 25 38.73 -9.07 18.25
CA THR N 25 39.32 -9.90 19.29
C THR N 25 40.47 -10.74 18.75
N LEU N 26 40.32 -11.24 17.52
CA LEU N 26 41.35 -12.07 16.90
C LEU N 26 42.59 -11.29 16.50
N GLY N 27 42.57 -9.96 16.56
CA GLY N 27 43.70 -9.13 16.22
C GLY N 27 43.58 -8.38 14.92
N TRP N 28 42.58 -8.70 14.10
CA TRP N 28 42.39 -8.01 12.82
C TRP N 28 41.61 -6.71 13.03
N GLN N 29 41.55 -5.91 11.98
CA GLN N 29 40.83 -4.65 12.02
C GLN N 29 39.48 -4.79 11.30
N PHE N 30 38.50 -4.04 11.80
CA PHE N 30 37.18 -4.00 11.18
C PHE N 30 36.70 -2.55 11.12
N ASP N 31 35.96 -2.23 10.07
CA ASP N 31 35.38 -0.90 9.90
C ASP N 31 33.94 -1.02 9.47
N GLY N 32 33.07 -0.22 10.09
CA GLY N 32 31.67 -0.19 9.76
C GLY N 32 31.39 0.67 8.54
N ARG N 33 30.10 0.85 8.25
CA ARG N 33 29.66 1.60 7.08
C ARG N 33 28.68 2.70 7.51
N SER N 34 28.17 3.41 6.51
CA SER N 34 27.33 4.58 6.75
C SER N 34 25.85 4.17 6.79
N ARG N 35 24.96 5.17 6.76
CA ARG N 35 23.53 4.95 6.87
C ARG N 35 22.91 4.41 5.58
N LEU N 36 23.64 4.43 4.47
CA LEU N 36 23.08 4.03 3.19
C LEU N 36 23.12 2.51 3.06
N GLU N 37 21.94 1.89 2.94
CA GLU N 37 21.85 0.44 2.75
C GLU N 37 22.23 0.09 1.32
N ALA N 38 23.49 -0.27 1.09
CA ALA N 38 24.02 -0.49 -0.26
C ALA N 38 24.80 -1.80 -0.32
N GLY N 39 24.26 -2.85 0.31
CA GLY N 39 24.88 -4.16 0.20
C GLY N 39 25.96 -4.42 1.23
N ILE N 40 27.22 -4.20 0.83
CA ILE N 40 28.35 -4.46 1.71
C ILE N 40 28.34 -3.49 2.88
N ASP N 41 28.44 -4.03 4.09
CA ASP N 41 28.45 -3.23 5.32
C ASP N 41 29.63 -3.68 6.17
N GLY N 42 30.78 -3.04 5.96
CA GLY N 42 31.97 -3.35 6.73
C GLY N 42 33.14 -3.80 5.89
N ILE N 43 34.35 -3.41 6.28
CA ILE N 43 35.57 -3.79 5.58
C ILE N 43 36.60 -4.21 6.62
N ALA N 44 37.19 -5.38 6.42
CA ALA N 44 38.18 -5.91 7.35
C ALA N 44 39.60 -5.58 6.88
N GLU N 45 40.56 -5.88 7.75
CA GLU N 45 41.97 -5.68 7.45
C GLU N 45 42.80 -6.70 8.22
N VAL N 46 43.73 -7.35 7.52
CA VAL N 46 44.55 -8.40 8.11
C VAL N 46 45.70 -7.79 8.89
N MET N 47 45.90 -8.28 10.10
CA MET N 47 47.04 -7.88 10.93
C MET N 47 47.83 -9.13 11.29
N ASN N 48 49.16 -9.02 11.29
CA ASN N 48 50.05 -10.13 11.56
C ASN N 48 50.90 -9.81 12.79
N GLU N 49 50.32 -10.06 13.97
CA GLU N 49 51.01 -9.91 15.27
C GLU N 49 51.56 -8.49 15.47
N GLY N 50 50.84 -7.50 14.95
CA GLY N 50 51.20 -6.11 15.14
C GLY N 50 51.62 -5.38 13.88
N GLN N 51 51.63 -6.02 12.72
CA GLN N 51 51.94 -5.30 11.48
C GLN N 51 50.76 -5.36 10.53
N PRO N 52 50.36 -4.23 9.94
CA PRO N 52 49.24 -4.24 9.00
C PRO N 52 49.69 -4.56 7.58
N MET N 53 48.98 -5.49 6.94
CA MET N 53 49.30 -5.92 5.60
C MET N 53 48.50 -5.22 4.51
N ALA N 54 47.56 -4.33 4.88
CA ALA N 54 46.67 -3.63 3.94
C ALA N 54 45.91 -4.60 3.05
N ARG N 55 45.35 -5.64 3.66
CA ARG N 55 44.59 -6.67 2.98
C ARG N 55 43.13 -6.56 3.39
N MET N 56 42.27 -6.19 2.45
CA MET N 56 40.89 -5.84 2.75
C MET N 56 39.92 -6.88 2.20
N ILE N 57 38.90 -7.22 2.99
CA ILE N 57 37.87 -8.18 2.64
C ILE N 57 36.51 -7.53 2.83
N ALA N 58 35.59 -7.75 1.89
CA ALA N 58 34.23 -7.26 2.00
C ALA N 58 33.36 -8.27 2.76
N VAL N 59 32.49 -7.76 3.62
CA VAL N 59 31.76 -8.57 4.59
C VAL N 59 30.28 -8.21 4.52
N GLN N 60 29.43 -9.24 4.42
CA GLN N 60 27.99 -9.11 4.63
C GLN N 60 27.62 -9.71 5.98
N ILE N 61 26.65 -9.10 6.66
CA ILE N 61 26.42 -9.37 8.07
C ILE N 61 25.35 -10.44 8.27
N LYS N 62 24.13 -10.17 7.82
CA LYS N 62 23.00 -11.12 7.83
C LYS N 62 22.72 -11.64 9.24
N SER N 63 22.29 -10.72 10.11
CA SER N 63 22.07 -11.03 11.50
C SER N 63 20.63 -11.46 11.76
N THR N 64 20.44 -12.22 12.84
CA THR N 64 19.12 -12.66 13.28
C THR N 64 19.15 -12.87 14.79
N LYS N 65 17.97 -12.84 15.40
CA LYS N 65 17.86 -12.93 16.84
C LYS N 65 17.64 -14.37 17.31
N GLU N 66 16.65 -15.06 16.74
CA GLU N 66 16.32 -16.42 17.14
C GLU N 66 15.89 -17.20 15.91
N GLY N 67 15.33 -18.37 16.12
CA GLY N 67 14.84 -19.19 15.03
C GLY N 67 15.84 -20.23 14.58
N LYS N 68 15.52 -20.85 13.45
CA LYS N 68 16.35 -21.89 12.86
C LYS N 68 16.57 -21.58 11.38
N TYR N 69 17.74 -21.98 10.88
CA TYR N 69 18.06 -21.80 9.48
C TYR N 69 17.30 -22.82 8.63
N THR N 70 17.34 -22.61 7.31
CA THR N 70 16.60 -23.47 6.40
C THR N 70 17.21 -24.86 6.35
N SER N 71 16.37 -25.88 6.59
CA SER N 71 16.79 -27.29 6.66
C SER N 71 17.90 -27.48 7.68
N GLU N 72 17.71 -26.93 8.87
CA GLU N 72 18.74 -26.95 9.90
C GLU N 72 18.88 -28.36 10.46
N SER N 73 20.05 -28.96 10.27
CA SER N 73 20.40 -30.21 10.89
C SER N 73 21.24 -29.92 12.13
N ASP N 74 21.83 -30.96 12.73
CA ASP N 74 22.73 -30.78 13.85
C ASP N 74 24.17 -30.53 13.41
N THR N 75 24.44 -30.57 12.11
CA THR N 75 25.79 -30.34 11.61
C THR N 75 25.87 -29.44 10.38
N SER N 76 24.77 -29.07 9.74
CA SER N 76 24.83 -28.28 8.52
C SER N 76 23.51 -27.54 8.33
N PHE N 77 23.55 -26.53 7.46
CA PHE N 77 22.36 -25.82 7.02
C PHE N 77 22.65 -25.23 5.64
N THR N 78 21.64 -24.60 5.06
CA THR N 78 21.74 -24.07 3.70
C THR N 78 21.15 -22.66 3.64
N TYR N 79 21.63 -21.89 2.66
CA TYR N 79 21.12 -20.55 2.40
C TYR N 79 20.96 -20.38 0.90
N LEU N 80 19.97 -19.57 0.51
CA LEU N 80 19.70 -19.27 -0.89
C LEU N 80 19.83 -17.77 -1.10
N LEU N 81 20.69 -17.38 -2.04
CA LEU N 81 20.97 -15.98 -2.29
C LEU N 81 20.09 -15.43 -3.42
N ARG N 82 19.67 -14.18 -3.28
CA ARG N 82 18.89 -13.52 -4.30
C ARG N 82 19.75 -13.22 -5.52
N THR N 83 19.15 -13.34 -6.72
CA THR N 83 19.92 -13.22 -7.96
C THR N 83 20.41 -11.80 -8.22
N GLN N 84 19.82 -10.80 -7.56
CA GLN N 84 20.34 -9.44 -7.68
C GLN N 84 21.62 -9.28 -6.86
N ASP N 85 21.70 -9.94 -5.71
CA ASP N 85 22.91 -9.90 -4.90
C ASP N 85 24.10 -10.53 -5.60
N LEU N 86 23.87 -11.60 -6.35
CA LEU N 86 24.96 -12.21 -7.13
C LEU N 86 25.48 -11.26 -8.20
N ALA N 87 24.56 -10.56 -8.88
CA ALA N 87 24.97 -9.60 -9.91
C ALA N 87 25.73 -8.43 -9.29
N TYR N 88 25.31 -7.99 -8.10
CA TYR N 88 26.03 -6.91 -7.44
C TYR N 88 27.41 -7.35 -6.96
N TRP N 89 27.50 -8.54 -6.37
CA TRP N 89 28.76 -8.99 -5.76
C TRP N 89 29.77 -9.46 -6.81
N ARG N 90 29.31 -9.94 -7.96
CA ARG N 90 30.21 -10.60 -8.90
C ARG N 90 31.12 -9.63 -9.65
N GLY N 91 30.88 -8.32 -9.55
CA GLY N 91 31.70 -7.34 -10.23
C GLY N 91 32.71 -6.62 -9.38
N SER N 92 32.80 -6.93 -8.09
CA SER N 92 33.66 -6.19 -7.17
C SER N 92 35.13 -6.60 -7.34
N ASN N 93 36.00 -5.87 -6.66
CA ASN N 93 37.44 -6.16 -6.66
C ASN N 93 37.83 -7.06 -5.50
N LEU N 94 37.51 -6.64 -4.27
CA LEU N 94 37.86 -7.36 -3.06
C LEU N 94 37.03 -8.64 -2.93
N PRO N 95 37.57 -9.67 -2.26
CA PRO N 95 36.77 -10.87 -1.99
C PRO N 95 35.59 -10.56 -1.09
N VAL N 96 34.51 -11.32 -1.28
CA VAL N 96 33.26 -11.11 -0.57
C VAL N 96 32.98 -12.33 0.29
N ILE N 97 32.70 -12.10 1.57
CA ILE N 97 32.31 -13.17 2.49
C ILE N 97 30.98 -12.80 3.13
N VAL N 98 30.26 -13.83 3.58
CA VAL N 98 28.97 -13.67 4.25
C VAL N 98 29.11 -14.30 5.63
N VAL N 99 28.72 -13.55 6.66
CA VAL N 99 28.80 -14.00 8.04
C VAL N 99 27.39 -14.38 8.48
N PHE N 100 27.30 -15.26 9.47
CA PHE N 100 26.03 -15.67 10.04
C PHE N 100 26.15 -15.61 11.56
N TYR N 101 25.25 -14.85 12.19
CA TYR N 101 25.25 -14.61 13.62
C TYR N 101 23.84 -14.75 14.17
N ARG N 102 23.75 -15.31 15.38
CA ARG N 102 22.48 -15.49 16.09
C ARG N 102 22.66 -15.02 17.52
N GLN N 103 21.61 -14.45 18.11
CA GLN N 103 21.68 -13.95 19.48
C GLN N 103 21.37 -15.02 20.51
N SER N 104 20.56 -16.03 20.15
CA SER N 104 20.15 -17.04 21.12
C SER N 104 21.35 -17.81 21.68
N ASP N 105 22.29 -18.18 20.81
CA ASP N 105 23.59 -18.64 21.23
C ASP N 105 24.64 -17.93 20.38
N HIS N 106 25.80 -17.66 20.98
CA HIS N 106 26.81 -16.88 20.29
C HIS N 106 27.44 -17.70 19.18
N SER N 107 26.88 -17.58 17.97
CA SER N 107 27.30 -18.35 16.82
C SER N 107 27.89 -17.42 15.77
N PHE N 108 29.03 -17.79 15.22
CA PHE N 108 29.69 -17.03 14.18
C PHE N 108 30.12 -18.00 13.08
N TYR N 109 29.55 -17.83 11.89
CA TYR N 109 29.92 -18.65 10.74
C TYR N 109 30.27 -17.73 9.57
N TRP N 110 31.10 -18.22 8.66
CA TRP N 110 31.50 -17.43 7.49
C TRP N 110 31.63 -18.31 6.27
N LYS N 111 31.26 -17.75 5.12
CA LYS N 111 31.39 -18.47 3.85
C LYS N 111 31.71 -17.49 2.75
N GLU N 112 32.68 -17.83 1.90
CA GLU N 112 33.07 -16.95 0.81
C GLU N 112 32.10 -17.08 -0.35
N VAL N 113 32.11 -16.05 -1.21
CA VAL N 113 31.30 -16.04 -2.42
C VAL N 113 32.24 -16.12 -3.61
N SER N 114 32.12 -17.17 -4.40
CA SER N 114 33.00 -17.38 -5.55
C SER N 114 32.70 -16.37 -6.65
N ARG N 115 33.74 -15.95 -7.36
CA ARG N 115 33.64 -14.96 -8.42
C ARG N 115 34.16 -15.49 -9.75
N ASP N 116 33.98 -16.79 -10.00
CA ASP N 116 34.43 -17.41 -11.23
C ASP N 116 33.24 -17.90 -12.05
N ALA N 117 33.54 -18.27 -13.30
CA ALA N 117 32.58 -18.77 -14.30
C ALA N 117 31.49 -17.76 -14.65
N GLY N 118 30.64 -18.10 -15.61
CA GLY N 118 29.58 -17.22 -16.02
C GLY N 118 28.31 -17.38 -15.20
N PRO N 119 27.73 -18.58 -15.21
CA PRO N 119 26.59 -18.86 -14.32
C PRO N 119 26.97 -18.71 -12.86
N GLY N 120 26.03 -18.19 -12.07
CA GLY N 120 26.23 -18.10 -10.64
C GLY N 120 25.80 -19.36 -9.92
N GLU N 121 26.17 -19.43 -8.64
CA GLU N 121 25.82 -20.57 -7.78
C GLU N 121 25.11 -20.04 -6.54
N ARG N 122 23.84 -20.40 -6.39
CA ARG N 122 23.07 -20.09 -5.21
C ARG N 122 23.11 -21.30 -4.27
N ARG N 123 22.40 -21.19 -3.14
CA ARG N 123 22.26 -22.25 -2.13
C ARG N 123 23.62 -22.70 -1.59
N LEU N 124 24.27 -21.76 -0.90
CA LEU N 124 25.47 -22.10 -0.15
C LEU N 124 25.14 -23.09 0.97
N ASN N 125 25.94 -24.15 1.05
CA ASN N 125 25.80 -25.16 2.09
C ASN N 125 26.90 -24.92 3.12
N ILE N 126 26.51 -24.69 4.37
CA ILE N 126 27.46 -24.33 5.43
C ILE N 126 27.33 -25.36 6.53
N ASP N 127 28.44 -26.04 6.85
CA ASP N 127 28.51 -26.98 7.94
C ASP N 127 29.17 -26.34 9.16
N LYS N 128 28.88 -26.89 10.33
CA LYS N 128 29.53 -26.42 11.54
C LYS N 128 30.96 -26.97 11.62
N VAL N 129 31.67 -26.58 12.67
CA VAL N 129 33.03 -27.00 12.99
C VAL N 129 34.01 -26.58 11.89
N ALA N 130 33.88 -27.18 10.71
CA ALA N 130 34.81 -26.92 9.61
C ALA N 130 34.66 -25.53 9.01
N ASP N 131 33.56 -24.83 9.27
CA ASP N 131 33.35 -23.48 8.76
C ASP N 131 33.07 -22.52 9.90
N LEU N 132 33.76 -22.69 11.02
CA LEU N 132 33.58 -21.83 12.16
C LEU N 132 34.33 -20.51 11.97
N PHE N 133 34.11 -19.58 12.90
CA PHE N 133 34.71 -18.26 12.82
C PHE N 133 35.48 -17.96 14.11
N ASN N 134 36.31 -18.89 14.52
CA ASN N 134 37.18 -18.74 15.68
C ASN N 134 38.63 -18.77 15.22
N ALA N 135 39.55 -18.86 16.19
CA ALA N 135 40.98 -18.82 15.90
C ALA N 135 41.49 -20.06 15.18
N SER N 136 40.68 -21.11 15.05
CA SER N 136 41.13 -22.33 14.38
C SER N 136 41.27 -22.11 12.87
N THR N 137 40.35 -21.36 12.26
CA THR N 137 40.31 -21.18 10.81
C THR N 137 40.66 -19.76 10.38
N VAL N 138 41.49 -19.06 11.15
CA VAL N 138 41.84 -17.69 10.79
C VAL N 138 42.74 -17.66 9.56
N ASN N 139 43.72 -18.58 9.49
CA ASN N 139 44.76 -18.50 8.46
C ASN N 139 44.19 -18.69 7.06
N LYS N 140 43.22 -19.58 6.91
CA LYS N 140 42.59 -19.77 5.60
C LYS N 140 41.83 -18.52 5.17
N LEU N 141 41.35 -17.72 6.13
CA LEU N 141 40.78 -16.43 5.79
C LEU N 141 41.83 -15.51 5.17
N ALA N 142 43.06 -15.56 5.71
CA ALA N 142 44.17 -14.84 5.10
C ALA N 142 44.53 -15.42 3.74
N ALA N 143 44.11 -16.66 3.47
CA ALA N 143 44.30 -17.23 2.14
C ALA N 143 43.36 -16.62 1.10
N LEU N 144 42.35 -15.87 1.54
CA LEU N 144 41.40 -15.30 0.60
C LEU N 144 41.98 -14.12 -0.17
N THR N 145 43.11 -13.57 0.27
CA THR N 145 43.73 -12.44 -0.41
C THR N 145 44.71 -12.92 -1.48
N GLY N 161 13.94 -51.97 -9.61
CA GLY N 161 12.54 -51.85 -9.24
C GLY N 161 11.98 -53.12 -8.64
N GLU N 162 10.66 -53.15 -8.44
CA GLU N 162 9.98 -54.31 -7.87
C GLU N 162 8.98 -54.86 -8.88
N ASP N 163 8.22 -55.86 -8.45
CA ASP N 163 7.14 -56.43 -9.24
C ASP N 163 5.85 -56.32 -8.44
N ALA N 164 4.78 -55.91 -9.13
CA ALA N 164 3.48 -55.74 -8.50
C ALA N 164 2.44 -56.51 -9.28
N LEU N 165 1.29 -56.75 -8.63
CA LEU N 165 0.18 -57.45 -9.24
C LEU N 165 -1.08 -56.61 -9.15
N ILE N 166 -1.95 -56.82 -10.14
CA ILE N 166 -3.21 -56.08 -10.26
C ILE N 166 -4.33 -57.10 -10.13
N ASN N 167 -5.37 -56.77 -9.35
CA ASN N 167 -6.50 -57.67 -9.12
C ASN N 167 -7.29 -57.76 -10.41
N MET N 168 -6.84 -58.66 -11.29
CA MET N 168 -7.21 -58.63 -12.70
C MET N 168 -7.12 -60.07 -13.20
N LEU N 169 -8.27 -60.72 -13.37
CA LEU N 169 -8.31 -62.18 -13.52
C LEU N 169 -8.91 -62.57 -14.85
N PRO N 170 -8.19 -63.27 -15.73
CA PRO N 170 -8.78 -63.72 -16.99
C PRO N 170 -9.79 -64.84 -16.78
N LEU N 171 -10.59 -65.08 -17.82
CA LEU N 171 -11.63 -66.10 -17.78
C LEU N 171 -11.50 -67.08 -18.94
N THR N 172 -12.52 -67.91 -19.14
CA THR N 172 -12.48 -68.97 -20.15
C THR N 172 -13.83 -69.01 -20.85
N LEU N 173 -14.08 -70.10 -21.60
CA LEU N 173 -15.27 -70.22 -22.44
C LEU N 173 -15.58 -71.68 -22.67
N PRO N 174 -16.85 -72.12 -22.52
CA PRO N 174 -17.18 -73.53 -22.73
C PRO N 174 -17.70 -73.86 -24.13
N ASN N 175 -18.02 -72.83 -24.91
CA ASN N 175 -18.33 -72.93 -26.34
C ASN N 175 -19.56 -73.80 -26.62
N GLU N 176 -20.71 -73.40 -26.04
CA GLU N 176 -22.01 -73.97 -26.36
C GLU N 176 -23.15 -73.14 -25.77
N MET N 177 -24.13 -72.77 -26.60
CA MET N 177 -25.31 -72.01 -26.14
C MET N 177 -26.57 -72.82 -26.45
N TYR N 178 -27.18 -73.41 -25.43
CA TYR N 178 -28.44 -74.11 -25.63
C TYR N 178 -29.53 -73.05 -25.72
N ILE N 179 -30.09 -72.85 -26.92
CA ILE N 179 -31.02 -71.75 -27.18
C ILE N 179 -32.43 -72.29 -27.14
N ALA N 180 -33.27 -71.69 -26.30
CA ALA N 180 -34.62 -72.19 -26.07
C ALA N 180 -35.65 -71.09 -26.32
N SER N 181 -36.92 -71.44 -26.15
CA SER N 181 -38.05 -70.58 -26.49
C SER N 181 -38.45 -69.76 -25.27
N THR N 182 -39.63 -69.13 -25.32
CA THR N 182 -40.11 -68.31 -24.24
C THR N 182 -40.47 -69.13 -23.00
N THR N 183 -40.31 -68.51 -21.84
CA THR N 183 -40.58 -69.17 -20.57
C THR N 183 -42.08 -69.21 -20.29
N TYR N 184 -42.45 -69.96 -19.25
CA TYR N 184 -43.84 -70.06 -18.85
C TYR N 184 -44.23 -69.09 -17.75
N GLU N 185 -43.25 -68.57 -17.00
CA GLU N 185 -43.55 -67.66 -15.90
C GLU N 185 -42.38 -66.74 -15.57
N PRO N 186 -42.35 -65.55 -16.17
CA PRO N 186 -41.29 -64.59 -15.88
C PRO N 186 -41.46 -63.96 -14.51
N ARG N 187 -40.35 -63.65 -13.83
CA ARG N 187 -40.40 -63.03 -12.51
C ARG N 187 -40.90 -63.98 -11.43
N LYS N 188 -41.44 -65.12 -11.84
CA LYS N 188 -41.87 -66.12 -10.88
C LYS N 188 -40.75 -67.12 -10.66
N ALA N 189 -39.56 -66.76 -11.12
CA ALA N 189 -38.42 -67.68 -11.02
C ALA N 189 -38.31 -68.42 -9.69
N ILE N 190 -38.05 -67.71 -8.60
CA ILE N 190 -37.81 -68.41 -7.34
C ILE N 190 -39.10 -69.07 -6.86
N ALA N 191 -40.26 -68.57 -7.26
CA ALA N 191 -41.54 -69.17 -6.88
C ALA N 191 -41.67 -70.56 -7.49
N VAL N 192 -41.25 -70.74 -8.74
CA VAL N 192 -41.30 -72.06 -9.35
C VAL N 192 -40.05 -72.88 -9.05
N ILE N 193 -38.95 -72.22 -8.63
CA ILE N 193 -37.77 -72.95 -8.21
C ILE N 193 -38.02 -73.66 -6.88
N LEU N 194 -38.64 -72.95 -5.93
CA LEU N 194 -38.96 -73.54 -4.63
C LEU N 194 -40.00 -74.64 -4.72
N ASN N 195 -40.78 -74.69 -5.81
CA ASN N 195 -41.75 -75.75 -6.04
C ASN N 195 -41.24 -76.79 -7.03
N GLY N 196 -39.93 -76.87 -7.23
CA GLY N 196 -39.36 -77.85 -8.13
C GLY N 196 -39.29 -79.26 -7.59
N ASP N 197 -39.51 -79.43 -6.27
CA ASP N 197 -39.52 -80.70 -5.54
C ASP N 197 -38.36 -81.62 -5.93
N GLY N 198 -37.16 -81.04 -6.00
CA GLY N 198 -35.98 -81.80 -6.34
C GLY N 198 -34.70 -81.01 -6.19
N PRO N 199 -33.74 -81.27 -7.08
CA PRO N 199 -32.46 -80.53 -7.04
C PRO N 199 -32.66 -79.05 -7.35
N LYS N 200 -31.74 -78.24 -6.82
CA LYS N 200 -31.87 -76.79 -6.92
C LYS N 200 -30.66 -76.16 -7.59
N ARG N 201 -30.25 -76.70 -8.74
CA ARG N 201 -29.17 -76.08 -9.51
C ARG N 201 -29.62 -74.71 -10.01
N PHE N 202 -28.74 -73.73 -9.85
CA PHE N 202 -29.10 -72.32 -9.99
C PHE N 202 -28.21 -71.63 -11.02
N ASP N 203 -28.10 -72.23 -12.21
CA ASP N 203 -27.27 -71.64 -13.25
C ASP N 203 -27.91 -70.36 -13.81
N TRP N 204 -29.16 -70.44 -14.26
CA TRP N 204 -29.89 -69.33 -14.87
C TRP N 204 -31.32 -69.78 -15.11
N VAL N 205 -32.23 -68.81 -15.23
CA VAL N 205 -33.62 -69.14 -15.57
C VAL N 205 -34.06 -68.44 -16.84
N ILE N 206 -34.17 -67.11 -16.81
CA ILE N 206 -34.66 -66.33 -17.95
C ILE N 206 -34.35 -64.84 -17.74
N ASN N 207 -34.18 -64.11 -18.85
CA ASN N 207 -34.16 -62.66 -18.83
C ASN N 207 -35.25 -62.06 -19.71
N GLY N 208 -35.32 -62.46 -20.98
CA GLY N 208 -36.23 -61.83 -21.92
C GLY N 208 -36.88 -62.79 -22.90
N GLY N 209 -37.17 -64.01 -22.47
CA GLY N 209 -37.86 -64.96 -23.31
C GLY N 209 -36.99 -65.88 -24.13
N THR N 210 -35.70 -65.98 -23.83
CA THR N 210 -34.82 -66.93 -24.51
C THR N 210 -33.82 -67.46 -23.50
N PHE N 211 -33.80 -68.79 -23.34
CA PHE N 211 -32.91 -69.45 -22.40
C PHE N 211 -31.59 -69.76 -23.07
N TRP N 212 -30.49 -69.49 -22.37
CA TRP N 212 -29.16 -69.90 -22.81
C TRP N 212 -28.35 -70.37 -21.60
N SER N 213 -27.69 -71.52 -21.76
CA SER N 213 -26.90 -72.14 -20.71
C SER N 213 -25.94 -73.12 -21.36
N PHE N 214 -25.30 -73.96 -20.54
CA PHE N 214 -24.28 -74.90 -21.00
C PHE N 214 -24.85 -76.31 -20.90
N HIS N 215 -25.57 -76.72 -21.95
CA HIS N 215 -26.08 -78.09 -22.12
C HIS N 215 -26.95 -78.53 -20.95
N ASP N 216 -28.06 -77.81 -20.75
CA ASP N 216 -29.00 -78.12 -19.68
C ASP N 216 -30.43 -78.20 -20.20
N PRO N 217 -30.79 -79.30 -20.89
CA PRO N 217 -32.22 -79.59 -21.09
C PRO N 217 -32.79 -80.60 -20.10
N ARG N 218 -31.95 -81.16 -19.22
CA ARG N 218 -32.44 -82.17 -18.28
C ARG N 218 -32.85 -81.54 -16.95
N THR N 219 -31.94 -80.84 -16.30
CA THR N 219 -32.14 -80.36 -14.94
C THR N 219 -32.63 -78.91 -14.89
N SER N 220 -32.11 -78.04 -15.76
CA SER N 220 -32.57 -76.65 -15.76
C SER N 220 -33.89 -76.46 -16.50
N ALA N 221 -34.52 -77.54 -16.95
CA ALA N 221 -35.78 -77.47 -17.67
C ALA N 221 -36.95 -77.48 -16.70
N CYS N 222 -38.16 -77.74 -17.23
CA CYS N 222 -39.36 -77.84 -16.40
C CYS N 222 -39.31 -79.02 -15.42
N SER N 223 -38.37 -79.94 -15.62
CA SER N 223 -38.18 -81.02 -14.64
C SER N 223 -37.84 -80.46 -13.26
N GLU N 224 -37.13 -79.33 -13.22
CA GLU N 224 -36.88 -78.65 -11.95
C GLU N 224 -37.22 -77.17 -11.93
N ILE N 225 -37.07 -76.45 -13.06
CA ILE N 225 -37.35 -75.02 -13.00
C ILE N 225 -38.46 -74.59 -13.97
N VAL N 226 -38.16 -74.58 -15.27
CA VAL N 226 -39.06 -73.99 -16.26
C VAL N 226 -38.59 -74.37 -17.65
N ASP N 227 -39.50 -74.30 -18.62
CA ASP N 227 -39.20 -74.25 -20.05
C ASP N 227 -38.53 -75.48 -20.67
N ILE N 228 -39.24 -76.61 -20.70
CA ILE N 228 -38.89 -77.68 -21.62
C ILE N 228 -39.76 -77.59 -22.87
N ASP N 229 -39.11 -77.68 -24.03
CA ASP N 229 -39.75 -77.72 -25.34
C ASP N 229 -38.72 -78.12 -26.39
N GLN N 230 -39.15 -78.26 -27.65
CA GLN N 230 -38.30 -78.82 -28.70
C GLN N 230 -37.39 -77.72 -29.24
N VAL N 231 -36.18 -77.61 -28.67
CA VAL N 231 -35.14 -76.68 -29.09
C VAL N 231 -33.80 -77.41 -29.13
N GLU N 232 -32.74 -76.65 -29.45
CA GLU N 232 -31.42 -77.23 -29.69
C GLU N 232 -30.33 -76.37 -29.06
N ALA N 233 -29.10 -76.87 -29.11
CA ALA N 233 -27.92 -76.16 -28.65
C ALA N 233 -27.04 -75.79 -29.84
N ILE N 234 -26.74 -74.49 -29.96
CA ILE N 234 -26.04 -73.94 -31.12
C ILE N 234 -25.15 -72.80 -30.64
N ASN N 235 -24.45 -72.15 -31.57
CA ASN N 235 -23.79 -70.85 -31.35
C ASN N 235 -22.72 -70.96 -30.25
N THR N 236 -21.66 -71.71 -30.59
CA THR N 236 -20.62 -72.08 -29.64
C THR N 236 -19.78 -70.85 -29.30
N LYS N 237 -20.32 -70.04 -28.37
CA LYS N 237 -19.65 -68.89 -27.77
C LYS N 237 -19.23 -67.86 -28.83
N GLU N 238 -20.27 -67.24 -29.41
CA GLU N 238 -20.09 -66.08 -30.26
C GLU N 238 -21.10 -64.99 -29.91
N LEU N 239 -21.50 -64.91 -28.64
CA LEU N 239 -22.47 -63.93 -28.17
C LEU N 239 -21.83 -62.76 -27.44
N ALA N 240 -20.49 -62.72 -27.33
CA ALA N 240 -19.79 -61.61 -26.71
C ALA N 240 -19.27 -60.61 -27.74
N LEU N 241 -20.00 -60.43 -28.84
CA LEU N 241 -19.60 -59.46 -29.86
C LEU N 241 -19.72 -58.03 -29.32
N HIS N 242 -18.74 -57.20 -29.66
CA HIS N 242 -18.70 -55.81 -29.20
C HIS N 242 -19.38 -54.87 -30.19
N ASP N 243 -20.62 -55.21 -30.57
CA ASP N 243 -21.40 -54.38 -31.47
C ASP N 243 -22.70 -53.87 -30.84
N ASP N 244 -23.18 -54.50 -29.78
CA ASP N 244 -24.38 -54.07 -29.08
C ASP N 244 -24.11 -54.04 -27.58
N ILE N 245 -24.53 -52.95 -26.94
CA ILE N 245 -24.28 -52.78 -25.51
C ILE N 245 -25.13 -53.75 -24.69
N ASP N 246 -26.36 -54.02 -25.14
CA ASP N 246 -27.32 -54.77 -24.34
C ASP N 246 -26.89 -56.23 -24.14
N GLU N 247 -26.10 -56.78 -25.06
CA GLU N 247 -25.63 -58.16 -24.90
C GLU N 247 -24.60 -58.27 -23.78
N GLN N 248 -23.81 -57.21 -23.55
CA GLN N 248 -22.85 -57.22 -22.46
C GLN N 248 -23.54 -57.34 -21.11
N ASN N 249 -24.69 -56.68 -20.96
CA ASN N 249 -25.43 -56.73 -19.70
C ASN N 249 -25.90 -58.15 -19.40
N ARG N 250 -26.48 -58.83 -20.39
CA ARG N 250 -26.97 -60.18 -20.15
C ARG N 250 -25.82 -61.18 -20.00
N PHE N 251 -24.69 -60.94 -20.67
CA PHE N 251 -23.53 -61.82 -20.46
C PHE N 251 -22.96 -61.63 -19.06
N SER N 252 -22.93 -60.40 -18.55
CA SER N 252 -22.51 -60.17 -17.18
C SER N 252 -23.48 -60.79 -16.19
N HIS N 253 -24.78 -60.76 -16.51
CA HIS N 253 -25.78 -61.45 -15.70
C HIS N 253 -25.50 -62.96 -15.65
N LEU N 254 -25.20 -63.56 -16.80
CA LEU N 254 -24.88 -64.99 -16.83
C LEU N 254 -23.62 -65.30 -16.03
N LEU N 255 -22.61 -64.43 -16.15
CA LEU N 255 -21.35 -64.64 -15.45
C LEU N 255 -21.53 -64.56 -13.94
N ARG N 256 -22.26 -63.53 -13.47
CA ARG N 256 -22.48 -63.40 -12.04
C ARG N 256 -23.43 -64.47 -11.52
N GLN N 257 -24.34 -64.98 -12.36
CA GLN N 257 -25.19 -66.08 -11.94
C GLN N 257 -24.40 -67.37 -11.78
N THR N 258 -23.44 -67.61 -12.69
CA THR N 258 -22.55 -68.77 -12.53
C THR N 258 -21.68 -68.62 -11.28
N LEU N 259 -21.21 -67.40 -11.00
CA LEU N 259 -20.43 -67.17 -9.79
C LEU N 259 -21.28 -67.39 -8.53
N ARG N 260 -22.54 -66.99 -8.57
CA ARG N 260 -23.44 -67.26 -7.45
C ARG N 260 -23.75 -68.75 -7.33
N TYR N 261 -23.73 -69.48 -8.44
CA TYR N 261 -23.83 -70.93 -8.38
C TYR N 261 -22.59 -71.55 -7.75
N GLN N 262 -21.43 -70.95 -7.96
CA GLN N 262 -20.18 -71.49 -7.42
C GLN N 262 -20.15 -71.47 -5.89
N THR N 263 -20.97 -70.63 -5.25
CA THR N 263 -21.08 -70.62 -3.79
C THR N 263 -21.75 -71.91 -3.33
N ASP N 264 -20.97 -72.79 -2.69
CA ASP N 264 -21.50 -74.13 -2.36
C ASP N 264 -22.31 -74.12 -1.07
N SER N 265 -21.66 -73.89 0.07
CA SER N 265 -22.36 -73.85 1.36
C SER N 265 -22.14 -72.54 2.11
N ASP N 266 -20.88 -72.15 2.31
CA ASP N 266 -20.56 -71.03 3.19
C ASP N 266 -20.75 -69.67 2.54
N LEU N 267 -20.36 -69.54 1.27
CA LEU N 267 -20.50 -68.27 0.58
C LEU N 267 -21.96 -67.95 0.31
N GLY N 268 -22.38 -66.75 0.67
CA GLY N 268 -23.76 -66.34 0.49
C GLY N 268 -23.89 -65.06 -0.30
N TRP N 269 -25.10 -64.74 -0.76
CA TRP N 269 -25.34 -63.56 -1.57
C TRP N 269 -26.00 -62.48 -0.72
N ASP N 270 -25.38 -61.31 -0.68
CA ASP N 270 -25.92 -60.15 0.02
C ASP N 270 -26.53 -59.18 -0.97
N LYS N 271 -27.59 -58.48 -0.54
CA LYS N 271 -28.37 -57.63 -1.42
C LYS N 271 -28.02 -56.14 -1.28
N ASP N 272 -27.88 -55.66 -0.04
CA ASP N 272 -27.65 -54.23 0.17
C ASP N 272 -26.26 -53.83 -0.27
N HIS N 273 -25.24 -54.58 0.13
CA HIS N 273 -23.86 -54.28 -0.25
C HIS N 273 -23.42 -54.96 -1.54
N LYS N 274 -24.20 -55.97 -2.00
CA LYS N 274 -23.92 -56.73 -3.22
C LYS N 274 -22.52 -57.35 -3.20
N ALA N 275 -22.28 -58.15 -2.17
CA ALA N 275 -21.01 -58.82 -1.98
C ALA N 275 -21.24 -60.25 -1.52
N LEU N 276 -20.34 -61.14 -1.91
CA LEU N 276 -20.36 -62.53 -1.46
C LEU N 276 -19.59 -62.63 -0.15
N TYR N 277 -20.26 -63.12 0.88
CA TYR N 277 -19.73 -63.19 2.24
C TYR N 277 -19.65 -64.65 2.69
N PHE N 278 -18.73 -64.91 3.63
CA PHE N 278 -18.62 -66.27 4.14
C PHE N 278 -18.10 -66.28 5.58
N ARG N 279 -18.44 -67.39 6.25
CA ARG N 279 -18.17 -67.68 7.66
C ARG N 279 -18.23 -69.20 7.81
N ALA N 280 -17.52 -69.74 8.81
CA ALA N 280 -17.13 -71.15 8.72
C ALA N 280 -18.23 -72.15 9.05
N ILE N 281 -18.34 -72.40 10.35
CA ILE N 281 -19.34 -73.33 10.81
C ILE N 281 -20.01 -72.90 12.09
N GLU N 282 -21.11 -73.55 12.41
CA GLU N 282 -21.92 -73.30 13.59
C GLU N 282 -21.97 -71.82 13.96
N ARG N 283 -21.69 -71.46 15.23
CA ARG N 283 -21.46 -70.07 15.58
C ARG N 283 -20.29 -69.52 14.79
N GLU N 284 -19.09 -70.03 15.08
CA GLU N 284 -17.84 -69.70 14.37
C GLU N 284 -16.70 -70.57 14.90
N VAL N 285 -15.72 -70.90 14.06
CA VAL N 285 -14.44 -71.33 14.63
C VAL N 285 -13.28 -70.50 14.10
N SER N 286 -12.83 -70.74 12.87
CA SER N 286 -11.91 -69.81 12.20
C SER N 286 -12.06 -69.79 10.69
N ARG N 287 -12.62 -70.85 10.11
CA ARG N 287 -12.37 -71.25 8.72
C ARG N 287 -10.87 -71.19 8.39
N ASN N 288 -10.12 -72.08 9.04
CA ASN N 288 -8.69 -72.15 8.77
C ASN N 288 -8.47 -72.72 7.38
N PHE N 289 -8.27 -71.83 6.41
CA PHE N 289 -8.04 -72.19 5.02
C PHE N 289 -6.55 -72.08 4.76
N ALA N 290 -5.87 -73.22 4.72
CA ALA N 290 -4.46 -73.29 4.36
C ALA N 290 -4.37 -73.90 2.97
N TYR N 291 -3.86 -73.15 2.01
CA TYR N 291 -3.75 -73.63 0.65
C TYR N 291 -2.48 -74.46 0.52
N THR N 292 -2.03 -74.70 -0.74
CA THR N 292 -0.92 -75.60 -0.99
C THR N 292 0.38 -75.14 -0.31
N SER N 293 0.52 -73.83 -0.09
CA SER N 293 1.46 -73.23 0.86
C SER N 293 2.90 -73.72 0.63
N SER N 294 3.46 -73.33 -0.51
CA SER N 294 4.76 -73.82 -0.93
C SER N 294 5.84 -73.39 0.05
N LYS N 295 6.29 -74.35 0.88
CA LYS N 295 7.26 -74.11 1.96
C LYS N 295 6.81 -73.01 2.90
N LYS N 296 5.51 -72.99 3.20
CA LYS N 296 4.92 -71.95 4.05
C LYS N 296 3.68 -72.53 4.74
N LYS N 297 3.03 -71.68 5.54
CA LYS N 297 1.75 -72.01 6.16
C LYS N 297 0.82 -70.81 5.99
N THR N 298 -0.36 -71.04 5.43
CA THR N 298 -1.25 -69.93 5.12
C THR N 298 -2.07 -69.51 6.34
N ASP N 299 -2.94 -70.41 6.82
CA ASP N 299 -3.94 -70.17 7.86
C ASP N 299 -4.96 -69.10 7.47
N ALA N 300 -6.10 -69.09 8.16
CA ALA N 300 -7.13 -68.09 7.90
C ALA N 300 -8.01 -67.95 9.13
N ASN N 301 -7.78 -66.89 9.91
CA ASN N 301 -8.68 -66.56 11.01
C ASN N 301 -9.67 -65.51 10.53
N VAL N 302 -10.56 -65.91 9.61
CA VAL N 302 -11.44 -64.93 8.97
C VAL N 302 -12.50 -64.42 9.93
N VAL N 303 -12.86 -65.23 10.93
CA VAL N 303 -14.00 -64.94 11.78
C VAL N 303 -13.58 -64.98 13.24
N SER N 304 -14.14 -64.05 14.03
CA SER N 304 -13.90 -63.99 15.46
C SER N 304 -15.10 -63.36 16.12
N VAL N 305 -15.22 -63.59 17.44
CA VAL N 305 -16.27 -62.94 18.20
C VAL N 305 -16.02 -61.43 18.29
N PHE N 306 -14.78 -61.04 18.52
CA PHE N 306 -14.46 -59.62 18.53
C PHE N 306 -15.42 -58.86 19.43
N LYS N 307 -15.72 -59.40 20.60
CA LYS N 307 -16.59 -58.70 21.54
C LYS N 307 -15.77 -57.79 22.44
N ASN N 308 -16.38 -57.29 23.51
CA ASN N 308 -15.68 -56.40 24.43
C ASN N 308 -15.03 -57.19 25.55
N SER N 309 -14.81 -58.49 25.33
CA SER N 309 -14.19 -59.33 26.34
C SER N 309 -14.94 -59.25 27.67
N LYS N 310 -16.27 -59.27 27.59
CA LYS N 310 -17.08 -59.22 28.81
C LYS N 310 -18.28 -60.15 28.69
N ASP N 311 -18.65 -60.78 29.80
CA ASP N 311 -19.82 -61.66 29.79
C ASP N 311 -19.74 -62.77 28.74
N GLU N 312 -18.59 -62.91 28.06
CA GLU N 312 -18.28 -63.91 27.04
C GLU N 312 -19.10 -63.77 25.76
N THR N 313 -20.07 -62.86 25.74
CA THR N 313 -20.78 -62.50 24.52
C THR N 313 -20.59 -61.04 24.15
N ARG N 314 -20.97 -60.12 25.04
CA ARG N 314 -20.94 -58.66 24.83
C ARG N 314 -21.50 -58.26 23.47
N VAL N 315 -20.79 -57.39 22.76
CA VAL N 315 -21.17 -56.98 21.41
C VAL N 315 -20.31 -57.78 20.43
N SER N 316 -20.85 -58.91 20.00
CA SER N 316 -20.14 -59.77 19.06
C SER N 316 -20.20 -59.15 17.67
N PHE N 317 -19.04 -59.09 17.01
CA PHE N 317 -18.96 -58.79 15.59
C PHE N 317 -18.42 -60.03 14.91
N VAL N 318 -19.33 -60.87 14.42
CA VAL N 318 -18.96 -62.07 13.67
C VAL N 318 -18.42 -61.60 12.32
N ARG N 319 -17.10 -61.65 12.16
CA ARG N 319 -16.43 -61.01 11.04
C ARG N 319 -16.55 -61.90 9.79
N HIS N 320 -17.71 -61.79 9.15
CA HIS N 320 -17.90 -62.37 7.83
C HIS N 320 -16.93 -61.73 6.85
N HIS N 321 -16.26 -62.54 6.04
CA HIS N 321 -15.37 -61.99 5.02
C HIS N 321 -16.15 -61.90 3.71
N ALA N 322 -16.18 -60.72 3.10
CA ALA N 322 -16.97 -60.50 1.90
C ALA N 322 -16.11 -59.89 0.80
N PHE N 323 -16.52 -60.12 -0.43
CA PHE N 323 -15.87 -59.51 -1.58
C PHE N 323 -16.92 -59.09 -2.59
N SER N 324 -16.71 -57.94 -3.23
CA SER N 324 -17.63 -57.43 -4.23
C SER N 324 -17.04 -57.63 -5.61
N PRO N 325 -17.56 -58.53 -6.43
CA PRO N 325 -17.00 -58.76 -7.75
C PRO N 325 -17.41 -57.67 -8.74
N ARG N 326 -16.57 -57.51 -9.77
CA ARG N 326 -16.92 -56.67 -10.90
C ARG N 326 -16.44 -57.35 -12.18
N PHE N 327 -17.20 -57.19 -13.25
CA PHE N 327 -16.87 -57.84 -14.52
C PHE N 327 -16.62 -56.78 -15.59
N GLU N 328 -15.53 -56.98 -16.34
CA GLU N 328 -15.08 -55.99 -17.32
C GLU N 328 -14.64 -56.71 -18.58
N LEU N 329 -14.81 -56.07 -19.74
CA LEU N 329 -14.36 -56.63 -21.01
C LEU N 329 -13.40 -55.67 -21.70
N MET N 330 -12.30 -56.21 -22.23
CA MET N 330 -11.33 -55.42 -22.96
C MET N 330 -10.47 -56.36 -23.79
N ALA N 331 -10.19 -55.98 -25.03
CA ALA N 331 -9.33 -56.71 -25.97
C ALA N 331 -9.75 -58.16 -26.11
N ASP N 332 -11.04 -58.35 -26.42
CA ASP N 332 -11.77 -59.61 -26.48
C ASP N 332 -11.46 -60.55 -25.32
N GLN N 333 -11.21 -59.99 -24.14
CA GLN N 333 -10.88 -60.75 -22.94
C GLN N 333 -11.71 -60.22 -21.78
N TRP N 334 -12.30 -61.14 -21.00
CA TRP N 334 -13.11 -60.78 -19.86
C TRP N 334 -12.29 -60.93 -18.57
N TYR N 335 -12.59 -60.05 -17.62
CA TYR N 335 -11.81 -59.93 -16.40
C TYR N 335 -12.70 -59.69 -15.20
N LEU N 336 -12.20 -60.09 -14.03
CA LEU N 336 -12.91 -60.03 -12.77
C LEU N 336 -12.10 -59.18 -11.78
N ILE N 337 -12.82 -58.33 -11.05
CA ILE N 337 -12.22 -57.41 -10.09
C ILE N 337 -12.72 -57.76 -8.70
N ILE N 338 -11.79 -57.86 -7.75
CA ILE N 338 -12.05 -58.27 -6.38
C ILE N 338 -11.84 -57.07 -5.47
N THR N 339 -12.86 -56.70 -4.71
CA THR N 339 -12.76 -55.65 -3.70
C THR N 339 -13.16 -56.26 -2.36
N PRO N 340 -12.25 -56.35 -1.39
CA PRO N 340 -12.57 -57.01 -0.12
C PRO N 340 -13.18 -56.07 0.90
N THR N 341 -14.16 -56.61 1.65
CA THR N 341 -14.85 -55.88 2.71
C THR N 341 -15.12 -56.85 3.85
N TYR N 342 -15.48 -56.30 5.00
CA TYR N 342 -15.79 -57.08 6.20
C TYR N 342 -17.28 -56.89 6.50
N TYR N 343 -18.07 -57.94 6.27
CA TYR N 343 -19.49 -57.87 6.52
C TYR N 343 -19.79 -58.44 7.91
N TYR N 344 -20.75 -57.83 8.59
CA TYR N 344 -20.95 -57.99 10.02
C TYR N 344 -22.27 -58.68 10.37
N THR N 345 -22.27 -59.39 11.50
CA THR N 345 -23.49 -59.89 12.13
C THR N 345 -23.22 -60.08 13.62
N THR N 346 -24.23 -59.77 14.43
CA THR N 346 -24.05 -59.78 15.88
C THR N 346 -24.57 -61.08 16.50
N ASN N 347 -25.39 -61.81 15.76
CA ASN N 347 -25.89 -63.11 16.19
C ASN N 347 -25.73 -64.13 15.08
N GLY N 348 -26.27 -65.32 15.31
CA GLY N 348 -26.31 -66.31 14.26
C GLY N 348 -27.33 -65.97 13.20
N TYR N 349 -26.85 -65.50 12.05
CA TYR N 349 -27.67 -65.28 10.85
C TYR N 349 -28.78 -64.27 11.10
N ALA N 350 -28.42 -63.11 11.65
CA ALA N 350 -29.40 -62.07 12.01
C ALA N 350 -28.77 -60.68 11.95
N PRO N 351 -28.59 -60.13 10.72
CA PRO N 351 -28.00 -58.79 10.59
C PRO N 351 -28.99 -57.62 10.67
N HIS N 352 -28.99 -56.87 11.78
CA HIS N 352 -29.54 -55.51 11.77
C HIS N 352 -28.86 -54.75 12.91
N GLN N 353 -27.77 -54.06 12.58
CA GLN N 353 -26.87 -53.45 13.57
C GLN N 353 -26.53 -52.06 13.06
N PHE N 354 -25.40 -51.53 13.52
CA PHE N 354 -24.93 -50.21 13.12
C PHE N 354 -23.77 -50.34 12.13
N ALA N 355 -23.73 -49.45 11.14
CA ALA N 355 -22.73 -49.52 10.08
C ALA N 355 -21.51 -48.66 10.36
N ALA N 356 -21.71 -47.44 10.88
CA ALA N 356 -20.59 -46.52 11.08
C ALA N 356 -19.55 -47.01 12.08
N PRO N 357 -19.89 -47.39 13.35
CA PRO N 357 -18.81 -47.67 14.29
C PRO N 357 -18.29 -49.11 14.23
N LEU N 358 -18.17 -49.67 13.03
CA LEU N 358 -17.27 -50.79 12.78
C LEU N 358 -16.40 -50.57 11.56
N LEU N 359 -16.96 -50.01 10.48
CA LEU N 359 -16.17 -49.67 9.31
C LEU N 359 -15.40 -48.38 9.50
N ALA N 360 -15.74 -47.59 10.52
CA ALA N 360 -14.89 -46.50 10.97
C ALA N 360 -13.78 -47.00 11.89
N GLY N 361 -13.74 -48.30 12.19
CA GLY N 361 -12.66 -48.87 12.96
C GLY N 361 -11.75 -49.77 12.14
N LYS N 362 -12.34 -50.53 11.21
CA LYS N 362 -11.56 -51.50 10.45
C LYS N 362 -10.66 -50.81 9.42
N LYS N 363 -11.20 -49.84 8.69
CA LYS N 363 -10.46 -49.21 7.61
C LYS N 363 -9.31 -48.33 8.09
N ARG N 364 -9.23 -48.05 9.38
CA ARG N 364 -8.20 -47.19 9.94
C ARG N 364 -7.05 -47.94 10.59
N LEU N 365 -7.32 -49.08 11.22
CA LEU N 365 -6.27 -49.92 11.79
C LEU N 365 -5.76 -50.96 10.80
N ASP N 366 -5.92 -50.70 9.51
CA ASP N 366 -5.40 -51.59 8.47
C ASP N 366 -4.89 -50.71 7.33
N LYS N 367 -3.56 -50.67 7.16
CA LYS N 367 -2.92 -49.86 6.13
C LYS N 367 -2.09 -50.79 5.26
N SER N 368 -2.67 -51.18 4.11
CA SER N 368 -2.05 -52.10 3.15
C SER N 368 -1.66 -53.43 3.80
N ALA N 369 -0.70 -54.13 3.19
CA ALA N 369 -0.11 -55.36 3.71
C ALA N 369 -1.13 -56.48 3.87
N ALA N 370 -2.07 -56.31 4.81
CA ALA N 370 -3.13 -57.28 5.00
C ALA N 370 -4.07 -57.31 3.80
N LEU N 371 -4.28 -56.15 3.18
CA LEU N 371 -5.14 -56.07 2.00
C LEU N 371 -4.60 -56.90 0.85
N ARG N 372 -3.29 -56.79 0.61
CA ARG N 372 -2.67 -57.58 -0.46
C ARG N 372 -2.75 -59.07 -0.16
N GLY N 373 -2.52 -59.46 1.09
CA GLY N 373 -2.59 -60.88 1.44
C GLY N 373 -3.99 -61.44 1.29
N GLN N 374 -4.99 -60.70 1.76
CA GLN N 374 -6.38 -61.11 1.59
C GLN N 374 -6.73 -61.25 0.12
N VAL N 375 -6.31 -60.26 -0.68
CA VAL N 375 -6.62 -60.26 -2.11
C VAL N 375 -6.00 -61.47 -2.79
N ILE N 376 -4.73 -61.74 -2.51
CA ILE N 376 -4.05 -62.84 -3.22
C ILE N 376 -4.63 -64.19 -2.79
N MET N 377 -4.83 -64.38 -1.48
CA MET N 377 -5.34 -65.69 -1.02
C MET N 377 -6.75 -65.95 -1.55
N TRP N 378 -7.62 -64.92 -1.53
CA TRP N 378 -9.00 -65.14 -1.94
C TRP N 378 -9.10 -65.30 -3.44
N HIS N 379 -8.44 -64.43 -4.22
CA HIS N 379 -8.63 -64.51 -5.66
C HIS N 379 -7.77 -65.60 -6.30
N ARG N 380 -6.82 -66.17 -5.57
CA ARG N 380 -6.05 -67.26 -6.18
C ARG N 380 -6.48 -68.63 -5.68
N PHE N 381 -6.46 -68.83 -4.35
CA PHE N 381 -6.49 -70.20 -3.87
C PHE N 381 -7.83 -70.64 -3.30
N LEU N 382 -8.69 -69.71 -2.88
CA LEU N 382 -10.03 -70.10 -2.46
C LEU N 382 -10.87 -70.59 -3.63
N THR N 383 -10.53 -70.20 -4.86
CA THR N 383 -11.25 -70.62 -6.05
C THR N 383 -10.54 -71.76 -6.80
N GLN N 384 -9.23 -71.89 -6.64
CA GLN N 384 -8.47 -72.96 -7.27
C GLN N 384 -8.28 -74.09 -6.25
N SER N 385 -9.35 -74.86 -6.06
CA SER N 385 -9.41 -76.00 -5.14
C SER N 385 -9.02 -75.63 -3.70
N TYR N 400 -16.89 -73.74 -13.59
CA TYR N 400 -15.92 -73.32 -14.59
C TYR N 400 -15.22 -72.04 -14.16
N LEU N 401 -15.05 -71.12 -15.12
CA LEU N 401 -14.45 -69.80 -14.92
C LEU N 401 -13.02 -69.92 -14.38
N MET N 402 -12.16 -70.52 -15.20
CA MET N 402 -10.76 -70.66 -14.86
C MET N 402 -10.07 -69.29 -14.84
N PHE N 403 -8.94 -69.23 -14.14
CA PHE N 403 -8.21 -67.99 -13.91
C PHE N 403 -6.81 -68.11 -14.52
N GLY N 404 -6.12 -66.98 -14.58
CA GLY N 404 -4.91 -66.92 -15.38
C GLY N 404 -3.69 -66.25 -14.80
N GLU N 405 -3.48 -66.34 -13.47
CA GLU N 405 -2.24 -65.92 -12.80
C GLU N 405 -1.97 -64.44 -13.05
N PRO N 406 -2.63 -63.53 -12.32
CA PRO N 406 -2.73 -62.10 -12.71
C PRO N 406 -1.39 -61.47 -12.99
N PRO N 407 -1.32 -60.60 -14.00
CA PRO N 407 -0.02 -60.18 -14.55
C PRO N 407 0.82 -59.38 -13.57
N SER N 408 2.13 -59.53 -13.71
CA SER N 408 3.10 -58.80 -12.90
C SER N 408 3.65 -57.63 -13.71
N ILE N 409 3.81 -56.49 -13.05
CA ILE N 409 4.30 -55.27 -13.68
C ILE N 409 5.55 -54.83 -12.96
N HIS N 410 6.56 -54.42 -13.72
CA HIS N 410 7.86 -54.03 -13.19
C HIS N 410 7.86 -52.54 -12.90
N LEU N 411 7.96 -52.19 -11.63
CA LEU N 411 8.09 -50.80 -11.21
C LEU N 411 9.57 -50.44 -11.17
N ASP N 412 9.92 -49.33 -11.83
CA ASP N 412 11.33 -48.98 -12.02
C ASP N 412 11.97 -48.51 -10.73
N VAL N 413 11.25 -47.74 -9.92
CA VAL N 413 11.77 -47.17 -8.68
C VAL N 413 11.07 -47.83 -7.51
N ARG N 414 11.85 -48.37 -6.59
CA ARG N 414 11.30 -49.04 -5.42
C ARG N 414 11.07 -48.03 -4.30
N VAL N 415 10.08 -48.33 -3.46
CA VAL N 415 9.75 -47.44 -2.34
C VAL N 415 10.85 -47.53 -1.29
N PRO N 416 11.42 -46.41 -0.84
CA PRO N 416 12.47 -46.44 0.21
C PRO N 416 11.91 -46.61 1.61
N GLU N 417 11.51 -47.84 1.92
CA GLU N 417 10.89 -48.19 3.19
C GLU N 417 11.89 -48.66 4.24
N ASP N 418 13.17 -48.77 3.89
CA ASP N 418 14.15 -49.27 4.84
C ASP N 418 14.45 -48.25 5.94
N GLY N 419 14.18 -46.97 5.68
CA GLY N 419 14.37 -45.93 6.67
C GLY N 419 13.15 -45.59 7.50
N TRP N 420 11.98 -46.13 7.17
CA TRP N 420 10.75 -45.84 7.88
C TRP N 420 10.31 -47.09 8.63
N VAL N 421 10.13 -46.95 9.95
CA VAL N 421 9.81 -48.04 10.84
C VAL N 421 8.71 -47.59 11.80
N LYS N 422 8.41 -48.46 12.77
CA LYS N 422 7.51 -48.21 13.91
C LYS N 422 6.07 -48.03 13.46
N GLU N 423 5.74 -46.87 12.90
CA GLU N 423 4.40 -46.67 12.41
C GLU N 423 4.19 -47.42 11.10
N LYS N 424 3.00 -48.01 10.97
CA LYS N 424 2.63 -48.75 9.77
C LYS N 424 1.50 -48.03 9.05
MG MG S . 45.36 12.33 7.02
MG MG T . 30.47 -15.15 -45.35
MG MG U . -15.04 18.17 51.85
MG MG V . 38.87 5.75 28.24
MG MG W . -13.99 15.53 -11.76
MG MG X . -10.78 -20.89 1.26
#